data_4ZDI
#
_entry.id   4ZDI
#
_cell.length_a   196.826
_cell.length_b   196.826
_cell.length_c   184.047
_cell.angle_alpha   90.00
_cell.angle_beta   90.00
_cell.angle_gamma   90.00
#
_symmetry.space_group_name_H-M   'P 43'
#
loop_
_entity.id
_entity.type
_entity.pdbx_description
1 polymer 'CTP synthase'
2 non-polymer 'CALCIUM ION'
#
_entity_poly.entity_id   1
_entity_poly.type   'polypeptide(L)'
_entity_poly.pdbx_seq_one_letter_code
;GMRKHPQTATKHLFVSGGVASSLGKGLTASSLGQLLTARGLHVTMQKLDPYLNVDPGTMNPFQHGEVFVTEDGAETDLDV
GHYERFLDRNLPGSANVTTGQVYSTVIAKERRGEYLGDTVQVIPHITDEIKRRILAMAQPDADGNRPDVVITEIGGTVGD
IESQPFLEAARQVRHYLGREDVFFLHVSLVPYLAPSGELKTKPTQHSVAALRSIGITPDALILRCDRDVPEALKNKIALM
CDVDIDGVISTPDAPSIYDIPKVLHREELDAFVVRRLNLPFRDVDWTEWDDLLRRVHEPHETVRIALVGKYVELSDAYLS
VAEALRAGGFKHRAKVEICWVASDGCETTSGAAAALGDVHGVLIPGGFGIRGIEGKIGAIAYARARGLPVLGLCLGLQCI
VIEAARSVGLTNANSAEFDPDTPDPVIATMPDQEEIVAGEADLGGTMRLGSYPAVLEPDSVVAQAYQTTQVSERHRHRYE
VNNAYRDKIAESGLRFSGTSPDGHLVEFVEYPPDRHPFVVGTQAHPELKSRPTRPHPLFVAFVGAAIDYKAGELLPVEIP
EIPEHTPNGSSHRDGVGQPLPEPASRG
;
_entity_poly.pdbx_strand_id   A,B,C,D,E,F,G,H
#
# COMPACT_ATOMS: atom_id res chain seq x y z
N THR A 8 31.89 -18.52 3.98
CA THR A 8 32.64 -19.61 3.35
C THR A 8 33.91 -19.10 2.65
N ALA A 9 34.94 -19.97 2.54
CA ALA A 9 36.22 -19.67 1.90
C ALA A 9 36.06 -19.44 0.40
N THR A 10 36.89 -18.52 -0.16
CA THR A 10 36.89 -18.16 -1.58
C THR A 10 37.41 -19.34 -2.41
N LYS A 11 36.64 -19.73 -3.45
CA LYS A 11 36.95 -20.84 -4.34
C LYS A 11 37.65 -20.33 -5.61
N HIS A 12 38.48 -21.18 -6.23
CA HIS A 12 39.22 -20.84 -7.46
C HIS A 12 38.95 -21.87 -8.55
N LEU A 13 38.44 -21.41 -9.70
CA LEU A 13 38.14 -22.27 -10.85
C LEU A 13 39.10 -21.93 -11.98
N PHE A 14 39.84 -22.93 -12.48
CA PHE A 14 40.80 -22.70 -13.56
C PHE A 14 40.30 -23.30 -14.87
N VAL A 15 40.23 -22.47 -15.93
CA VAL A 15 39.79 -22.88 -17.26
C VAL A 15 41.02 -22.97 -18.16
N SER A 16 41.32 -24.19 -18.63
CA SER A 16 42.46 -24.48 -19.49
C SER A 16 42.00 -24.93 -20.87
N GLY A 17 42.72 -24.50 -21.90
CA GLY A 17 42.41 -24.83 -23.28
C GLY A 17 43.47 -25.66 -23.94
N GLY A 18 43.04 -26.70 -24.65
CA GLY A 18 43.94 -27.61 -25.35
C GLY A 18 43.66 -27.77 -26.82
N VAL A 19 44.54 -28.53 -27.51
CA VAL A 19 44.52 -28.87 -28.94
C VAL A 19 44.50 -27.58 -29.81
N ALA A 20 43.33 -27.21 -30.35
CA ALA A 20 43.15 -26.03 -31.21
C ALA A 20 42.88 -24.76 -30.36
N SER A 21 43.12 -23.58 -30.97
CA SER A 21 42.91 -22.28 -30.34
C SER A 21 41.65 -21.61 -30.91
N SER A 22 41.17 -20.53 -30.24
CA SER A 22 39.98 -19.72 -30.58
C SER A 22 38.70 -20.59 -30.67
N LEU A 23 38.60 -21.59 -29.75
CA LEU A 23 37.48 -22.52 -29.63
C LEU A 23 36.24 -21.83 -29.09
N GLY A 24 36.46 -20.78 -28.30
CA GLY A 24 35.43 -19.99 -27.64
C GLY A 24 35.56 -20.13 -26.13
N LYS A 25 36.81 -20.36 -25.68
CA LYS A 25 37.23 -20.56 -24.28
C LYS A 25 36.82 -19.39 -23.39
N GLY A 26 36.84 -18.17 -23.94
CA GLY A 26 36.44 -16.94 -23.26
C GLY A 26 34.95 -16.91 -22.97
N LEU A 27 34.14 -17.27 -23.99
CA LEU A 27 32.68 -17.33 -23.92
C LEU A 27 32.22 -18.50 -23.06
N THR A 28 32.95 -19.65 -23.12
CA THR A 28 32.68 -20.86 -22.35
C THR A 28 32.82 -20.55 -20.85
N ALA A 29 33.87 -19.80 -20.49
CA ALA A 29 34.15 -19.39 -19.11
C ALA A 29 33.16 -18.32 -18.63
N SER A 30 32.83 -17.33 -19.50
CA SER A 30 31.89 -16.24 -19.21
C SER A 30 30.47 -16.76 -18.95
N SER A 31 30.04 -17.78 -19.70
CA SER A 31 28.71 -18.41 -19.59
C SER A 31 28.58 -19.15 -18.25
N LEU A 32 29.68 -19.75 -17.76
CA LEU A 32 29.73 -20.44 -16.47
C LEU A 32 29.64 -19.38 -15.36
N GLY A 33 30.29 -18.23 -15.59
CA GLY A 33 30.29 -17.08 -14.69
C GLY A 33 28.92 -16.46 -14.56
N GLN A 34 28.14 -16.50 -15.67
CA GLN A 34 26.76 -16.00 -15.75
C GLN A 34 25.85 -16.90 -14.90
N LEU A 35 25.99 -18.24 -15.03
CA LEU A 35 25.21 -19.23 -14.30
C LEU A 35 25.45 -19.16 -12.79
N LEU A 36 26.71 -19.02 -12.37
CA LEU A 36 27.10 -18.94 -10.96
C LEU A 36 26.60 -17.65 -10.31
N THR A 37 26.57 -16.52 -11.06
CA THR A 37 26.07 -15.22 -10.58
C THR A 37 24.53 -15.31 -10.47
N ALA A 38 23.88 -16.01 -11.42
CA ALA A 38 22.43 -16.22 -11.46
C ALA A 38 21.98 -17.14 -10.31
N ARG A 39 22.91 -17.97 -9.78
CA ARG A 39 22.67 -18.86 -8.65
C ARG A 39 22.84 -18.08 -7.32
N GLY A 40 23.18 -16.79 -7.42
CA GLY A 40 23.35 -15.88 -6.29
C GLY A 40 24.72 -15.96 -5.63
N LEU A 41 25.79 -15.82 -6.43
CA LEU A 41 27.17 -15.88 -5.93
C LEU A 41 28.01 -14.72 -6.47
N HIS A 42 28.94 -14.22 -5.63
CA HIS A 42 29.87 -13.15 -5.99
C HIS A 42 30.97 -13.76 -6.86
N VAL A 43 30.93 -13.49 -8.17
CA VAL A 43 31.88 -14.04 -9.13
C VAL A 43 32.74 -12.95 -9.77
N THR A 44 34.07 -13.11 -9.70
CA THR A 44 35.05 -12.22 -10.32
C THR A 44 35.87 -13.09 -11.30
N MET A 45 36.27 -12.52 -12.45
CA MET A 45 36.99 -13.28 -13.46
C MET A 45 38.35 -12.68 -13.82
N GLN A 46 39.33 -13.56 -14.05
CA GLN A 46 40.72 -13.23 -14.40
C GLN A 46 41.16 -13.96 -15.68
N LYS A 47 41.99 -13.30 -16.52
CA LYS A 47 42.53 -13.87 -17.75
C LYS A 47 44.06 -13.79 -17.73
N LEU A 48 44.72 -14.97 -17.83
CA LEU A 48 46.18 -15.08 -17.85
C LEU A 48 46.69 -15.21 -19.29
N ASP A 49 47.01 -14.08 -19.94
CA ASP A 49 47.53 -14.08 -21.30
C ASP A 49 49.02 -14.44 -21.27
N PRO A 50 49.46 -15.49 -22.01
CA PRO A 50 50.87 -15.88 -21.92
C PRO A 50 51.83 -15.12 -22.85
N TYR A 51 51.38 -14.02 -23.50
CA TYR A 51 52.29 -13.24 -24.35
C TYR A 51 53.19 -12.33 -23.49
N LEU A 52 54.38 -11.98 -24.01
CA LEU A 52 55.38 -11.16 -23.32
C LEU A 52 55.08 -9.64 -23.32
N ASN A 53 53.97 -9.21 -23.94
CA ASN A 53 53.57 -7.80 -23.97
C ASN A 53 52.99 -7.39 -22.62
N VAL A 54 53.40 -6.22 -22.08
CA VAL A 54 52.91 -5.71 -20.79
C VAL A 54 51.44 -5.26 -20.95
N ASP A 55 51.15 -4.40 -21.95
CA ASP A 55 49.82 -3.88 -22.29
C ASP A 55 49.46 -4.25 -23.74
N PRO A 56 48.18 -4.60 -24.05
CA PRO A 56 47.84 -4.92 -25.44
C PRO A 56 47.64 -3.64 -26.28
N GLY A 57 47.99 -2.48 -25.70
CA GLY A 57 47.91 -1.18 -26.36
C GLY A 57 48.86 -1.05 -27.53
N THR A 58 50.07 -1.65 -27.40
CA THR A 58 51.11 -1.65 -28.44
C THR A 58 50.73 -2.57 -29.61
N MET A 59 49.85 -3.56 -29.36
CA MET A 59 49.37 -4.53 -30.35
C MET A 59 48.38 -3.91 -31.34
N ASN A 60 48.41 -4.41 -32.59
CA ASN A 60 47.51 -3.97 -33.67
C ASN A 60 46.09 -4.47 -33.39
N PRO A 61 45.09 -3.55 -33.28
CA PRO A 61 43.72 -4.01 -32.97
C PRO A 61 43.02 -4.75 -34.12
N PHE A 62 43.46 -4.49 -35.36
CA PHE A 62 42.89 -5.10 -36.56
C PHE A 62 43.55 -6.47 -36.88
N GLN A 63 44.46 -6.95 -35.99
CA GLN A 63 45.16 -8.22 -36.15
C GLN A 63 44.99 -9.14 -34.94
N HIS A 64 44.91 -8.58 -33.73
CA HIS A 64 44.83 -9.37 -32.50
C HIS A 64 43.56 -9.07 -31.65
N GLY A 65 42.76 -8.08 -32.09
CA GLY A 65 41.54 -7.71 -31.41
C GLY A 65 41.58 -6.38 -30.68
N GLU A 66 40.39 -5.86 -30.32
CA GLU A 66 40.20 -4.59 -29.62
C GLU A 66 40.85 -4.56 -28.23
N VAL A 67 41.22 -3.34 -27.79
CA VAL A 67 41.83 -3.07 -26.49
C VAL A 67 40.73 -2.61 -25.53
N PHE A 68 40.41 -3.44 -24.53
CA PHE A 68 39.37 -3.11 -23.55
C PHE A 68 39.95 -2.21 -22.45
N VAL A 69 39.16 -1.20 -22.03
CA VAL A 69 39.54 -0.25 -20.98
C VAL A 69 38.61 -0.44 -19.78
N THR A 70 39.19 -0.63 -18.59
CA THR A 70 38.45 -0.80 -17.33
C THR A 70 38.22 0.57 -16.67
N GLU A 71 37.40 0.62 -15.59
CA GLU A 71 37.06 1.83 -14.85
C GLU A 71 38.29 2.51 -14.25
N ASP A 72 39.28 1.71 -13.80
CA ASP A 72 40.53 2.19 -13.19
C ASP A 72 41.50 2.78 -14.22
N GLY A 73 41.27 2.51 -15.51
CA GLY A 73 42.08 3.02 -16.61
C GLY A 73 43.20 2.10 -17.06
N ALA A 74 42.91 0.80 -17.15
CA ALA A 74 43.91 -0.19 -17.57
C ALA A 74 43.57 -0.77 -18.93
N GLU A 75 44.58 -0.89 -19.80
CA GLU A 75 44.45 -1.47 -21.13
C GLU A 75 44.55 -2.98 -20.97
N THR A 76 43.46 -3.69 -21.26
CA THR A 76 43.37 -5.14 -21.09
C THR A 76 42.90 -5.84 -22.38
N ASP A 77 42.93 -7.19 -22.40
CA ASP A 77 42.51 -8.03 -23.52
C ASP A 77 40.99 -7.96 -23.70
N LEU A 78 40.48 -8.26 -24.92
CA LEU A 78 39.04 -8.23 -25.25
C LEU A 78 38.23 -9.28 -24.47
N ASP A 79 38.90 -10.29 -23.87
CA ASP A 79 38.27 -11.34 -23.07
C ASP A 79 37.67 -10.77 -21.78
N VAL A 80 38.24 -9.66 -21.26
CA VAL A 80 37.78 -8.93 -20.06
C VAL A 80 36.38 -8.36 -20.35
N GLY A 81 36.17 -7.93 -21.60
CA GLY A 81 34.90 -7.42 -22.09
C GLY A 81 33.79 -8.45 -22.03
N HIS A 82 34.12 -9.70 -22.40
CA HIS A 82 33.18 -10.84 -22.36
C HIS A 82 32.79 -11.15 -20.91
N TYR A 83 33.75 -11.03 -19.98
CA TYR A 83 33.52 -11.27 -18.56
C TYR A 83 32.59 -10.21 -17.97
N GLU A 84 32.91 -8.91 -18.21
CA GLU A 84 32.13 -7.76 -17.73
C GLU A 84 30.68 -7.78 -18.21
N ARG A 85 30.45 -8.19 -19.47
CA ARG A 85 29.12 -8.26 -20.09
C ARG A 85 28.27 -9.40 -19.51
N PHE A 86 28.89 -10.58 -19.28
CA PHE A 86 28.20 -11.76 -18.76
C PHE A 86 28.01 -11.72 -17.23
N LEU A 87 28.70 -10.82 -16.52
CA LEU A 87 28.61 -10.68 -15.05
C LEU A 87 27.88 -9.40 -14.61
N ASP A 88 27.89 -8.34 -15.47
CA ASP A 88 27.30 -7.00 -15.24
C ASP A 88 28.10 -6.23 -14.16
N ARG A 89 29.26 -6.78 -13.76
CA ARG A 89 30.18 -6.26 -12.74
C ARG A 89 31.41 -5.60 -13.37
N ASN A 90 31.88 -4.48 -12.79
CA ASN A 90 33.07 -3.78 -13.24
C ASN A 90 34.31 -4.49 -12.70
N LEU A 91 35.25 -4.85 -13.60
CA LEU A 91 36.46 -5.58 -13.25
C LEU A 91 37.68 -4.64 -13.08
N PRO A 92 38.66 -5.00 -12.21
CA PRO A 92 39.84 -4.13 -12.05
C PRO A 92 40.93 -4.43 -13.08
N GLY A 93 42.04 -3.70 -13.01
CA GLY A 93 43.19 -3.88 -13.89
C GLY A 93 43.93 -5.18 -13.63
N SER A 94 43.84 -5.69 -12.38
CA SER A 94 44.46 -6.93 -11.90
C SER A 94 43.86 -8.18 -12.57
N ALA A 95 42.68 -8.04 -13.22
CA ALA A 95 41.97 -9.11 -13.92
C ALA A 95 42.71 -9.61 -15.17
N ASN A 96 43.73 -8.87 -15.64
CA ASN A 96 44.52 -9.26 -16.81
C ASN A 96 46.00 -9.37 -16.42
N VAL A 97 46.55 -10.59 -16.51
CA VAL A 97 47.95 -10.88 -16.16
C VAL A 97 48.68 -11.38 -17.41
N THR A 98 49.84 -10.80 -17.71
CA THR A 98 50.66 -11.17 -18.87
C THR A 98 52.05 -11.63 -18.43
N THR A 99 52.78 -12.36 -19.32
CA THR A 99 54.15 -12.86 -19.08
C THR A 99 55.10 -11.66 -18.89
N GLY A 100 54.85 -10.58 -19.64
CA GLY A 100 55.61 -9.34 -19.56
C GLY A 100 55.47 -8.66 -18.22
N GLN A 101 54.24 -8.61 -17.68
CA GLN A 101 53.93 -8.02 -16.38
C GLN A 101 54.64 -8.75 -15.25
N VAL A 102 54.67 -10.11 -15.30
CA VAL A 102 55.28 -10.97 -14.29
C VAL A 102 56.82 -10.85 -14.34
N TYR A 103 57.43 -11.07 -15.53
CA TYR A 103 58.88 -11.03 -15.74
C TYR A 103 59.48 -9.65 -15.43
N SER A 104 58.71 -8.56 -15.63
CA SER A 104 59.16 -7.21 -15.30
C SER A 104 59.24 -7.01 -13.80
N THR A 105 58.19 -7.46 -13.06
CA THR A 105 58.08 -7.35 -11.60
C THR A 105 59.20 -8.16 -10.91
N VAL A 106 59.48 -9.39 -11.40
CA VAL A 106 60.50 -10.29 -10.83
C VAL A 106 61.92 -9.74 -11.05
N ILE A 107 62.23 -9.24 -12.27
CA ILE A 107 63.55 -8.68 -12.61
C ILE A 107 63.79 -7.39 -11.81
N ALA A 108 62.75 -6.54 -11.67
CA ALA A 108 62.81 -5.29 -10.90
C ALA A 108 63.20 -5.55 -9.45
N LYS A 109 62.58 -6.58 -8.83
CA LYS A 109 62.84 -7.00 -7.45
C LYS A 109 64.27 -7.54 -7.32
N GLU A 110 64.74 -8.32 -8.32
CA GLU A 110 66.09 -8.90 -8.38
C GLU A 110 67.14 -7.77 -8.39
N ARG A 111 66.89 -6.71 -9.19
CA ARG A 111 67.78 -5.55 -9.33
C ARG A 111 67.79 -4.71 -8.05
N ARG A 112 66.68 -4.73 -7.29
CA ARG A 112 66.55 -4.03 -6.01
C ARG A 112 67.30 -4.78 -4.90
N GLY A 113 67.38 -6.10 -5.03
CA GLY A 113 68.02 -7.00 -4.07
C GLY A 113 67.01 -7.62 -3.12
N GLU A 114 65.76 -7.72 -3.59
CA GLU A 114 64.62 -8.26 -2.83
C GLU A 114 64.56 -9.81 -2.81
N TYR A 115 65.61 -10.49 -3.31
CA TYR A 115 65.63 -11.96 -3.32
C TYR A 115 66.80 -12.53 -2.49
N LEU A 116 67.47 -11.66 -1.70
CA LEU A 116 68.57 -11.94 -0.75
C LEU A 116 69.62 -12.94 -1.27
N GLY A 117 70.34 -12.52 -2.31
CA GLY A 117 71.42 -13.27 -2.93
C GLY A 117 71.08 -14.66 -3.44
N ASP A 118 69.97 -14.77 -4.19
CA ASP A 118 69.52 -16.05 -4.74
C ASP A 118 69.42 -16.02 -6.26
N THR A 119 69.63 -17.19 -6.89
CA THR A 119 69.53 -17.39 -8.34
C THR A 119 68.04 -17.38 -8.71
N VAL A 120 67.56 -16.24 -9.23
CA VAL A 120 66.16 -16.03 -9.61
C VAL A 120 65.82 -16.92 -10.82
N GLN A 121 64.91 -17.88 -10.61
CA GLN A 121 64.46 -18.87 -11.60
C GLN A 121 62.94 -18.86 -11.72
N VAL A 122 62.39 -19.46 -12.81
CA VAL A 122 60.95 -19.55 -13.08
C VAL A 122 60.23 -20.12 -11.85
N ILE A 123 60.75 -21.24 -11.31
CA ILE A 123 60.23 -21.85 -10.10
C ILE A 123 61.29 -21.64 -9.00
N PRO A 124 60.97 -20.92 -7.89
CA PRO A 124 59.66 -20.39 -7.50
C PRO A 124 59.34 -18.96 -7.97
N HIS A 125 60.32 -18.04 -7.93
CA HIS A 125 60.26 -16.59 -8.22
C HIS A 125 59.18 -16.14 -9.25
N ILE A 126 59.13 -16.72 -10.48
CA ILE A 126 58.15 -16.34 -11.50
C ILE A 126 56.76 -16.93 -11.13
N THR A 127 56.69 -18.25 -10.82
CA THR A 127 55.44 -18.95 -10.47
C THR A 127 54.79 -18.35 -9.23
N ASP A 128 55.61 -17.82 -8.28
CA ASP A 128 55.18 -17.18 -7.04
C ASP A 128 54.47 -15.86 -7.33
N GLU A 129 55.01 -15.06 -8.28
CA GLU A 129 54.43 -13.78 -8.70
C GLU A 129 53.08 -14.02 -9.37
N ILE A 130 52.97 -15.05 -10.25
CA ILE A 130 51.71 -15.43 -10.90
C ILE A 130 50.70 -15.85 -9.82
N LYS A 131 51.14 -16.73 -8.89
CA LYS A 131 50.37 -17.24 -7.76
C LYS A 131 49.83 -16.07 -6.91
N ARG A 132 50.67 -15.05 -6.66
CA ARG A 132 50.33 -13.86 -5.88
C ARG A 132 49.22 -13.05 -6.59
N ARG A 133 49.30 -12.96 -7.93
CA ARG A 133 48.33 -12.24 -8.77
C ARG A 133 46.98 -12.97 -8.82
N ILE A 134 47.00 -14.33 -8.72
CA ILE A 134 45.78 -15.17 -8.73
C ILE A 134 45.07 -15.00 -7.38
N LEU A 135 45.81 -15.15 -6.27
CA LEU A 135 45.30 -15.03 -4.90
C LEU A 135 44.90 -13.58 -4.55
N ALA A 136 45.34 -12.60 -5.37
CA ALA A 136 45.03 -11.17 -5.21
C ALA A 136 43.56 -10.88 -5.49
N MET A 137 42.93 -11.70 -6.36
CA MET A 137 41.52 -11.55 -6.74
C MET A 137 40.59 -11.95 -5.58
N ALA A 138 41.06 -12.84 -4.69
CA ALA A 138 40.33 -13.32 -3.51
C ALA A 138 40.18 -12.24 -2.42
N GLN A 139 41.01 -11.16 -2.50
CA GLN A 139 41.00 -10.02 -1.56
C GLN A 139 39.67 -9.24 -1.66
N PRO A 140 39.13 -8.67 -0.54
CA PRO A 140 37.83 -7.97 -0.63
C PRO A 140 37.88 -6.72 -1.50
N ASP A 141 36.87 -6.56 -2.38
CA ASP A 141 36.71 -5.45 -3.31
C ASP A 141 36.06 -4.23 -2.64
N ALA A 142 35.59 -3.25 -3.44
CA ALA A 142 34.93 -2.02 -2.97
C ALA A 142 33.74 -2.33 -2.07
N ASP A 143 33.59 -1.55 -0.98
CA ASP A 143 32.57 -1.67 0.08
C ASP A 143 32.83 -2.91 0.98
N GLY A 144 34.04 -3.48 0.86
CA GLY A 144 34.50 -4.64 1.63
C GLY A 144 33.77 -5.93 1.33
N ASN A 145 33.72 -6.31 0.04
CA ASN A 145 33.04 -7.53 -0.40
C ASN A 145 34.04 -8.55 -0.98
N ARG A 146 34.18 -9.70 -0.29
CA ARG A 146 35.05 -10.80 -0.71
C ARG A 146 34.30 -11.72 -1.69
N PRO A 147 34.89 -12.10 -2.86
CA PRO A 147 34.16 -12.95 -3.81
C PRO A 147 34.00 -14.40 -3.34
N ASP A 148 32.96 -15.09 -3.87
CA ASP A 148 32.67 -16.48 -3.55
C ASP A 148 33.52 -17.43 -4.41
N VAL A 149 33.59 -17.17 -5.73
CA VAL A 149 34.39 -17.98 -6.66
C VAL A 149 35.14 -17.06 -7.65
N VAL A 150 36.40 -17.41 -7.95
CA VAL A 150 37.28 -16.68 -8.88
C VAL A 150 37.58 -17.58 -10.07
N ILE A 151 37.07 -17.21 -11.26
CA ILE A 151 37.31 -17.98 -12.48
C ILE A 151 38.53 -17.39 -13.18
N THR A 152 39.64 -18.14 -13.21
CA THR A 152 40.90 -17.74 -13.82
C THR A 152 41.11 -18.55 -15.11
N GLU A 153 41.13 -17.87 -16.26
CA GLU A 153 41.29 -18.48 -17.58
C GLU A 153 42.77 -18.51 -17.97
N ILE A 154 43.37 -19.73 -17.98
CA ILE A 154 44.79 -19.89 -18.34
C ILE A 154 44.88 -19.93 -19.88
N GLY A 155 45.26 -18.79 -20.45
CA GLY A 155 45.42 -18.60 -21.89
C GLY A 155 46.46 -19.48 -22.54
N GLY A 156 46.27 -19.74 -23.84
CA GLY A 156 47.17 -20.56 -24.64
C GLY A 156 46.92 -22.05 -24.50
N THR A 157 47.45 -22.82 -25.45
CA THR A 157 47.32 -24.28 -25.50
C THR A 157 48.13 -24.95 -24.37
N VAL A 158 47.56 -26.03 -23.77
CA VAL A 158 48.22 -26.79 -22.71
C VAL A 158 49.36 -27.58 -23.35
N GLY A 159 50.58 -27.22 -22.97
CA GLY A 159 51.81 -27.81 -23.49
C GLY A 159 52.77 -26.80 -24.07
N ASP A 160 52.31 -25.52 -24.19
CA ASP A 160 53.12 -24.42 -24.71
C ASP A 160 54.18 -23.99 -23.70
N ILE A 161 55.27 -23.40 -24.20
CA ILE A 161 56.41 -22.93 -23.41
C ILE A 161 55.98 -21.68 -22.60
N GLU A 162 55.20 -20.78 -23.23
CA GLU A 162 54.71 -19.54 -22.62
C GLU A 162 53.62 -19.80 -21.54
N SER A 163 52.90 -20.95 -21.65
CA SER A 163 51.83 -21.35 -20.72
C SER A 163 52.35 -22.13 -19.51
N GLN A 164 53.55 -22.76 -19.63
CA GLN A 164 54.21 -23.59 -18.61
C GLN A 164 54.26 -22.95 -17.19
N PRO A 165 54.69 -21.67 -16.97
CA PRO A 165 54.71 -21.15 -15.59
C PRO A 165 53.32 -20.87 -15.00
N PHE A 166 52.35 -20.45 -15.83
CA PHE A 166 50.97 -20.14 -15.42
C PHE A 166 50.24 -21.39 -14.92
N LEU A 167 50.42 -22.53 -15.61
CA LEU A 167 49.79 -23.80 -15.24
C LEU A 167 50.41 -24.33 -13.93
N GLU A 168 51.73 -24.09 -13.73
CA GLU A 168 52.46 -24.50 -12.53
C GLU A 168 51.93 -23.74 -11.30
N ALA A 169 51.64 -22.44 -11.46
CA ALA A 169 51.09 -21.59 -10.39
C ALA A 169 49.68 -22.03 -10.03
N ALA A 170 48.88 -22.47 -11.03
CA ALA A 170 47.51 -22.97 -10.87
C ALA A 170 47.53 -24.28 -10.07
N ARG A 171 48.55 -25.14 -10.34
CA ARG A 171 48.79 -26.41 -9.65
C ARG A 171 49.26 -26.14 -8.21
N GLN A 172 50.12 -25.13 -8.01
CA GLN A 172 50.64 -24.72 -6.70
C GLN A 172 49.53 -24.20 -5.79
N VAL A 173 48.52 -23.50 -6.39
CA VAL A 173 47.34 -22.96 -5.69
C VAL A 173 46.47 -24.12 -5.18
N ARG A 174 46.31 -25.19 -6.01
CA ARG A 174 45.55 -26.41 -5.72
C ARG A 174 46.07 -27.12 -4.45
N HIS A 175 47.40 -27.11 -4.24
CA HIS A 175 48.02 -27.74 -3.07
C HIS A 175 48.04 -26.80 -1.86
N TYR A 176 47.98 -25.47 -2.09
CA TYR A 176 47.97 -24.46 -1.02
C TYR A 176 46.64 -24.42 -0.27
N LEU A 177 45.52 -24.45 -1.00
CA LEU A 177 44.17 -24.36 -0.43
C LEU A 177 43.54 -25.74 -0.18
N GLY A 178 43.75 -26.67 -1.10
CA GLY A 178 43.20 -28.01 -1.04
C GLY A 178 42.23 -28.31 -2.18
N ARG A 179 41.89 -29.60 -2.35
CA ARG A 179 40.98 -30.10 -3.40
C ARG A 179 39.57 -29.49 -3.30
N GLU A 180 39.11 -29.25 -2.05
CA GLU A 180 37.79 -28.70 -1.75
C GLU A 180 37.62 -27.22 -2.16
N ASP A 181 38.74 -26.48 -2.35
CA ASP A 181 38.69 -25.05 -2.70
C ASP A 181 39.14 -24.74 -4.14
N VAL A 182 39.72 -25.73 -4.85
CA VAL A 182 40.21 -25.51 -6.22
C VAL A 182 39.55 -26.51 -7.20
N PHE A 183 39.08 -25.98 -8.35
CA PHE A 183 38.44 -26.75 -9.42
C PHE A 183 39.19 -26.54 -10.74
N PHE A 184 39.35 -27.61 -11.54
CA PHE A 184 40.02 -27.53 -12.84
C PHE A 184 39.11 -27.96 -13.97
N LEU A 185 38.82 -27.02 -14.88
CA LEU A 185 37.99 -27.22 -16.06
C LEU A 185 38.88 -27.19 -17.30
N HIS A 186 38.71 -28.19 -18.19
CA HIS A 186 39.50 -28.27 -19.41
C HIS A 186 38.61 -28.28 -20.64
N VAL A 187 38.87 -27.35 -21.57
CA VAL A 187 38.12 -27.19 -22.82
C VAL A 187 38.92 -27.86 -23.95
N SER A 188 38.28 -28.83 -24.64
CA SER A 188 38.90 -29.58 -25.74
C SER A 188 37.96 -29.69 -26.94
N LEU A 189 38.54 -29.87 -28.14
CA LEU A 189 37.79 -29.98 -29.40
C LEU A 189 37.61 -31.45 -29.82
N VAL A 190 36.38 -31.78 -30.25
CA VAL A 190 36.01 -33.11 -30.75
C VAL A 190 35.69 -32.92 -32.25
N PRO A 191 36.64 -33.26 -33.15
CA PRO A 191 36.40 -33.02 -34.58
C PRO A 191 35.58 -34.12 -35.27
N TYR A 192 34.77 -33.72 -36.25
CA TYR A 192 33.95 -34.64 -37.04
C TYR A 192 34.60 -34.86 -38.40
N LEU A 193 34.92 -36.14 -38.71
CA LEU A 193 35.53 -36.53 -39.99
C LEU A 193 34.44 -36.80 -41.02
N ALA A 194 34.52 -36.09 -42.16
CA ALA A 194 33.55 -36.19 -43.26
C ALA A 194 33.58 -37.56 -44.02
N PRO A 195 34.75 -38.20 -44.33
CA PRO A 195 34.67 -39.47 -45.09
C PRO A 195 34.24 -40.68 -44.26
N SER A 196 34.74 -40.82 -43.00
CA SER A 196 34.41 -41.94 -42.11
C SER A 196 33.04 -41.76 -41.43
N GLY A 197 32.67 -40.51 -41.16
CA GLY A 197 31.41 -40.16 -40.51
C GLY A 197 31.41 -40.45 -39.02
N GLU A 198 32.57 -40.27 -38.37
CA GLU A 198 32.74 -40.51 -36.93
C GLU A 198 33.60 -39.42 -36.27
N LEU A 199 33.34 -39.16 -34.97
CA LEU A 199 34.06 -38.18 -34.16
C LEU A 199 35.21 -38.87 -33.41
N LYS A 200 36.41 -38.24 -33.40
CA LYS A 200 37.60 -38.81 -32.77
C LYS A 200 37.80 -38.31 -31.34
N THR A 201 38.25 -39.22 -30.45
CA THR A 201 38.51 -38.99 -29.02
C THR A 201 40.02 -38.75 -28.76
N LYS A 202 40.86 -38.99 -29.79
CA LYS A 202 42.32 -38.82 -29.75
C LYS A 202 42.78 -37.39 -29.38
N PRO A 203 42.19 -36.26 -29.85
CA PRO A 203 42.69 -34.94 -29.43
C PRO A 203 42.51 -34.67 -27.94
N THR A 204 41.35 -35.07 -27.38
CA THR A 204 41.01 -34.90 -25.96
C THR A 204 41.88 -35.83 -25.09
N GLN A 205 42.19 -37.03 -25.60
CA GLN A 205 43.01 -38.04 -24.91
C GLN A 205 44.43 -37.54 -24.62
N HIS A 206 45.08 -36.88 -25.60
CA HIS A 206 46.43 -36.35 -25.46
C HIS A 206 46.44 -34.99 -24.76
N SER A 207 45.31 -34.25 -24.81
CA SER A 207 45.16 -32.95 -24.18
C SER A 207 45.12 -33.08 -22.65
N VAL A 208 44.37 -34.10 -22.15
CA VAL A 208 44.24 -34.41 -20.72
C VAL A 208 45.58 -34.99 -20.23
N ALA A 209 46.25 -35.81 -21.07
CA ALA A 209 47.55 -36.42 -20.79
C ALA A 209 48.64 -35.35 -20.61
N ALA A 210 48.61 -34.29 -21.46
CA ALA A 210 49.56 -33.15 -21.41
C ALA A 210 49.33 -32.32 -20.15
N LEU A 211 48.07 -32.27 -19.69
CA LEU A 211 47.66 -31.56 -18.48
C LEU A 211 48.00 -32.39 -17.23
N ARG A 212 47.95 -33.73 -17.34
CA ARG A 212 48.28 -34.62 -16.23
C ARG A 212 49.79 -34.81 -16.08
N SER A 213 50.56 -34.61 -17.18
CA SER A 213 52.03 -34.71 -17.19
C SER A 213 52.66 -33.54 -16.42
N ILE A 214 52.01 -32.35 -16.45
CA ILE A 214 52.49 -31.15 -15.75
C ILE A 214 52.01 -31.16 -14.28
N GLY A 215 51.15 -32.12 -13.94
CA GLY A 215 50.65 -32.33 -12.58
C GLY A 215 49.26 -31.84 -12.26
N ILE A 216 48.38 -31.70 -13.26
CA ILE A 216 47.01 -31.23 -13.04
C ILE A 216 46.00 -32.31 -13.47
N THR A 217 45.10 -32.70 -12.55
CA THR A 217 44.04 -33.66 -12.80
C THR A 217 42.75 -32.85 -13.07
N PRO A 218 42.15 -32.93 -14.28
CA PRO A 218 40.93 -32.15 -14.55
C PRO A 218 39.70 -32.72 -13.86
N ASP A 219 38.85 -31.83 -13.33
CA ASP A 219 37.62 -32.16 -12.60
C ASP A 219 36.44 -32.32 -13.57
N ALA A 220 36.41 -31.48 -14.63
CA ALA A 220 35.36 -31.49 -15.66
C ALA A 220 35.95 -31.22 -17.05
N LEU A 221 35.33 -31.79 -18.10
CA LEU A 221 35.77 -31.62 -19.48
C LEU A 221 34.69 -31.02 -20.36
N ILE A 222 35.05 -29.96 -21.12
CA ILE A 222 34.15 -29.27 -22.05
C ILE A 222 34.49 -29.77 -23.45
N LEU A 223 33.55 -30.52 -24.07
CA LEU A 223 33.76 -31.06 -25.40
C LEU A 223 33.12 -30.16 -26.46
N ARG A 224 33.93 -29.25 -27.03
CA ARG A 224 33.48 -28.32 -28.08
C ARG A 224 33.38 -29.08 -29.40
N CYS A 225 32.16 -29.19 -29.93
CA CYS A 225 31.88 -29.94 -31.16
C CYS A 225 30.80 -29.23 -32.00
N ASP A 226 30.76 -29.55 -33.31
CA ASP A 226 29.78 -29.01 -34.25
C ASP A 226 28.42 -29.70 -34.07
N ARG A 227 28.44 -31.00 -33.70
CA ARG A 227 27.25 -31.83 -33.46
C ARG A 227 27.17 -32.23 -31.99
N ASP A 228 26.06 -32.90 -31.59
CA ASP A 228 25.85 -33.38 -30.23
C ASP A 228 26.69 -34.62 -29.97
N VAL A 229 27.49 -34.61 -28.89
CA VAL A 229 28.35 -35.73 -28.51
C VAL A 229 27.45 -36.83 -27.90
N PRO A 230 27.46 -38.07 -28.45
CA PRO A 230 26.58 -39.12 -27.90
C PRO A 230 26.97 -39.55 -26.49
N GLU A 231 26.00 -40.08 -25.73
CA GLU A 231 26.18 -40.55 -24.34
C GLU A 231 27.16 -41.74 -24.29
N ALA A 232 27.19 -42.57 -25.36
CA ALA A 232 28.07 -43.72 -25.48
C ALA A 232 29.53 -43.28 -25.66
N LEU A 233 29.74 -42.20 -26.46
CA LEU A 233 31.07 -41.62 -26.70
C LEU A 233 31.54 -40.86 -25.48
N LYS A 234 30.60 -40.15 -24.79
CA LYS A 234 30.86 -39.38 -23.57
C LYS A 234 31.35 -40.30 -22.44
N ASN A 235 30.79 -41.54 -22.38
CA ASN A 235 31.16 -42.56 -21.40
C ASN A 235 32.58 -43.09 -21.65
N LYS A 236 32.96 -43.22 -22.94
CA LYS A 236 34.29 -43.68 -23.36
C LYS A 236 35.37 -42.67 -22.99
N ILE A 237 35.10 -41.35 -23.19
CA ILE A 237 36.00 -40.23 -22.88
C ILE A 237 36.16 -40.11 -21.36
N ALA A 238 35.06 -40.35 -20.60
CA ALA A 238 35.03 -40.30 -19.13
C ALA A 238 36.02 -41.29 -18.50
N LEU A 239 36.08 -42.53 -19.04
CA LEU A 239 36.98 -43.59 -18.59
C LEU A 239 38.41 -43.35 -19.07
N MET A 240 38.56 -42.89 -20.33
CA MET A 240 39.82 -42.60 -21.02
C MET A 240 40.63 -41.49 -20.34
N CYS A 241 39.95 -40.51 -19.73
CA CYS A 241 40.59 -39.36 -19.09
C CYS A 241 40.48 -39.40 -17.55
N ASP A 242 39.79 -40.43 -16.99
CA ASP A 242 39.51 -40.62 -15.56
C ASP A 242 38.84 -39.37 -14.99
N VAL A 243 37.78 -38.95 -15.68
CA VAL A 243 36.95 -37.79 -15.37
C VAL A 243 35.54 -38.32 -15.12
N ASP A 244 34.89 -37.88 -14.02
CA ASP A 244 33.53 -38.31 -13.67
C ASP A 244 32.58 -38.11 -14.85
N ILE A 245 31.67 -39.09 -15.10
CA ILE A 245 30.69 -39.07 -16.19
C ILE A 245 29.77 -37.83 -16.08
N ASP A 246 29.46 -37.39 -14.85
CA ASP A 246 28.64 -36.20 -14.58
C ASP A 246 29.42 -34.91 -14.91
N GLY A 247 30.74 -35.01 -14.98
CA GLY A 247 31.65 -33.90 -15.28
C GLY A 247 31.95 -33.71 -16.76
N VAL A 248 31.71 -34.74 -17.60
CA VAL A 248 31.93 -34.69 -19.05
C VAL A 248 30.74 -33.92 -19.67
N ILE A 249 31.02 -32.72 -20.20
CA ILE A 249 30.01 -31.81 -20.74
C ILE A 249 30.13 -31.71 -22.27
N SER A 250 29.00 -31.95 -22.96
CA SER A 250 28.87 -31.84 -24.42
C SER A 250 28.38 -30.43 -24.75
N THR A 251 29.24 -29.63 -25.38
CA THR A 251 28.92 -28.24 -25.73
C THR A 251 28.85 -28.09 -27.27
N PRO A 252 27.66 -28.31 -27.89
CA PRO A 252 27.55 -28.14 -29.35
C PRO A 252 27.55 -26.66 -29.72
N ASP A 253 27.83 -26.34 -31.01
CA ASP A 253 27.86 -24.96 -31.50
C ASP A 253 26.45 -24.34 -31.42
N ALA A 254 26.31 -23.34 -30.53
CA ALA A 254 25.06 -22.64 -30.25
C ALA A 254 24.74 -21.59 -31.34
N PRO A 255 23.44 -21.30 -31.61
CA PRO A 255 23.12 -20.29 -32.66
C PRO A 255 23.55 -18.87 -32.24
N SER A 256 23.45 -18.56 -30.95
CA SER A 256 23.83 -17.27 -30.37
C SER A 256 24.79 -17.47 -29.19
N ILE A 257 25.58 -16.43 -28.85
CA ILE A 257 26.55 -16.48 -27.74
C ILE A 257 25.82 -16.45 -26.39
N TYR A 258 24.56 -15.97 -26.37
CA TYR A 258 23.72 -15.86 -25.17
C TYR A 258 22.97 -17.18 -24.90
N ASP A 259 23.09 -18.16 -25.83
CA ASP A 259 22.50 -19.49 -25.72
C ASP A 259 23.40 -20.46 -24.94
N ILE A 260 24.72 -20.19 -24.90
CA ILE A 260 25.75 -21.00 -24.22
C ILE A 260 25.43 -21.22 -22.71
N PRO A 261 25.00 -20.20 -21.89
CA PRO A 261 24.67 -20.50 -20.48
C PRO A 261 23.53 -21.51 -20.32
N LYS A 262 22.56 -21.51 -21.26
CA LYS A 262 21.42 -22.43 -21.29
C LYS A 262 21.88 -23.85 -21.67
N VAL A 263 22.92 -23.94 -22.55
CA VAL A 263 23.50 -25.20 -23.03
C VAL A 263 24.24 -25.90 -21.87
N LEU A 264 25.08 -25.15 -21.12
CA LEU A 264 25.84 -25.65 -19.97
C LEU A 264 24.93 -26.04 -18.82
N HIS A 265 23.78 -25.35 -18.66
CA HIS A 265 22.78 -25.64 -17.61
C HIS A 265 22.06 -26.95 -17.90
N ARG A 266 21.77 -27.23 -19.19
CA ARG A 266 21.10 -28.45 -19.66
C ARG A 266 21.97 -29.68 -19.40
N GLU A 267 23.31 -29.52 -19.45
CA GLU A 267 24.30 -30.56 -19.19
C GLU A 267 24.63 -30.68 -17.69
N GLU A 268 24.03 -29.78 -16.86
CA GLU A 268 24.16 -29.69 -15.40
C GLU A 268 25.61 -29.45 -14.93
N LEU A 269 26.36 -28.58 -15.65
CA LEU A 269 27.75 -28.24 -15.30
C LEU A 269 27.77 -27.31 -14.10
N ASP A 270 26.87 -26.29 -14.09
CA ASP A 270 26.74 -25.30 -13.02
C ASP A 270 26.45 -25.96 -11.67
N ALA A 271 25.57 -26.99 -11.66
CA ALA A 271 25.20 -27.74 -10.45
C ALA A 271 26.36 -28.64 -10.00
N PHE A 272 27.15 -29.17 -10.96
CA PHE A 272 28.30 -30.02 -10.71
C PHE A 272 29.43 -29.25 -10.04
N VAL A 273 29.65 -27.99 -10.48
CA VAL A 273 30.69 -27.08 -9.97
C VAL A 273 30.40 -26.74 -8.50
N VAL A 274 29.13 -26.41 -8.18
CA VAL A 274 28.65 -26.06 -6.83
C VAL A 274 28.81 -27.27 -5.88
N ARG A 275 28.42 -28.48 -6.34
CA ARG A 275 28.49 -29.73 -5.58
C ARG A 275 29.94 -30.15 -5.26
N ARG A 276 30.85 -30.01 -6.24
CA ARG A 276 32.27 -30.40 -6.11
C ARG A 276 33.03 -29.42 -5.20
N LEU A 277 32.79 -28.10 -5.33
CA LEU A 277 33.47 -27.07 -4.53
C LEU A 277 32.76 -26.83 -3.18
N ASN A 278 31.64 -27.54 -2.92
CA ASN A 278 30.81 -27.47 -1.70
C ASN A 278 30.28 -26.03 -1.47
N LEU A 279 29.99 -25.31 -2.57
CA LEU A 279 29.46 -23.94 -2.58
C LEU A 279 27.99 -23.92 -2.13
N PRO A 280 27.43 -22.77 -1.65
CA PRO A 280 26.02 -22.75 -1.24
C PRO A 280 25.09 -22.92 -2.45
N PHE A 281 24.22 -23.94 -2.41
CA PHE A 281 23.30 -24.26 -3.50
C PHE A 281 22.04 -23.41 -3.43
N ARG A 282 21.63 -22.90 -4.60
CA ARG A 282 20.44 -22.08 -4.85
C ARG A 282 20.10 -22.16 -6.33
N ASP A 283 18.81 -22.34 -6.65
CA ASP A 283 18.31 -22.47 -8.03
C ASP A 283 18.60 -21.21 -8.87
N VAL A 284 18.82 -21.42 -10.18
CA VAL A 284 19.15 -20.37 -11.16
C VAL A 284 17.92 -19.47 -11.40
N ASP A 285 18.11 -18.15 -11.27
CA ASP A 285 17.07 -17.17 -11.51
C ASP A 285 17.17 -16.71 -12.97
N TRP A 286 16.44 -17.42 -13.85
CA TRP A 286 16.43 -17.18 -15.29
C TRP A 286 15.61 -15.95 -15.70
N THR A 287 14.92 -15.29 -14.74
CA THR A 287 14.06 -14.11 -14.91
C THR A 287 14.69 -13.03 -15.82
N GLU A 288 15.98 -12.69 -15.62
CA GLU A 288 16.69 -11.66 -16.38
C GLU A 288 17.22 -12.20 -17.73
N TRP A 289 17.83 -13.40 -17.74
CA TRP A 289 18.42 -14.00 -18.94
C TRP A 289 17.37 -14.45 -19.97
N ASP A 290 16.19 -14.92 -19.51
CA ASP A 290 15.10 -15.35 -20.39
C ASP A 290 14.50 -14.16 -21.13
N ASP A 291 14.48 -12.98 -20.48
CA ASP A 291 14.00 -11.72 -21.05
C ASP A 291 14.92 -11.30 -22.20
N LEU A 292 16.24 -11.53 -22.05
CA LEU A 292 17.27 -11.24 -23.05
C LEU A 292 17.13 -12.19 -24.25
N LEU A 293 16.99 -13.52 -23.97
CA LEU A 293 16.86 -14.57 -24.99
C LEU A 293 15.62 -14.35 -25.87
N ARG A 294 14.53 -13.83 -25.28
CA ARG A 294 13.28 -13.50 -25.98
C ARG A 294 13.51 -12.34 -26.96
N ARG A 295 14.34 -11.36 -26.56
CA ARG A 295 14.69 -10.19 -27.36
C ARG A 295 15.66 -10.56 -28.49
N VAL A 296 16.43 -11.66 -28.31
CA VAL A 296 17.42 -12.14 -29.28
C VAL A 296 16.74 -12.99 -30.38
N HIS A 297 15.99 -14.04 -29.97
CA HIS A 297 15.34 -15.00 -30.86
C HIS A 297 14.00 -14.54 -31.43
N GLU A 298 13.28 -13.61 -30.76
CA GLU A 298 11.99 -13.13 -31.26
C GLU A 298 11.99 -11.60 -31.52
N PRO A 299 12.67 -11.10 -32.59
CA PRO A 299 12.67 -9.65 -32.85
C PRO A 299 11.48 -9.22 -33.69
N HIS A 300 10.94 -8.02 -33.41
CA HIS A 300 9.78 -7.48 -34.13
C HIS A 300 10.19 -6.68 -35.37
N GLU A 301 11.37 -6.03 -35.34
CA GLU A 301 11.90 -5.23 -36.45
C GLU A 301 13.34 -5.61 -36.79
N THR A 302 13.82 -5.17 -37.97
CA THR A 302 15.19 -5.38 -38.43
C THR A 302 15.71 -4.03 -38.92
N VAL A 303 16.76 -3.51 -38.26
CA VAL A 303 17.35 -2.22 -38.58
C VAL A 303 18.83 -2.39 -39.02
N ARG A 304 19.23 -1.73 -40.12
CA ARG A 304 20.58 -1.78 -40.67
C ARG A 304 21.38 -0.57 -40.20
N ILE A 305 22.50 -0.79 -39.51
CA ILE A 305 23.36 0.28 -39.02
C ILE A 305 24.78 0.06 -39.56
N ALA A 306 25.33 1.07 -40.24
CA ALA A 306 26.67 1.02 -40.83
C ALA A 306 27.75 1.37 -39.81
N LEU A 307 28.83 0.58 -39.80
CA LEU A 307 30.00 0.77 -38.94
C LEU A 307 31.16 1.24 -39.81
N VAL A 308 31.34 2.58 -39.89
CA VAL A 308 32.37 3.21 -40.72
C VAL A 308 33.74 3.09 -40.01
N GLY A 309 34.35 1.92 -40.13
CA GLY A 309 35.65 1.61 -39.54
C GLY A 309 36.74 1.58 -40.59
N LYS A 310 38.01 1.67 -40.15
CA LYS A 310 39.19 1.65 -41.02
C LYS A 310 39.27 0.32 -41.78
N TYR A 311 39.22 -0.81 -41.06
CA TYR A 311 39.23 -2.15 -41.64
C TYR A 311 37.83 -2.75 -41.55
N VAL A 312 37.31 -3.24 -42.70
CA VAL A 312 35.97 -3.83 -42.81
C VAL A 312 35.96 -5.33 -42.41
N GLU A 313 34.74 -5.93 -42.40
CA GLU A 313 34.40 -7.33 -42.11
C GLU A 313 34.69 -7.77 -40.65
N LEU A 314 35.97 -7.70 -40.20
CA LEU A 314 36.45 -8.13 -38.87
C LEU A 314 35.61 -7.52 -37.73
N SER A 315 34.95 -8.41 -36.97
CA SER A 315 34.07 -8.05 -35.85
C SER A 315 34.84 -7.81 -34.55
N ASP A 316 35.95 -8.53 -34.32
CA ASP A 316 36.75 -8.45 -33.09
C ASP A 316 37.53 -7.12 -32.95
N ALA A 317 37.70 -6.34 -34.05
CA ALA A 317 38.37 -5.04 -34.03
C ALA A 317 37.48 -4.00 -33.32
N TYR A 318 36.15 -4.14 -33.45
CA TYR A 318 35.12 -3.28 -32.86
C TYR A 318 34.05 -4.17 -32.17
N LEU A 319 34.51 -5.14 -31.35
CA LEU A 319 33.70 -6.14 -30.65
C LEU A 319 32.71 -5.50 -29.65
N SER A 320 33.19 -4.60 -28.78
CA SER A 320 32.36 -3.91 -27.77
C SER A 320 31.35 -2.97 -28.42
N VAL A 321 31.73 -2.36 -29.57
CA VAL A 321 30.89 -1.45 -30.35
C VAL A 321 29.72 -2.23 -30.95
N ALA A 322 30.01 -3.37 -31.60
CA ALA A 322 29.01 -4.26 -32.22
C ALA A 322 28.05 -4.83 -31.18
N GLU A 323 28.58 -5.22 -30.00
CA GLU A 323 27.79 -5.77 -28.89
C GLU A 323 26.88 -4.71 -28.27
N ALA A 324 27.33 -3.44 -28.23
CA ALA A 324 26.55 -2.32 -27.69
C ALA A 324 25.41 -1.96 -28.64
N LEU A 325 25.63 -2.14 -29.96
CA LEU A 325 24.65 -1.88 -31.01
C LEU A 325 23.51 -2.90 -30.95
N ARG A 326 23.87 -4.18 -30.69
CA ARG A 326 22.91 -5.28 -30.56
C ARG A 326 22.10 -5.10 -29.26
N ALA A 327 22.77 -4.62 -28.18
CA ALA A 327 22.18 -4.37 -26.86
C ALA A 327 21.11 -3.28 -26.94
N GLY A 328 21.39 -2.24 -27.72
CA GLY A 328 20.47 -1.13 -27.97
C GLY A 328 19.24 -1.58 -28.73
N GLY A 329 19.43 -2.54 -29.63
CA GLY A 329 18.37 -3.15 -30.44
C GLY A 329 17.42 -4.00 -29.62
N PHE A 330 17.94 -4.70 -28.60
CA PHE A 330 17.17 -5.56 -27.72
C PHE A 330 16.17 -4.76 -26.88
N LYS A 331 16.55 -3.52 -26.47
CA LYS A 331 15.70 -2.61 -25.68
C LYS A 331 14.43 -2.24 -26.47
N HIS A 332 14.55 -2.12 -27.81
CA HIS A 332 13.45 -1.81 -28.73
C HIS A 332 12.84 -3.09 -29.31
N ARG A 333 13.40 -4.26 -28.94
CA ARG A 333 13.01 -5.62 -29.36
C ARG A 333 13.12 -5.73 -30.91
N ALA A 334 14.31 -5.40 -31.43
CA ALA A 334 14.64 -5.40 -32.85
C ALA A 334 16.04 -5.95 -33.13
N LYS A 335 16.23 -6.59 -34.29
CA LYS A 335 17.50 -7.16 -34.74
C LYS A 335 18.33 -6.09 -35.45
N VAL A 336 19.61 -5.94 -35.06
CA VAL A 336 20.51 -4.95 -35.65
C VAL A 336 21.47 -5.65 -36.63
N GLU A 337 21.39 -5.28 -37.92
CA GLU A 337 22.24 -5.80 -38.97
C GLU A 337 23.39 -4.82 -39.20
N ILE A 338 24.59 -5.16 -38.68
CA ILE A 338 25.77 -4.31 -38.78
C ILE A 338 26.36 -4.38 -40.20
N CYS A 339 26.45 -3.21 -40.86
CA CYS A 339 27.01 -3.06 -42.20
C CYS A 339 28.45 -2.56 -42.08
N TRP A 340 29.42 -3.49 -42.24
CA TRP A 340 30.84 -3.18 -42.12
C TRP A 340 31.32 -2.39 -43.36
N VAL A 341 31.37 -1.07 -43.21
CA VAL A 341 31.74 -0.11 -44.26
C VAL A 341 33.18 0.39 -44.04
N ALA A 342 34.00 0.37 -45.10
CA ALA A 342 35.38 0.87 -45.08
C ALA A 342 35.36 2.39 -45.17
N SER A 343 36.03 3.06 -44.22
CA SER A 343 36.09 4.53 -44.12
C SER A 343 36.64 5.19 -45.39
N ASP A 344 37.72 4.63 -45.97
CA ASP A 344 38.41 5.12 -47.17
C ASP A 344 37.48 5.32 -48.38
N GLY A 345 36.44 4.49 -48.49
CA GLY A 345 35.46 4.58 -49.57
C GLY A 345 34.51 5.76 -49.47
N CYS A 346 34.31 6.28 -48.24
CA CYS A 346 33.41 7.40 -47.95
C CYS A 346 34.12 8.78 -48.08
N GLU A 347 35.37 8.80 -48.58
CA GLU A 347 36.17 10.02 -48.77
C GLU A 347 35.45 11.01 -49.72
N THR A 348 34.88 10.49 -50.82
CA THR A 348 34.12 11.26 -51.80
C THR A 348 32.62 11.17 -51.44
N THR A 349 31.84 12.20 -51.80
CA THR A 349 30.39 12.27 -51.52
C THR A 349 29.63 11.20 -52.34
N SER A 350 30.13 10.84 -53.54
CA SER A 350 29.54 9.83 -54.41
C SER A 350 29.73 8.43 -53.84
N GLY A 351 30.94 8.18 -53.32
CA GLY A 351 31.33 6.90 -52.71
C GLY A 351 30.64 6.65 -51.38
N ALA A 352 30.46 7.71 -50.58
CA ALA A 352 29.78 7.65 -49.27
C ALA A 352 28.30 7.34 -49.46
N ALA A 353 27.67 7.89 -50.51
CA ALA A 353 26.27 7.67 -50.86
C ALA A 353 26.02 6.23 -51.29
N ALA A 354 26.97 5.63 -52.04
CA ALA A 354 26.88 4.25 -52.53
C ALA A 354 27.06 3.24 -51.38
N ALA A 355 27.83 3.60 -50.35
CA ALA A 355 28.12 2.75 -49.20
C ALA A 355 27.09 2.90 -48.07
N LEU A 356 26.60 4.13 -47.83
CA LEU A 356 25.64 4.42 -46.74
C LEU A 356 24.22 4.71 -47.28
N GLY A 357 23.89 4.17 -48.46
CA GLY A 357 22.60 4.37 -49.10
C GLY A 357 21.44 3.58 -48.51
N ASP A 358 21.59 2.25 -48.46
CA ASP A 358 20.57 1.32 -47.98
C ASP A 358 20.51 1.18 -46.44
N VAL A 359 21.44 1.84 -45.69
CA VAL A 359 21.46 1.76 -44.23
C VAL A 359 20.41 2.70 -43.59
N HIS A 360 20.10 2.46 -42.30
CA HIS A 360 19.14 3.22 -41.49
C HIS A 360 19.82 4.08 -40.42
N GLY A 361 21.11 3.84 -40.19
CA GLY A 361 21.92 4.56 -39.21
C GLY A 361 23.40 4.49 -39.50
N VAL A 362 24.16 5.52 -39.08
CA VAL A 362 25.61 5.63 -39.31
C VAL A 362 26.34 5.76 -37.97
N LEU A 363 27.36 4.90 -37.75
CA LEU A 363 28.19 4.94 -36.53
C LEU A 363 29.66 5.17 -36.91
N ILE A 364 30.30 6.13 -36.21
CA ILE A 364 31.71 6.48 -36.42
C ILE A 364 32.51 6.03 -35.17
N PRO A 365 33.16 4.84 -35.21
CA PRO A 365 33.92 4.37 -34.03
C PRO A 365 35.25 5.11 -33.82
N GLY A 366 35.85 4.89 -32.65
CA GLY A 366 37.12 5.50 -32.27
C GLY A 366 38.34 4.77 -32.77
N GLY A 367 39.00 5.37 -33.77
CA GLY A 367 40.21 4.83 -34.37
C GLY A 367 41.46 5.31 -33.64
N PHE A 368 42.21 4.35 -33.07
CA PHE A 368 43.45 4.65 -32.34
C PHE A 368 44.66 4.30 -33.19
N GLY A 369 45.52 5.29 -33.42
CA GLY A 369 46.73 5.16 -34.22
C GLY A 369 46.51 4.99 -35.70
N ILE A 370 45.31 5.35 -36.20
CA ILE A 370 44.93 5.25 -37.61
C ILE A 370 45.42 6.51 -38.37
N ARG A 371 45.30 6.51 -39.72
CA ARG A 371 45.73 7.65 -40.56
C ARG A 371 44.59 8.18 -41.45
N GLY A 372 43.68 7.31 -41.86
CA GLY A 372 42.55 7.67 -42.71
C GLY A 372 41.38 8.27 -41.95
N ILE A 373 41.39 9.61 -41.79
CA ILE A 373 40.36 10.36 -41.06
C ILE A 373 39.34 10.99 -42.04
N GLU A 374 39.78 11.43 -43.24
CA GLU A 374 38.97 12.10 -44.27
C GLU A 374 37.72 11.32 -44.70
N GLY A 375 37.80 9.98 -44.64
CA GLY A 375 36.69 9.10 -44.98
C GLY A 375 35.57 9.15 -43.98
N LYS A 376 35.92 9.17 -42.67
CA LYS A 376 34.98 9.24 -41.55
C LYS A 376 34.25 10.60 -41.54
N ILE A 377 34.95 11.68 -41.91
CA ILE A 377 34.41 13.05 -41.99
C ILE A 377 33.38 13.10 -43.14
N GLY A 378 33.72 12.48 -44.27
CA GLY A 378 32.86 12.38 -45.45
C GLY A 378 31.59 11.57 -45.22
N ALA A 379 31.66 10.58 -44.30
CA ALA A 379 30.55 9.72 -43.93
C ALA A 379 29.50 10.51 -43.14
N ILE A 380 29.96 11.45 -42.27
CA ILE A 380 29.11 12.33 -41.46
C ILE A 380 28.43 13.36 -42.37
N ALA A 381 29.21 13.93 -43.32
CA ALA A 381 28.76 14.91 -44.31
C ALA A 381 27.57 14.40 -45.12
N TYR A 382 27.61 13.11 -45.54
CA TYR A 382 26.52 12.49 -46.30
C TYR A 382 25.31 12.23 -45.39
N ALA A 383 25.57 11.63 -44.20
CA ALA A 383 24.54 11.29 -43.21
C ALA A 383 23.74 12.52 -42.77
N ARG A 384 24.40 13.69 -42.68
CA ARG A 384 23.76 14.96 -42.31
C ARG A 384 22.84 15.44 -43.43
N ALA A 385 23.25 15.22 -44.69
CA ALA A 385 22.50 15.62 -45.88
C ALA A 385 21.32 14.69 -46.15
N ARG A 386 21.52 13.36 -45.98
CA ARG A 386 20.51 12.32 -46.19
C ARG A 386 19.49 12.31 -45.05
N GLY A 387 19.95 12.60 -43.83
CA GLY A 387 19.13 12.63 -42.63
C GLY A 387 19.23 11.39 -41.79
N LEU A 388 20.39 10.71 -41.86
CA LEU A 388 20.69 9.48 -41.12
C LEU A 388 21.16 9.79 -39.69
N PRO A 389 20.74 9.00 -38.67
CA PRO A 389 21.23 9.24 -37.30
C PRO A 389 22.71 8.91 -37.16
N VAL A 390 23.48 9.79 -36.48
CA VAL A 390 24.93 9.65 -36.33
C VAL A 390 25.32 9.51 -34.85
N LEU A 391 26.14 8.50 -34.54
CA LEU A 391 26.71 8.26 -33.21
C LEU A 391 28.22 8.15 -33.35
N GLY A 392 28.92 9.17 -32.87
CA GLY A 392 30.37 9.25 -32.94
C GLY A 392 31.02 8.95 -31.61
N LEU A 393 31.95 7.98 -31.60
CA LEU A 393 32.67 7.55 -30.40
C LEU A 393 34.14 7.96 -30.50
N CYS A 394 34.66 8.65 -29.46
CA CYS A 394 36.05 9.15 -29.32
C CYS A 394 36.46 9.98 -30.54
N LEU A 395 37.00 9.32 -31.60
CA LEU A 395 37.39 9.94 -32.86
C LEU A 395 36.16 10.44 -33.61
N GLY A 396 35.02 9.80 -33.35
CA GLY A 396 33.72 10.14 -33.92
C GLY A 396 33.29 11.55 -33.60
N LEU A 397 33.43 11.97 -32.31
CA LEU A 397 33.13 13.32 -31.84
C LEU A 397 34.06 14.32 -32.52
N GLN A 398 35.37 13.96 -32.59
CA GLN A 398 36.43 14.75 -33.22
C GLN A 398 36.12 14.97 -34.71
N CYS A 399 35.59 13.94 -35.41
CA CYS A 399 35.23 13.97 -36.83
C CYS A 399 33.97 14.82 -37.06
N ILE A 400 33.01 14.80 -36.11
CA ILE A 400 31.77 15.60 -36.19
C ILE A 400 32.15 17.09 -36.09
N VAL A 401 33.07 17.43 -35.15
CA VAL A 401 33.58 18.78 -34.91
C VAL A 401 34.31 19.32 -36.16
N ILE A 402 35.18 18.49 -36.81
CA ILE A 402 35.92 18.86 -38.03
C ILE A 402 34.92 19.17 -39.16
N GLU A 403 33.93 18.26 -39.39
CA GLU A 403 32.89 18.41 -40.40
C GLU A 403 32.03 19.64 -40.14
N ALA A 404 31.72 19.92 -38.86
CA ALA A 404 30.92 21.08 -38.42
C ALA A 404 31.65 22.38 -38.76
N ALA A 405 32.96 22.45 -38.47
CA ALA A 405 33.81 23.62 -38.73
C ALA A 405 34.03 23.82 -40.24
N ARG A 406 34.10 22.71 -41.00
CA ARG A 406 34.30 22.73 -42.45
C ARG A 406 33.07 23.24 -43.19
N SER A 407 31.85 22.87 -42.72
CA SER A 407 30.57 23.31 -43.31
C SER A 407 30.35 24.81 -43.10
N VAL A 408 30.91 25.38 -42.02
CA VAL A 408 30.82 26.81 -41.68
C VAL A 408 31.63 27.62 -42.72
N GLY A 409 32.83 27.16 -43.04
CA GLY A 409 33.68 27.83 -44.01
C GLY A 409 35.17 27.54 -43.89
N LEU A 410 35.60 26.99 -42.73
CA LEU A 410 37.01 26.64 -42.47
C LEU A 410 37.39 25.40 -43.29
N THR A 411 37.91 25.64 -44.52
CA THR A 411 38.30 24.59 -45.47
C THR A 411 39.50 23.76 -44.96
N ASN A 412 40.45 24.41 -44.26
CA ASN A 412 41.66 23.78 -43.76
C ASN A 412 41.53 23.26 -42.29
N ALA A 413 40.29 23.16 -41.76
CA ALA A 413 40.04 22.66 -40.39
C ALA A 413 40.29 21.15 -40.30
N ASN A 414 41.20 20.74 -39.38
CA ASN A 414 41.58 19.33 -39.17
C ASN A 414 42.15 19.12 -37.75
N SER A 415 42.42 17.85 -37.39
CA SER A 415 43.01 17.45 -36.12
C SER A 415 44.54 17.51 -36.22
N ALA A 416 45.21 17.98 -35.16
CA ALA A 416 46.68 18.09 -35.08
C ALA A 416 47.37 16.72 -35.12
N GLU A 417 46.63 15.66 -34.70
CA GLU A 417 47.06 14.26 -34.65
C GLU A 417 47.35 13.71 -36.06
N PHE A 418 46.56 14.15 -37.05
CA PHE A 418 46.63 13.69 -38.44
C PHE A 418 47.37 14.70 -39.33
N ASP A 419 47.12 16.01 -39.12
CA ASP A 419 47.78 17.08 -39.85
C ASP A 419 48.37 18.08 -38.84
N PRO A 420 49.69 18.00 -38.53
CA PRO A 420 50.27 18.91 -37.54
C PRO A 420 50.46 20.33 -38.06
N ASP A 421 50.63 20.49 -39.38
CA ASP A 421 50.85 21.78 -40.05
C ASP A 421 49.53 22.45 -40.48
N THR A 422 48.41 22.12 -39.81
CA THR A 422 47.09 22.69 -40.13
C THR A 422 46.99 24.12 -39.56
N PRO A 423 46.48 25.11 -40.34
CA PRO A 423 46.36 26.47 -39.79
C PRO A 423 45.17 26.64 -38.86
N ASP A 424 44.24 25.67 -38.84
CA ASP A 424 43.06 25.68 -37.99
C ASP A 424 42.91 24.33 -37.23
N PRO A 425 43.66 24.14 -36.12
CA PRO A 425 43.54 22.87 -35.37
C PRO A 425 42.38 22.91 -34.38
N VAL A 426 41.20 22.43 -34.83
CA VAL A 426 39.99 22.36 -34.02
C VAL A 426 40.10 21.25 -32.96
N ILE A 427 40.95 20.24 -33.21
CA ILE A 427 41.22 19.13 -32.29
C ILE A 427 42.73 19.13 -32.00
N ALA A 428 43.10 19.44 -30.74
CA ALA A 428 44.50 19.52 -30.30
C ALA A 428 44.68 19.09 -28.84
N THR A 429 45.94 18.79 -28.45
CA THR A 429 46.31 18.38 -27.09
C THR A 429 46.24 19.57 -26.12
N MET A 430 45.94 19.28 -24.83
CA MET A 430 45.80 20.23 -23.71
C MET A 430 44.71 21.28 -23.99
N GLY A 445 50.62 16.20 -25.22
CA GLY A 445 49.75 16.74 -24.21
C GLY A 445 49.56 15.83 -23.01
N THR A 446 48.29 15.59 -22.62
CA THR A 446 47.92 14.75 -21.48
C THR A 446 46.97 13.61 -21.92
N MET A 447 47.31 12.37 -21.52
CA MET A 447 46.55 11.16 -21.85
C MET A 447 45.46 10.92 -20.80
N ARG A 448 44.23 10.59 -21.26
CA ARG A 448 43.08 10.31 -20.41
C ARG A 448 42.70 8.83 -20.49
N LEU A 449 42.68 8.14 -19.35
CA LEU A 449 42.34 6.71 -19.26
C LEU A 449 41.44 6.42 -18.07
N GLY A 450 40.39 5.62 -18.31
CA GLY A 450 39.42 5.22 -17.29
C GLY A 450 38.19 6.09 -17.24
N SER A 451 37.40 5.93 -16.16
CA SER A 451 36.16 6.67 -15.95
C SER A 451 36.43 8.13 -15.56
N TYR A 452 35.84 9.06 -16.32
CA TYR A 452 35.95 10.50 -16.10
C TYR A 452 34.54 11.11 -15.94
N PRO A 453 34.33 12.02 -14.96
CA PRO A 453 32.99 12.59 -14.79
C PRO A 453 32.67 13.65 -15.84
N ALA A 454 31.37 13.79 -16.17
CA ALA A 454 30.89 14.76 -17.15
C ALA A 454 29.53 15.33 -16.74
N VAL A 455 29.40 16.67 -16.82
CA VAL A 455 28.17 17.39 -16.51
C VAL A 455 27.43 17.62 -17.85
N LEU A 456 26.11 17.39 -17.84
CA LEU A 456 25.25 17.49 -19.01
C LEU A 456 24.32 18.69 -18.96
N GLU A 457 24.06 19.29 -20.14
CA GLU A 457 23.16 20.43 -20.31
C GLU A 457 21.71 19.95 -20.19
N PRO A 458 20.84 20.61 -19.38
CA PRO A 458 19.46 20.14 -19.24
C PRO A 458 18.64 20.29 -20.52
N ASP A 459 17.68 19.37 -20.72
CA ASP A 459 16.74 19.27 -21.86
C ASP A 459 17.47 19.03 -23.22
N SER A 460 18.73 18.56 -23.19
CA SER A 460 19.51 18.26 -24.40
C SER A 460 19.23 16.81 -24.84
N VAL A 461 19.68 16.43 -26.07
CA VAL A 461 19.48 15.09 -26.65
C VAL A 461 20.16 14.02 -25.77
N VAL A 462 21.40 14.31 -25.29
CA VAL A 462 22.16 13.40 -24.42
C VAL A 462 21.50 13.27 -23.04
N ALA A 463 20.92 14.39 -22.52
CA ALA A 463 20.22 14.42 -21.23
C ALA A 463 18.90 13.65 -21.30
N GLN A 464 18.24 13.67 -22.47
CA GLN A 464 16.98 12.96 -22.71
C GLN A 464 17.22 11.45 -22.79
N ALA A 465 18.41 11.05 -23.29
CA ALA A 465 18.83 9.65 -23.43
C ALA A 465 19.24 9.08 -22.06
N TYR A 466 20.20 9.75 -21.38
CA TYR A 466 20.73 9.35 -20.07
C TYR A 466 19.69 9.50 -18.95
N GLN A 467 18.79 10.49 -19.06
CA GLN A 467 17.73 10.86 -18.10
C GLN A 467 18.34 11.32 -16.76
N THR A 468 19.52 11.98 -16.84
CA THR A 468 20.30 12.53 -15.71
C THR A 468 21.21 13.68 -16.20
N THR A 469 21.53 14.64 -15.31
CA THR A 469 22.38 15.78 -15.63
C THR A 469 23.85 15.51 -15.29
N GLN A 470 24.14 14.40 -14.61
CA GLN A 470 25.52 14.00 -14.23
C GLN A 470 25.79 12.57 -14.68
N VAL A 471 26.88 12.36 -15.46
CA VAL A 471 27.26 11.05 -16.01
C VAL A 471 28.76 10.75 -15.79
N SER A 472 29.17 9.49 -16.06
CA SER A 472 30.54 8.98 -15.98
C SER A 472 30.77 7.95 -17.08
N GLU A 473 31.84 8.15 -17.90
CA GLU A 473 32.17 7.25 -19.02
C GLU A 473 33.68 6.98 -19.09
N ARG A 474 34.08 5.84 -19.70
CA ARG A 474 35.48 5.41 -19.84
C ARG A 474 36.15 6.05 -21.06
N HIS A 475 37.34 6.65 -20.87
CA HIS A 475 38.13 7.35 -21.90
C HIS A 475 39.43 6.61 -22.25
N ARG A 476 39.96 6.88 -23.48
CA ARG A 476 41.22 6.35 -24.01
C ARG A 476 41.66 7.23 -25.21
N HIS A 477 42.18 8.45 -24.90
CA HIS A 477 42.65 9.45 -25.87
C HIS A 477 43.50 10.55 -25.20
N ARG A 478 44.18 11.38 -26.01
CA ARG A 478 45.02 12.48 -25.51
C ARG A 478 44.68 13.81 -26.21
N TYR A 479 43.95 13.75 -27.34
CA TYR A 479 43.53 14.91 -28.12
C TYR A 479 42.12 15.36 -27.72
N GLU A 480 41.96 16.67 -27.43
CA GLU A 480 40.69 17.27 -27.00
C GLU A 480 40.21 18.33 -28.00
N VAL A 481 39.01 18.91 -27.77
CA VAL A 481 38.44 19.95 -28.61
C VAL A 481 39.07 21.29 -28.22
N ASN A 482 39.58 22.06 -29.23
CA ASN A 482 40.20 23.38 -29.02
C ASN A 482 39.11 24.37 -28.58
N ASN A 483 39.27 24.94 -27.38
CA ASN A 483 38.32 25.87 -26.77
C ASN A 483 38.26 27.23 -27.48
N ALA A 484 39.32 27.60 -28.22
CA ALA A 484 39.38 28.86 -28.98
C ALA A 484 38.46 28.83 -30.20
N TYR A 485 38.26 27.64 -30.80
CA TYR A 485 37.44 27.43 -31.99
C TYR A 485 35.96 27.14 -31.65
N ARG A 486 35.61 27.01 -30.35
CA ARG A 486 34.25 26.73 -29.84
C ARG A 486 33.17 27.62 -30.47
N ASP A 487 33.45 28.93 -30.62
CA ASP A 487 32.52 29.92 -31.19
C ASP A 487 32.31 29.71 -32.70
N LYS A 488 33.40 29.39 -33.44
CA LYS A 488 33.36 29.16 -34.89
C LYS A 488 32.63 27.85 -35.23
N ILE A 489 32.79 26.82 -34.39
CA ILE A 489 32.15 25.50 -34.55
C ILE A 489 30.64 25.64 -34.28
N ALA A 490 30.27 26.47 -33.29
CA ALA A 490 28.88 26.74 -32.88
C ALA A 490 28.01 27.36 -33.99
N GLU A 491 28.65 27.96 -35.01
CA GLU A 491 27.98 28.60 -36.16
C GLU A 491 27.17 27.58 -36.99
N SER A 492 27.62 26.31 -37.02
CA SER A 492 26.98 25.21 -37.75
C SER A 492 25.64 24.80 -37.12
N GLY A 493 25.50 25.06 -35.82
CA GLY A 493 24.32 24.73 -35.04
C GLY A 493 24.64 23.76 -33.91
N LEU A 494 25.82 23.11 -33.99
CA LEU A 494 26.33 22.14 -33.02
C LEU A 494 26.47 22.76 -31.64
N ARG A 495 25.98 22.05 -30.60
CA ARG A 495 26.02 22.49 -29.21
C ARG A 495 26.85 21.54 -28.37
N PHE A 496 27.68 22.11 -27.47
CA PHE A 496 28.54 21.35 -26.56
C PHE A 496 27.73 21.05 -25.28
N SER A 497 26.81 20.08 -25.39
CA SER A 497 25.90 19.65 -24.33
C SER A 497 26.60 18.99 -23.15
N GLY A 498 27.70 18.28 -23.41
CA GLY A 498 28.47 17.60 -22.37
C GLY A 498 29.86 18.15 -22.21
N THR A 499 30.20 18.54 -20.97
CA THR A 499 31.50 19.10 -20.59
C THR A 499 31.97 18.51 -19.27
N SER A 500 33.27 18.68 -18.95
CA SER A 500 33.89 18.21 -17.71
C SER A 500 33.30 18.97 -16.48
N PRO A 501 33.49 18.53 -15.20
CA PRO A 501 32.89 19.28 -14.08
C PRO A 501 33.25 20.78 -14.06
N ASP A 502 34.50 21.12 -14.43
CA ASP A 502 34.98 22.49 -14.51
C ASP A 502 34.55 23.17 -15.82
N GLY A 503 34.12 22.38 -16.80
CA GLY A 503 33.63 22.84 -18.10
C GLY A 503 34.70 23.17 -19.13
N HIS A 504 35.98 22.87 -18.82
CA HIS A 504 37.12 23.15 -19.69
C HIS A 504 37.18 22.17 -20.88
N LEU A 505 36.95 20.88 -20.64
CA LEU A 505 37.02 19.84 -21.68
C LEU A 505 35.64 19.52 -22.24
N VAL A 506 35.54 19.39 -23.57
CA VAL A 506 34.30 19.04 -24.27
C VAL A 506 34.18 17.50 -24.25
N GLU A 507 33.06 16.98 -23.73
CA GLU A 507 32.82 15.54 -23.60
C GLU A 507 31.75 15.06 -24.59
N PHE A 508 30.71 15.87 -24.85
CA PHE A 508 29.63 15.52 -25.76
C PHE A 508 29.24 16.69 -26.68
N VAL A 509 28.96 16.38 -27.95
CA VAL A 509 28.50 17.35 -28.96
C VAL A 509 27.20 16.83 -29.60
N GLU A 510 26.26 17.73 -29.91
CA GLU A 510 24.98 17.36 -30.50
C GLU A 510 24.34 18.49 -31.31
N TYR A 511 23.55 18.12 -32.33
CA TYR A 511 22.78 19.05 -33.15
C TYR A 511 21.35 19.11 -32.60
N PRO A 512 20.69 20.29 -32.56
CA PRO A 512 19.31 20.35 -32.01
C PRO A 512 18.31 19.57 -32.87
N PRO A 513 17.21 19.02 -32.27
CA PRO A 513 16.23 18.24 -33.08
C PRO A 513 15.60 19.03 -34.24
N ASP A 514 15.53 20.38 -34.13
CA ASP A 514 15.00 21.27 -35.16
C ASP A 514 15.97 21.42 -36.36
N ARG A 515 17.23 20.93 -36.20
CA ARG A 515 18.25 20.95 -37.24
C ARG A 515 18.49 19.51 -37.76
N HIS A 516 18.72 18.55 -36.84
CA HIS A 516 18.93 17.14 -37.14
C HIS A 516 18.28 16.26 -36.05
N PRO A 517 17.55 15.17 -36.41
CA PRO A 517 16.92 14.33 -35.38
C PRO A 517 17.89 13.74 -34.36
N PHE A 518 19.04 13.17 -34.82
CA PHE A 518 20.02 12.58 -33.91
C PHE A 518 21.42 12.54 -34.53
N VAL A 519 22.30 13.49 -34.11
CA VAL A 519 23.71 13.55 -34.47
C VAL A 519 24.42 13.84 -33.16
N VAL A 520 24.79 12.78 -32.44
CA VAL A 520 25.41 12.86 -31.13
C VAL A 520 26.83 12.28 -31.19
N GLY A 521 27.78 13.02 -30.63
CA GLY A 521 29.17 12.63 -30.53
C GLY A 521 29.64 12.61 -29.08
N THR A 522 30.47 11.62 -28.72
CA THR A 522 31.03 11.47 -27.37
C THR A 522 32.55 11.31 -27.45
N GLN A 523 33.26 11.96 -26.54
CA GLN A 523 34.72 11.93 -26.46
C GLN A 523 35.21 10.60 -25.84
N ALA A 524 34.33 9.91 -25.09
CA ALA A 524 34.61 8.65 -24.40
C ALA A 524 34.08 7.43 -25.19
N HIS A 525 34.25 6.21 -24.61
CA HIS A 525 33.80 4.95 -25.20
C HIS A 525 32.64 4.34 -24.37
N PRO A 526 31.37 4.65 -24.71
CA PRO A 526 30.23 4.11 -23.94
C PRO A 526 30.00 2.60 -24.13
N GLU A 527 30.51 2.04 -25.25
CA GLU A 527 30.37 0.63 -25.63
C GLU A 527 30.93 -0.35 -24.57
N LEU A 528 31.93 0.09 -23.78
CA LEU A 528 32.57 -0.70 -22.72
C LEU A 528 31.62 -0.89 -21.54
N LYS A 529 30.83 0.16 -21.20
CA LYS A 529 29.88 0.16 -20.08
C LYS A 529 28.54 -0.52 -20.47
N SER A 530 28.36 -0.84 -21.76
CA SER A 530 27.15 -1.48 -22.28
C SER A 530 27.17 -2.99 -22.03
N ARG A 531 26.04 -3.52 -21.54
CA ARG A 531 25.82 -4.94 -21.23
C ARG A 531 24.60 -5.47 -22.00
N PRO A 532 24.48 -6.79 -22.32
CA PRO A 532 23.28 -7.26 -23.04
C PRO A 532 22.00 -7.16 -22.19
N THR A 533 22.12 -7.35 -20.86
CA THR A 533 21.02 -7.29 -19.88
C THR A 533 20.78 -5.84 -19.40
N ARG A 534 21.82 -4.98 -19.49
CA ARG A 534 21.77 -3.58 -19.09
C ARG A 534 22.37 -2.71 -20.23
N PRO A 535 21.57 -2.39 -21.29
CA PRO A 535 22.13 -1.63 -22.43
C PRO A 535 22.42 -0.17 -22.11
N HIS A 536 23.35 0.44 -22.86
CA HIS A 536 23.75 1.83 -22.70
C HIS A 536 22.67 2.77 -23.26
N PRO A 537 22.29 3.85 -22.52
CA PRO A 537 21.22 4.75 -23.00
C PRO A 537 21.51 5.48 -24.32
N LEU A 538 22.79 5.80 -24.62
CA LEU A 538 23.17 6.47 -25.87
C LEU A 538 22.96 5.55 -27.08
N PHE A 539 23.28 4.26 -26.93
CA PHE A 539 23.10 3.26 -27.98
C PHE A 539 21.60 2.94 -28.16
N VAL A 540 20.82 3.00 -27.06
CA VAL A 540 19.36 2.79 -27.07
C VAL A 540 18.71 3.93 -27.86
N ALA A 541 19.11 5.18 -27.59
CA ALA A 541 18.62 6.39 -28.26
C ALA A 541 19.03 6.40 -29.74
N PHE A 542 20.24 5.89 -30.06
CA PHE A 542 20.76 5.86 -31.43
C PHE A 542 20.01 4.83 -32.29
N VAL A 543 19.82 3.60 -31.77
CA VAL A 543 19.11 2.51 -32.46
C VAL A 543 17.65 2.94 -32.67
N GLY A 544 17.05 3.55 -31.65
CA GLY A 544 15.69 4.06 -31.67
C GLY A 544 15.46 5.11 -32.73
N ALA A 545 16.46 5.99 -32.94
CA ALA A 545 16.44 7.05 -33.94
C ALA A 545 16.53 6.47 -35.36
N ALA A 546 17.26 5.33 -35.52
CA ALA A 546 17.42 4.62 -36.79
C ALA A 546 16.13 3.90 -37.17
N ILE A 547 15.33 3.48 -36.16
CA ILE A 547 14.03 2.83 -36.32
C ILE A 547 13.02 3.90 -36.81
N ASP A 548 13.18 5.15 -36.32
CA ASP A 548 12.35 6.29 -36.72
C ASP A 548 12.64 6.66 -38.18
N TYR A 549 13.92 6.50 -38.59
CA TYR A 549 14.39 6.75 -39.96
C TYR A 549 13.81 5.71 -40.92
N LYS A 550 13.69 4.44 -40.45
CA LYS A 550 13.16 3.29 -41.19
C LYS A 550 11.73 3.57 -41.71
N ALA A 551 10.94 4.32 -40.92
CA ALA A 551 9.58 4.72 -41.29
C ALA A 551 9.62 5.85 -42.33
N GLY A 552 9.01 5.59 -43.49
CA GLY A 552 8.95 6.54 -44.59
C GLY A 552 10.14 6.41 -45.52
N THR B 8 41.22 57.24 6.82
CA THR B 8 39.76 57.31 6.82
C THR B 8 39.16 56.80 8.14
N ALA B 9 37.97 57.31 8.50
CA ALA B 9 37.24 56.94 9.72
C ALA B 9 36.77 55.48 9.70
N THR B 10 36.77 54.84 10.88
CA THR B 10 36.36 53.44 11.07
C THR B 10 34.86 53.31 10.81
N LYS B 11 34.48 52.35 9.96
CA LYS B 11 33.09 52.07 9.59
C LYS B 11 32.52 50.92 10.44
N HIS B 12 31.19 50.91 10.63
CA HIS B 12 30.50 49.88 11.40
C HIS B 12 29.38 49.25 10.57
N LEU B 13 29.41 47.92 10.44
CA LEU B 13 28.41 47.15 9.69
C LEU B 13 27.64 46.27 10.67
N PHE B 14 26.31 46.40 10.70
CA PHE B 14 25.48 45.59 11.61
C PHE B 14 24.70 44.53 10.83
N VAL B 15 24.82 43.27 11.28
CA VAL B 15 24.14 42.13 10.65
C VAL B 15 23.01 41.68 11.59
N SER B 16 21.75 41.81 11.13
CA SER B 16 20.56 41.45 11.89
C SER B 16 19.81 40.31 11.22
N GLY B 17 19.41 39.32 12.01
CA GLY B 17 18.68 38.15 11.53
C GLY B 17 17.23 38.15 11.97
N GLY B 18 16.35 37.83 11.02
CA GLY B 18 14.91 37.78 11.27
C GLY B 18 14.26 36.48 10.87
N VAL B 19 12.93 36.37 11.16
CA VAL B 19 12.04 35.22 10.91
C VAL B 19 12.61 33.94 11.56
N ALA B 20 13.24 33.04 10.77
CA ALA B 20 13.82 31.79 11.26
C ALA B 20 15.25 31.98 11.76
N SER B 21 15.73 31.05 12.60
CA SER B 21 17.08 31.04 13.17
C SER B 21 17.91 29.91 12.56
N SER B 22 19.25 29.94 12.80
CA SER B 22 20.27 28.98 12.33
C SER B 22 20.25 28.79 10.78
N LEU B 23 19.88 29.84 10.04
CA LEU B 23 19.84 29.83 8.58
C LEU B 23 21.24 29.89 8.00
N GLY B 24 22.13 30.62 8.71
CA GLY B 24 23.51 30.78 8.33
C GLY B 24 24.00 32.21 8.48
N LYS B 25 23.49 32.92 9.51
CA LYS B 25 23.82 34.32 9.86
C LYS B 25 25.32 34.52 10.07
N GLY B 26 25.96 33.56 10.75
CA GLY B 26 27.39 33.56 11.04
C GLY B 26 28.24 33.41 9.80
N LEU B 27 27.84 32.50 8.89
CA LEU B 27 28.54 32.21 7.64
C LEU B 27 28.35 33.34 6.61
N THR B 28 27.15 33.96 6.58
CA THR B 28 26.81 35.06 5.67
C THR B 28 27.66 36.30 6.03
N ALA B 29 27.83 36.58 7.34
CA ALA B 29 28.62 37.71 7.84
C ALA B 29 30.12 37.47 7.61
N SER B 30 30.61 36.24 7.86
CA SER B 30 32.02 35.85 7.69
C SER B 30 32.46 35.92 6.23
N SER B 31 31.57 35.55 5.29
CA SER B 31 31.83 35.57 3.84
C SER B 31 31.99 37.00 3.34
N LEU B 32 31.23 37.96 3.93
CA LEU B 32 31.32 39.39 3.61
C LEU B 32 32.65 39.93 4.15
N GLY B 33 33.05 39.43 5.33
CA GLY B 33 34.31 39.76 5.98
C GLY B 33 35.50 39.27 5.19
N GLN B 34 35.36 38.12 4.51
CA GLN B 34 36.36 37.51 3.64
C GLN B 34 36.57 38.39 2.40
N LEU B 35 35.46 38.85 1.77
CA LEU B 35 35.46 39.68 0.57
C LEU B 35 36.10 41.05 0.83
N LEU B 36 35.76 41.68 1.97
CA LEU B 36 36.29 43.00 2.36
C LEU B 36 37.79 42.94 2.67
N THR B 37 38.27 41.83 3.28
CA THR B 37 39.69 41.62 3.58
C THR B 37 40.45 41.37 2.27
N ALA B 38 39.82 40.62 1.33
CA ALA B 38 40.38 40.31 0.01
C ALA B 38 40.47 41.56 -0.86
N ARG B 39 39.65 42.59 -0.55
CA ARG B 39 39.65 43.89 -1.23
C ARG B 39 40.76 44.81 -0.64
N GLY B 40 41.47 44.29 0.37
CA GLY B 40 42.58 44.98 1.04
C GLY B 40 42.14 45.94 2.12
N LEU B 41 41.34 45.45 3.09
CA LEU B 41 40.84 46.25 4.20
C LEU B 41 41.02 45.54 5.55
N HIS B 42 41.31 46.32 6.61
CA HIS B 42 41.46 45.82 7.98
C HIS B 42 40.06 45.57 8.54
N VAL B 43 39.68 44.28 8.64
CA VAL B 43 38.34 43.88 9.08
C VAL B 43 38.43 43.10 10.40
N THR B 44 37.66 43.55 11.41
CA THR B 44 37.53 42.90 12.71
C THR B 44 36.04 42.58 12.89
N MET B 45 35.71 41.44 13.51
CA MET B 45 34.31 41.03 13.67
C MET B 45 33.90 40.81 15.13
N GLN B 46 32.65 41.19 15.44
CA GLN B 46 32.05 41.09 16.77
C GLN B 46 30.72 40.34 16.71
N LYS B 47 30.42 39.52 17.74
CA LYS B 47 29.19 38.77 17.88
C LYS B 47 28.51 39.13 19.20
N LEU B 48 27.25 39.60 19.11
CA LEU B 48 26.45 39.99 20.26
C LEU B 48 25.44 38.89 20.60
N ASP B 49 25.72 38.13 21.68
CA ASP B 49 24.84 37.05 22.11
C ASP B 49 23.82 37.56 23.13
N PRO B 50 22.51 37.25 22.95
CA PRO B 50 21.51 37.77 23.88
C PRO B 50 21.30 36.93 25.15
N TYR B 51 22.10 35.85 25.36
CA TYR B 51 21.97 35.03 26.55
C TYR B 51 22.63 35.70 27.77
N LEU B 52 22.13 35.39 28.98
CA LEU B 52 22.60 35.94 30.25
C LEU B 52 23.90 35.27 30.76
N ASN B 53 24.45 34.28 30.03
CA ASN B 53 25.70 33.64 30.43
C ASN B 53 26.87 34.55 30.10
N VAL B 54 27.65 34.93 31.13
CA VAL B 54 28.83 35.81 30.99
C VAL B 54 29.82 35.15 30.00
N ASP B 55 30.11 33.85 30.21
CA ASP B 55 30.97 33.03 29.36
C ASP B 55 30.20 31.77 28.94
N PRO B 56 30.17 31.42 27.63
CA PRO B 56 29.45 30.19 27.22
C PRO B 56 30.14 28.89 27.68
N GLY B 57 31.26 29.01 28.40
CA GLY B 57 32.04 27.91 28.95
C GLY B 57 31.29 27.04 29.94
N THR B 58 30.19 27.57 30.51
CA THR B 58 29.33 26.87 31.48
C THR B 58 28.28 26.02 30.77
N MET B 59 28.02 26.31 29.48
CA MET B 59 27.02 25.61 28.66
C MET B 59 27.46 24.24 28.21
N ASN B 60 26.47 23.38 27.89
CA ASN B 60 26.68 22.03 27.38
C ASN B 60 27.11 22.14 25.91
N PRO B 61 28.30 21.61 25.54
CA PRO B 61 28.76 21.74 24.14
C PRO B 61 27.99 20.86 23.15
N PHE B 62 27.36 19.77 23.65
CA PHE B 62 26.60 18.83 22.82
C PHE B 62 25.14 19.30 22.65
N GLN B 63 24.79 20.49 23.18
CA GLN B 63 23.43 21.04 23.10
C GLN B 63 23.40 22.43 22.48
N HIS B 64 24.45 23.25 22.73
CA HIS B 64 24.50 24.63 22.25
C HIS B 64 25.71 24.94 21.36
N GLY B 65 26.61 23.96 21.20
CA GLY B 65 27.80 24.10 20.37
C GLY B 65 29.10 24.23 21.14
N GLU B 66 30.24 24.05 20.44
CA GLU B 66 31.59 24.13 20.99
C GLU B 66 31.92 25.53 21.58
N VAL B 67 32.81 25.58 22.57
CA VAL B 67 33.23 26.82 23.22
C VAL B 67 34.62 27.19 22.69
N PHE B 68 34.67 28.22 21.83
CA PHE B 68 35.88 28.73 21.20
C PHE B 68 36.75 29.49 22.18
N VAL B 69 38.08 29.29 22.10
CA VAL B 69 39.05 29.96 22.97
C VAL B 69 39.94 30.85 22.09
N THR B 70 40.07 32.13 22.48
CA THR B 70 40.89 33.13 21.78
C THR B 70 42.31 33.12 22.36
N GLU B 71 43.25 33.85 21.70
CA GLU B 71 44.67 33.96 22.11
C GLU B 71 44.83 34.55 23.53
N ASP B 72 43.95 35.51 23.90
CA ASP B 72 43.96 36.18 25.21
C ASP B 72 43.41 35.29 26.34
N GLY B 73 42.74 34.20 25.98
CA GLY B 73 42.19 33.23 26.92
C GLY B 73 40.75 33.47 27.33
N ALA B 74 39.90 33.81 26.35
CA ALA B 74 38.49 34.06 26.62
C ALA B 74 37.60 32.99 26.00
N GLU B 75 36.62 32.51 26.78
CA GLU B 75 35.64 31.51 26.33
C GLU B 75 34.57 32.26 25.54
N THR B 76 34.47 31.98 24.23
CA THR B 76 33.55 32.67 23.33
C THR B 76 32.67 31.66 22.56
N ASP B 77 31.63 32.17 21.86
CA ASP B 77 30.71 31.37 21.05
C ASP B 77 31.43 30.84 19.81
N LEU B 78 30.92 29.76 19.21
CA LEU B 78 31.51 29.10 18.03
C LEU B 78 31.50 30.00 16.78
N ASP B 79 30.70 31.10 16.78
CA ASP B 79 30.62 32.06 15.68
C ASP B 79 31.94 32.83 15.51
N VAL B 80 32.71 33.01 16.61
CA VAL B 80 34.02 33.67 16.65
C VAL B 80 35.01 32.83 15.81
N GLY B 81 34.84 31.51 15.86
CA GLY B 81 35.63 30.55 15.09
C GLY B 81 35.45 30.73 13.59
N HIS B 82 34.19 30.98 13.16
CA HIS B 82 33.85 31.22 11.76
C HIS B 82 34.49 32.52 11.27
N TYR B 83 34.54 33.55 12.16
CA TYR B 83 35.14 34.85 11.85
C TYR B 83 36.64 34.70 11.67
N GLU B 84 37.33 34.08 12.66
CA GLU B 84 38.78 33.86 12.65
C GLU B 84 39.26 33.07 11.43
N ARG B 85 38.49 32.05 11.00
CA ARG B 85 38.82 31.19 9.85
C ARG B 85 38.68 31.93 8.52
N PHE B 86 37.63 32.76 8.37
CA PHE B 86 37.33 33.53 7.15
C PHE B 86 38.17 34.82 7.03
N LEU B 87 38.82 35.27 8.13
CA LEU B 87 39.65 36.48 8.14
C LEU B 87 41.15 36.18 8.26
N ASP B 88 41.53 35.00 8.83
CA ASP B 88 42.90 34.53 9.10
C ASP B 88 43.57 35.39 10.20
N ARG B 89 42.77 36.25 10.86
CA ARG B 89 43.19 37.17 11.92
C ARG B 89 42.75 36.68 13.30
N ASN B 90 43.60 36.89 14.32
CA ASN B 90 43.31 36.52 15.70
C ASN B 90 42.42 37.59 16.33
N LEU B 91 41.27 37.17 16.90
CA LEU B 91 40.30 38.08 17.50
C LEU B 91 40.45 38.19 19.03
N PRO B 92 40.11 39.35 19.64
CA PRO B 92 40.22 39.46 21.11
C PRO B 92 38.99 38.93 21.84
N GLY B 93 39.00 39.00 23.17
CA GLY B 93 37.89 38.58 24.03
C GLY B 93 36.69 39.51 23.92
N SER B 94 36.95 40.79 23.54
CA SER B 94 35.95 41.85 23.35
C SER B 94 35.03 41.58 22.14
N ALA B 95 35.40 40.61 21.29
CA ALA B 95 34.65 40.22 20.09
C ALA B 95 33.36 39.47 20.43
N ASN B 96 33.21 39.01 21.68
CA ASN B 96 32.02 38.29 22.14
C ASN B 96 31.44 38.99 23.38
N VAL B 97 30.41 39.82 23.16
CA VAL B 97 29.72 40.57 24.21
C VAL B 97 28.34 39.94 24.45
N THR B 98 28.06 39.58 25.71
CA THR B 98 26.82 38.91 26.11
C THR B 98 25.96 39.81 27.01
N THR B 99 24.66 39.47 27.17
CA THR B 99 23.70 40.16 28.05
C THR B 99 24.25 40.07 29.49
N GLY B 100 24.81 38.91 29.84
CA GLY B 100 25.41 38.63 31.14
C GLY B 100 26.56 39.56 31.48
N GLN B 101 27.47 39.80 30.50
CA GLN B 101 28.62 40.69 30.64
C GLN B 101 28.17 42.14 30.91
N VAL B 102 27.27 42.67 30.05
CA VAL B 102 26.70 44.03 30.08
C VAL B 102 25.99 44.28 31.43
N TYR B 103 25.12 43.35 31.86
CA TYR B 103 24.37 43.46 33.12
C TYR B 103 25.28 43.32 34.34
N SER B 104 26.36 42.50 34.24
CA SER B 104 27.30 42.30 35.34
C SER B 104 28.15 43.54 35.60
N THR B 105 28.51 44.27 34.52
CA THR B 105 29.33 45.49 34.56
C THR B 105 28.52 46.66 35.15
N VAL B 106 27.33 46.94 34.59
CA VAL B 106 26.42 48.03 34.98
C VAL B 106 25.98 47.92 36.45
N ILE B 107 25.73 46.68 36.97
CA ILE B 107 25.30 46.44 38.35
C ILE B 107 26.49 46.69 39.28
N ALA B 108 27.71 46.27 38.87
CA ALA B 108 28.95 46.50 39.63
C ALA B 108 29.23 48.00 39.71
N LYS B 109 29.02 48.73 38.59
CA LYS B 109 29.17 50.18 38.46
C LYS B 109 28.19 50.91 39.38
N GLU B 110 26.91 50.44 39.42
CA GLU B 110 25.83 50.98 40.25
C GLU B 110 26.18 50.85 41.74
N ARG B 111 26.63 49.65 42.16
CA ARG B 111 27.00 49.34 43.55
C ARG B 111 28.21 50.15 43.99
N ARG B 112 29.11 50.50 43.05
CA ARG B 112 30.29 51.32 43.30
C ARG B 112 29.89 52.80 43.46
N GLY B 113 28.70 53.16 42.99
CA GLY B 113 28.17 54.52 43.06
C GLY B 113 28.63 55.38 41.91
N GLU B 114 29.10 54.73 40.82
CA GLU B 114 29.62 55.38 39.61
C GLU B 114 28.49 56.03 38.78
N TYR B 115 27.21 55.71 39.07
CA TYR B 115 26.06 56.30 38.37
C TYR B 115 25.52 57.52 39.14
N LEU B 116 26.11 57.79 40.33
CA LEU B 116 25.90 58.93 41.23
C LEU B 116 24.42 59.31 41.46
N GLY B 117 23.76 58.57 42.36
CA GLY B 117 22.37 58.76 42.76
C GLY B 117 21.34 58.78 41.64
N ASP B 118 21.43 57.84 40.69
CA ASP B 118 20.52 57.76 39.55
C ASP B 118 19.85 56.39 39.47
N THR B 119 18.58 56.36 38.99
CA THR B 119 17.84 55.10 38.81
C THR B 119 18.40 54.42 37.56
N VAL B 120 19.09 53.28 37.73
CA VAL B 120 19.72 52.55 36.62
C VAL B 120 18.61 51.81 35.84
N GLN B 121 18.48 52.13 34.54
CA GLN B 121 17.49 51.59 33.62
C GLN B 121 18.16 51.01 32.36
N VAL B 122 17.40 50.22 31.55
CA VAL B 122 17.89 49.62 30.30
C VAL B 122 18.33 50.75 29.35
N ILE B 123 17.50 51.79 29.23
CA ILE B 123 17.80 53.00 28.45
C ILE B 123 18.02 54.13 29.46
N PRO B 124 19.24 54.72 29.58
CA PRO B 124 20.42 54.52 28.72
C PRO B 124 21.49 53.53 29.21
N HIS B 125 21.70 53.42 30.54
CA HIS B 125 22.73 52.64 31.25
C HIS B 125 23.14 51.29 30.59
N ILE B 126 22.18 50.43 30.20
CA ILE B 126 22.48 49.13 29.56
C ILE B 126 22.93 49.34 28.11
N THR B 127 22.16 50.12 27.31
CA THR B 127 22.47 50.41 25.90
C THR B 127 23.81 51.14 25.77
N ASP B 128 24.18 51.97 26.79
CA ASP B 128 25.44 52.72 26.86
C ASP B 128 26.63 51.78 26.93
N GLU B 129 26.52 50.70 27.74
CA GLU B 129 27.56 49.68 27.91
C GLU B 129 27.73 48.90 26.61
N ILE B 130 26.62 48.60 25.90
CA ILE B 130 26.64 47.88 24.62
C ILE B 130 27.28 48.81 23.57
N LYS B 131 26.89 50.10 23.53
CA LYS B 131 27.43 51.12 22.62
C LYS B 131 28.93 51.34 22.87
N ARG B 132 29.37 51.19 24.14
CA ARG B 132 30.78 51.33 24.54
C ARG B 132 31.57 50.11 24.07
N ARG B 133 30.96 48.90 24.15
CA ARG B 133 31.55 47.62 23.75
C ARG B 133 31.73 47.52 22.23
N ILE B 134 30.79 48.09 21.44
CA ILE B 134 30.85 48.08 19.98
C ILE B 134 31.93 49.09 19.52
N LEU B 135 31.92 50.32 20.07
CA LEU B 135 32.89 51.37 19.75
C LEU B 135 34.31 51.03 20.25
N ALA B 136 34.43 50.03 21.15
CA ALA B 136 35.71 49.56 21.70
C ALA B 136 36.55 48.83 20.64
N MET B 137 35.88 48.21 19.67
CA MET B 137 36.52 47.46 18.56
C MET B 137 37.22 48.42 17.60
N ALA B 138 36.70 49.66 17.47
CA ALA B 138 37.25 50.71 16.60
C ALA B 138 38.61 51.23 17.09
N GLN B 139 38.95 51.01 18.38
CA GLN B 139 40.21 51.43 19.00
C GLN B 139 41.41 50.72 18.35
N PRO B 140 42.60 51.39 18.25
CA PRO B 140 43.75 50.73 17.59
C PRO B 140 44.25 49.50 18.36
N ASP B 141 44.51 48.42 17.61
CA ASP B 141 45.00 47.12 18.10
C ASP B 141 46.52 47.16 18.31
N ALA B 142 47.15 45.97 18.50
CA ALA B 142 48.59 45.80 18.70
C ALA B 142 49.39 46.43 17.54
N ASP B 143 50.51 47.12 17.88
CA ASP B 143 51.42 47.86 16.98
C ASP B 143 50.74 49.14 16.43
N GLY B 144 49.64 49.55 17.05
CA GLY B 144 48.87 50.75 16.70
C GLY B 144 48.17 50.69 15.36
N ASN B 145 47.37 49.64 15.11
CA ASN B 145 46.62 49.48 13.87
C ASN B 145 45.11 49.58 14.11
N ARG B 146 44.47 50.61 13.54
CA ARG B 146 43.04 50.88 13.65
C ARG B 146 42.29 50.17 12.51
N PRO B 147 41.18 49.43 12.78
CA PRO B 147 40.47 48.73 11.69
C PRO B 147 39.72 49.68 10.75
N ASP B 148 39.49 49.23 9.51
CA ASP B 148 38.76 49.98 8.47
C ASP B 148 37.25 49.81 8.64
N VAL B 149 36.79 48.56 8.83
CA VAL B 149 35.37 48.25 9.01
C VAL B 149 35.20 47.20 10.13
N VAL B 150 34.17 47.38 10.98
CA VAL B 150 33.84 46.50 12.10
C VAL B 150 32.47 45.86 11.83
N ILE B 151 32.44 44.54 11.60
CA ILE B 151 31.18 43.83 11.34
C ILE B 151 30.68 43.26 12.68
N THR B 152 29.56 43.81 13.16
CA THR B 152 28.94 43.41 14.42
C THR B 152 27.64 42.64 14.12
N GLU B 153 27.60 41.35 14.51
CA GLU B 153 26.46 40.47 14.28
C GLU B 153 25.60 40.39 15.54
N ILE B 154 24.32 40.79 15.41
CA ILE B 154 23.36 40.79 16.53
C ILE B 154 22.61 39.45 16.54
N GLY B 155 22.91 38.62 17.53
CA GLY B 155 22.30 37.30 17.72
C GLY B 155 20.86 37.39 18.18
N GLY B 156 20.05 36.46 17.68
CA GLY B 156 18.62 36.41 18.01
C GLY B 156 17.75 37.05 16.94
N THR B 157 16.47 36.64 16.90
CA THR B 157 15.49 37.13 15.93
C THR B 157 15.10 38.59 16.25
N VAL B 158 14.92 39.41 15.19
CA VAL B 158 14.53 40.82 15.31
C VAL B 158 13.06 40.83 15.78
N GLY B 159 12.85 41.33 16.98
CA GLY B 159 11.54 41.41 17.61
C GLY B 159 11.54 40.87 19.02
N ASP B 160 12.63 40.18 19.43
CA ASP B 160 12.76 39.61 20.78
C ASP B 160 13.11 40.69 21.80
N ILE B 161 12.62 40.52 23.04
CA ILE B 161 12.86 41.44 24.15
C ILE B 161 14.30 41.30 24.67
N GLU B 162 14.91 40.11 24.46
CA GLU B 162 16.28 39.79 24.89
C GLU B 162 17.32 40.50 24.02
N SER B 163 17.04 40.61 22.70
CA SER B 163 17.93 41.24 21.72
C SER B 163 17.54 42.72 21.44
N GLN B 164 16.48 43.22 22.12
CA GLN B 164 15.98 44.59 21.99
C GLN B 164 17.04 45.66 22.39
N PRO B 165 17.82 45.54 23.50
CA PRO B 165 18.81 46.58 23.80
C PRO B 165 20.02 46.59 22.85
N PHE B 166 20.34 45.43 22.23
CA PHE B 166 21.46 45.29 21.29
C PHE B 166 21.15 46.01 19.97
N LEU B 167 19.89 45.98 19.53
CA LEU B 167 19.44 46.67 18.33
C LEU B 167 19.39 48.17 18.58
N GLU B 168 18.93 48.58 19.79
CA GLU B 168 18.82 49.98 20.22
C GLU B 168 20.19 50.66 20.28
N ALA B 169 21.23 49.91 20.73
CA ALA B 169 22.60 50.41 20.81
C ALA B 169 23.15 50.67 19.41
N ALA B 170 22.85 49.78 18.44
CA ALA B 170 23.24 49.90 17.04
C ALA B 170 22.62 51.15 16.39
N ARG B 171 21.38 51.48 16.81
CA ARG B 171 20.63 52.65 16.35
C ARG B 171 21.27 53.92 16.92
N GLN B 172 21.77 53.85 18.17
CA GLN B 172 22.45 54.97 18.84
C GLN B 172 23.85 55.18 18.23
N VAL B 173 24.49 54.09 17.77
CA VAL B 173 25.80 54.09 17.10
C VAL B 173 25.63 54.78 15.73
N ARG B 174 24.51 54.49 15.04
CA ARG B 174 24.11 55.07 13.76
C ARG B 174 23.84 56.58 13.93
N HIS B 175 23.28 56.97 15.09
CA HIS B 175 22.95 58.35 15.44
C HIS B 175 24.21 59.15 15.80
N TYR B 176 25.11 58.57 16.62
CA TYR B 176 26.33 59.21 17.10
C TYR B 176 27.40 59.42 16.01
N LEU B 177 27.60 58.42 15.12
CA LEU B 177 28.64 58.48 14.08
C LEU B 177 28.14 59.05 12.74
N GLY B 178 26.94 58.64 12.31
CA GLY B 178 26.35 59.09 11.06
C GLY B 178 26.05 57.98 10.07
N ARG B 179 25.20 58.29 9.07
CA ARG B 179 24.77 57.35 8.02
C ARG B 179 25.94 56.94 7.11
N GLU B 180 26.91 57.86 6.89
CA GLU B 180 28.09 57.64 6.05
C GLU B 180 29.10 56.67 6.70
N ASP B 181 29.00 56.44 8.02
CA ASP B 181 29.89 55.56 8.76
C ASP B 181 29.22 54.27 9.27
N VAL B 182 27.88 54.20 9.30
CA VAL B 182 27.16 53.02 9.79
C VAL B 182 26.28 52.41 8.68
N PHE B 183 26.40 51.08 8.48
CA PHE B 183 25.65 50.28 7.50
C PHE B 183 24.82 49.22 8.22
N PHE B 184 23.59 48.96 7.73
CA PHE B 184 22.70 47.97 8.31
C PHE B 184 22.32 46.90 7.27
N LEU B 185 22.71 45.64 7.55
CA LEU B 185 22.43 44.46 6.73
C LEU B 185 21.43 43.56 7.45
N HIS B 186 20.38 43.12 6.75
CA HIS B 186 19.34 42.26 7.32
C HIS B 186 19.22 40.95 6.53
N VAL B 187 19.34 39.82 7.24
CA VAL B 187 19.24 38.48 6.67
C VAL B 187 17.83 37.94 6.93
N SER B 188 17.11 37.57 5.85
CA SER B 188 15.76 37.04 5.93
C SER B 188 15.56 35.80 5.04
N LEU B 189 14.58 34.96 5.38
CA LEU B 189 14.27 33.72 4.64
C LEU B 189 13.10 33.91 3.68
N VAL B 190 13.26 33.39 2.46
CA VAL B 190 12.25 33.39 1.40
C VAL B 190 11.84 31.92 1.17
N PRO B 191 10.69 31.47 1.73
CA PRO B 191 10.31 30.06 1.58
C PRO B 191 9.60 29.76 0.26
N TYR B 192 9.83 28.54 -0.28
CA TYR B 192 9.21 28.07 -1.51
C TYR B 192 8.06 27.13 -1.18
N LEU B 193 6.85 27.48 -1.64
CA LEU B 193 5.64 26.68 -1.43
C LEU B 193 5.52 25.62 -2.54
N ALA B 194 5.43 24.34 -2.15
CA ALA B 194 5.33 23.20 -3.06
C ALA B 194 3.99 23.13 -3.83
N PRO B 195 2.77 23.40 -3.25
CA PRO B 195 1.54 23.25 -4.06
C PRO B 195 1.31 24.39 -5.05
N SER B 196 1.56 25.66 -4.65
CA SER B 196 1.36 26.84 -5.51
C SER B 196 2.51 27.04 -6.50
N GLY B 197 3.73 26.66 -6.09
CA GLY B 197 4.94 26.80 -6.90
C GLY B 197 5.45 28.22 -6.99
N GLU B 198 5.29 28.99 -5.90
CA GLU B 198 5.72 30.39 -5.81
C GLU B 198 6.34 30.71 -4.45
N LEU B 199 7.24 31.71 -4.42
CA LEU B 199 7.93 32.17 -3.23
C LEU B 199 7.08 33.19 -2.45
N LYS B 200 7.20 33.19 -1.10
CA LYS B 200 6.44 34.09 -0.23
C LYS B 200 7.30 35.29 0.21
N THR B 201 6.73 36.50 0.09
CA THR B 201 7.37 37.77 0.45
C THR B 201 6.94 38.23 1.86
N LYS B 202 5.88 37.61 2.42
CA LYS B 202 5.31 37.90 3.75
C LYS B 202 6.32 37.71 4.91
N PRO B 203 7.17 36.64 4.99
CA PRO B 203 8.10 36.54 6.14
C PRO B 203 9.20 37.60 6.13
N THR B 204 9.57 38.08 4.92
CA THR B 204 10.59 39.12 4.74
C THR B 204 9.99 40.49 5.06
N GLN B 205 8.74 40.74 4.60
CA GLN B 205 8.00 42.00 4.81
C GLN B 205 7.74 42.25 6.30
N HIS B 206 7.32 41.20 7.05
CA HIS B 206 7.03 41.28 8.48
C HIS B 206 8.31 41.46 9.32
N SER B 207 9.44 40.91 8.85
CA SER B 207 10.73 41.01 9.54
C SER B 207 11.33 42.41 9.43
N VAL B 208 11.26 43.02 8.22
CA VAL B 208 11.78 44.37 7.94
C VAL B 208 10.91 45.39 8.69
N ALA B 209 9.57 45.16 8.76
CA ALA B 209 8.62 46.01 9.47
C ALA B 209 8.94 46.04 10.98
N ALA B 210 9.39 44.89 11.54
CA ALA B 210 9.78 44.75 12.94
C ALA B 210 11.07 45.50 13.22
N LEU B 211 11.97 45.57 12.22
CA LEU B 211 13.25 46.28 12.29
C LEU B 211 13.02 47.79 12.12
N ARG B 212 12.01 48.17 11.32
CA ARG B 212 11.64 49.57 11.06
C ARG B 212 10.85 50.15 12.24
N SER B 213 10.12 49.29 12.99
CA SER B 213 9.32 49.70 14.15
C SER B 213 10.21 50.09 15.34
N ILE B 214 11.39 49.45 15.46
CA ILE B 214 12.34 49.74 16.55
C ILE B 214 13.25 50.94 16.16
N GLY B 215 13.12 51.41 14.91
CA GLY B 215 13.83 52.58 14.40
C GLY B 215 15.05 52.35 13.53
N ILE B 216 15.14 51.17 12.86
CA ILE B 216 16.29 50.87 12.00
C ILE B 216 15.81 50.64 10.56
N THR B 217 16.38 51.42 9.62
CA THR B 217 16.10 51.31 8.19
C THR B 217 17.24 50.46 7.57
N PRO B 218 16.94 49.27 7.00
CA PRO B 218 18.02 48.43 6.44
C PRO B 218 18.57 48.98 5.12
N ASP B 219 19.90 48.93 4.97
CA ASP B 219 20.62 49.40 3.78
C ASP B 219 20.65 48.32 2.70
N ALA B 220 20.78 47.05 3.10
CA ALA B 220 20.81 45.89 2.20
C ALA B 220 20.06 44.70 2.80
N LEU B 221 19.47 43.85 1.94
CA LEU B 221 18.72 42.67 2.37
C LEU B 221 19.30 41.39 1.76
N ILE B 222 19.53 40.38 2.63
CA ILE B 222 20.05 39.07 2.24
C ILE B 222 18.86 38.10 2.20
N LEU B 223 18.49 37.65 1.00
CA LEU B 223 17.37 36.73 0.82
C LEU B 223 17.85 35.28 0.75
N ARG B 224 17.84 34.60 1.91
CA ARG B 224 18.24 33.20 2.02
C ARG B 224 17.12 32.33 1.46
N CYS B 225 17.41 31.61 0.35
CA CYS B 225 16.43 30.77 -0.34
C CYS B 225 17.07 29.49 -0.87
N ASP B 226 16.25 28.46 -1.14
CA ASP B 226 16.68 27.17 -1.70
C ASP B 226 16.96 27.31 -3.20
N ARG B 227 16.18 28.16 -3.88
CA ARG B 227 16.29 28.45 -5.32
C ARG B 227 16.73 29.90 -5.56
N ASP B 228 16.99 30.26 -6.83
CA ASP B 228 17.40 31.60 -7.23
C ASP B 228 16.18 32.54 -7.21
N VAL B 229 16.29 33.67 -6.49
CA VAL B 229 15.23 34.68 -6.38
C VAL B 229 15.19 35.48 -7.70
N PRO B 230 14.04 35.54 -8.41
CA PRO B 230 14.00 36.28 -9.68
C PRO B 230 14.15 37.79 -9.50
N GLU B 231 14.63 38.49 -10.55
CA GLU B 231 14.83 39.94 -10.56
C GLU B 231 13.50 40.70 -10.42
N ALA B 232 12.40 40.10 -10.92
CA ALA B 232 11.04 40.65 -10.84
C ALA B 232 10.53 40.63 -9.39
N LEU B 233 10.84 39.54 -8.64
CA LEU B 233 10.48 39.38 -7.24
C LEU B 233 11.36 40.27 -6.37
N LYS B 234 12.66 40.41 -6.74
CA LYS B 234 13.65 41.24 -6.06
C LYS B 234 13.26 42.72 -6.11
N ASN B 235 12.63 43.15 -7.24
CA ASN B 235 12.12 44.50 -7.46
C ASN B 235 10.92 44.80 -6.56
N LYS B 236 10.04 43.80 -6.37
CA LYS B 236 8.83 43.89 -5.56
C LYS B 236 9.16 44.07 -4.08
N ILE B 237 10.13 43.28 -3.55
CA ILE B 237 10.58 43.31 -2.15
C ILE B 237 11.30 44.65 -1.88
N ALA B 238 12.11 45.12 -2.85
CA ALA B 238 12.85 46.39 -2.78
C ALA B 238 11.93 47.57 -2.48
N LEU B 239 10.79 47.66 -3.20
CA LEU B 239 9.79 48.71 -3.03
C LEU B 239 9.00 48.50 -1.72
N MET B 240 8.67 47.23 -1.41
CA MET B 240 7.93 46.78 -0.23
C MET B 240 8.64 47.08 1.09
N CYS B 241 10.00 47.02 1.08
CA CYS B 241 10.83 47.22 2.27
C CYS B 241 11.54 48.59 2.27
N ASP B 242 11.42 49.35 1.16
CA ASP B 242 12.05 50.66 0.92
C ASP B 242 13.60 50.53 1.05
N VAL B 243 14.13 49.51 0.36
CA VAL B 243 15.55 49.18 0.27
C VAL B 243 15.95 49.29 -1.21
N ASP B 244 17.13 49.87 -1.50
CA ASP B 244 17.65 50.04 -2.86
C ASP B 244 17.70 48.70 -3.61
N ILE B 245 17.30 48.71 -4.90
CA ILE B 245 17.26 47.53 -5.77
C ILE B 245 18.66 46.89 -5.89
N ASP B 246 19.72 47.71 -5.88
CA ASP B 246 21.12 47.25 -5.95
C ASP B 246 21.55 46.58 -4.62
N GLY B 247 20.81 46.87 -3.55
CA GLY B 247 21.05 46.33 -2.21
C GLY B 247 20.36 45.01 -1.90
N VAL B 248 19.34 44.64 -2.70
CA VAL B 248 18.60 43.37 -2.53
C VAL B 248 19.48 42.26 -3.11
N ILE B 249 19.95 41.36 -2.22
CA ILE B 249 20.87 40.26 -2.58
C ILE B 249 20.18 38.90 -2.46
N SER B 250 20.24 38.12 -3.55
CA SER B 250 19.71 36.76 -3.63
C SER B 250 20.82 35.78 -3.28
N THR B 251 20.69 35.09 -2.14
CA THR B 251 21.69 34.15 -1.66
C THR B 251 21.11 32.71 -1.69
N PRO B 252 21.26 31.97 -2.81
CA PRO B 252 20.76 30.59 -2.86
C PRO B 252 21.65 29.65 -2.06
N ASP B 253 21.14 28.46 -1.68
CA ASP B 253 21.88 27.48 -0.90
C ASP B 253 23.09 26.96 -1.68
N ALA B 254 24.30 27.29 -1.18
CA ALA B 254 25.59 26.93 -1.76
C ALA B 254 25.98 25.47 -1.42
N PRO B 255 26.72 24.76 -2.31
CA PRO B 255 27.11 23.37 -1.99
C PRO B 255 28.12 23.29 -0.83
N SER B 256 29.01 24.27 -0.73
CA SER B 256 30.02 24.37 0.32
C SER B 256 29.95 25.74 1.02
N ILE B 257 30.48 25.82 2.26
CA ILE B 257 30.49 27.06 3.05
C ILE B 257 31.52 28.07 2.47
N TYR B 258 32.51 27.56 1.71
CA TYR B 258 33.56 28.36 1.08
C TYR B 258 33.10 28.93 -0.27
N ASP B 259 31.88 28.55 -0.73
CA ASP B 259 31.28 29.01 -1.98
C ASP B 259 30.48 30.30 -1.78
N ILE B 260 30.03 30.58 -0.53
CA ILE B 260 29.25 31.75 -0.13
C ILE B 260 29.97 33.09 -0.49
N PRO B 261 31.30 33.30 -0.27
CA PRO B 261 31.91 34.60 -0.68
C PRO B 261 31.81 34.85 -2.19
N LYS B 262 31.86 33.78 -3.01
CA LYS B 262 31.75 33.84 -4.46
C LYS B 262 30.31 34.17 -4.89
N VAL B 263 29.31 33.70 -4.11
CA VAL B 263 27.87 33.93 -4.34
C VAL B 263 27.55 35.42 -4.09
N LEU B 264 28.02 35.98 -2.96
CA LEU B 264 27.80 37.39 -2.59
C LEU B 264 28.51 38.35 -3.55
N HIS B 265 29.67 37.93 -4.10
CA HIS B 265 30.46 38.71 -5.06
C HIS B 265 29.73 38.81 -6.41
N ARG B 266 29.06 37.71 -6.82
CA ARG B 266 28.29 37.63 -8.07
C ARG B 266 27.08 38.57 -8.03
N GLU B 267 26.51 38.79 -6.83
CA GLU B 267 25.37 39.68 -6.59
C GLU B 267 25.83 41.13 -6.35
N GLU B 268 27.17 41.35 -6.31
CA GLU B 268 27.86 42.65 -6.14
C GLU B 268 27.52 43.32 -4.79
N LEU B 269 27.44 42.52 -3.71
CA LEU B 269 27.16 43.03 -2.36
C LEU B 269 28.39 43.73 -1.79
N ASP B 270 29.58 43.11 -1.96
CA ASP B 270 30.88 43.62 -1.50
C ASP B 270 31.17 45.01 -2.09
N ALA B 271 30.87 45.21 -3.39
CA ALA B 271 31.07 46.48 -4.08
C ALA B 271 30.05 47.53 -3.62
N PHE B 272 28.81 47.08 -3.28
CA PHE B 272 27.72 47.93 -2.79
C PHE B 272 28.04 48.49 -1.39
N VAL B 273 28.64 47.66 -0.53
CA VAL B 273 29.03 48.00 0.84
C VAL B 273 30.11 49.11 0.82
N VAL B 274 31.13 48.94 -0.06
CA VAL B 274 32.26 49.87 -0.24
C VAL B 274 31.73 51.24 -0.76
N ARG B 275 30.82 51.21 -1.75
CA ARG B 275 30.22 52.40 -2.38
C ARG B 275 29.34 53.19 -1.40
N ARG B 276 28.52 52.51 -0.58
CA ARG B 276 27.61 53.13 0.38
C ARG B 276 28.37 53.74 1.57
N LEU B 277 29.39 53.04 2.09
CA LEU B 277 30.18 53.50 3.24
C LEU B 277 31.35 54.43 2.82
N ASN B 278 31.50 54.67 1.49
CA ASN B 278 32.54 55.51 0.86
C ASN B 278 33.97 55.02 1.22
N LEU B 279 34.12 53.67 1.35
CA LEU B 279 35.38 53.00 1.68
C LEU B 279 36.35 53.01 0.46
N PRO B 280 37.69 52.84 0.66
CA PRO B 280 38.60 52.83 -0.50
C PRO B 280 38.37 51.60 -1.38
N PHE B 281 38.09 51.82 -2.67
CA PHE B 281 37.81 50.74 -3.62
C PHE B 281 39.10 50.14 -4.19
N ARG B 282 39.12 48.81 -4.27
CA ARG B 282 40.19 47.97 -4.82
C ARG B 282 39.61 46.61 -5.17
N ASP B 283 39.98 46.06 -6.34
CA ASP B 283 39.49 44.76 -6.83
C ASP B 283 39.86 43.60 -5.91
N VAL B 284 38.99 42.58 -5.87
CA VAL B 284 39.13 41.38 -5.04
C VAL B 284 40.28 40.49 -5.55
N ASP B 285 41.21 40.12 -4.66
CA ASP B 285 42.33 39.24 -4.97
C ASP B 285 41.92 37.79 -4.65
N TRP B 286 41.36 37.11 -5.66
CA TRP B 286 40.87 35.74 -5.55
C TRP B 286 41.98 34.68 -5.56
N THR B 287 43.25 35.11 -5.74
CA THR B 287 44.46 34.26 -5.81
C THR B 287 44.51 33.19 -4.70
N GLU B 288 44.21 33.56 -3.44
CA GLU B 288 44.24 32.64 -2.30
C GLU B 288 42.97 31.80 -2.16
N TRP B 289 41.78 32.43 -2.33
CA TRP B 289 40.49 31.76 -2.19
C TRP B 289 40.20 30.76 -3.32
N ASP B 290 40.65 31.04 -4.55
CA ASP B 290 40.47 30.15 -5.71
C ASP B 290 41.28 28.87 -5.54
N ASP B 291 42.47 28.97 -4.89
CA ASP B 291 43.36 27.85 -4.59
C ASP B 291 42.67 26.90 -3.60
N LEU B 292 41.92 27.47 -2.63
CA LEU B 292 41.15 26.73 -1.63
C LEU B 292 39.97 26.02 -2.28
N LEU B 293 39.19 26.74 -3.12
CA LEU B 293 38.02 26.22 -3.84
C LEU B 293 38.38 25.02 -4.74
N ARG B 294 39.59 25.06 -5.35
CA ARG B 294 40.11 23.99 -6.20
C ARG B 294 40.39 22.74 -5.36
N ARG B 295 40.89 22.92 -4.12
CA ARG B 295 41.20 21.84 -3.19
C ARG B 295 39.92 21.24 -2.59
N VAL B 296 38.82 22.01 -2.56
CA VAL B 296 37.53 21.61 -2.02
C VAL B 296 36.74 20.79 -3.07
N HIS B 297 36.52 21.36 -4.26
CA HIS B 297 35.72 20.77 -5.34
C HIS B 297 36.47 19.73 -6.20
N GLU B 298 37.81 19.78 -6.26
CA GLU B 298 38.57 18.82 -7.07
C GLU B 298 39.57 18.00 -6.20
N PRO B 299 39.11 17.03 -5.37
CA PRO B 299 40.06 16.24 -4.57
C PRO B 299 40.58 15.02 -5.34
N HIS B 300 41.87 14.67 -5.12
CA HIS B 300 42.51 13.54 -5.80
C HIS B 300 42.33 12.23 -5.01
N GLU B 301 42.24 12.29 -3.67
CA GLU B 301 42.08 11.13 -2.80
C GLU B 301 40.93 11.33 -1.80
N THR B 302 40.49 10.22 -1.17
CA THR B 302 39.43 10.23 -0.15
C THR B 302 39.94 9.40 1.03
N VAL B 303 40.09 10.04 2.20
CA VAL B 303 40.60 9.40 3.41
C VAL B 303 39.54 9.46 4.54
N ARG B 304 39.34 8.31 5.23
CA ARG B 304 38.37 8.19 6.33
C ARG B 304 39.06 8.34 7.66
N ILE B 305 38.65 9.33 8.47
CA ILE B 305 39.23 9.57 9.79
C ILE B 305 38.10 9.54 10.84
N ALA B 306 38.25 8.68 11.85
CA ALA B 306 37.27 8.51 12.91
C ALA B 306 37.45 9.55 14.02
N LEU B 307 36.32 10.15 14.45
CA LEU B 307 36.27 11.14 15.53
C LEU B 307 35.62 10.47 16.75
N VAL B 308 36.46 9.93 17.65
CA VAL B 308 36.01 9.22 18.85
C VAL B 308 35.55 10.22 19.91
N GLY B 309 34.30 10.67 19.77
CA GLY B 309 33.64 11.61 20.67
C GLY B 309 32.43 10.99 21.33
N LYS B 310 32.13 11.41 22.58
CA LYS B 310 31.02 10.92 23.41
C LYS B 310 29.67 10.91 22.65
N TYR B 311 29.34 12.00 21.92
CA TYR B 311 28.12 12.10 21.13
C TYR B 311 28.43 11.88 19.64
N VAL B 312 27.55 11.16 18.94
CA VAL B 312 27.69 10.85 17.52
C VAL B 312 26.83 11.81 16.66
N GLU B 313 27.26 12.00 15.38
CA GLU B 313 26.64 12.80 14.31
C GLU B 313 26.77 14.34 14.50
N LEU B 314 26.46 14.89 15.71
CA LEU B 314 26.50 16.34 15.96
C LEU B 314 27.90 16.93 15.68
N SER B 315 28.00 17.65 14.57
CA SER B 315 29.24 18.28 14.09
C SER B 315 29.61 19.55 14.87
N ASP B 316 28.60 20.33 15.31
CA ASP B 316 28.79 21.60 16.04
C ASP B 316 29.49 21.44 17.41
N ALA B 317 29.48 20.23 17.99
CA ALA B 317 30.15 19.97 19.26
C ALA B 317 31.68 19.95 19.09
N TYR B 318 32.15 19.51 17.89
CA TYR B 318 33.55 19.43 17.50
C TYR B 318 33.75 20.11 16.13
N LEU B 319 33.19 21.35 15.98
CA LEU B 319 33.21 22.13 14.74
C LEU B 319 34.63 22.51 14.30
N SER B 320 35.45 23.09 15.21
CA SER B 320 36.82 23.50 14.91
C SER B 320 37.71 22.30 14.62
N VAL B 321 37.44 21.15 15.27
CA VAL B 321 38.16 19.88 15.09
C VAL B 321 37.90 19.34 13.68
N ALA B 322 36.61 19.27 13.27
CA ALA B 322 36.18 18.81 11.94
C ALA B 322 36.72 19.72 10.83
N GLU B 323 36.71 21.06 11.06
CA GLU B 323 37.21 22.05 10.10
C GLU B 323 38.73 21.96 9.95
N ALA B 324 39.46 21.62 11.04
CA ALA B 324 40.91 21.46 11.03
C ALA B 324 41.31 20.19 10.28
N LEU B 325 40.46 19.14 10.36
CA LEU B 325 40.66 17.87 9.69
C LEU B 325 40.51 18.03 8.18
N ARG B 326 39.51 18.83 7.74
CA ARG B 326 39.25 19.13 6.34
C ARG B 326 40.37 20.02 5.78
N ALA B 327 40.88 20.96 6.60
CA ALA B 327 41.97 21.89 6.27
C ALA B 327 43.28 21.12 6.00
N GLY B 328 43.54 20.09 6.81
CA GLY B 328 44.70 19.21 6.67
C GLY B 328 44.64 18.39 5.40
N GLY B 329 43.41 18.02 5.01
CA GLY B 329 43.12 17.28 3.79
C GLY B 329 43.34 18.09 2.53
N PHE B 330 43.05 19.41 2.58
CA PHE B 330 43.21 20.34 1.45
C PHE B 330 44.69 20.51 1.08
N LYS B 331 45.60 20.48 2.08
CA LYS B 331 47.05 20.61 1.90
C LYS B 331 47.59 19.43 1.05
N HIS B 332 47.00 18.24 1.22
CA HIS B 332 47.35 17.02 0.48
C HIS B 332 46.44 16.85 -0.75
N ARG B 333 45.48 17.80 -0.95
CA ARG B 333 44.48 17.84 -2.03
C ARG B 333 43.63 16.55 -2.01
N ALA B 334 43.04 16.25 -0.84
CA ALA B 334 42.22 15.06 -0.59
C ALA B 334 40.99 15.39 0.27
N LYS B 335 39.90 14.63 0.06
CA LYS B 335 38.63 14.76 0.80
C LYS B 335 38.69 13.92 2.07
N VAL B 336 38.35 14.54 3.22
CA VAL B 336 38.36 13.85 4.52
C VAL B 336 36.92 13.49 4.91
N GLU B 337 36.65 12.18 5.03
CA GLU B 337 35.34 11.65 5.44
C GLU B 337 35.39 11.37 6.93
N ILE B 338 34.77 12.26 7.73
CA ILE B 338 34.76 12.15 9.19
C ILE B 338 33.77 11.07 9.63
N CYS B 339 34.27 10.05 10.34
CA CYS B 339 33.49 8.94 10.88
C CYS B 339 33.17 9.22 12.34
N TRP B 340 31.95 9.69 12.61
CA TRP B 340 31.52 10.04 13.97
C TRP B 340 31.27 8.75 14.77
N VAL B 341 32.28 8.38 15.58
CA VAL B 341 32.30 7.16 16.41
C VAL B 341 32.03 7.53 17.87
N ALA B 342 31.11 6.80 18.52
CA ALA B 342 30.77 6.98 19.93
C ALA B 342 31.84 6.32 20.79
N SER B 343 32.43 7.08 21.73
CA SER B 343 33.51 6.64 22.61
C SER B 343 33.13 5.40 23.44
N ASP B 344 31.91 5.37 24.00
CA ASP B 344 31.35 4.30 24.84
C ASP B 344 31.43 2.91 24.18
N GLY B 345 31.31 2.85 22.86
CA GLY B 345 31.37 1.61 22.10
C GLY B 345 32.75 1.01 21.99
N CYS B 346 33.81 1.85 22.13
CA CYS B 346 35.21 1.46 22.03
C CYS B 346 35.79 1.00 23.40
N GLU B 347 34.94 0.87 24.44
CA GLU B 347 35.34 0.44 25.78
C GLU B 347 35.99 -0.95 25.76
N THR B 348 35.39 -1.88 24.98
CA THR B 348 35.90 -3.24 24.79
C THR B 348 36.76 -3.27 23.51
N THR B 349 37.75 -4.19 23.46
CA THR B 349 38.66 -4.33 22.32
C THR B 349 37.91 -4.86 21.07
N SER B 350 36.84 -5.66 21.26
CA SER B 350 36.02 -6.21 20.19
C SER B 350 35.14 -5.11 19.56
N GLY B 351 34.58 -4.25 20.41
CA GLY B 351 33.74 -3.12 20.01
C GLY B 351 34.51 -2.02 19.30
N ALA B 352 35.75 -1.75 19.76
CA ALA B 352 36.65 -0.75 19.18
C ALA B 352 37.09 -1.17 17.78
N ALA B 353 37.32 -2.48 17.58
CA ALA B 353 37.72 -3.07 16.31
C ALA B 353 36.61 -2.97 15.27
N ALA B 354 35.34 -3.16 15.70
CA ALA B 354 34.16 -3.09 14.83
C ALA B 354 33.85 -1.64 14.41
N ALA B 355 34.21 -0.67 15.26
CA ALA B 355 33.96 0.75 15.01
C ALA B 355 35.12 1.44 14.27
N LEU B 356 36.38 1.06 14.57
CA LEU B 356 37.57 1.65 13.96
C LEU B 356 38.27 0.70 12.95
N GLY B 357 37.51 -0.21 12.36
CA GLY B 357 38.02 -1.19 11.42
C GLY B 357 38.31 -0.67 10.03
N ASP B 358 37.29 -0.07 9.37
CA ASP B 358 37.38 0.46 8.01
C ASP B 358 37.99 1.88 7.92
N VAL B 359 38.31 2.52 9.07
CA VAL B 359 38.88 3.88 9.07
C VAL B 359 40.40 3.84 8.80
N HIS B 360 40.96 5.00 8.36
CA HIS B 360 42.39 5.15 8.04
C HIS B 360 43.15 5.94 9.12
N GLY B 361 42.42 6.71 9.93
CA GLY B 361 42.98 7.51 11.02
C GLY B 361 42.04 7.63 12.21
N VAL B 362 42.62 7.72 13.42
CA VAL B 362 41.86 7.82 14.68
C VAL B 362 42.19 9.16 15.36
N LEU B 363 41.15 9.94 15.72
CA LEU B 363 41.32 11.22 16.42
C LEU B 363 40.58 11.18 17.76
N ILE B 364 41.27 11.60 18.84
CA ILE B 364 40.71 11.65 20.20
C ILE B 364 40.56 13.14 20.62
N PRO B 365 39.34 13.72 20.49
CA PRO B 365 39.15 15.13 20.86
C PRO B 365 39.11 15.39 22.37
N GLY B 366 39.15 16.68 22.74
CA GLY B 366 39.13 17.13 24.13
C GLY B 366 37.74 17.29 24.71
N GLY B 367 37.35 16.33 25.54
CA GLY B 367 36.06 16.29 26.22
C GLY B 367 36.08 17.01 27.56
N PHE B 368 35.50 18.22 27.60
CA PHE B 368 35.43 19.02 28.81
C PHE B 368 34.14 18.74 29.56
N GLY B 369 34.28 18.33 30.83
CA GLY B 369 33.15 18.01 31.70
C GLY B 369 32.45 16.70 31.40
N ILE B 370 33.11 15.81 30.63
CA ILE B 370 32.57 14.50 30.26
C ILE B 370 32.88 13.47 31.38
N ARG B 371 32.31 12.25 31.29
CA ARG B 371 32.52 11.20 32.29
C ARG B 371 33.07 9.90 31.68
N GLY B 372 32.71 9.62 30.42
CA GLY B 372 33.15 8.43 29.71
C GLY B 372 34.54 8.56 29.10
N ILE B 373 35.58 8.19 29.88
CA ILE B 373 36.98 8.28 29.46
C ILE B 373 37.52 6.90 28.98
N GLU B 374 37.04 5.78 29.58
CA GLU B 374 37.47 4.40 29.31
C GLU B 374 37.35 4.00 27.83
N GLY B 375 36.36 4.56 27.13
CA GLY B 375 36.13 4.30 25.72
C GLY B 375 37.20 4.89 24.82
N LYS B 376 37.64 6.13 25.14
CA LYS B 376 38.69 6.86 24.41
C LYS B 376 40.06 6.16 24.59
N ILE B 377 40.32 5.60 25.79
CA ILE B 377 41.54 4.87 26.13
C ILE B 377 41.58 3.57 25.30
N GLY B 378 40.43 2.89 25.21
CA GLY B 378 40.25 1.67 24.45
C GLY B 378 40.42 1.84 22.95
N ALA B 379 40.09 3.05 22.44
CA ALA B 379 40.21 3.42 21.04
C ALA B 379 41.69 3.55 20.64
N ILE B 380 42.52 4.09 21.54
CA ILE B 380 43.97 4.26 21.36
C ILE B 380 44.64 2.87 21.40
N ALA B 381 44.22 2.02 22.36
CA ALA B 381 44.71 0.65 22.55
C ALA B 381 44.56 -0.19 21.28
N TYR B 382 43.42 -0.07 20.57
CA TYR B 382 43.18 -0.78 19.31
C TYR B 382 44.02 -0.19 18.18
N ALA B 383 44.01 1.15 18.05
CA ALA B 383 44.75 1.90 17.02
C ALA B 383 46.25 1.61 17.07
N ARG B 384 46.80 1.42 18.29
CA ARG B 384 48.22 1.09 18.50
C ARG B 384 48.52 -0.33 18.02
N ALA B 385 47.56 -1.26 18.22
CA ALA B 385 47.69 -2.66 17.83
C ALA B 385 47.50 -2.84 16.32
N ARG B 386 46.51 -2.14 15.73
CA ARG B 386 46.18 -2.19 14.30
C ARG B 386 47.25 -1.44 13.48
N GLY B 387 47.82 -0.39 14.06
CA GLY B 387 48.86 0.43 13.44
C GLY B 387 48.32 1.67 12.75
N LEU B 388 47.25 2.25 13.33
CA LEU B 388 46.56 3.44 12.83
C LEU B 388 47.16 4.73 13.38
N PRO B 389 47.18 5.85 12.60
CA PRO B 389 47.70 7.11 13.15
C PRO B 389 46.74 7.70 14.18
N VAL B 390 47.28 8.20 15.31
CA VAL B 390 46.50 8.76 16.42
C VAL B 390 46.88 10.22 16.67
N LEU B 391 45.87 11.10 16.76
CA LEU B 391 46.03 12.52 17.10
C LEU B 391 45.11 12.82 18.29
N GLY B 392 45.73 13.04 19.45
CA GLY B 392 45.03 13.33 20.68
C GLY B 392 45.09 14.79 21.05
N LEU B 393 43.92 15.41 21.27
CA LEU B 393 43.80 16.83 21.63
C LEU B 393 43.30 16.96 23.07
N CYS B 394 44.03 17.76 23.89
CA CYS B 394 43.77 18.05 25.31
C CYS B 394 43.59 16.75 26.13
N LEU B 395 42.34 16.22 26.19
CA LEU B 395 41.99 14.97 26.86
C LEU B 395 42.64 13.78 26.11
N GLY B 396 42.87 13.95 24.81
CA GLY B 396 43.51 12.98 23.94
C GLY B 396 44.91 12.60 24.38
N LEU B 397 45.73 13.63 24.74
CA LEU B 397 47.10 13.44 25.27
C LEU B 397 47.01 12.70 26.60
N GLN B 398 46.06 13.11 27.46
CA GLN B 398 45.79 12.54 28.78
C GLN B 398 45.43 11.05 28.66
N CYS B 399 44.62 10.69 27.63
CA CYS B 399 44.18 9.32 27.35
C CYS B 399 45.33 8.46 26.80
N ILE B 400 46.25 9.06 26.00
CA ILE B 400 47.42 8.37 25.44
C ILE B 400 48.35 7.99 26.61
N VAL B 401 48.55 8.92 27.56
CA VAL B 401 49.39 8.78 28.76
C VAL B 401 48.84 7.64 29.66
N ILE B 402 47.50 7.61 29.89
CA ILE B 402 46.82 6.59 30.71
C ILE B 402 47.02 5.20 30.07
N GLU B 403 46.77 5.08 28.74
CA GLU B 403 46.93 3.85 27.97
C GLU B 403 48.39 3.38 27.97
N ALA B 404 49.35 4.34 27.87
CA ALA B 404 50.79 4.08 27.89
C ALA B 404 51.22 3.48 29.23
N ALA B 405 50.73 4.07 30.34
CA ALA B 405 51.02 3.62 31.71
C ALA B 405 50.36 2.27 32.00
N ARG B 406 49.16 2.01 31.42
CA ARG B 406 48.41 0.78 31.59
C ARG B 406 49.08 -0.40 30.89
N SER B 407 49.64 -0.17 29.68
CA SER B 407 50.34 -1.19 28.89
C SER B 407 51.65 -1.61 29.59
N VAL B 408 52.26 -0.69 30.35
CA VAL B 408 53.50 -0.89 31.12
C VAL B 408 53.25 -1.89 32.26
N GLY B 409 52.11 -1.76 32.94
CA GLY B 409 51.76 -2.64 34.05
C GLY B 409 50.83 -2.04 35.09
N LEU B 410 50.71 -0.69 35.10
CA LEU B 410 49.83 0.03 36.03
C LEU B 410 48.38 -0.22 35.64
N THR B 411 47.74 -1.22 36.26
CA THR B 411 46.34 -1.58 35.97
C THR B 411 45.37 -0.49 36.46
N ASN B 412 45.67 0.14 37.61
CA ASN B 412 44.83 1.16 38.24
C ASN B 412 45.20 2.61 37.83
N ALA B 413 45.99 2.80 36.75
CA ALA B 413 46.39 4.13 36.27
C ALA B 413 45.21 4.85 35.61
N ASN B 414 44.88 6.06 36.12
CA ASN B 414 43.76 6.89 35.62
C ASN B 414 43.98 8.37 35.97
N SER B 415 43.09 9.25 35.45
CA SER B 415 43.08 10.69 35.72
C SER B 415 42.29 10.98 36.99
N ALA B 416 42.78 11.92 37.82
CA ALA B 416 42.15 12.33 39.08
C ALA B 416 40.79 13.01 38.85
N GLU B 417 40.60 13.58 37.65
CA GLU B 417 39.38 14.26 37.19
C GLU B 417 38.19 13.30 37.11
N PHE B 418 38.45 12.05 36.72
CA PHE B 418 37.43 11.00 36.52
C PHE B 418 37.39 10.03 37.70
N ASP B 419 38.56 9.66 38.24
CA ASP B 419 38.67 8.77 39.41
C ASP B 419 39.54 9.46 40.47
N PRO B 420 38.96 10.12 41.49
CA PRO B 420 39.79 10.81 42.50
C PRO B 420 40.48 9.86 43.47
N ASP B 421 39.90 8.67 43.70
CA ASP B 421 40.42 7.66 44.62
C ASP B 421 41.37 6.66 43.93
N THR B 422 42.01 7.08 42.80
CA THR B 422 42.94 6.23 42.07
C THR B 422 44.30 6.16 42.80
N PRO B 423 44.92 4.96 42.94
CA PRO B 423 46.22 4.89 43.63
C PRO B 423 47.38 5.36 42.75
N ASP B 424 47.15 5.48 41.43
CA ASP B 424 48.16 5.92 40.46
C ASP B 424 47.61 7.06 39.59
N PRO B 425 47.60 8.32 40.08
CA PRO B 425 47.09 9.43 39.27
C PRO B 425 48.16 9.99 38.34
N VAL B 426 48.20 9.47 37.09
CA VAL B 426 49.16 9.89 36.06
C VAL B 426 48.79 11.28 35.51
N ILE B 427 47.50 11.66 35.63
CA ILE B 427 46.98 12.97 35.22
C ILE B 427 46.36 13.62 36.45
N ALA B 428 46.97 14.72 36.94
CA ALA B 428 46.51 15.45 38.13
C ALA B 428 46.76 16.96 38.02
N THR B 429 46.06 17.74 38.86
CA THR B 429 46.16 19.20 38.92
C THR B 429 47.50 19.63 39.55
N MET B 430 48.02 20.79 39.09
CA MET B 430 49.28 21.43 39.52
C MET B 430 50.47 20.49 39.31
N GLY B 444 44.25 21.22 44.16
CA GLY B 444 43.53 22.37 43.62
C GLY B 444 43.82 22.63 42.17
N GLY B 445 45.08 22.94 41.87
CA GLY B 445 45.57 23.23 40.53
C GLY B 445 45.16 24.57 39.95
N THR B 446 45.68 24.89 38.76
CA THR B 446 45.39 26.15 38.08
C THR B 446 44.88 25.91 36.65
N MET B 447 43.87 26.70 36.25
CA MET B 447 43.23 26.65 34.94
C MET B 447 44.08 27.41 33.93
N ARG B 448 44.48 26.72 32.85
CA ARG B 448 45.29 27.29 31.78
C ARG B 448 44.40 27.70 30.62
N LEU B 449 44.36 29.01 30.30
CA LEU B 449 43.53 29.54 29.22
C LEU B 449 44.32 30.48 28.31
N GLY B 450 44.16 30.29 27.00
CA GLY B 450 44.82 31.09 25.98
C GLY B 450 46.10 30.49 25.44
N SER B 451 46.88 31.30 24.71
CA SER B 451 48.13 30.89 24.09
C SER B 451 49.23 30.75 25.14
N TYR B 452 49.86 29.56 25.18
CA TYR B 452 50.96 29.22 26.07
C TYR B 452 52.18 28.76 25.26
N PRO B 453 53.40 29.25 25.60
CA PRO B 453 54.58 28.83 24.82
C PRO B 453 55.02 27.40 25.16
N ALA B 454 55.63 26.71 24.17
CA ALA B 454 56.11 25.35 24.31
C ALA B 454 57.39 25.13 23.52
N VAL B 455 58.40 24.53 24.18
CA VAL B 455 59.69 24.19 23.57
C VAL B 455 59.60 22.72 23.08
N LEU B 456 60.10 22.48 21.86
CA LEU B 456 60.05 21.18 21.21
C LEU B 456 61.42 20.51 21.11
N GLU B 457 61.45 19.18 21.25
CA GLU B 457 62.65 18.35 21.14
C GLU B 457 63.09 18.27 19.66
N PRO B 458 64.38 18.51 19.34
CA PRO B 458 64.79 18.46 17.92
C PRO B 458 64.72 17.05 17.33
N ASP B 459 64.43 16.98 16.01
CA ASP B 459 64.30 15.77 15.18
C ASP B 459 63.15 14.84 15.64
N SER B 460 62.18 15.37 16.42
CA SER B 460 61.01 14.61 16.89
C SER B 460 59.89 14.69 15.84
N VAL B 461 58.82 13.88 16.00
CA VAL B 461 57.68 13.81 15.07
C VAL B 461 56.95 15.17 15.04
N VAL B 462 56.77 15.82 16.22
CA VAL B 462 56.11 17.14 16.33
C VAL B 462 57.00 18.23 15.71
N ALA B 463 58.34 18.12 15.86
CA ALA B 463 59.30 19.08 15.31
C ALA B 463 59.37 18.97 13.80
N GLN B 464 59.18 17.75 13.25
CA GLN B 464 59.17 17.48 11.81
C GLN B 464 57.91 18.04 11.16
N ALA B 465 56.79 18.06 11.93
CA ALA B 465 55.51 18.59 11.47
C ALA B 465 55.51 20.12 11.50
N TYR B 466 55.83 20.73 12.65
CA TYR B 466 55.89 22.17 12.87
C TYR B 466 57.03 22.84 12.10
N GLN B 467 58.16 22.13 11.91
CA GLN B 467 59.40 22.56 11.24
C GLN B 467 60.04 23.75 12.01
N THR B 468 59.90 23.72 13.35
CA THR B 468 60.44 24.71 14.29
C THR B 468 60.62 24.08 15.70
N THR B 469 61.57 24.60 16.48
CA THR B 469 61.89 24.14 17.83
C THR B 469 61.04 24.88 18.90
N GLN B 470 60.43 26.02 18.54
CA GLN B 470 59.61 26.83 19.45
C GLN B 470 58.21 27.04 18.87
N VAL B 471 57.16 26.71 19.65
CA VAL B 471 55.75 26.83 19.22
C VAL B 471 54.88 27.53 20.30
N SER B 472 53.63 27.87 19.92
CA SER B 472 52.62 28.51 20.77
C SER B 472 51.23 28.00 20.38
N GLU B 473 50.47 27.46 21.35
CA GLU B 473 49.13 26.91 21.12
C GLU B 473 48.14 27.34 22.22
N ARG B 474 46.82 27.34 21.90
CA ARG B 474 45.75 27.75 22.81
C ARG B 474 45.30 26.58 23.72
N HIS B 475 45.22 26.85 25.04
CA HIS B 475 44.85 25.89 26.09
C HIS B 475 43.49 26.20 26.73
N ARG B 476 42.83 25.17 27.31
CA ARG B 476 41.54 25.24 28.01
C ARG B 476 41.37 23.97 28.90
N HIS B 477 42.22 23.85 29.94
CA HIS B 477 42.23 22.72 30.89
C HIS B 477 42.87 23.09 32.24
N ARG B 478 42.64 22.23 33.26
CA ARG B 478 43.15 22.40 34.61
C ARG B 478 44.11 21.27 35.01
N TYR B 479 43.91 20.06 34.43
CA TYR B 479 44.69 18.86 34.73
C TYR B 479 45.91 18.72 33.80
N GLU B 480 47.07 18.40 34.41
CA GLU B 480 48.37 18.23 33.74
C GLU B 480 48.91 16.80 33.93
N VAL B 481 50.05 16.49 33.30
CA VAL B 481 50.71 15.18 33.42
C VAL B 481 51.54 15.18 34.72
N ASN B 482 51.38 14.15 35.57
CA ASN B 482 52.11 13.99 36.82
C ASN B 482 53.58 13.71 36.51
N ASN B 483 54.47 14.60 36.97
CA ASN B 483 55.92 14.53 36.74
C ASN B 483 56.60 13.36 37.46
N ALA B 484 55.97 12.83 38.53
CA ALA B 484 56.51 11.71 39.30
C ALA B 484 56.39 10.40 38.52
N TYR B 485 55.35 10.27 37.67
CA TYR B 485 55.07 9.08 36.88
C TYR B 485 55.77 9.10 35.49
N ARG B 486 56.46 10.21 35.15
CA ARG B 486 57.18 10.40 33.87
C ARG B 486 58.09 9.23 33.49
N ASP B 487 58.82 8.66 34.47
CA ASP B 487 59.74 7.54 34.27
C ASP B 487 59.00 6.23 33.99
N LYS B 488 57.87 5.98 34.69
CA LYS B 488 57.06 4.77 34.51
C LYS B 488 56.32 4.78 33.17
N ILE B 489 55.88 5.98 32.70
CA ILE B 489 55.17 6.17 31.43
C ILE B 489 56.17 5.96 30.26
N ALA B 490 57.42 6.41 30.44
CA ALA B 490 58.51 6.32 29.45
C ALA B 490 58.88 4.86 29.10
N GLU B 491 58.53 3.88 29.97
CA GLU B 491 58.79 2.45 29.78
C GLU B 491 58.07 1.89 28.54
N SER B 492 56.90 2.47 28.17
CA SER B 492 56.10 2.07 27.02
C SER B 492 56.77 2.43 25.69
N GLY B 493 57.63 3.44 25.73
CA GLY B 493 58.35 3.95 24.57
C GLY B 493 58.01 5.40 24.27
N LEU B 494 56.91 5.90 24.87
CA LEU B 494 56.39 7.26 24.73
C LEU B 494 57.44 8.28 25.20
N ARG B 495 57.63 9.34 24.39
CA ARG B 495 58.59 10.41 24.67
C ARG B 495 57.86 11.75 24.81
N PHE B 496 58.27 12.54 25.82
CA PHE B 496 57.71 13.87 26.10
C PHE B 496 58.49 14.89 25.27
N SER B 497 58.20 14.93 23.96
CA SER B 497 58.84 15.78 22.96
C SER B 497 58.55 17.28 23.17
N GLY B 498 57.37 17.60 23.67
CA GLY B 498 56.97 18.99 23.92
C GLY B 498 56.74 19.28 25.38
N THR B 499 57.42 20.33 25.88
CA THR B 499 57.33 20.80 27.27
C THR B 499 57.24 22.32 27.32
N SER B 500 56.92 22.88 28.50
CA SER B 500 56.84 24.32 28.75
C SER B 500 58.26 24.95 28.70
N PRO B 501 58.45 26.31 28.60
CA PRO B 501 59.82 26.85 28.54
C PRO B 501 60.72 26.38 29.68
N ASP B 502 60.17 26.26 30.91
CA ASP B 502 60.89 25.79 32.10
C ASP B 502 60.99 24.25 32.12
N GLY B 503 60.17 23.58 31.31
CA GLY B 503 60.14 22.13 31.18
C GLY B 503 59.37 21.37 32.23
N HIS B 504 58.65 22.10 33.10
CA HIS B 504 57.87 21.52 34.20
C HIS B 504 56.58 20.85 33.70
N LEU B 505 55.86 21.51 32.78
CA LEU B 505 54.59 20.98 32.24
C LEU B 505 54.79 20.27 30.92
N VAL B 506 54.13 19.10 30.75
CA VAL B 506 54.18 18.30 29.52
C VAL B 506 53.14 18.87 28.55
N GLU B 507 53.59 19.26 27.35
CA GLU B 507 52.75 19.87 26.31
C GLU B 507 52.45 18.89 25.15
N PHE B 508 53.43 18.06 24.77
CA PHE B 508 53.29 17.08 23.68
C PHE B 508 53.90 15.72 24.03
N VAL B 509 53.24 14.63 23.61
CA VAL B 509 53.70 13.25 23.79
C VAL B 509 53.68 12.55 22.41
N GLU B 510 54.68 11.68 22.16
CA GLU B 510 54.78 10.95 20.89
C GLU B 510 55.55 9.63 21.01
N TYR B 511 55.20 8.67 20.15
CA TYR B 511 55.89 7.38 20.05
C TYR B 511 56.91 7.46 18.90
N PRO B 512 58.12 6.88 19.03
CA PRO B 512 59.11 6.98 17.94
C PRO B 512 58.66 6.26 16.67
N PRO B 513 59.09 6.71 15.46
CA PRO B 513 58.66 6.05 14.21
C PRO B 513 59.00 4.56 14.13
N ASP B 514 60.07 4.11 14.84
CA ASP B 514 60.51 2.71 14.90
C ASP B 514 59.55 1.86 15.76
N ARG B 515 58.64 2.50 16.53
CA ARG B 515 57.65 1.84 17.37
C ARG B 515 56.25 2.00 16.76
N HIS B 516 55.87 3.25 16.40
CA HIS B 516 54.60 3.59 15.76
C HIS B 516 54.80 4.72 14.74
N PRO B 517 54.20 4.63 13.52
CA PRO B 517 54.40 5.69 12.51
C PRO B 517 53.95 7.08 12.99
N PHE B 518 52.74 7.21 13.58
CA PHE B 518 52.24 8.50 14.07
C PHE B 518 51.22 8.33 15.20
N VAL B 519 51.65 8.56 16.44
CA VAL B 519 50.82 8.57 17.65
C VAL B 519 51.27 9.82 18.41
N VAL B 520 50.65 10.95 18.10
CA VAL B 520 50.99 12.25 18.67
C VAL B 520 49.82 12.79 19.50
N GLY B 521 50.14 13.25 20.71
CA GLY B 521 49.20 13.85 21.64
C GLY B 521 49.62 15.26 22.01
N THR B 522 48.65 16.17 22.14
CA THR B 522 48.88 17.56 22.51
C THR B 522 47.96 17.95 23.67
N GLN B 523 48.51 18.71 24.62
CA GLN B 523 47.82 19.19 25.81
C GLN B 523 46.87 20.35 25.47
N ALA B 524 47.17 21.05 24.36
CA ALA B 524 46.43 22.21 23.88
C ALA B 524 45.43 21.86 22.75
N HIS B 525 44.74 22.88 22.21
CA HIS B 525 43.76 22.75 21.12
C HIS B 525 44.29 23.42 19.83
N PRO B 526 44.99 22.66 18.94
CA PRO B 526 45.52 23.26 17.71
C PRO B 526 44.45 23.60 16.67
N GLU B 527 43.26 22.96 16.76
CA GLU B 527 42.12 23.14 15.86
C GLU B 527 41.63 24.60 15.77
N LEU B 528 41.81 25.39 16.86
CA LEU B 528 41.40 26.79 16.93
C LEU B 528 42.29 27.68 16.05
N LYS B 529 43.60 27.37 16.00
CA LYS B 529 44.60 28.11 15.22
C LYS B 529 44.60 27.69 13.72
N SER B 530 43.85 26.62 13.38
CA SER B 530 43.73 26.11 12.01
C SER B 530 42.73 26.91 11.19
N ARG B 531 43.13 27.27 9.96
CA ARG B 531 42.35 28.04 8.98
C ARG B 531 42.21 27.24 7.67
N PRO B 532 41.16 27.45 6.83
CA PRO B 532 41.08 26.69 5.57
C PRO B 532 42.19 27.08 4.57
N THR B 533 42.61 28.36 4.58
CA THR B 533 43.66 28.90 3.71
C THR B 533 45.06 28.71 4.32
N ARG B 534 45.13 28.56 5.66
CA ARG B 534 46.37 28.36 6.43
C ARG B 534 46.17 27.16 7.39
N PRO B 535 46.32 25.90 6.91
CA PRO B 535 46.08 24.74 7.79
C PRO B 535 47.14 24.53 8.85
N HIS B 536 46.77 23.86 9.97
CA HIS B 536 47.68 23.57 11.08
C HIS B 536 48.64 22.42 10.72
N PRO B 537 49.97 22.57 11.01
CA PRO B 537 50.94 21.52 10.64
C PRO B 537 50.70 20.14 11.28
N LEU B 538 50.15 20.08 12.52
CA LEU B 538 49.88 18.81 13.20
C LEU B 538 48.77 18.04 12.50
N PHE B 539 47.72 18.75 12.04
CA PHE B 539 46.59 18.17 11.31
C PHE B 539 47.01 17.75 9.90
N VAL B 540 47.98 18.49 9.29
CA VAL B 540 48.53 18.20 7.97
C VAL B 540 49.33 16.89 8.07
N ALA B 541 50.18 16.75 9.12
CA ALA B 541 50.99 15.56 9.38
C ALA B 541 50.12 14.34 9.73
N PHE B 542 48.99 14.57 10.43
CA PHE B 542 48.07 13.50 10.84
C PHE B 542 47.30 12.94 9.63
N VAL B 543 46.74 13.83 8.78
CA VAL B 543 45.98 13.46 7.58
C VAL B 543 46.93 12.74 6.61
N GLY B 544 48.14 13.26 6.46
CA GLY B 544 49.19 12.69 5.62
C GLY B 544 49.58 11.28 6.02
N ALA B 545 49.60 11.01 7.34
CA ALA B 545 49.91 9.71 7.94
C ALA B 545 48.78 8.71 7.68
N ALA B 546 47.52 9.20 7.62
CA ALA B 546 46.33 8.39 7.35
C ALA B 546 46.27 8.01 5.87
N ILE B 547 46.87 8.83 4.98
CA ILE B 547 46.98 8.60 3.54
C ILE B 547 48.04 7.50 3.33
N ASP B 548 49.09 7.49 4.17
CA ASP B 548 50.17 6.49 4.17
C ASP B 548 49.63 5.11 4.58
N TYR B 549 48.65 5.09 5.51
CA TYR B 549 47.99 3.87 6.00
C TYR B 549 47.17 3.24 4.87
N LYS B 550 46.50 4.07 4.04
CA LYS B 550 45.69 3.66 2.89
C LYS B 550 46.60 2.99 1.85
N ALA B 551 47.80 3.57 1.62
CA ALA B 551 48.81 3.07 0.69
C ALA B 551 49.34 1.70 1.13
N GLY B 552 49.32 1.45 2.44
CA GLY B 552 49.77 0.20 3.05
C GLY B 552 48.80 -0.96 2.87
N GLU B 553 47.62 -0.71 2.27
CA GLU B 553 46.61 -1.73 2.01
C GLU B 553 46.44 -1.96 0.48
N LEU B 554 47.58 -2.16 -0.22
CA LEU B 554 47.63 -2.38 -1.69
C LEU B 554 48.79 -3.29 -2.05
N THR C 8 10.63 2.95 -4.67
CA THR C 8 10.02 1.62 -4.85
C THR C 8 8.70 1.51 -4.07
N ALA C 9 7.78 0.64 -4.56
CA ALA C 9 6.47 0.39 -3.97
C ALA C 9 6.58 -0.28 -2.59
N THR C 10 5.64 0.06 -1.68
CA THR C 10 5.58 -0.48 -0.31
C THR C 10 5.19 -1.96 -0.36
N LYS C 11 5.97 -2.80 0.33
CA LYS C 11 5.76 -4.25 0.39
C LYS C 11 5.01 -4.63 1.66
N HIS C 12 4.28 -5.75 1.62
CA HIS C 12 3.50 -6.27 2.75
C HIS C 12 3.89 -7.71 3.08
N LEU C 13 4.29 -7.96 4.33
CA LEU C 13 4.67 -9.30 4.80
C LEU C 13 3.67 -9.76 5.85
N PHE C 14 3.04 -10.94 5.63
CA PHE C 14 2.05 -11.47 6.56
C PHE C 14 2.62 -12.67 7.32
N VAL C 15 2.56 -12.60 8.66
CA VAL C 15 3.04 -13.67 9.54
C VAL C 15 1.81 -14.38 10.13
N SER C 16 1.64 -15.67 9.77
CA SER C 16 0.52 -16.50 10.23
C SER C 16 1.03 -17.66 11.09
N GLY C 17 0.34 -17.90 12.20
CA GLY C 17 0.68 -18.97 13.13
C GLY C 17 -0.33 -20.10 13.13
N GLY C 18 0.19 -21.33 13.13
CA GLY C 18 -0.62 -22.53 13.10
C GLY C 18 -0.33 -23.51 14.23
N VAL C 19 -1.12 -24.61 14.27
CA VAL C 19 -1.08 -25.72 15.23
C VAL C 19 -1.19 -25.20 16.69
N ALA C 20 -0.05 -25.10 17.42
CA ALA C 20 -0.02 -24.63 18.81
C ALA C 20 0.10 -23.11 18.88
N SER C 21 -0.27 -22.53 20.03
CA SER C 21 -0.18 -21.10 20.31
C SER C 21 0.98 -20.81 21.28
N SER C 22 1.37 -19.51 21.40
CA SER C 22 2.48 -19.01 22.25
C SER C 22 3.83 -19.66 21.88
N LEU C 23 4.04 -19.93 20.57
CA LEU C 23 5.27 -20.52 20.01
C LEU C 23 6.40 -19.49 20.00
N GLY C 24 6.02 -18.22 19.91
CA GLY C 24 6.93 -17.08 19.85
C GLY C 24 6.74 -16.32 18.55
N LYS C 25 5.48 -16.24 18.06
CA LYS C 25 5.05 -15.57 16.83
C LYS C 25 5.46 -14.09 16.83
N GLY C 26 5.32 -13.42 17.98
CA GLY C 26 5.68 -12.01 18.17
C GLY C 26 7.17 -11.76 18.08
N LEU C 27 7.98 -12.64 18.70
CA LEU C 27 9.44 -12.56 18.72
C LEU C 27 10.04 -12.94 17.36
N THR C 28 9.44 -13.92 16.65
CA THR C 28 9.88 -14.39 15.33
C THR C 28 9.69 -13.27 14.30
N ALA C 29 8.55 -12.55 14.36
CA ALA C 29 8.22 -11.44 13.47
C ALA C 29 9.11 -10.23 13.75
N SER C 30 9.34 -9.89 15.04
CA SER C 30 10.16 -8.76 15.49
C SER C 30 11.62 -8.92 15.08
N SER C 31 12.15 -10.17 15.14
CA SER C 31 13.53 -10.50 14.78
C SER C 31 13.76 -10.30 13.28
N LEU C 32 12.73 -10.60 12.45
CA LEU C 32 12.77 -10.39 11.00
C LEU C 32 12.76 -8.89 10.72
N GLY C 33 11.98 -8.15 11.53
CA GLY C 33 11.87 -6.69 11.47
C GLY C 33 13.18 -6.01 11.82
N GLN C 34 13.95 -6.62 12.75
CA GLN C 34 15.26 -6.15 13.19
C GLN C 34 16.27 -6.31 12.05
N LEU C 35 16.27 -7.48 11.37
CA LEU C 35 17.17 -7.80 10.26
C LEU C 35 16.93 -6.88 9.05
N LEU C 36 15.66 -6.62 8.71
CA LEU C 36 15.29 -5.77 7.58
C LEU C 36 15.66 -4.30 7.83
N THR C 37 15.54 -3.82 9.08
CA THR C 37 15.91 -2.46 9.48
C THR C 37 17.44 -2.33 9.46
N ALA C 38 18.16 -3.40 9.88
CA ALA C 38 19.62 -3.48 9.90
C ALA C 38 20.19 -3.51 8.47
N ARG C 39 19.36 -3.95 7.49
CA ARG C 39 19.70 -3.99 6.06
C ARG C 39 19.46 -2.60 5.42
N GLY C 40 18.99 -1.65 6.23
CA GLY C 40 18.73 -0.27 5.82
C GLY C 40 17.39 -0.05 5.14
N LEU C 41 16.30 -0.50 5.78
CA LEU C 41 14.95 -0.36 5.25
C LEU C 41 13.97 0.20 6.30
N HIS C 42 13.01 1.02 5.84
CA HIS C 42 11.95 1.60 6.67
C HIS C 42 10.91 0.51 6.95
N VAL C 43 10.92 -0.02 8.19
CA VAL C 43 10.03 -1.12 8.58
C VAL C 43 9.06 -0.66 9.67
N THR C 44 7.76 -0.87 9.42
CA THR C 44 6.67 -0.59 10.37
C THR C 44 5.94 -1.92 10.60
N MET C 45 5.47 -2.16 11.85
CA MET C 45 4.83 -3.43 12.17
C MET C 45 3.41 -3.25 12.71
N GLN C 46 2.52 -4.19 12.32
CA GLN C 46 1.12 -4.23 12.70
C GLN C 46 0.75 -5.59 13.29
N LYS C 47 -0.17 -5.59 14.28
CA LYS C 47 -0.66 -6.80 14.93
C LYS C 47 -2.18 -6.88 14.79
N LEU C 48 -2.65 -7.96 14.16
CA LEU C 48 -4.07 -8.24 13.98
C LEU C 48 -4.51 -9.22 15.06
N ASP C 49 -5.33 -8.74 16.01
CA ASP C 49 -5.84 -9.56 17.10
C ASP C 49 -7.25 -10.05 16.78
N PRO C 50 -7.55 -11.36 16.96
CA PRO C 50 -8.89 -11.86 16.61
C PRO C 50 -9.92 -11.75 17.74
N TYR C 51 -9.57 -11.12 18.88
CA TYR C 51 -10.53 -10.97 19.97
C TYR C 51 -11.46 -9.75 19.73
N LEU C 52 -12.67 -9.82 20.29
CA LEU C 52 -13.75 -8.83 20.16
C LEU C 52 -13.63 -7.64 21.13
N ASN C 53 -12.54 -7.57 21.92
CA ASN C 53 -12.31 -6.45 22.85
C ASN C 53 -11.81 -5.24 22.05
N VAL C 54 -12.51 -4.09 22.15
CA VAL C 54 -12.18 -2.85 21.43
C VAL C 54 -10.82 -2.32 21.95
N ASP C 55 -10.63 -2.31 23.28
CA ASP C 55 -9.41 -1.90 23.96
C ASP C 55 -8.91 -3.00 24.89
N PRO C 56 -7.58 -3.27 24.97
CA PRO C 56 -7.09 -4.29 25.90
C PRO C 56 -7.08 -3.79 27.35
N GLY C 57 -7.47 -2.52 27.55
CA GLY C 57 -7.55 -1.86 28.85
C GLY C 57 -8.56 -2.49 29.78
N THR C 58 -9.66 -3.04 29.22
CA THR C 58 -10.72 -3.73 29.96
C THR C 58 -10.26 -5.12 30.42
N MET C 59 -9.27 -5.71 29.71
CA MET C 59 -8.71 -7.04 30.01
C MET C 59 -7.78 -7.00 31.23
N ASN C 60 -7.73 -8.13 31.98
CA ASN C 60 -6.91 -8.31 33.18
C ASN C 60 -5.43 -8.46 32.78
N PRO C 61 -4.53 -7.58 33.30
CA PRO C 61 -3.12 -7.67 32.89
C PRO C 61 -2.38 -8.87 33.47
N PHE C 62 -2.88 -9.41 34.60
CA PHE C 62 -2.27 -10.56 35.28
C PHE C 62 -2.79 -11.90 34.71
N GLN C 63 -3.62 -11.86 33.65
CA GLN C 63 -4.19 -13.04 33.00
C GLN C 63 -3.88 -13.09 31.50
N HIS C 64 -3.83 -11.93 30.83
CA HIS C 64 -3.63 -11.87 29.38
C HIS C 64 -2.39 -11.04 28.97
N GLY C 65 -1.72 -10.43 29.93
CA GLY C 65 -0.52 -9.65 29.68
C GLY C 65 -0.69 -8.15 29.84
N GLU C 66 0.45 -7.43 29.92
CA GLU C 66 0.53 -5.98 30.10
C GLU C 66 -0.10 -5.19 28.95
N VAL C 67 -0.60 -3.98 29.26
CA VAL C 67 -1.22 -3.07 28.30
C VAL C 67 -0.15 -2.05 27.88
N PHE C 68 0.27 -2.11 26.61
CA PHE C 68 1.28 -1.19 26.07
C PHE C 68 0.63 0.12 25.67
N VAL C 69 1.31 1.25 25.96
CA VAL C 69 0.84 2.59 25.62
C VAL C 69 1.81 3.20 24.61
N THR C 70 1.27 3.70 23.48
CA THR C 70 2.05 4.35 22.42
C THR C 70 2.15 5.86 22.69
N GLU C 71 2.97 6.58 21.90
CA GLU C 71 3.20 8.03 22.02
C GLU C 71 1.91 8.83 21.82
N ASP C 72 1.01 8.37 20.92
CA ASP C 72 -0.26 9.01 20.60
C ASP C 72 -1.32 8.80 21.71
N GLY C 73 -1.07 7.86 22.61
CA GLY C 73 -1.95 7.58 23.74
C GLY C 73 -2.98 6.50 23.50
N ALA C 74 -2.56 5.39 22.86
CA ALA C 74 -3.44 4.28 22.56
C ALA C 74 -3.07 3.05 23.36
N GLU C 75 -4.10 2.37 23.91
CA GLU C 75 -3.94 1.13 24.67
C GLU C 75 -3.87 -0.01 23.67
N THR C 76 -2.70 -0.67 23.58
CA THR C 76 -2.44 -1.74 22.61
C THR C 76 -1.92 -3.01 23.30
N ASP C 77 -1.82 -4.12 22.54
CA ASP C 77 -1.33 -5.41 23.00
C ASP C 77 0.18 -5.34 23.32
N LEU C 78 0.69 -6.27 24.16
CA LEU C 78 2.11 -6.32 24.56
C LEU C 78 3.05 -6.66 23.37
N ASP C 79 2.50 -7.17 22.25
CA ASP C 79 3.24 -7.51 21.04
C ASP C 79 3.80 -6.26 20.36
N VAL C 80 3.13 -5.10 20.53
CA VAL C 80 3.51 -3.78 20.01
C VAL C 80 4.84 -3.38 20.67
N GLY C 81 4.99 -3.74 21.96
CA GLY C 81 6.20 -3.52 22.74
C GLY C 81 7.40 -4.23 22.18
N HIS C 82 7.21 -5.49 21.73
CA HIS C 82 8.26 -6.31 21.11
C HIS C 82 8.69 -5.69 19.79
N TYR C 83 7.74 -5.13 19.03
CA TYR C 83 8.00 -4.48 17.74
C TYR C 83 8.83 -3.20 17.95
N GLU C 84 8.38 -2.31 18.86
CA GLU C 84 9.04 -1.04 19.19
C GLU C 84 10.48 -1.24 19.68
N ARG C 85 10.73 -2.28 20.49
CA ARG C 85 12.06 -2.59 21.04
C ARG C 85 13.03 -3.12 19.97
N PHE C 86 12.55 -3.98 19.05
CA PHE C 86 13.35 -4.59 18.00
C PHE C 86 13.55 -3.65 16.78
N LEU C 87 12.77 -2.56 16.68
CA LEU C 87 12.87 -1.59 15.58
C LEU C 87 13.47 -0.24 16.01
N ASP C 88 13.36 0.12 17.32
CA ASP C 88 13.80 1.38 17.95
C ASP C 88 12.94 2.57 17.46
N ARG C 89 11.84 2.27 16.73
CA ARG C 89 10.90 3.22 16.13
C ARG C 89 9.60 3.28 16.94
N ASN C 90 9.02 4.50 17.08
CA ASN C 90 7.75 4.71 17.76
C ASN C 90 6.60 4.34 16.83
N LEU C 91 5.69 3.46 17.28
CA LEU C 91 4.57 2.98 16.48
C LEU C 91 3.26 3.73 16.79
N PRO C 92 2.34 3.88 15.80
CA PRO C 92 1.08 4.59 16.09
C PRO C 92 0.02 3.67 16.68
N GLY C 93 -1.17 4.22 16.96
CA GLY C 93 -2.30 3.47 17.49
C GLY C 93 -2.91 2.51 16.48
N SER C 94 -2.75 2.84 15.17
CA SER C 94 -3.23 2.05 14.02
C SER C 94 -2.51 0.70 13.90
N ALA C 95 -1.36 0.53 14.58
CA ALA C 95 -0.55 -0.69 14.58
C ALA C 95 -1.25 -1.88 15.27
N ASN C 96 -2.37 -1.64 15.99
CA ASN C 96 -3.14 -2.68 16.66
C ASN C 96 -4.60 -2.65 16.16
N VAL C 97 -5.03 -3.75 15.48
CA VAL C 97 -6.37 -3.90 14.93
C VAL C 97 -7.03 -5.16 15.52
N THR C 98 -8.22 -5.01 16.11
CA THR C 98 -8.99 -6.11 16.73
C THR C 98 -10.31 -6.36 15.98
N THR C 99 -10.95 -7.52 16.21
CA THR C 99 -12.25 -7.91 15.65
C THR C 99 -13.32 -6.92 16.16
N GLY C 100 -13.17 -6.52 17.42
CA GLY C 100 -14.06 -5.57 18.09
C GLY C 100 -14.05 -4.19 17.48
N GLN C 101 -12.89 -3.75 16.95
CA GLN C 101 -12.74 -2.45 16.30
C GLN C 101 -13.36 -2.46 14.90
N VAL C 102 -13.15 -3.55 14.12
CA VAL C 102 -13.65 -3.72 12.75
C VAL C 102 -15.19 -3.82 12.74
N TYR C 103 -15.76 -4.76 13.52
CA TYR C 103 -17.21 -4.99 13.59
C TYR C 103 -17.98 -3.78 14.11
N SER C 104 -17.45 -3.08 15.13
CA SER C 104 -18.10 -1.90 15.73
C SER C 104 -18.24 -0.75 14.74
N THR C 105 -17.23 -0.56 13.86
CA THR C 105 -17.20 0.52 12.86
C THR C 105 -18.21 0.26 11.72
N VAL C 106 -18.18 -0.95 11.12
CA VAL C 106 -19.06 -1.35 10.01
C VAL C 106 -20.55 -1.44 10.45
N ILE C 107 -20.84 -1.85 11.72
CA ILE C 107 -22.21 -1.94 12.23
C ILE C 107 -22.75 -0.52 12.46
N ALA C 108 -21.90 0.38 13.02
CA ALA C 108 -22.26 1.78 13.27
C ALA C 108 -22.51 2.51 11.94
N LYS C 109 -21.66 2.26 10.92
CA LYS C 109 -21.77 2.82 9.57
C LYS C 109 -23.06 2.35 8.89
N GLU C 110 -23.46 1.08 9.13
CA GLU C 110 -24.68 0.46 8.61
C GLU C 110 -25.91 1.18 9.17
N ARG C 111 -25.91 1.43 10.51
CA ARG C 111 -26.99 2.11 11.21
C ARG C 111 -27.11 3.57 10.76
N ARG C 112 -25.98 4.20 10.39
CA ARG C 112 -25.91 5.57 9.87
C ARG C 112 -26.41 5.62 8.41
N GLY C 113 -26.56 4.45 7.79
CA GLY C 113 -27.03 4.28 6.42
C GLY C 113 -26.01 4.62 5.35
N GLU C 114 -24.72 4.56 5.72
CA GLU C 114 -23.59 4.87 4.83
C GLU C 114 -23.38 3.81 3.74
N TYR C 115 -23.97 2.61 3.91
CA TYR C 115 -23.86 1.53 2.92
C TYR C 115 -25.02 1.61 1.90
N LEU C 116 -26.01 2.47 2.19
CA LEU C 116 -27.18 2.83 1.37
C LEU C 116 -27.93 1.61 0.79
N GLY C 117 -28.81 1.04 1.62
CA GLY C 117 -29.65 -0.10 1.27
C GLY C 117 -28.95 -1.35 0.77
N ASP C 118 -27.89 -1.77 1.45
CA ASP C 118 -27.10 -2.94 1.06
C ASP C 118 -27.06 -4.02 2.13
N THR C 119 -26.92 -5.29 1.69
CA THR C 119 -26.75 -6.44 2.57
C THR C 119 -25.32 -6.41 3.07
N VAL C 120 -25.10 -5.82 4.25
CA VAL C 120 -23.77 -5.71 4.85
C VAL C 120 -23.37 -7.12 5.31
N GLN C 121 -22.31 -7.68 4.69
CA GLN C 121 -21.83 -9.03 4.96
C GLN C 121 -20.37 -9.03 5.38
N VAL C 122 -19.84 -10.20 5.80
CA VAL C 122 -18.43 -10.36 6.21
C VAL C 122 -17.55 -10.09 4.98
N ILE C 123 -17.98 -10.58 3.80
CA ILE C 123 -17.31 -10.32 2.52
C ILE C 123 -18.32 -9.54 1.66
N PRO C 124 -18.00 -8.29 1.23
CA PRO C 124 -16.72 -7.59 1.38
C PRO C 124 -16.59 -6.63 2.58
N HIS C 125 -17.70 -6.01 3.04
CA HIS C 125 -17.79 -4.99 4.11
C HIS C 125 -16.79 -5.15 5.28
N ILE C 126 -16.68 -6.35 5.90
CA ILE C 126 -15.76 -6.59 7.03
C ILE C 126 -14.32 -6.68 6.52
N THR C 127 -14.07 -7.51 5.47
CA THR C 127 -12.74 -7.72 4.89
C THR C 127 -12.16 -6.41 4.33
N ASP C 128 -13.01 -5.53 3.77
CA ASP C 128 -12.65 -4.23 3.21
C ASP C 128 -12.17 -3.28 4.29
N GLU C 129 -12.80 -3.33 5.49
CA GLU C 129 -12.44 -2.50 6.65
C GLU C 129 -11.08 -2.96 7.18
N ILE C 130 -10.80 -4.28 7.18
CA ILE C 130 -9.50 -4.83 7.59
C ILE C 130 -8.45 -4.44 6.53
N LYS C 131 -8.80 -4.62 5.24
CA LYS C 131 -7.98 -4.28 4.07
C LYS C 131 -7.59 -2.80 4.11
N ARG C 132 -8.54 -1.92 4.55
CA ARG C 132 -8.31 -0.48 4.71
C ARG C 132 -7.28 -0.23 5.80
N ARG C 133 -7.38 -0.96 6.94
CA ARG C 133 -6.47 -0.82 8.09
C ARG C 133 -5.07 -1.34 7.76
N ILE C 134 -4.97 -2.39 6.91
CA ILE C 134 -3.69 -2.98 6.48
C ILE C 134 -2.97 -1.97 5.57
N LEU C 135 -3.67 -1.49 4.53
CA LEU C 135 -3.16 -0.54 3.53
C LEU C 135 -2.91 0.86 4.14
N ALA C 136 -3.47 1.14 5.35
CA ALA C 136 -3.32 2.40 6.07
C ALA C 136 -1.88 2.60 6.58
N MET C 137 -1.17 1.49 6.86
CA MET C 137 0.21 1.50 7.35
C MET C 137 1.18 1.93 6.24
N ALA C 138 0.82 1.69 4.97
CA ALA C 138 1.61 2.04 3.79
C ALA C 138 1.64 3.56 3.53
N GLN C 139 0.70 4.32 4.15
CA GLN C 139 0.59 5.78 4.03
C GLN C 139 1.82 6.48 4.64
N PRO C 140 2.28 7.65 4.09
CA PRO C 140 3.48 8.29 4.65
C PRO C 140 3.30 8.81 6.07
N ASP C 141 4.30 8.55 6.92
CA ASP C 141 4.35 8.94 8.33
C ASP C 141 4.84 10.39 8.49
N ALA C 142 5.21 10.80 9.73
CA ALA C 142 5.72 12.13 10.07
C ALA C 142 6.94 12.50 9.22
N ASP C 143 6.99 13.77 8.76
CA ASP C 143 8.02 14.37 7.89
C ASP C 143 7.91 13.81 6.44
N GLY C 144 6.77 13.16 6.13
CA GLY C 144 6.46 12.59 4.82
C GLY C 144 7.34 11.42 4.41
N ASN C 145 7.44 10.39 5.28
CA ASN C 145 8.24 9.20 5.01
C ASN C 145 7.36 7.95 4.88
N ARG C 146 7.37 7.35 3.69
CA ARG C 146 6.61 6.14 3.35
C ARG C 146 7.46 4.89 3.68
N PRO C 147 6.89 3.86 4.36
CA PRO C 147 7.70 2.68 4.71
C PRO C 147 8.02 1.78 3.50
N ASP C 148 9.11 1.02 3.61
CA ASP C 148 9.56 0.08 2.57
C ASP C 148 8.81 -1.24 2.66
N VAL C 149 8.70 -1.81 3.88
CA VAL C 149 7.99 -3.07 4.12
C VAL C 149 7.13 -2.97 5.40
N VAL C 150 5.91 -3.53 5.35
CA VAL C 150 4.95 -3.55 6.46
C VAL C 150 4.74 -5.00 6.90
N ILE C 151 5.19 -5.35 8.12
CA ILE C 151 5.02 -6.70 8.65
C ILE C 151 3.74 -6.73 9.49
N THR C 152 2.72 -7.45 8.99
CA THR C 152 1.41 -7.58 9.64
C THR C 152 1.29 -9.00 10.19
N GLU C 153 1.17 -9.12 11.52
CA GLU C 153 1.05 -10.40 12.21
C GLU C 153 -0.42 -10.77 12.38
N ILE C 154 -0.83 -11.93 11.86
CA ILE C 154 -2.20 -12.43 11.97
C ILE C 154 -2.29 -13.34 13.20
N GLY C 155 -2.84 -12.79 14.28
CA GLY C 155 -3.03 -13.49 15.55
C GLY C 155 -4.03 -14.62 15.45
N GLY C 156 -3.88 -15.60 16.33
CA GLY C 156 -4.75 -16.77 16.35
C GLY C 156 -4.30 -17.86 15.41
N THR C 157 -4.73 -19.11 15.69
CA THR C 157 -4.39 -20.30 14.90
C THR C 157 -5.10 -20.27 13.54
N VAL C 158 -4.40 -20.71 12.48
CA VAL C 158 -4.94 -20.79 11.13
C VAL C 158 -5.95 -21.95 11.10
N GLY C 159 -7.22 -21.60 10.91
CA GLY C 159 -8.32 -22.55 10.90
C GLY C 159 -9.42 -22.17 11.86
N ASP C 160 -9.16 -21.17 12.74
CA ASP C 160 -10.12 -20.64 13.71
C ASP C 160 -11.20 -19.82 13.01
N ILE C 161 -12.39 -19.73 13.62
CA ILE C 161 -13.52 -18.97 13.10
C ILE C 161 -13.21 -17.46 13.25
N GLU C 162 -12.52 -17.08 14.33
CA GLU C 162 -12.12 -15.70 14.64
C GLU C 162 -11.02 -15.16 13.70
N SER C 163 -10.11 -16.05 13.23
CA SER C 163 -8.99 -15.70 12.36
C SER C 163 -9.37 -15.61 10.88
N GLN C 164 -10.45 -16.32 10.47
CA GLN C 164 -10.96 -16.42 9.09
C GLN C 164 -11.14 -15.04 8.37
N PRO C 165 -11.80 -13.99 8.93
CA PRO C 165 -11.95 -12.73 8.16
C PRO C 165 -10.63 -11.99 7.91
N PHE C 166 -9.65 -12.13 8.82
CA PHE C 166 -8.34 -11.48 8.71
C PHE C 166 -7.50 -12.10 7.60
N LEU C 167 -7.48 -13.45 7.52
CA LEU C 167 -6.73 -14.19 6.49
C LEU C 167 -7.33 -13.95 5.11
N GLU C 168 -8.67 -13.81 5.03
CA GLU C 168 -9.39 -13.51 3.79
C GLU C 168 -9.02 -12.10 3.29
N ALA C 169 -8.87 -11.14 4.22
CA ALA C 169 -8.48 -9.76 3.92
C ALA C 169 -7.03 -9.71 3.44
N ALA C 170 -6.15 -10.55 4.04
CA ALA C 170 -4.73 -10.68 3.67
C ALA C 170 -4.60 -11.29 2.28
N ARG C 171 -5.53 -12.21 1.92
CA ARG C 171 -5.60 -12.87 0.62
C ARG C 171 -6.06 -11.86 -0.43
N GLN C 172 -6.98 -10.95 -0.04
CA GLN C 172 -7.51 -9.88 -0.90
C GLN C 172 -6.42 -8.85 -1.23
N VAL C 173 -5.51 -8.60 -0.25
CA VAL C 173 -4.37 -7.69 -0.37
C VAL C 173 -3.38 -8.24 -1.42
N ARG C 174 -3.15 -9.58 -1.41
CA ARG C 174 -2.27 -10.30 -2.32
C ARG C 174 -2.79 -10.19 -3.77
N HIS C 175 -4.11 -10.27 -3.97
CA HIS C 175 -4.75 -10.17 -5.28
C HIS C 175 -4.75 -8.72 -5.80
N TYR C 176 -5.01 -7.73 -4.92
CA TYR C 176 -5.09 -6.31 -5.24
C TYR C 176 -3.71 -5.70 -5.59
N LEU C 177 -2.65 -6.04 -4.83
CA LEU C 177 -1.32 -5.48 -5.05
C LEU C 177 -0.44 -6.33 -5.98
N GLY C 178 -0.47 -7.66 -5.79
CA GLY C 178 0.31 -8.60 -6.58
C GLY C 178 1.25 -9.45 -5.76
N ARG C 179 1.76 -10.54 -6.37
CA ARG C 179 2.70 -11.49 -5.76
C ARG C 179 4.06 -10.84 -5.49
N GLU C 180 4.48 -9.89 -6.35
CA GLU C 180 5.75 -9.18 -6.25
C GLU C 180 5.78 -8.20 -5.07
N ASP C 181 4.61 -7.81 -4.54
CA ASP C 181 4.49 -6.86 -3.43
C ASP C 181 4.02 -7.50 -2.11
N VAL C 182 3.44 -8.71 -2.15
CA VAL C 182 2.92 -9.37 -0.93
C VAL C 182 3.66 -10.71 -0.69
N PHE C 183 4.15 -10.91 0.56
CA PHE C 183 4.86 -12.10 1.03
C PHE C 183 4.07 -12.76 2.16
N PHE C 184 4.04 -14.11 2.17
CA PHE C 184 3.34 -14.88 3.22
C PHE C 184 4.30 -15.81 3.96
N LEU C 185 4.45 -15.57 5.27
CA LEU C 185 5.29 -16.34 6.18
C LEU C 185 4.41 -17.11 7.15
N HIS C 186 4.68 -18.42 7.30
CA HIS C 186 3.89 -19.27 8.18
C HIS C 186 4.78 -19.93 9.24
N VAL C 187 4.42 -19.74 10.52
CA VAL C 187 5.13 -20.28 11.67
C VAL C 187 4.41 -21.54 12.14
N SER C 188 5.13 -22.68 12.19
CA SER C 188 4.60 -23.97 12.60
C SER C 188 5.54 -24.70 13.57
N LEU C 189 4.97 -25.60 14.39
CA LEU C 189 5.71 -26.37 15.40
C LEU C 189 6.04 -27.78 14.91
N VAL C 190 7.29 -28.20 15.13
CA VAL C 190 7.80 -29.54 14.80
C VAL C 190 8.09 -30.24 16.14
N PRO C 191 7.19 -31.13 16.63
CA PRO C 191 7.41 -31.74 17.94
C PRO C 191 8.34 -32.96 17.89
N TYR C 192 9.13 -33.15 18.96
CA TYR C 192 10.03 -34.29 19.09
C TYR C 192 9.40 -35.34 20.02
N LEU C 193 9.23 -36.57 19.50
CA LEU C 193 8.67 -37.69 20.25
C LEU C 193 9.79 -38.41 21.02
N ALA C 194 9.62 -38.53 22.35
CA ALA C 194 10.59 -39.16 23.25
C ALA C 194 10.71 -40.71 23.05
N PRO C 195 9.62 -41.51 22.86
CA PRO C 195 9.83 -42.97 22.73
C PRO C 195 10.40 -43.42 21.37
N SER C 196 9.93 -42.84 20.25
CA SER C 196 10.38 -43.18 18.91
C SER C 196 11.71 -42.52 18.54
N GLY C 197 11.95 -41.32 19.08
CA GLY C 197 13.16 -40.55 18.84
C GLY C 197 13.20 -39.91 17.46
N GLU C 198 12.02 -39.47 16.96
CA GLU C 198 11.89 -38.85 15.64
C GLU C 198 10.90 -37.66 15.68
N LEU C 199 11.08 -36.70 14.76
CA LEU C 199 10.24 -35.51 14.63
C LEU C 199 9.02 -35.79 13.77
N LYS C 200 7.88 -35.14 14.07
CA LYS C 200 6.63 -35.32 13.33
C LYS C 200 6.40 -34.17 12.33
N THR C 201 6.06 -34.54 11.08
CA THR C 201 5.78 -33.60 9.98
C THR C 201 4.27 -33.34 9.82
N LYS C 202 3.43 -34.19 10.46
CA LYS C 202 1.97 -34.12 10.44
C LYS C 202 1.39 -32.78 10.98
N PRO C 203 1.87 -32.16 12.11
CA PRO C 203 1.26 -30.88 12.54
C PRO C 203 1.54 -29.73 11.58
N THR C 204 2.68 -29.77 10.87
CA THR C 204 3.09 -28.76 9.90
C THR C 204 2.30 -28.94 8.60
N GLN C 205 2.14 -30.22 8.15
CA GLN C 205 1.42 -30.57 6.92
C GLN C 205 -0.06 -30.19 7.01
N HIS C 206 -0.71 -30.44 8.16
CA HIS C 206 -2.13 -30.14 8.40
C HIS C 206 -2.38 -28.63 8.53
N SER C 207 -1.39 -27.87 9.05
CA SER C 207 -1.47 -26.42 9.23
C SER C 207 -1.37 -25.69 7.89
N VAL C 208 -0.43 -26.12 7.01
CA VAL C 208 -0.22 -25.52 5.68
C VAL C 208 -1.45 -25.84 4.79
N ALA C 209 -2.02 -27.06 4.92
CA ALA C 209 -3.22 -27.49 4.19
C ALA C 209 -4.43 -26.62 4.55
N ALA C 210 -4.52 -26.20 5.83
CA ALA C 210 -5.57 -25.31 6.34
C ALA C 210 -5.42 -23.90 5.78
N LEU C 211 -4.17 -23.47 5.55
CA LEU C 211 -3.82 -22.16 4.99
C LEU C 211 -4.06 -22.17 3.47
N ARG C 212 -3.83 -23.33 2.82
CA ARG C 212 -4.02 -23.51 1.39
C ARG C 212 -5.51 -23.67 1.04
N SER C 213 -6.32 -24.19 1.99
CA SER C 213 -7.76 -24.40 1.81
C SER C 213 -8.52 -23.06 1.78
N ILE C 214 -8.03 -22.06 2.53
CA ILE C 214 -8.65 -20.73 2.59
C ILE C 214 -8.15 -19.85 1.42
N GLY C 215 -7.18 -20.36 0.65
CA GLY C 215 -6.65 -19.71 -0.53
C GLY C 215 -5.32 -18.98 -0.41
N ILE C 216 -4.48 -19.36 0.56
CA ILE C 216 -3.17 -18.72 0.75
C ILE C 216 -2.05 -19.74 0.57
N THR C 217 -1.12 -19.44 -0.36
CA THR C 217 0.06 -20.27 -0.63
C THR C 217 1.23 -19.64 0.15
N PRO C 218 1.85 -20.37 1.12
CA PRO C 218 2.94 -19.75 1.89
C PRO C 218 4.25 -19.67 1.08
N ASP C 219 4.95 -18.53 1.22
CA ASP C 219 6.21 -18.26 0.53
C ASP C 219 7.39 -18.85 1.30
N ALA C 220 7.33 -18.81 2.65
CA ALA C 220 8.36 -19.34 3.55
C ALA C 220 7.73 -19.99 4.78
N LEU C 221 8.40 -21.01 5.34
CA LEU C 221 7.94 -21.72 6.54
C LEU C 221 8.95 -21.65 7.67
N ILE C 222 8.49 -21.28 8.87
CA ILE C 222 9.29 -21.19 10.09
C ILE C 222 9.01 -22.44 10.92
N LEU C 223 10.01 -23.34 11.05
CA LEU C 223 9.85 -24.58 11.79
C LEU C 223 10.39 -24.42 13.21
N ARG C 224 9.49 -24.09 14.17
CA ARG C 224 9.83 -23.92 15.57
C ARG C 224 10.01 -25.29 16.20
N CYS C 225 11.24 -25.59 16.65
CA CYS C 225 11.60 -26.89 17.22
C CYS C 225 12.59 -26.73 18.38
N ASP C 226 12.67 -27.75 19.26
CA ASP C 226 13.58 -27.79 20.40
C ASP C 226 15.02 -28.12 19.92
N ARG C 227 15.13 -28.96 18.87
CA ARG C 227 16.39 -29.37 18.26
C ARG C 227 16.52 -28.84 16.83
N ASP C 228 17.69 -29.04 16.20
CA ASP C 228 17.95 -28.61 14.82
C ASP C 228 17.24 -29.54 13.84
N VAL C 229 16.45 -28.96 12.92
CA VAL C 229 15.71 -29.72 11.90
C VAL C 229 16.71 -30.16 10.82
N PRO C 230 16.83 -31.49 10.54
CA PRO C 230 17.81 -31.94 9.53
C PRO C 230 17.47 -31.52 8.11
N GLU C 231 18.50 -31.51 7.23
CA GLU C 231 18.40 -31.14 5.82
C GLU C 231 17.49 -32.10 5.05
N ALA C 232 17.49 -33.38 5.46
CA ALA C 232 16.65 -34.44 4.87
C ALA C 232 15.18 -34.25 5.22
N LEU C 233 14.89 -33.85 6.48
CA LEU C 233 13.53 -33.60 6.96
C LEU C 233 12.98 -32.29 6.38
N LYS C 234 13.83 -31.24 6.28
CA LYS C 234 13.48 -29.94 5.70
C LYS C 234 13.11 -30.08 4.22
N ASN C 235 13.79 -30.99 3.50
CA ASN C 235 13.52 -31.30 2.09
C ASN C 235 12.23 -32.09 1.95
N LYS C 236 11.91 -32.96 2.94
CA LYS C 236 10.72 -33.79 2.98
C LYS C 236 9.46 -32.94 3.23
N ILE C 237 9.61 -31.84 4.01
CA ILE C 237 8.52 -30.90 4.35
C ILE C 237 8.29 -29.95 3.15
N ALA C 238 9.36 -29.51 2.48
CA ALA C 238 9.34 -28.59 1.34
C ALA C 238 8.48 -29.11 0.18
N LEU C 239 8.69 -30.38 -0.25
CA LEU C 239 7.95 -31.02 -1.35
C LEU C 239 6.51 -31.34 -0.93
N MET C 240 6.31 -31.61 0.37
CA MET C 240 5.03 -31.96 1.00
C MET C 240 4.08 -30.77 1.03
N CYS C 241 4.60 -29.54 1.21
CA CYS C 241 3.82 -28.31 1.36
C CYS C 241 3.95 -27.37 0.14
N ASP C 242 4.74 -27.76 -0.89
CA ASP C 242 5.01 -27.00 -2.12
C ASP C 242 5.53 -25.58 -1.76
N VAL C 243 6.61 -25.57 -0.97
CA VAL C 243 7.31 -24.36 -0.51
C VAL C 243 8.78 -24.53 -0.91
N ASP C 244 9.40 -23.48 -1.49
CA ASP C 244 10.80 -23.48 -1.94
C ASP C 244 11.72 -23.95 -0.82
N ILE C 245 12.71 -24.81 -1.16
CA ILE C 245 13.69 -25.38 -0.22
C ILE C 245 14.49 -24.27 0.48
N ASP C 246 14.77 -23.15 -0.23
CA ASP C 246 15.49 -21.99 0.31
C ASP C 246 14.61 -21.20 1.29
N GLY C 247 13.29 -21.41 1.23
CA GLY C 247 12.29 -20.77 2.07
C GLY C 247 11.98 -21.50 3.36
N VAL C 248 12.33 -22.81 3.45
CA VAL C 248 12.11 -23.62 4.65
C VAL C 248 13.19 -23.25 5.66
N ILE C 249 12.78 -22.63 6.79
CA ILE C 249 13.69 -22.14 7.83
C ILE C 249 13.56 -22.95 9.11
N SER C 250 14.69 -23.47 9.61
CA SER C 250 14.79 -24.22 10.86
C SER C 250 15.14 -23.23 11.98
N THR C 251 14.19 -23.03 12.92
CA THR C 251 14.36 -22.09 14.02
C THR C 251 14.42 -22.87 15.35
N PRO C 252 15.63 -23.31 15.80
CA PRO C 252 15.70 -24.02 17.09
C PRO C 252 15.56 -23.04 18.26
N ASP C 253 15.23 -23.57 19.46
CA ASP C 253 15.04 -22.75 20.66
C ASP C 253 16.36 -22.05 21.06
N ALA C 254 16.37 -20.72 20.94
CA ALA C 254 17.52 -19.86 21.23
C ALA C 254 17.69 -19.63 22.74
N PRO C 255 18.94 -19.43 23.24
CA PRO C 255 19.12 -19.20 24.69
C PRO C 255 18.54 -17.85 25.15
N SER C 256 18.63 -16.83 24.28
CA SER C 256 18.11 -15.49 24.54
C SER C 256 17.20 -15.03 23.39
N ILE C 257 16.30 -14.07 23.66
CA ILE C 257 15.36 -13.52 22.66
C ILE C 257 16.11 -12.64 21.64
N TYR C 258 17.31 -12.15 21.99
CA TYR C 258 18.14 -11.30 21.14
C TYR C 258 19.03 -12.15 20.22
N ASP C 259 19.00 -13.49 20.38
CA ASP C 259 19.74 -14.45 19.57
C ASP C 259 18.97 -14.86 18.32
N ILE C 260 17.62 -14.72 18.35
CA ILE C 260 16.69 -15.07 17.25
C ILE C 260 17.07 -14.33 15.92
N PRO C 261 17.39 -13.00 15.87
CA PRO C 261 17.76 -12.39 14.58
C PRO C 261 19.01 -13.02 13.94
N LYS C 262 19.96 -13.49 14.79
CA LYS C 262 21.20 -14.16 14.35
C LYS C 262 20.89 -15.55 13.81
N VAL C 263 19.86 -16.23 14.39
CA VAL C 263 19.41 -17.58 14.00
C VAL C 263 18.77 -17.52 12.60
N LEU C 264 17.86 -16.55 12.37
CA LEU C 264 17.17 -16.36 11.10
C LEU C 264 18.13 -15.93 9.98
N HIS C 265 19.19 -15.17 10.34
CA HIS C 265 20.23 -14.71 9.41
C HIS C 265 21.09 -15.88 8.93
N ARG C 266 21.39 -16.84 9.83
CA ARG C 266 22.18 -18.04 9.55
C ARG C 266 21.45 -18.96 8.56
N GLU C 267 20.11 -18.96 8.60
CA GLU C 267 19.24 -19.74 7.72
C GLU C 267 18.94 -18.98 6.41
N GLU C 268 19.43 -17.72 6.31
CA GLU C 268 19.32 -16.80 5.15
C GLU C 268 17.85 -16.47 4.82
N LEU C 269 17.01 -16.24 5.85
CA LEU C 269 15.60 -15.88 5.67
C LEU C 269 15.48 -14.41 5.23
N ASP C 270 16.27 -13.51 5.87
CA ASP C 270 16.30 -12.07 5.60
C ASP C 270 16.68 -11.80 4.13
N ALA C 271 17.66 -12.55 3.59
CA ALA C 271 18.12 -12.43 2.21
C ALA C 271 17.07 -12.98 1.24
N PHE C 272 16.33 -14.04 1.65
CA PHE C 272 15.29 -14.69 0.87
C PHE C 272 14.07 -13.75 0.70
N VAL C 273 13.72 -13.01 1.77
CA VAL C 273 12.60 -12.06 1.81
C VAL C 273 12.87 -10.89 0.83
N VAL C 274 14.10 -10.35 0.84
CA VAL C 274 14.55 -9.24 -0.02
C VAL C 274 14.53 -9.68 -1.50
N ARG C 275 15.03 -10.90 -1.79
CA ARG C 275 15.10 -11.47 -3.14
C ARG C 275 13.72 -11.76 -3.74
N ARG C 276 12.78 -12.28 -2.92
CA ARG C 276 11.42 -12.63 -3.35
C ARG C 276 10.56 -11.38 -3.58
N LEU C 277 10.66 -10.37 -2.70
CA LEU C 277 9.89 -9.12 -2.80
C LEU C 277 10.57 -8.08 -3.71
N ASN C 278 11.77 -8.41 -4.27
CA ASN C 278 12.61 -7.57 -5.15
C ASN C 278 12.98 -6.23 -4.48
N LEU C 279 13.18 -6.27 -3.14
CA LEU C 279 13.56 -5.12 -2.30
C LEU C 279 15.02 -4.71 -2.53
N PRO C 280 15.45 -3.46 -2.22
CA PRO C 280 16.86 -3.09 -2.45
C PRO C 280 17.78 -3.86 -1.49
N PHE C 281 18.77 -4.58 -2.07
CA PHE C 281 19.71 -5.39 -1.29
C PHE C 281 20.87 -4.57 -0.76
N ARG C 282 21.20 -4.81 0.51
CA ARG C 282 22.30 -4.19 1.27
C ARG C 282 22.63 -5.10 2.45
N ASP C 283 23.93 -5.32 2.71
CA ASP C 283 24.42 -6.18 3.80
C ASP C 283 23.99 -5.69 5.18
N VAL C 284 23.78 -6.63 6.11
CA VAL C 284 23.34 -6.39 7.49
C VAL C 284 24.46 -5.71 8.29
N ASP C 285 24.13 -4.58 8.95
CA ASP C 285 25.06 -3.84 9.79
C ASP C 285 24.89 -4.34 11.23
N TRP C 286 25.68 -5.37 11.59
CA TRP C 286 25.65 -6.02 12.90
C TRP C 286 26.34 -5.20 14.01
N THR C 287 26.96 -4.05 13.65
CA THR C 287 27.70 -3.13 14.53
C THR C 287 26.96 -2.84 15.86
N GLU C 288 25.64 -2.55 15.80
CA GLU C 288 24.82 -2.23 16.97
C GLU C 288 24.32 -3.49 17.71
N TRP C 289 23.85 -4.51 16.98
CA TRP C 289 23.30 -5.74 17.56
C TRP C 289 24.38 -6.61 18.21
N ASP C 290 25.61 -6.65 17.65
CA ASP C 290 26.73 -7.42 18.19
C ASP C 290 27.19 -6.85 19.54
N ASP C 291 27.10 -5.52 19.69
CA ASP C 291 27.43 -4.79 20.92
C ASP C 291 26.46 -5.20 22.03
N LEU C 292 25.17 -5.39 21.68
CA LEU C 292 24.11 -5.81 22.59
C LEU C 292 24.32 -7.28 23.00
N LEU C 293 24.60 -8.17 22.03
CA LEU C 293 24.83 -9.61 22.25
C LEU C 293 26.03 -9.85 23.18
N ARG C 294 27.06 -9.00 23.10
CA ARG C 294 28.26 -9.05 23.94
C ARG C 294 27.90 -8.71 25.38
N ARG C 295 26.98 -7.74 25.57
CA ARG C 295 26.49 -7.29 26.88
C ARG C 295 25.55 -8.33 27.51
N VAL C 296 24.89 -9.16 26.68
CA VAL C 296 23.95 -10.21 27.11
C VAL C 296 24.71 -11.47 27.55
N HIS C 297 25.56 -12.02 26.67
CA HIS C 297 26.29 -13.27 26.89
C HIS C 297 27.58 -13.13 27.71
N GLU C 298 28.21 -11.93 27.77
CA GLU C 298 29.44 -11.73 28.54
C GLU C 298 29.25 -10.65 29.64
N PRO C 299 28.51 -10.93 30.75
CA PRO C 299 28.36 -9.92 31.80
C PRO C 299 29.50 -9.97 32.82
N HIS C 300 29.91 -8.79 33.33
CA HIS C 300 31.00 -8.68 34.31
C HIS C 300 30.48 -8.81 35.74
N GLU C 301 29.23 -8.35 36.01
CA GLU C 301 28.61 -8.40 37.34
C GLU C 301 27.21 -9.00 37.29
N THR C 302 26.67 -9.37 38.46
CA THR C 302 25.32 -9.93 38.62
C THR C 302 24.66 -9.17 39.78
N VAL C 303 23.57 -8.44 39.47
CA VAL C 303 22.84 -7.63 40.44
C VAL C 303 21.38 -8.14 40.58
N ARG C 304 20.90 -8.27 41.84
CA ARG C 304 19.56 -8.73 42.15
C ARG C 304 18.65 -7.53 42.42
N ILE C 305 17.56 -7.40 41.65
CA ILE C 305 16.60 -6.30 41.82
C ILE C 305 15.20 -6.90 42.00
N ALA C 306 14.54 -6.52 43.12
CA ALA C 306 13.21 -7.00 43.46
C ALA C 306 12.11 -6.21 42.76
N LEU C 307 11.12 -6.92 42.20
CA LEU C 307 9.95 -6.34 41.53
C LEU C 307 8.73 -6.55 42.43
N VAL C 308 8.41 -5.54 43.26
CA VAL C 308 7.31 -5.58 44.22
C VAL C 308 5.96 -5.35 43.49
N GLY C 309 5.42 -6.43 42.93
CA GLY C 309 4.14 -6.39 42.22
C GLY C 309 3.02 -7.06 42.98
N LYS C 310 1.75 -6.83 42.54
CA LYS C 310 0.55 -7.42 43.14
C LYS C 310 0.56 -8.94 42.96
N TYR C 311 0.82 -9.40 41.73
CA TYR C 311 0.94 -10.82 41.40
C TYR C 311 2.40 -11.08 41.00
N VAL C 312 3.04 -12.04 41.71
CA VAL C 312 4.43 -12.41 41.51
C VAL C 312 4.57 -13.53 40.46
N GLU C 313 5.84 -13.86 40.09
CA GLU C 313 6.32 -14.90 39.17
C GLU C 313 5.93 -14.67 37.69
N LEU C 314 4.70 -14.17 37.41
CA LEU C 314 4.18 -13.93 36.06
C LEU C 314 4.86 -12.71 35.41
N SER C 315 5.83 -13.00 34.52
CA SER C 315 6.66 -12.03 33.81
C SER C 315 5.90 -11.11 32.85
N ASP C 316 4.94 -11.65 32.07
CA ASP C 316 4.17 -10.90 31.05
C ASP C 316 3.23 -9.82 31.64
N ALA C 317 3.08 -9.77 32.97
CA ALA C 317 2.27 -8.76 33.64
C ALA C 317 3.06 -7.43 33.71
N TYR C 318 4.40 -7.53 33.82
CA TYR C 318 5.37 -6.42 33.89
C TYR C 318 6.52 -6.66 32.90
N LEU C 319 6.18 -7.03 31.65
CA LEU C 319 7.14 -7.35 30.58
C LEU C 319 8.07 -6.17 30.26
N SER C 320 7.51 -4.99 29.93
CA SER C 320 8.28 -3.79 29.57
C SER C 320 9.17 -3.33 30.72
N VAL C 321 8.71 -3.54 31.98
CA VAL C 321 9.43 -3.18 33.21
C VAL C 321 10.67 -4.08 33.32
N ALA C 322 10.49 -5.41 33.17
CA ALA C 322 11.56 -6.41 33.24
C ALA C 322 12.60 -6.19 32.13
N GLU C 323 12.13 -5.86 30.90
CA GLU C 323 12.98 -5.60 29.73
C GLU C 323 13.79 -4.32 29.90
N ALA C 324 13.21 -3.30 30.58
CA ALA C 324 13.88 -2.02 30.85
C ALA C 324 14.96 -2.20 31.92
N LEU C 325 14.74 -3.13 32.86
CA LEU C 325 15.67 -3.46 33.94
C LEU C 325 16.91 -4.17 33.38
N ARG C 326 16.69 -5.07 32.41
CA ARG C 326 17.77 -5.81 31.73
C ARG C 326 18.57 -4.86 30.84
N ALA C 327 17.87 -3.89 30.18
CA ALA C 327 18.45 -2.87 29.30
C ALA C 327 19.40 -1.96 30.08
N GLY C 328 19.01 -1.59 31.30
CA GLY C 328 19.80 -0.77 32.21
C GLY C 328 21.06 -1.49 32.67
N GLY C 329 20.95 -2.80 32.82
CA GLY C 329 22.05 -3.69 33.20
C GLY C 329 23.10 -3.83 32.12
N PHE C 330 22.66 -3.83 30.83
CA PHE C 330 23.54 -3.95 29.67
C PHE C 330 24.47 -2.74 29.54
N LYS C 331 23.97 -1.53 29.89
CA LYS C 331 24.73 -0.27 29.86
C LYS C 331 25.94 -0.33 30.81
N HIS C 332 25.78 -1.03 31.94
CA HIS C 332 26.83 -1.24 32.95
C HIS C 332 27.57 -2.56 32.72
N ARG C 333 27.13 -3.34 31.69
CA ARG C 333 27.65 -4.65 31.29
C ARG C 333 27.54 -5.65 32.47
N ALA C 334 26.30 -5.78 33.00
CA ALA C 334 25.96 -6.64 34.12
C ALA C 334 24.62 -7.34 33.92
N LYS C 335 24.48 -8.56 34.48
CA LYS C 335 23.26 -9.38 34.42
C LYS C 335 22.32 -9.00 35.56
N VAL C 336 21.04 -8.73 35.24
CA VAL C 336 20.03 -8.35 36.24
C VAL C 336 19.14 -9.56 36.55
N GLU C 337 19.16 -10.00 37.82
CA GLU C 337 18.35 -11.11 38.31
C GLU C 337 17.09 -10.54 38.98
N ILE C 338 15.95 -10.60 38.28
CA ILE C 338 14.68 -10.05 38.77
C ILE C 338 14.08 -10.97 39.84
N CYS C 339 13.87 -10.42 41.05
CA CYS C 339 13.26 -11.13 42.18
C CYS C 339 11.78 -10.76 42.27
N TRP C 340 10.91 -11.66 41.80
CA TRP C 340 9.46 -11.46 41.77
C TRP C 340 8.89 -11.58 43.19
N VAL C 341 8.69 -10.42 43.84
CA VAL C 341 8.20 -10.29 45.21
C VAL C 341 6.73 -9.85 45.22
N ALA C 342 5.89 -10.55 46.00
CA ALA C 342 4.47 -10.23 46.18
C ALA C 342 4.34 -9.05 47.15
N SER C 343 3.63 -8.00 46.72
CA SER C 343 3.42 -6.76 47.48
C SER C 343 2.78 -7.00 48.85
N ASP C 344 1.75 -7.88 48.91
CA ASP C 344 0.99 -8.24 50.12
C ASP C 344 1.88 -8.71 51.29
N GLY C 345 2.99 -9.37 50.98
CA GLY C 345 3.94 -9.87 51.97
C GLY C 345 4.76 -8.78 52.64
N CYS C 346 4.94 -7.63 51.97
CA CYS C 346 5.73 -6.48 52.45
C CYS C 346 4.88 -5.51 53.29
N GLU C 347 3.62 -5.87 53.63
CA GLU C 347 2.69 -5.05 54.43
C GLU C 347 3.29 -4.75 55.82
N THR C 348 3.89 -5.78 56.46
CA THR C 348 4.56 -5.68 57.76
C THR C 348 6.05 -5.45 57.53
N THR C 349 6.73 -4.75 58.47
CA THR C 349 8.16 -4.43 58.39
C THR C 349 9.02 -5.71 58.49
N SER C 350 8.53 -6.74 59.22
CA SER C 350 9.21 -8.03 59.39
C SER C 350 9.16 -8.84 58.09
N GLY C 351 8.00 -8.83 57.43
CA GLY C 351 7.76 -9.53 56.17
C GLY C 351 8.50 -8.91 55.00
N ALA C 352 8.59 -7.56 54.98
CA ALA C 352 9.29 -6.80 53.94
C ALA C 352 10.79 -7.05 54.01
N ALA C 353 11.33 -7.18 55.24
CA ALA C 353 12.75 -7.45 55.50
C ALA C 353 13.14 -8.86 55.03
N ALA C 354 12.24 -9.85 55.21
CA ALA C 354 12.46 -11.23 54.82
C ALA C 354 12.41 -11.41 53.30
N ALA C 355 11.62 -10.55 52.61
CA ALA C 355 11.44 -10.60 51.17
C ALA C 355 12.47 -9.74 50.41
N LEU C 356 12.84 -8.58 50.96
CA LEU C 356 13.78 -7.64 50.32
C LEU C 356 15.16 -7.62 51.03
N GLY C 357 15.51 -8.71 51.69
CA GLY C 357 16.77 -8.84 52.42
C GLY C 357 18.02 -9.04 51.58
N ASP C 358 18.01 -10.10 50.75
CA ASP C 358 19.13 -10.50 49.90
C ASP C 358 19.23 -9.70 48.58
N VAL C 359 18.27 -8.81 48.30
CA VAL C 359 18.26 -8.02 47.05
C VAL C 359 19.23 -6.81 47.14
N HIS C 360 19.58 -6.23 45.97
CA HIS C 360 20.47 -5.08 45.84
C HIS C 360 19.72 -3.80 45.42
N GLY C 361 18.47 -3.96 45.00
CA GLY C 361 17.60 -2.87 44.54
C GLY C 361 16.12 -3.20 44.64
N VAL C 362 15.27 -2.17 44.84
CA VAL C 362 13.82 -2.33 44.99
C VAL C 362 13.10 -1.49 43.92
N LEU C 363 12.17 -2.13 43.16
CA LEU C 363 11.38 -1.45 42.13
C LEU C 363 9.89 -1.57 42.46
N ILE C 364 9.16 -0.45 42.40
CA ILE C 364 7.72 -0.39 42.66
C ILE C 364 6.99 -0.07 41.33
N PRO C 365 6.50 -1.10 40.60
CA PRO C 365 5.83 -0.83 39.32
C PRO C 365 4.39 -0.36 39.49
N GLY C 366 3.83 0.22 38.43
CA GLY C 366 2.47 0.72 38.38
C GLY C 366 1.40 -0.33 38.64
N GLY C 367 0.30 0.10 39.22
CA GLY C 367 -0.82 -0.77 39.54
C GLY C 367 -2.15 -0.20 39.10
N PHE C 368 -2.63 -0.65 37.92
CA PHE C 368 -3.90 -0.18 37.39
C PHE C 368 -5.03 -1.10 37.81
N GLY C 369 -5.97 -0.54 38.56
CA GLY C 369 -7.16 -1.24 39.06
C GLY C 369 -6.90 -2.23 40.18
N ILE C 370 -5.73 -2.12 40.86
CA ILE C 370 -5.36 -3.01 41.97
C ILE C 370 -5.97 -2.47 43.30
N ARG C 371 -5.88 -3.25 44.39
CA ARG C 371 -6.43 -2.85 45.70
C ARG C 371 -5.37 -2.85 46.82
N GLY C 372 -4.37 -3.74 46.72
CA GLY C 372 -3.29 -3.86 47.69
C GLY C 372 -2.19 -2.85 47.50
N ILE C 373 -2.32 -1.67 48.14
CA ILE C 373 -1.36 -0.57 48.06
C ILE C 373 -0.41 -0.54 49.29
N GLU C 374 -0.92 -0.94 50.49
CA GLU C 374 -0.20 -0.93 51.76
C GLU C 374 1.11 -1.73 51.75
N GLY C 375 1.17 -2.78 50.94
CA GLY C 375 2.34 -3.61 50.78
C GLY C 375 3.49 -2.91 50.08
N LYS C 376 3.16 -2.15 49.01
CA LYS C 376 4.10 -1.37 48.21
C LYS C 376 4.70 -0.22 49.03
N ILE C 377 3.88 0.39 49.91
CA ILE C 377 4.28 1.49 50.82
C ILE C 377 5.28 0.93 51.84
N GLY C 378 4.99 -0.25 52.38
CA GLY C 378 5.82 -0.96 53.34
C GLY C 378 7.17 -1.39 52.79
N ALA C 379 7.22 -1.66 51.46
CA ALA C 379 8.42 -2.06 50.74
C ALA C 379 9.39 -0.88 50.64
N ILE C 380 8.87 0.35 50.43
CA ILE C 380 9.63 1.60 50.35
C ILE C 380 10.18 1.94 51.73
N ALA C 381 9.33 1.80 52.78
CA ALA C 381 9.66 2.05 54.18
C ALA C 381 10.87 1.25 54.65
N TYR C 382 10.96 -0.04 54.23
CA TYR C 382 12.10 -0.91 54.57
C TYR C 382 13.33 -0.51 53.77
N ALA C 383 13.17 -0.32 52.44
CA ALA C 383 14.25 0.06 51.51
C ALA C 383 14.93 1.37 51.92
N ARG C 384 14.16 2.34 52.47
CA ARG C 384 14.67 3.61 52.96
C ARG C 384 15.51 3.41 54.22
N ALA C 385 15.10 2.47 55.09
CA ALA C 385 15.79 2.16 56.34
C ALA C 385 17.06 1.33 56.09
N ARG C 386 16.98 0.33 55.18
CA ARG C 386 18.09 -0.55 54.83
C ARG C 386 19.14 0.17 53.96
N GLY C 387 18.66 1.08 53.11
CA GLY C 387 19.51 1.87 52.21
C GLY C 387 19.54 1.33 50.80
N LEU C 388 18.45 0.66 50.37
CA LEU C 388 18.30 0.08 49.04
C LEU C 388 17.81 1.13 48.02
N PRO C 389 18.33 1.11 46.77
CA PRO C 389 17.84 2.08 45.76
C PRO C 389 16.39 1.79 45.36
N VAL C 390 15.55 2.84 45.26
CA VAL C 390 14.14 2.69 44.92
C VAL C 390 13.78 3.43 43.64
N LEU C 391 13.08 2.74 42.71
CA LEU C 391 12.57 3.28 41.47
C LEU C 391 11.06 3.00 41.40
N GLY C 392 10.28 4.06 41.54
CA GLY C 392 8.83 3.99 41.52
C GLY C 392 8.23 4.47 40.22
N LEU C 393 7.41 3.62 39.59
CA LEU C 393 6.76 3.93 38.31
C LEU C 393 5.25 4.08 38.53
N CYS C 394 4.67 5.22 38.04
CA CYS C 394 3.25 5.62 38.13
C CYS C 394 2.73 5.54 39.58
N LEU C 395 2.25 4.35 40.00
CA LEU C 395 1.77 4.08 41.36
C LEU C 395 2.94 4.13 42.35
N GLY C 396 4.15 3.85 41.85
CA GLY C 396 5.39 3.88 42.60
C GLY C 396 5.69 5.25 43.20
N LEU C 397 5.53 6.32 42.37
CA LEU C 397 5.70 7.72 42.80
C LEU C 397 4.66 8.05 43.87
N GLN C 398 3.40 7.63 43.62
CA GLN C 398 2.25 7.82 44.51
C GLN C 398 2.51 7.15 45.87
N CYS C 399 3.12 5.95 45.87
CA CYS C 399 3.46 5.19 47.08
C CYS C 399 4.62 5.82 47.84
N ILE C 400 5.61 6.42 47.13
CA ILE C 400 6.75 7.11 47.74
C ILE C 400 6.23 8.35 48.50
N VAL C 401 5.30 9.11 47.87
CA VAL C 401 4.66 10.30 48.40
C VAL C 401 3.88 9.97 49.69
N ILE C 402 3.08 8.87 49.68
CA ILE C 402 2.28 8.40 50.82
C ILE C 402 3.22 8.06 52.00
N GLU C 403 4.29 7.27 51.73
CA GLU C 403 5.29 6.86 52.73
C GLU C 403 6.03 8.08 53.29
N ALA C 404 6.34 9.08 52.42
CA ALA C 404 7.03 10.32 52.79
C ALA C 404 6.17 11.16 53.74
N ALA C 405 4.85 11.25 53.48
CA ALA C 405 3.90 12.01 54.29
C ALA C 405 3.67 11.31 55.64
N ARG C 406 3.58 9.96 55.63
CA ARG C 406 3.35 9.12 56.81
C ARG C 406 4.52 9.17 57.77
N SER C 407 5.77 9.23 57.25
CA SER C 407 6.99 9.27 58.04
C SER C 407 7.12 10.57 58.85
N VAL C 408 6.53 11.68 58.35
CA VAL C 408 6.53 12.99 59.00
C VAL C 408 5.57 12.97 60.20
N GLY C 409 4.29 12.73 59.94
CA GLY C 409 3.27 12.70 60.99
C GLY C 409 1.87 12.33 60.53
N LEU C 410 1.58 12.50 59.22
CA LEU C 410 0.26 12.19 58.65
C LEU C 410 0.05 10.68 58.62
N THR C 411 -0.36 10.09 59.75
CA THR C 411 -0.60 8.65 59.91
C THR C 411 -1.70 8.15 58.96
N ASN C 412 -2.76 8.96 58.77
CA ASN C 412 -3.92 8.63 57.93
C ASN C 412 -3.74 9.07 56.45
N ALA C 413 -2.49 9.38 56.02
CA ALA C 413 -2.22 9.79 54.64
C ALA C 413 -2.32 8.60 53.68
N ASN C 414 -3.17 8.74 52.65
CA ASN C 414 -3.41 7.70 51.64
C ASN C 414 -3.93 8.31 50.33
N SER C 415 -4.07 7.49 49.27
CA SER C 415 -4.61 7.87 47.97
C SER C 415 -6.14 7.75 47.98
N ALA C 416 -6.84 8.71 47.35
CA ALA C 416 -8.31 8.75 47.25
C ALA C 416 -8.86 7.56 46.44
N GLU C 417 -8.03 7.00 45.54
CA GLU C 417 -8.31 5.86 44.67
C GLU C 417 -8.57 4.58 45.48
N PHE C 418 -7.84 4.41 46.58
CA PHE C 418 -7.89 3.23 47.44
C PHE C 418 -8.73 3.49 48.70
N ASP C 419 -8.60 4.68 49.30
CA ASP C 419 -9.38 5.08 50.47
C ASP C 419 -10.05 6.43 50.19
N PRO C 420 -11.34 6.46 49.80
CA PRO C 420 -11.99 7.75 49.49
C PRO C 420 -12.31 8.58 50.73
N ASP C 421 -12.52 7.92 51.89
CA ASP C 421 -12.87 8.57 53.15
C ASP C 421 -11.62 8.94 53.99
N THR C 422 -10.46 9.13 53.33
CA THR C 422 -9.21 9.49 54.00
C THR C 422 -9.22 10.99 54.38
N PRO C 423 -8.81 11.37 55.61
CA PRO C 423 -8.82 12.80 55.97
C PRO C 423 -7.63 13.56 55.38
N ASP C 424 -6.61 12.84 54.87
CA ASP C 424 -5.42 13.43 54.25
C ASP C 424 -5.16 12.79 52.87
N PRO C 425 -5.87 13.23 51.80
CA PRO C 425 -5.64 12.65 50.47
C PRO C 425 -4.48 13.33 49.76
N VAL C 426 -3.27 12.76 49.92
CA VAL C 426 -2.03 13.26 49.30
C VAL C 426 -2.04 12.96 47.78
N ILE C 427 -2.84 11.97 47.35
CA ILE C 427 -3.02 11.59 45.95
C ILE C 427 -4.52 11.73 45.66
N ALA C 428 -4.86 12.62 44.70
CA ALA C 428 -6.25 12.86 44.31
C ALA C 428 -6.38 13.33 42.83
N THR C 429 -7.60 13.24 42.26
CA THR C 429 -7.91 13.66 40.90
C THR C 429 -8.11 15.18 40.84
N MET C 430 -7.58 15.85 39.80
CA MET C 430 -7.68 17.31 39.62
C MET C 430 -9.09 17.72 39.19
N GLY C 445 -11.69 12.58 37.67
CA GLY C 445 -10.89 13.68 37.16
C GLY C 445 -10.60 13.58 35.67
N THR C 446 -9.31 13.66 35.31
CA THR C 446 -8.85 13.59 33.92
C THR C 446 -7.81 12.48 33.74
N MET C 447 -8.05 11.59 32.74
CA MET C 447 -7.19 10.45 32.41
C MET C 447 -6.09 10.90 31.42
N ARG C 448 -4.83 10.73 31.82
CA ARG C 448 -3.66 11.11 31.03
C ARG C 448 -3.12 9.90 30.27
N LEU C 449 -3.12 9.98 28.92
CA LEU C 449 -2.62 8.92 28.04
C LEU C 449 -1.69 9.48 26.96
N GLY C 450 -0.55 8.80 26.78
CA GLY C 450 0.46 9.19 25.80
C GLY C 450 1.59 10.02 26.34
N SER C 451 2.41 10.56 25.42
CA SER C 451 3.56 11.38 25.77
C SER C 451 3.15 12.77 26.25
N TYR C 452 3.56 13.12 27.48
CA TYR C 452 3.30 14.42 28.11
C TYR C 452 4.62 15.12 28.42
N PRO C 453 4.80 16.41 28.00
CA PRO C 453 6.07 17.09 28.28
C PRO C 453 6.23 17.41 29.78
N ALA C 454 7.47 17.32 30.26
CA ALA C 454 7.81 17.59 31.66
C ALA C 454 9.09 18.39 31.76
N VAL C 455 9.03 19.55 32.44
CA VAL C 455 10.20 20.40 32.64
C VAL C 455 10.88 19.93 33.94
N LEU C 456 12.15 19.52 33.81
CA LEU C 456 12.97 19.01 34.91
C LEU C 456 13.79 20.10 35.57
N GLU C 457 13.75 20.13 36.91
CA GLU C 457 14.50 21.06 37.75
C GLU C 457 16.00 20.70 37.67
N PRO C 458 16.93 21.68 37.50
CA PRO C 458 18.36 21.32 37.42
C PRO C 458 18.90 20.76 38.74
N ASP C 459 20.19 20.32 38.75
CA ASP C 459 20.93 19.72 39.89
C ASP C 459 20.24 18.48 40.51
N SER C 460 19.10 18.03 39.94
CA SER C 460 18.33 16.89 40.43
C SER C 460 18.98 15.55 40.05
N VAL C 461 18.60 14.48 40.77
CA VAL C 461 19.05 13.09 40.53
C VAL C 461 18.49 12.65 39.16
N VAL C 462 17.23 13.05 38.86
CA VAL C 462 16.55 12.79 37.59
C VAL C 462 17.21 13.63 36.47
N ALA C 463 17.67 14.85 36.80
CA ALA C 463 18.32 15.74 35.86
C ALA C 463 19.71 15.21 35.50
N GLN C 464 20.45 14.67 36.51
CA GLN C 464 21.79 14.10 36.34
C GLN C 464 21.73 12.81 35.52
N ALA C 465 20.61 12.06 35.61
CA ALA C 465 20.40 10.81 34.87
C ALA C 465 20.05 11.10 33.41
N TYR C 466 19.09 12.02 33.16
CA TYR C 466 18.63 12.41 31.82
C TYR C 466 19.64 13.29 31.06
N GLN C 467 20.43 14.11 31.78
CA GLN C 467 21.41 15.07 31.27
C GLN C 467 20.73 16.18 30.43
N THR C 468 19.48 16.54 30.82
CA THR C 468 18.65 17.57 30.18
C THR C 468 17.63 18.14 31.18
N THR C 469 17.21 19.40 30.98
CA THR C 469 16.25 20.11 31.85
C THR C 469 14.80 20.01 31.32
N GLN C 470 14.59 19.34 30.15
CA GLN C 470 13.28 19.14 29.54
C GLN C 470 13.18 17.71 29.01
N VAL C 471 12.14 16.97 29.41
CA VAL C 471 11.91 15.57 29.04
C VAL C 471 10.47 15.34 28.53
N SER C 472 10.21 14.12 28.03
CA SER C 472 8.91 13.66 27.54
C SER C 472 8.77 12.16 27.83
N GLU C 473 7.69 11.76 28.53
CA GLU C 473 7.43 10.36 28.90
C GLU C 473 5.95 9.99 28.70
N ARG C 474 5.66 8.68 28.49
CA ARG C 474 4.31 8.15 28.27
C ARG C 474 3.57 7.89 29.60
N HIS C 475 2.32 8.41 29.71
CA HIS C 475 1.46 8.27 30.91
C HIS C 475 0.25 7.35 30.70
N ARG C 476 -0.28 6.80 31.81
CA ARG C 476 -1.48 5.94 31.87
C ARG C 476 -2.00 5.90 33.32
N HIS C 477 -2.67 7.00 33.74
CA HIS C 477 -3.24 7.22 35.07
C HIS C 477 -4.23 8.40 35.07
N ARG C 478 -5.00 8.56 36.16
CA ARG C 478 -5.95 9.67 36.30
C ARG C 478 -5.76 10.42 37.64
N TYR C 479 -5.06 9.80 38.60
CA TYR C 479 -4.79 10.38 39.92
C TYR C 479 -3.43 11.07 39.94
N GLU C 480 -3.40 12.31 40.46
CA GLU C 480 -2.18 13.13 40.55
C GLU C 480 -1.85 13.43 42.02
N VAL C 481 -0.71 14.09 42.27
CA VAL C 481 -0.27 14.48 43.62
C VAL C 481 -1.00 15.76 44.01
N ASN C 482 -1.54 15.80 45.25
CA ASN C 482 -2.25 16.96 45.81
C ASN C 482 -1.25 18.08 46.10
N ASN C 483 -1.44 19.24 45.43
CA ASN C 483 -0.57 20.41 45.53
C ASN C 483 -0.64 21.09 46.90
N ALA C 484 -1.72 20.90 47.66
CA ALA C 484 -1.91 21.48 48.99
C ALA C 484 -1.00 20.80 50.02
N TYR C 485 -0.72 19.49 49.83
CA TYR C 485 0.10 18.70 50.74
C TYR C 485 1.60 18.75 50.40
N ARG C 486 1.98 19.42 49.29
CA ARG C 486 3.38 19.56 48.81
C ARG C 486 4.36 19.99 49.91
N ASP C 487 3.96 20.97 50.75
CA ASP C 487 4.77 21.52 51.84
C ASP C 487 4.96 20.52 52.99
N LYS C 488 3.90 19.77 53.34
CA LYS C 488 3.91 18.77 54.41
C LYS C 488 4.76 17.55 54.00
N ILE C 489 4.74 17.19 52.71
CA ILE C 489 5.50 16.07 52.15
C ILE C 489 7.00 16.44 52.14
N ALA C 490 7.31 17.73 51.84
CA ALA C 490 8.67 18.30 51.76
C ALA C 490 9.44 18.18 53.09
N GLU C 491 8.71 18.05 54.22
CA GLU C 491 9.28 17.92 55.58
C GLU C 491 10.11 16.63 55.72
N SER C 492 9.80 15.60 54.90
CA SER C 492 10.51 14.32 54.88
C SER C 492 11.88 14.44 54.20
N GLY C 493 11.99 15.42 53.30
CA GLY C 493 13.20 15.68 52.54
C GLY C 493 13.01 15.52 51.05
N LEU C 494 11.95 14.78 50.65
CA LEU C 494 11.56 14.50 49.27
C LEU C 494 11.32 15.80 48.50
N ARG C 495 11.93 15.91 47.30
CA ARG C 495 11.84 17.09 46.43
C ARG C 495 11.05 16.79 45.15
N PHE C 496 10.28 17.79 44.68
CA PHE C 496 9.48 17.69 43.45
C PHE C 496 10.33 18.19 42.29
N SER C 497 11.31 17.36 41.89
CA SER C 497 12.29 17.61 40.83
C SER C 497 11.67 17.64 39.42
N GLY C 498 10.54 16.98 39.23
CA GLY C 498 9.85 16.94 37.95
C GLY C 498 8.45 17.48 38.01
N THR C 499 8.15 18.46 37.15
CA THR C 499 6.84 19.11 37.06
C THR C 499 6.40 19.23 35.61
N SER C 500 5.12 19.59 35.41
CA SER C 500 4.53 19.84 34.09
C SER C 500 5.08 21.18 33.55
N PRO C 501 4.94 21.56 32.23
CA PRO C 501 5.49 22.86 31.78
C PRO C 501 4.96 24.03 32.62
N ASP C 502 3.66 24.01 32.95
CA ASP C 502 2.98 25.01 33.78
C ASP C 502 3.38 24.86 35.26
N GLY C 503 3.82 23.67 35.66
CA GLY C 503 4.27 23.35 37.01
C GLY C 503 3.19 22.90 37.98
N HIS C 504 1.94 22.75 37.48
CA HIS C 504 0.78 22.35 38.28
C HIS C 504 0.82 20.87 38.67
N LEU C 505 1.27 20.00 37.75
CA LEU C 505 1.34 18.56 38.00
C LEU C 505 2.72 18.11 38.42
N VAL C 506 2.79 17.17 39.37
CA VAL C 506 4.07 16.58 39.82
C VAL C 506 4.34 15.38 38.91
N GLU C 507 5.52 15.38 38.25
CA GLU C 507 5.92 14.33 37.31
C GLU C 507 7.00 13.44 37.90
N PHE C 508 7.95 14.01 38.69
CA PHE C 508 9.04 13.27 39.30
C PHE C 508 9.28 13.70 40.75
N VAL C 509 9.60 12.72 41.62
CA VAL C 509 9.95 12.94 43.04
C VAL C 509 11.27 12.22 43.33
N GLU C 510 12.08 12.77 44.25
CA GLU C 510 13.38 12.19 44.62
C GLU C 510 13.87 12.66 45.99
N TYR C 511 14.74 11.86 46.63
CA TYR C 511 15.38 12.20 47.89
C TYR C 511 16.80 12.69 47.60
N PRO C 512 17.30 13.74 48.28
CA PRO C 512 18.67 14.22 47.98
C PRO C 512 19.76 13.18 48.32
N PRO C 513 20.91 13.17 47.61
CA PRO C 513 21.96 12.16 47.89
C PRO C 513 22.49 12.19 49.32
N ASP C 514 22.40 13.36 50.01
CA ASP C 514 22.83 13.53 51.41
C ASP C 514 21.84 12.87 52.39
N ARG C 515 20.64 12.46 51.90
CA ARG C 515 19.60 11.79 52.69
C ARG C 515 19.52 10.31 52.27
N HIS C 516 19.41 10.04 50.96
CA HIS C 516 19.34 8.69 50.38
C HIS C 516 20.10 8.66 49.05
N PRO C 517 20.94 7.62 48.77
CA PRO C 517 21.69 7.58 47.49
C PRO C 517 20.81 7.63 46.24
N PHE C 518 19.70 6.83 46.19
CA PHE C 518 18.79 6.82 45.05
C PHE C 518 17.38 6.34 45.43
N VAL C 519 16.46 7.26 45.64
CA VAL C 519 15.05 6.95 45.90
C VAL C 519 14.30 7.90 44.99
N VAL C 520 13.97 7.43 43.79
CA VAL C 520 13.34 8.23 42.74
C VAL C 520 12.00 7.62 42.33
N GLY C 521 11.03 8.49 42.05
CA GLY C 521 9.70 8.15 41.59
C GLY C 521 9.30 8.97 40.38
N THR C 522 8.55 8.35 39.47
CA THR C 522 8.05 8.98 38.25
C THR C 522 6.54 8.69 38.11
N GLN C 523 5.77 9.71 37.68
CA GLN C 523 4.32 9.61 37.48
C GLN C 523 3.99 8.87 36.17
N ALA C 524 4.95 8.83 35.23
CA ALA C 524 4.82 8.18 33.93
C ALA C 524 5.45 6.77 33.90
N HIS C 525 5.42 6.12 32.71
CA HIS C 525 5.97 4.78 32.48
C HIS C 525 7.20 4.86 31.54
N PRO C 526 8.43 5.00 32.10
CA PRO C 526 9.62 5.09 31.24
C PRO C 526 10.00 3.78 30.55
N GLU C 527 9.54 2.64 31.08
CA GLU C 527 9.81 1.28 30.59
C GLU C 527 9.37 1.07 29.12
N LEU C 528 8.34 1.82 28.66
CA LEU C 528 7.81 1.73 27.30
C LEU C 528 8.80 2.35 26.30
N LYS C 529 9.47 3.46 26.68
CA LYS C 529 10.43 4.18 25.84
C LYS C 529 11.83 3.51 25.86
N SER C 530 12.02 2.51 26.75
CA SER C 530 13.28 1.77 26.89
C SER C 530 13.42 0.69 25.81
N ARG C 531 14.61 0.62 25.18
CA ARG C 531 14.97 -0.33 24.13
C ARG C 531 16.23 -1.11 24.54
N PRO C 532 16.47 -2.36 24.04
CA PRO C 532 17.71 -3.07 24.44
C PRO C 532 18.98 -2.40 23.90
N THR C 533 18.90 -1.77 22.70
CA THR C 533 20.01 -1.07 22.02
C THR C 533 20.09 0.40 22.49
N ARG C 534 18.98 0.96 22.99
CA ARG C 534 18.88 2.34 23.48
C ARG C 534 18.19 2.33 24.86
N PRO C 535 18.94 2.02 25.96
CA PRO C 535 18.30 1.93 27.29
C PRO C 535 17.86 3.29 27.86
N HIS C 536 16.86 3.27 28.76
CA HIS C 536 16.33 4.47 29.40
C HIS C 536 17.28 4.97 30.49
N PRO C 537 17.57 6.30 30.54
CA PRO C 537 18.52 6.83 31.54
C PRO C 537 18.15 6.62 33.01
N LEU C 538 16.84 6.62 33.34
CA LEU C 538 16.39 6.40 34.71
C LEU C 538 16.69 4.98 35.18
N PHE C 539 16.47 3.98 34.29
CA PHE C 539 16.73 2.57 34.58
C PHE C 539 18.25 2.31 34.64
N VAL C 540 19.04 3.07 33.86
CA VAL C 540 20.50 3.00 33.84
C VAL C 540 21.03 3.50 35.20
N ALA C 541 20.50 4.65 35.67
CA ALA C 541 20.86 5.26 36.95
C ALA C 541 20.43 4.38 38.14
N PHE C 542 19.27 3.69 38.02
CA PHE C 542 18.74 2.82 39.06
C PHE C 542 19.57 1.55 39.22
N VAL C 543 19.90 0.87 38.09
CA VAL C 543 20.70 -0.37 38.08
C VAL C 543 22.11 -0.04 38.60
N GLY C 544 22.66 1.10 38.17
CA GLY C 544 23.96 1.60 38.58
C GLY C 544 24.07 1.84 40.08
N ALA C 545 22.98 2.36 40.68
CA ALA C 545 22.87 2.63 42.12
C ALA C 545 22.82 1.32 42.92
N ALA C 546 22.21 0.26 42.33
CA ALA C 546 22.10 -1.06 42.93
C ALA C 546 23.46 -1.78 42.92
N ILE C 547 24.30 -1.47 41.92
CA ILE C 547 25.67 -1.99 41.76
C ILE C 547 26.55 -1.34 42.85
N ASP C 548 26.28 -0.05 43.16
CA ASP C 548 26.97 0.70 44.21
C ASP C 548 26.61 0.13 45.59
N TYR C 549 25.37 -0.34 45.76
CA TYR C 549 24.85 -0.97 46.97
C TYR C 549 25.53 -2.34 47.19
N LYS C 550 25.79 -3.09 46.08
CA LYS C 550 26.45 -4.40 46.08
C LYS C 550 27.84 -4.32 46.71
N ALA C 551 28.56 -3.22 46.38
CA ALA C 551 29.88 -2.87 46.88
C ALA C 551 29.77 -2.30 48.29
N GLY C 552 30.87 -2.39 49.05
CA GLY C 552 30.93 -1.91 50.42
C GLY C 552 30.18 -2.80 51.40
N GLU C 553 29.81 -4.02 50.95
CA GLU C 553 29.10 -5.02 51.73
C GLU C 553 29.93 -6.33 51.77
N LEU C 554 31.27 -6.21 51.66
CA LEU C 554 32.21 -7.33 51.67
C LEU C 554 33.40 -7.03 52.59
N THR D 8 -44.03 -33.57 26.93
CA THR D 8 -42.78 -33.94 26.27
C THR D 8 -41.86 -32.73 26.07
N ALA D 9 -40.53 -32.97 26.04
CA ALA D 9 -39.50 -31.95 25.87
C ALA D 9 -39.56 -31.31 24.49
N THR D 10 -39.23 -29.99 24.42
CA THR D 10 -39.23 -29.20 23.19
C THR D 10 -38.10 -29.67 22.27
N LYS D 11 -38.43 -29.95 21.00
CA LYS D 11 -37.50 -30.43 19.98
C LYS D 11 -37.00 -29.26 19.11
N HIS D 12 -35.79 -29.40 18.55
CA HIS D 12 -35.18 -28.39 17.69
C HIS D 12 -34.78 -29.00 16.34
N LEU D 13 -35.28 -28.41 15.24
CA LEU D 13 -34.97 -28.85 13.88
C LEU D 13 -34.17 -27.76 13.17
N PHE D 14 -32.97 -28.10 12.66
CA PHE D 14 -32.12 -27.14 11.95
C PHE D 14 -32.11 -27.39 10.46
N VAL D 15 -32.45 -26.36 9.66
CA VAL D 15 -32.47 -26.44 8.20
C VAL D 15 -31.26 -25.68 7.66
N SER D 16 -30.33 -26.40 7.01
CA SER D 16 -29.10 -25.85 6.44
C SER D 16 -29.12 -25.95 4.92
N GLY D 17 -28.57 -24.94 4.26
CA GLY D 17 -28.52 -24.88 2.80
C GLY D 17 -27.10 -24.90 2.28
N GLY D 18 -26.88 -25.68 1.23
CA GLY D 18 -25.58 -25.81 0.60
C GLY D 18 -25.56 -25.59 -0.89
N VAL D 19 -24.34 -25.61 -1.48
CA VAL D 19 -24.01 -25.42 -2.89
C VAL D 19 -24.56 -24.07 -3.41
N ALA D 20 -25.69 -24.09 -4.15
CA ALA D 20 -26.32 -22.89 -4.71
C ALA D 20 -27.28 -22.24 -3.70
N SER D 21 -27.59 -20.95 -3.92
CA SER D 21 -28.50 -20.17 -3.08
C SER D 21 -29.84 -19.95 -3.80
N SER D 22 -30.88 -19.50 -3.05
CA SER D 22 -32.25 -19.22 -3.52
C SER D 22 -32.91 -20.49 -4.14
N LEU D 23 -32.60 -21.67 -3.55
CA LEU D 23 -33.13 -22.98 -3.95
C LEU D 23 -34.60 -23.12 -3.57
N GLY D 24 -34.98 -22.42 -2.50
CA GLY D 24 -36.31 -22.44 -1.92
C GLY D 24 -36.26 -22.94 -0.49
N LYS D 25 -35.16 -22.61 0.24
CA LYS D 25 -34.88 -23.00 1.63
C LYS D 25 -36.00 -22.56 2.58
N GLY D 26 -36.54 -21.35 2.36
CA GLY D 26 -37.64 -20.79 3.14
C GLY D 26 -38.95 -21.52 2.96
N LEU D 27 -39.27 -21.87 1.70
CA LEU D 27 -40.49 -22.59 1.32
C LEU D 27 -40.43 -24.07 1.74
N THR D 28 -39.24 -24.70 1.66
CA THR D 28 -39.01 -26.10 2.03
C THR D 28 -39.21 -26.27 3.54
N ALA D 29 -38.71 -25.32 4.34
CA ALA D 29 -38.82 -25.31 5.79
C ALA D 29 -40.26 -25.04 6.24
N SER D 30 -40.94 -24.06 5.59
CA SER D 30 -42.33 -23.67 5.88
C SER D 30 -43.32 -24.82 5.60
N SER D 31 -43.08 -25.58 4.52
CA SER D 31 -43.90 -26.72 4.11
C SER D 31 -43.83 -27.85 5.13
N LEU D 32 -42.64 -28.05 5.74
CA LEU D 32 -42.42 -29.05 6.80
C LEU D 32 -43.16 -28.59 8.07
N GLY D 33 -43.14 -27.28 8.32
CA GLY D 33 -43.82 -26.63 9.42
C GLY D 33 -45.33 -26.76 9.31
N GLN D 34 -45.84 -26.74 8.06
CA GLN D 34 -47.26 -26.90 7.73
C GLN D 34 -47.70 -28.33 8.04
N LEU D 35 -46.90 -29.34 7.65
CA LEU D 35 -47.16 -30.76 7.86
C LEU D 35 -47.18 -31.13 9.34
N LEU D 36 -46.22 -30.60 10.12
CA LEU D 36 -46.10 -30.86 11.55
C LEU D 36 -47.25 -30.23 12.34
N THR D 37 -47.74 -29.04 11.91
CA THR D 37 -48.87 -28.35 12.55
C THR D 37 -50.17 -29.12 12.20
N ALA D 38 -50.26 -29.64 10.96
CA ALA D 38 -51.39 -30.43 10.47
C ALA D 38 -51.47 -31.80 11.18
N ARG D 39 -50.33 -32.27 11.73
CA ARG D 39 -50.22 -33.50 12.51
C ARG D 39 -50.63 -33.25 13.98
N GLY D 40 -50.96 -32.00 14.29
CA GLY D 40 -51.41 -31.56 15.61
C GLY D 40 -50.28 -31.27 16.59
N LEU D 41 -49.33 -30.41 16.18
CA LEU D 41 -48.18 -30.04 17.00
C LEU D 41 -47.96 -28.52 17.02
N HIS D 42 -47.52 -27.99 18.18
CA HIS D 42 -47.21 -26.57 18.37
C HIS D 42 -45.85 -26.30 17.72
N VAL D 43 -45.86 -25.64 16.56
CA VAL D 43 -44.66 -25.36 15.77
C VAL D 43 -44.40 -23.85 15.69
N THR D 44 -43.18 -23.44 16.08
CA THR D 44 -42.70 -22.05 15.98
C THR D 44 -41.45 -22.08 15.10
N MET D 45 -41.25 -21.03 14.28
CA MET D 45 -40.12 -21.01 13.35
C MET D 45 -39.21 -19.79 13.53
N GLN D 46 -37.90 -20.02 13.36
CA GLN D 46 -36.84 -19.02 13.50
C GLN D 46 -35.96 -18.97 12.24
N LYS D 47 -35.50 -17.78 11.86
CA LYS D 47 -34.61 -17.55 10.72
C LYS D 47 -33.32 -16.87 11.19
N LEU D 48 -32.18 -17.54 10.95
CA LEU D 48 -30.84 -17.03 11.27
C LEU D 48 -30.24 -16.42 10.01
N ASP D 49 -30.21 -15.07 9.94
CA ASP D 49 -29.67 -14.36 8.79
C ASP D 49 -28.18 -14.08 8.97
N PRO D 50 -27.32 -14.48 8.00
CA PRO D 50 -25.89 -14.25 8.17
C PRO D 50 -25.42 -12.83 7.82
N TYR D 51 -26.37 -11.86 7.64
CA TYR D 51 -25.98 -10.48 7.34
C TYR D 51 -25.78 -9.66 8.63
N LEU D 52 -24.92 -8.64 8.56
CA LEU D 52 -24.53 -7.74 9.64
C LEU D 52 -25.51 -6.57 9.88
N ASN D 53 -26.67 -6.55 9.20
CA ASN D 53 -27.66 -5.50 9.42
C ASN D 53 -28.48 -5.82 10.67
N VAL D 54 -28.50 -4.89 11.64
CA VAL D 54 -29.24 -5.01 12.91
C VAL D 54 -30.74 -5.07 12.59
N ASP D 55 -31.24 -4.14 11.75
CA ASP D 55 -32.61 -4.06 11.30
C ASP D 55 -32.65 -4.05 9.76
N PRO D 56 -33.38 -4.98 9.10
CA PRO D 56 -33.42 -4.96 7.63
C PRO D 56 -34.19 -3.76 7.05
N GLY D 57 -34.61 -2.84 7.93
CA GLY D 57 -35.33 -1.62 7.57
C GLY D 57 -34.49 -0.61 6.80
N THR D 58 -33.15 -0.70 6.95
CA THR D 58 -32.18 0.17 6.27
C THR D 58 -31.90 -0.33 4.84
N MET D 59 -32.13 -1.64 4.58
CA MET D 59 -31.92 -2.29 3.29
C MET D 59 -32.91 -1.82 2.23
N ASN D 60 -32.51 -1.91 0.94
CA ASN D 60 -33.36 -1.54 -0.19
C ASN D 60 -34.38 -2.67 -0.44
N PRO D 61 -35.69 -2.39 -0.37
CA PRO D 61 -36.68 -3.47 -0.56
C PRO D 61 -36.78 -3.97 -2.00
N PHE D 62 -36.39 -3.13 -2.98
CA PHE D 62 -36.43 -3.47 -4.40
C PHE D 62 -35.16 -4.20 -4.87
N GLN D 63 -34.24 -4.51 -3.93
CA GLN D 63 -32.99 -5.20 -4.22
C GLN D 63 -32.82 -6.47 -3.39
N HIS D 64 -33.29 -6.47 -2.13
CA HIS D 64 -33.11 -7.60 -1.21
C HIS D 64 -34.43 -8.19 -0.68
N GLY D 65 -35.56 -7.57 -1.04
CA GLY D 65 -36.89 -8.03 -0.64
C GLY D 65 -37.59 -7.18 0.39
N GLU D 66 -38.91 -7.38 0.54
CA GLU D 66 -39.78 -6.67 1.47
C GLU D 66 -39.40 -6.86 2.94
N VAL D 67 -39.74 -5.86 3.78
CA VAL D 67 -39.48 -5.86 5.21
C VAL D 67 -40.78 -6.25 5.92
N PHE D 68 -40.80 -7.45 6.53
CA PHE D 68 -41.96 -7.98 7.26
C PHE D 68 -42.05 -7.38 8.66
N VAL D 69 -43.27 -7.04 9.10
CA VAL D 69 -43.53 -6.47 10.42
C VAL D 69 -44.38 -7.46 11.23
N THR D 70 -43.93 -7.80 12.45
CA THR D 70 -44.62 -8.71 13.36
C THR D 70 -45.59 -7.92 14.26
N GLU D 71 -46.44 -8.64 15.04
CA GLU D 71 -47.43 -8.04 15.95
C GLU D 71 -46.78 -7.17 17.03
N ASP D 72 -45.59 -7.57 17.52
CA ASP D 72 -44.83 -6.84 18.56
C ASP D 72 -44.15 -5.57 18.02
N GLY D 73 -44.07 -5.43 16.70
CA GLY D 73 -43.49 -4.27 16.04
C GLY D 73 -42.03 -4.37 15.70
N ALA D 74 -41.61 -5.53 15.18
CA ALA D 74 -40.23 -5.76 14.81
C ALA D 74 -40.07 -5.90 13.30
N GLU D 75 -39.04 -5.24 12.74
CA GLU D 75 -38.73 -5.29 11.31
C GLU D 75 -37.88 -6.53 11.07
N THR D 76 -38.44 -7.53 10.36
CA THR D 76 -37.80 -8.82 10.10
C THR D 76 -37.71 -9.13 8.60
N ASP D 77 -36.99 -10.22 8.24
CA ASP D 77 -36.81 -10.70 6.86
C ASP D 77 -38.14 -11.22 6.29
N LEU D 78 -38.27 -11.27 4.95
CA LEU D 78 -39.48 -11.74 4.26
C LEU D 78 -39.74 -13.25 4.47
N ASP D 79 -38.73 -14.00 4.97
CA ASP D 79 -38.85 -15.44 5.26
C ASP D 79 -39.81 -15.69 6.44
N VAL D 80 -39.93 -14.70 7.36
CA VAL D 80 -40.82 -14.73 8.53
C VAL D 80 -42.28 -14.77 8.02
N GLY D 81 -42.53 -14.05 6.91
CA GLY D 81 -43.82 -14.00 6.24
C GLY D 81 -44.26 -15.36 5.72
N HIS D 82 -43.30 -16.13 5.15
CA HIS D 82 -43.53 -17.48 4.64
C HIS D 82 -43.90 -18.43 5.79
N TYR D 83 -43.24 -18.24 6.96
CA TYR D 83 -43.48 -19.04 8.15
C TYR D 83 -44.88 -18.77 8.71
N GLU D 84 -45.24 -17.48 8.91
CA GLU D 84 -46.53 -17.04 9.43
C GLU D 84 -47.71 -17.51 8.56
N ARG D 85 -47.55 -17.51 7.23
CA ARG D 85 -48.58 -17.91 6.27
C ARG D 85 -48.81 -19.43 6.28
N PHE D 86 -47.73 -20.22 6.37
CA PHE D 86 -47.78 -21.69 6.38
C PHE D 86 -48.15 -22.28 7.75
N LEU D 87 -48.08 -21.47 8.83
CA LEU D 87 -48.41 -21.93 10.19
C LEU D 87 -49.74 -21.34 10.72
N ASP D 88 -50.16 -20.17 10.19
CA ASP D 88 -51.36 -19.39 10.58
C ASP D 88 -51.19 -18.80 12.00
N ARG D 89 -49.96 -18.89 12.55
CA ARG D 89 -49.57 -18.42 13.89
C ARG D 89 -48.76 -17.12 13.81
N ASN D 90 -48.97 -16.20 14.77
CA ASN D 90 -48.24 -14.94 14.87
C ASN D 90 -46.89 -15.19 15.53
N LEU D 91 -45.80 -14.77 14.86
CA LEU D 91 -44.44 -14.96 15.35
C LEU D 91 -43.87 -13.74 16.09
N PRO D 92 -42.96 -13.92 17.08
CA PRO D 92 -42.41 -12.75 17.78
C PRO D 92 -41.20 -12.15 17.04
N GLY D 93 -40.62 -11.09 17.61
CA GLY D 93 -39.44 -10.42 17.06
C GLY D 93 -38.17 -11.25 17.17
N SER D 94 -38.14 -12.16 18.17
CA SER D 94 -37.04 -13.08 18.46
C SER D 94 -36.85 -14.13 17.35
N ALA D 95 -37.86 -14.30 16.46
CA ALA D 95 -37.86 -15.25 15.34
C ALA D 95 -36.83 -14.88 14.24
N ASN D 96 -36.28 -13.65 14.29
CA ASN D 96 -35.28 -13.20 13.34
C ASN D 96 -34.02 -12.80 14.09
N VAL D 97 -32.92 -13.55 13.87
CA VAL D 97 -31.62 -13.30 14.51
C VAL D 97 -30.59 -13.06 13.41
N THR D 98 -29.88 -11.92 13.49
CA THR D 98 -28.88 -11.53 12.50
C THR D 98 -27.49 -11.41 13.14
N THR D 99 -26.42 -11.40 12.30
CA THR D 99 -25.02 -11.26 12.72
C THR D 99 -24.82 -9.88 13.37
N GLY D 100 -25.56 -8.89 12.87
CA GLY D 100 -25.55 -7.51 13.36
C GLY D 100 -26.04 -7.36 14.79
N GLN D 101 -27.03 -8.17 15.18
CA GLN D 101 -27.61 -8.15 16.54
C GLN D 101 -26.66 -8.82 17.53
N VAL D 102 -26.22 -10.06 17.22
CA VAL D 102 -25.33 -10.90 18.02
C VAL D 102 -24.02 -10.16 18.35
N TYR D 103 -23.26 -9.73 17.31
CA TYR D 103 -21.98 -9.04 17.46
C TYR D 103 -22.11 -7.70 18.20
N SER D 104 -23.22 -6.97 18.00
CA SER D 104 -23.45 -5.68 18.66
C SER D 104 -23.71 -5.86 20.17
N THR D 105 -24.50 -6.89 20.54
CA THR D 105 -24.88 -7.20 21.93
C THR D 105 -23.66 -7.56 22.79
N VAL D 106 -22.80 -8.47 22.30
CA VAL D 106 -21.62 -8.98 23.01
C VAL D 106 -20.52 -7.86 23.11
N ILE D 107 -20.35 -7.02 22.06
CA ILE D 107 -19.36 -5.92 22.07
C ILE D 107 -19.81 -4.85 23.08
N ALA D 108 -21.14 -4.59 23.17
CA ALA D 108 -21.73 -3.64 24.13
C ALA D 108 -21.49 -4.10 25.57
N LYS D 109 -21.63 -5.42 25.84
CA LYS D 109 -21.40 -6.05 27.15
C LYS D 109 -19.92 -5.96 27.53
N GLU D 110 -19.02 -6.08 26.54
CA GLU D 110 -17.56 -6.00 26.70
C GLU D 110 -17.16 -4.59 27.15
N ARG D 111 -17.77 -3.54 26.55
CA ARG D 111 -17.51 -2.14 26.86
C ARG D 111 -17.98 -1.80 28.28
N ARG D 112 -19.06 -2.45 28.75
CA ARG D 112 -19.58 -2.30 30.11
C ARG D 112 -18.64 -2.99 31.11
N GLY D 113 -17.84 -3.94 30.62
CA GLY D 113 -16.90 -4.73 31.40
C GLY D 113 -17.57 -5.89 32.12
N GLU D 114 -18.68 -6.36 31.56
CA GLU D 114 -19.51 -7.45 32.10
C GLU D 114 -18.81 -8.82 32.02
N TYR D 115 -17.86 -9.00 31.07
CA TYR D 115 -17.11 -10.25 30.94
C TYR D 115 -15.93 -10.31 31.94
N LEU D 116 -15.69 -9.17 32.63
CA LEU D 116 -14.72 -8.95 33.72
C LEU D 116 -13.30 -9.46 33.41
N GLY D 117 -12.54 -8.64 32.68
CA GLY D 117 -11.16 -8.90 32.28
C GLY D 117 -10.89 -10.20 31.55
N ASP D 118 -11.73 -10.54 30.56
CA ASP D 118 -11.62 -11.78 29.79
C ASP D 118 -11.48 -11.49 28.30
N THR D 119 -10.78 -12.40 27.59
CA THR D 119 -10.59 -12.33 26.14
C THR D 119 -11.90 -12.76 25.46
N VAL D 120 -12.70 -11.77 25.02
CA VAL D 120 -13.99 -12.00 24.35
C VAL D 120 -13.68 -12.55 22.95
N GLN D 121 -14.00 -13.83 22.72
CA GLN D 121 -13.75 -14.54 21.46
C GLN D 121 -15.06 -14.91 20.77
N VAL D 122 -14.99 -15.48 19.55
CA VAL D 122 -16.19 -15.93 18.82
C VAL D 122 -16.74 -17.17 19.55
N ILE D 123 -15.83 -18.04 20.03
CA ILE D 123 -16.20 -19.21 20.82
C ILE D 123 -15.58 -19.01 22.22
N PRO D 124 -16.40 -18.96 23.30
CA PRO D 124 -17.85 -19.21 23.36
C PRO D 124 -18.77 -17.98 23.26
N HIS D 125 -18.31 -16.79 23.69
CA HIS D 125 -19.04 -15.51 23.77
C HIS D 125 -20.07 -15.24 22.63
N ILE D 126 -19.69 -15.43 21.35
CA ILE D 126 -20.59 -15.18 20.21
C ILE D 126 -21.57 -16.36 20.05
N THR D 127 -21.05 -17.61 20.01
CA THR D 127 -21.82 -18.84 19.83
C THR D 127 -22.87 -19.01 20.94
N ASP D 128 -22.52 -18.65 22.20
CA ASP D 128 -23.40 -18.70 23.37
C ASP D 128 -24.55 -17.72 23.24
N GLU D 129 -24.30 -16.55 22.60
CA GLU D 129 -25.31 -15.52 22.36
C GLU D 129 -26.32 -16.04 21.32
N ILE D 130 -25.85 -16.73 20.26
CA ILE D 130 -26.71 -17.34 19.23
C ILE D 130 -27.48 -18.50 19.88
N LYS D 131 -26.78 -19.31 20.72
CA LYS D 131 -27.32 -20.45 21.47
C LYS D 131 -28.49 -20.01 22.37
N ARG D 132 -28.33 -18.84 23.04
CA ARG D 132 -29.32 -18.24 23.92
C ARG D 132 -30.58 -17.85 23.15
N ARG D 133 -30.40 -17.29 21.93
CA ARG D 133 -31.49 -16.85 21.06
C ARG D 133 -32.26 -18.03 20.45
N ILE D 134 -31.59 -19.19 20.24
CA ILE D 134 -32.22 -20.41 19.69
C ILE D 134 -33.07 -21.05 20.79
N LEU D 135 -32.50 -21.20 22.01
CA LEU D 135 -33.16 -21.78 23.18
C LEU D 135 -34.27 -20.86 23.74
N ALA D 136 -34.28 -19.57 23.33
CA ALA D 136 -35.29 -18.59 23.74
C ALA D 136 -36.67 -18.89 23.14
N MET D 137 -36.69 -19.55 21.97
CA MET D 137 -37.92 -19.94 21.27
C MET D 137 -38.66 -21.05 22.00
N ALA D 138 -37.92 -21.90 22.75
CA ALA D 138 -38.44 -23.02 23.52
C ALA D 138 -39.23 -22.56 24.76
N GLN D 139 -39.05 -21.28 25.18
CA GLN D 139 -39.74 -20.68 26.33
C GLN D 139 -41.26 -20.58 26.09
N PRO D 140 -42.12 -20.71 27.13
CA PRO D 140 -43.57 -20.65 26.90
C PRO D 140 -44.06 -19.28 26.41
N ASP D 141 -44.91 -19.31 25.37
CA ASP D 141 -45.50 -18.14 24.72
C ASP D 141 -46.74 -17.63 25.50
N ALA D 142 -47.56 -16.76 24.87
CA ALA D 142 -48.78 -16.18 25.44
C ALA D 142 -49.75 -17.28 25.90
N ASP D 143 -50.37 -17.07 27.08
CA ASP D 143 -51.30 -17.97 27.78
C ASP D 143 -50.55 -19.19 28.36
N GLY D 144 -49.21 -19.11 28.41
CA GLY D 144 -48.31 -20.12 28.94
C GLY D 144 -48.26 -21.41 28.15
N ASN D 145 -48.03 -21.32 26.82
CA ASN D 145 -47.96 -22.48 25.94
C ASN D 145 -46.55 -22.66 25.38
N ARG D 146 -45.92 -23.81 25.71
CA ARG D 146 -44.58 -24.19 25.28
C ARG D 146 -44.65 -24.94 23.94
N PRO D 147 -43.81 -24.59 22.93
CA PRO D 147 -43.90 -25.29 21.63
C PRO D 147 -43.37 -26.72 21.67
N ASP D 148 -43.84 -27.56 20.72
CA ASP D 148 -43.44 -28.97 20.59
C ASP D 148 -42.13 -29.07 19.80
N VAL D 149 -42.04 -28.38 18.66
CA VAL D 149 -40.85 -28.38 17.81
C VAL D 149 -40.55 -26.95 17.31
N VAL D 150 -39.24 -26.59 17.29
CA VAL D 150 -38.75 -25.29 16.86
C VAL D 150 -37.89 -25.49 15.59
N ILE D 151 -38.37 -24.99 14.45
CA ILE D 151 -37.62 -25.10 13.19
C ILE D 151 -36.79 -23.83 13.00
N THR D 152 -35.46 -23.97 13.09
CA THR D 152 -34.50 -22.88 12.96
C THR D 152 -33.77 -23.01 11.63
N GLU D 153 -33.94 -22.02 10.73
CA GLU D 153 -33.32 -22.02 9.41
C GLU D 153 -31.99 -21.27 9.46
N ILE D 154 -30.90 -21.95 9.07
CA ILE D 154 -29.56 -21.35 9.04
C ILE D 154 -29.30 -20.80 7.63
N GLY D 155 -29.43 -19.48 7.50
CA GLY D 155 -29.22 -18.76 6.25
C GLY D 155 -27.78 -18.78 5.78
N GLY D 156 -27.59 -18.71 4.46
CA GLY D 156 -26.28 -18.74 3.84
C GLY D 156 -25.80 -20.15 3.54
N THR D 157 -24.86 -20.26 2.58
CA THR D 157 -24.28 -21.54 2.14
C THR D 157 -23.38 -22.13 3.23
N VAL D 158 -23.42 -23.46 3.41
CA VAL D 158 -22.60 -24.19 4.37
C VAL D 158 -21.16 -24.17 3.85
N GLY D 159 -20.29 -23.48 4.58
CA GLY D 159 -18.89 -23.30 4.22
C GLY D 159 -18.46 -21.85 4.17
N ASP D 160 -19.45 -20.92 4.23
CA ASP D 160 -19.21 -19.48 4.22
C ASP D 160 -18.62 -19.03 5.57
N ILE D 161 -17.90 -17.90 5.55
CA ILE D 161 -17.28 -17.32 6.75
C ILE D 161 -18.41 -16.72 7.63
N GLU D 162 -19.45 -16.16 7.00
CA GLU D 162 -20.60 -15.55 7.67
C GLU D 162 -21.53 -16.59 8.33
N SER D 163 -21.63 -17.81 7.77
CA SER D 163 -22.49 -18.88 8.29
C SER D 163 -21.80 -19.74 9.38
N GLN D 164 -20.46 -19.65 9.50
CA GLN D 164 -19.61 -20.39 10.45
C GLN D 164 -20.07 -20.25 11.93
N PRO D 165 -20.36 -19.05 12.52
CA PRO D 165 -20.74 -19.02 13.94
C PRO D 165 -22.12 -19.63 14.24
N PHE D 166 -23.09 -19.50 13.32
CA PHE D 166 -24.45 -20.03 13.47
C PHE D 166 -24.45 -21.56 13.47
N LEU D 167 -23.67 -22.19 12.55
CA LEU D 167 -23.55 -23.64 12.43
C LEU D 167 -22.87 -24.24 13.68
N GLU D 168 -21.85 -23.55 14.22
CA GLU D 168 -21.13 -23.95 15.43
C GLU D 168 -22.07 -23.86 16.65
N ALA D 169 -22.95 -22.85 16.66
CA ALA D 169 -23.96 -22.64 17.71
C ALA D 169 -25.02 -23.73 17.66
N ALA D 170 -25.41 -24.17 16.43
CA ALA D 170 -26.39 -25.23 16.22
C ALA D 170 -25.82 -26.57 16.68
N ARG D 171 -24.49 -26.75 16.49
CA ARG D 171 -23.73 -27.93 16.90
C ARG D 171 -23.65 -27.97 18.43
N GLN D 172 -23.51 -26.79 19.06
CA GLN D 172 -23.43 -26.63 20.52
C GLN D 172 -24.80 -26.91 21.17
N VAL D 173 -25.91 -26.68 20.42
CA VAL D 173 -27.28 -26.95 20.86
C VAL D 173 -27.50 -28.47 20.88
N ARG D 174 -27.01 -29.19 19.84
CA ARG D 174 -27.11 -30.65 19.68
C ARG D 174 -26.40 -31.39 20.82
N HIS D 175 -25.24 -30.88 21.27
CA HIS D 175 -24.44 -31.45 22.36
C HIS D 175 -25.11 -31.20 23.73
N TYR D 176 -25.68 -29.99 23.94
CA TYR D 176 -26.31 -29.56 25.17
C TYR D 176 -27.64 -30.30 25.47
N LEU D 177 -28.50 -30.49 24.45
CA LEU D 177 -29.81 -31.12 24.62
C LEU D 177 -29.79 -32.63 24.34
N GLY D 178 -29.09 -33.05 23.28
CA GLY D 178 -28.99 -34.45 22.90
C GLY D 178 -29.48 -34.75 21.50
N ARG D 179 -29.14 -35.94 20.98
CA ARG D 179 -29.51 -36.40 19.64
C ARG D 179 -31.03 -36.66 19.52
N GLU D 180 -31.66 -37.09 20.63
CA GLU D 180 -33.08 -37.40 20.70
C GLU D 180 -33.97 -36.14 20.64
N ASP D 181 -33.37 -34.95 20.92
CA ASP D 181 -34.09 -33.67 20.92
C ASP D 181 -33.69 -32.74 19.76
N VAL D 182 -32.56 -32.99 19.08
CA VAL D 182 -32.09 -32.12 17.98
C VAL D 182 -32.01 -32.92 16.67
N PHE D 183 -32.60 -32.36 15.60
CA PHE D 183 -32.64 -32.91 14.23
C PHE D 183 -31.93 -31.96 13.26
N PHE D 184 -31.18 -32.53 12.30
CA PHE D 184 -30.46 -31.74 11.29
C PHE D 184 -30.90 -32.10 9.87
N LEU D 185 -31.50 -31.13 9.17
CA LEU D 185 -31.98 -31.25 7.79
C LEU D 185 -31.08 -30.41 6.87
N HIS D 186 -30.61 -31.01 5.76
CA HIS D 186 -29.75 -30.32 4.81
C HIS D 186 -30.37 -30.30 3.41
N VAL D 187 -30.51 -29.10 2.84
CA VAL D 187 -31.07 -28.88 1.51
C VAL D 187 -29.92 -28.71 0.51
N SER D 188 -29.89 -29.56 -0.53
CA SER D 188 -28.86 -29.54 -1.57
C SER D 188 -29.46 -29.65 -2.97
N LEU D 189 -28.72 -29.15 -3.98
CA LEU D 189 -29.15 -29.15 -5.38
C LEU D 189 -28.52 -30.32 -6.16
N VAL D 190 -29.35 -31.00 -6.97
CA VAL D 190 -28.96 -32.10 -7.84
C VAL D 190 -29.14 -31.59 -9.29
N PRO D 191 -28.05 -31.16 -9.97
CA PRO D 191 -28.22 -30.62 -11.33
C PRO D 191 -28.28 -31.70 -12.41
N TYR D 192 -29.07 -31.43 -13.47
CA TYR D 192 -29.22 -32.32 -14.61
C TYR D 192 -28.37 -31.80 -15.76
N LEU D 193 -27.39 -32.62 -16.20
CA LEU D 193 -26.49 -32.27 -17.29
C LEU D 193 -27.07 -32.84 -18.59
N ALA D 194 -27.42 -31.94 -19.54
CA ALA D 194 -28.00 -32.28 -20.84
C ALA D 194 -27.06 -33.13 -21.72
N PRO D 195 -25.73 -32.83 -21.90
CA PRO D 195 -24.90 -33.70 -22.75
C PRO D 195 -24.51 -35.03 -22.08
N SER D 196 -24.32 -35.03 -20.74
CA SER D 196 -23.96 -36.22 -19.95
C SER D 196 -25.13 -37.20 -19.84
N GLY D 197 -26.35 -36.68 -19.88
CA GLY D 197 -27.60 -37.45 -19.80
C GLY D 197 -27.83 -38.13 -18.47
N GLU D 198 -27.24 -37.58 -17.39
CA GLU D 198 -27.37 -38.09 -16.03
C GLU D 198 -27.11 -36.99 -14.99
N LEU D 199 -27.72 -37.14 -13.81
CA LEU D 199 -27.64 -36.22 -12.67
C LEU D 199 -26.28 -36.32 -11.97
N LYS D 200 -25.81 -35.20 -11.38
CA LYS D 200 -24.52 -35.15 -10.68
C LYS D 200 -24.70 -35.23 -9.16
N THR D 201 -23.90 -36.11 -8.52
CA THR D 201 -23.92 -36.34 -7.07
C THR D 201 -22.81 -35.54 -6.36
N LYS D 202 -21.84 -35.01 -7.15
CA LYS D 202 -20.69 -34.23 -6.68
C LYS D 202 -21.09 -32.93 -5.90
N PRO D 203 -22.09 -32.10 -6.31
CA PRO D 203 -22.41 -30.90 -5.51
C PRO D 203 -23.03 -31.23 -4.15
N THR D 204 -23.74 -32.36 -4.06
CA THR D 204 -24.37 -32.83 -2.82
C THR D 204 -23.31 -33.44 -1.90
N GLN D 205 -22.38 -34.24 -2.46
CA GLN D 205 -21.29 -34.91 -1.74
C GLN D 205 -20.35 -33.89 -1.09
N HIS D 206 -19.97 -32.83 -1.84
CA HIS D 206 -19.07 -31.76 -1.37
C HIS D 206 -19.73 -30.88 -0.30
N SER D 207 -21.06 -30.70 -0.38
CA SER D 207 -21.82 -29.88 0.57
C SER D 207 -21.97 -30.58 1.92
N VAL D 208 -22.26 -31.90 1.92
CA VAL D 208 -22.43 -32.72 3.12
C VAL D 208 -21.06 -32.85 3.82
N ALA D 209 -19.97 -33.01 3.02
CA ALA D 209 -18.59 -33.10 3.52
C ALA D 209 -18.18 -31.81 4.26
N ALA D 210 -18.66 -30.64 3.77
CA ALA D 210 -18.42 -29.32 4.38
C ALA D 210 -19.18 -29.18 5.70
N LEU D 211 -20.36 -29.82 5.80
CA LEU D 211 -21.21 -29.84 7.00
C LEU D 211 -20.63 -30.83 8.02
N ARG D 212 -20.01 -31.92 7.54
CA ARG D 212 -19.40 -32.95 8.39
C ARG D 212 -18.03 -32.50 8.92
N SER D 213 -17.34 -31.61 8.18
CA SER D 213 -16.03 -31.07 8.55
C SER D 213 -16.14 -30.10 9.72
N ILE D 214 -17.28 -29.37 9.83
CA ILE D 214 -17.52 -28.41 10.91
C ILE D 214 -18.10 -29.14 12.15
N GLY D 215 -18.41 -30.43 11.99
CA GLY D 215 -18.89 -31.30 13.08
C GLY D 215 -20.38 -31.59 13.14
N ILE D 216 -21.10 -31.49 12.01
CA ILE D 216 -22.53 -31.76 11.98
C ILE D 216 -22.83 -32.94 11.04
N THR D 217 -23.50 -33.97 11.57
CA THR D 217 -23.93 -35.14 10.83
C THR D 217 -25.40 -34.93 10.44
N PRO D 218 -25.75 -34.87 9.12
CA PRO D 218 -27.16 -34.63 8.76
C PRO D 218 -28.05 -35.85 8.96
N ASP D 219 -29.26 -35.63 9.49
CA ASP D 219 -30.25 -36.69 9.76
C ASP D 219 -31.07 -36.99 8.50
N ALA D 220 -31.37 -35.96 7.69
CA ALA D 220 -32.13 -36.08 6.45
C ALA D 220 -31.59 -35.13 5.38
N LEU D 221 -31.72 -35.52 4.09
CA LEU D 221 -31.25 -34.73 2.96
C LEU D 221 -32.39 -34.40 1.99
N ILE D 222 -32.51 -33.11 1.63
CA ILE D 222 -33.52 -32.61 0.68
C ILE D 222 -32.82 -32.41 -0.66
N LEU D 223 -33.16 -33.23 -1.65
CA LEU D 223 -32.54 -33.15 -2.98
C LEU D 223 -33.42 -32.33 -3.93
N ARG D 224 -33.11 -31.02 -4.03
CA ARG D 224 -33.84 -30.09 -4.91
C ARG D 224 -33.38 -30.34 -6.35
N CYS D 225 -34.31 -30.80 -7.20
CA CYS D 225 -34.03 -31.15 -8.59
C CYS D 225 -35.21 -30.75 -9.51
N ASP D 226 -34.93 -30.62 -10.81
CA ASP D 226 -35.93 -30.28 -11.84
C ASP D 226 -36.77 -31.52 -12.18
N ARG D 227 -36.15 -32.71 -12.13
CA ARG D 227 -36.76 -34.01 -12.40
C ARG D 227 -36.81 -34.88 -11.13
N ASP D 228 -37.47 -36.04 -11.21
CA ASP D 228 -37.60 -36.99 -10.10
C ASP D 228 -36.27 -37.75 -9.93
N VAL D 229 -35.72 -37.75 -8.70
CA VAL D 229 -34.47 -38.44 -8.37
C VAL D 229 -34.78 -39.96 -8.25
N PRO D 230 -34.04 -40.85 -8.97
CA PRO D 230 -34.34 -42.30 -8.89
C PRO D 230 -33.98 -42.92 -7.53
N GLU D 231 -34.59 -44.09 -7.24
CA GLU D 231 -34.39 -44.85 -5.99
C GLU D 231 -32.98 -45.45 -5.90
N ALA D 232 -32.39 -45.82 -7.07
CA ALA D 232 -31.05 -46.41 -7.15
C ALA D 232 -29.96 -45.37 -6.88
N LEU D 233 -30.14 -44.13 -7.39
CA LEU D 233 -29.22 -43.01 -7.20
C LEU D 233 -29.29 -42.48 -5.76
N LYS D 234 -30.51 -42.47 -5.17
CA LYS D 234 -30.76 -42.02 -3.79
C LYS D 234 -30.08 -42.95 -2.78
N ASN D 235 -29.97 -44.26 -3.11
CA ASN D 235 -29.30 -45.27 -2.30
C ASN D 235 -27.78 -45.03 -2.25
N LYS D 236 -27.21 -44.61 -3.41
CA LYS D 236 -25.79 -44.31 -3.57
C LYS D 236 -25.39 -43.09 -2.75
N ILE D 237 -26.23 -42.02 -2.78
CA ILE D 237 -26.04 -40.76 -2.04
C ILE D 237 -26.15 -41.05 -0.52
N ALA D 238 -27.10 -41.92 -0.13
CA ALA D 238 -27.34 -42.33 1.26
C ALA D 238 -26.09 -42.96 1.88
N LEU D 239 -25.36 -43.77 1.10
CA LEU D 239 -24.12 -44.42 1.50
C LEU D 239 -22.95 -43.43 1.45
N MET D 240 -22.96 -42.56 0.41
CA MET D 240 -21.96 -41.53 0.13
C MET D 240 -21.92 -40.44 1.21
N CYS D 241 -23.08 -40.11 1.81
CA CYS D 241 -23.22 -39.04 2.80
C CYS D 241 -23.47 -39.59 4.23
N ASP D 242 -23.57 -40.93 4.38
CA ASP D 242 -23.82 -41.65 5.64
C ASP D 242 -25.12 -41.14 6.30
N VAL D 243 -26.18 -41.06 5.48
CA VAL D 243 -27.53 -40.63 5.85
C VAL D 243 -28.48 -41.80 5.57
N ASP D 244 -29.44 -42.06 6.47
CA ASP D 244 -30.43 -43.14 6.33
C ASP D 244 -31.19 -43.03 5.01
N ILE D 245 -31.41 -44.18 4.34
CA ILE D 245 -32.11 -44.28 3.05
C ILE D 245 -33.55 -43.71 3.15
N ASP D 246 -34.21 -43.89 4.31
CA ASP D 246 -35.55 -43.37 4.59
C ASP D 246 -35.54 -41.83 4.76
N GLY D 247 -34.36 -41.28 5.05
CA GLY D 247 -34.13 -39.85 5.24
C GLY D 247 -33.81 -39.07 3.98
N VAL D 248 -33.39 -39.76 2.90
CA VAL D 248 -33.08 -39.13 1.61
C VAL D 248 -34.41 -38.80 0.92
N ILE D 249 -34.69 -37.49 0.76
CA ILE D 249 -35.95 -36.99 0.19
C ILE D 249 -35.73 -36.34 -1.18
N SER D 250 -36.48 -36.79 -2.19
CA SER D 250 -36.47 -36.26 -3.55
C SER D 250 -37.55 -35.19 -3.66
N THR D 251 -37.14 -33.93 -3.84
CA THR D 251 -38.07 -32.80 -3.92
C THR D 251 -38.03 -32.20 -5.35
N PRO D 252 -38.87 -32.70 -6.29
CA PRO D 252 -38.88 -32.11 -7.64
C PRO D 252 -39.57 -30.75 -7.66
N ASP D 253 -39.33 -29.94 -8.70
CA ASP D 253 -39.92 -28.60 -8.84
C ASP D 253 -41.46 -28.69 -8.96
N ALA D 254 -42.16 -28.18 -7.93
CA ALA D 254 -43.62 -28.17 -7.83
C ALA D 254 -44.25 -27.04 -8.67
N PRO D 255 -45.48 -27.22 -9.22
CA PRO D 255 -46.09 -26.14 -10.02
C PRO D 255 -46.46 -24.92 -9.17
N SER D 256 -46.89 -25.14 -7.92
CA SER D 256 -47.27 -24.10 -6.97
C SER D 256 -46.50 -24.26 -5.64
N ILE D 257 -46.39 -23.17 -4.85
CA ILE D 257 -45.70 -23.17 -3.56
C ILE D 257 -46.52 -23.94 -2.50
N TYR D 258 -47.84 -24.08 -2.72
CA TYR D 258 -48.76 -24.78 -1.82
C TYR D 258 -48.77 -26.30 -2.12
N ASP D 259 -48.06 -26.74 -3.18
CA ASP D 259 -47.94 -28.14 -3.57
C ASP D 259 -46.78 -28.84 -2.84
N ILE D 260 -45.78 -28.07 -2.37
CA ILE D 260 -44.58 -28.54 -1.65
C ILE D 260 -44.94 -29.39 -0.39
N PRO D 261 -45.92 -29.01 0.50
CA PRO D 261 -46.22 -29.89 1.65
C PRO D 261 -46.71 -31.28 1.24
N LYS D 262 -47.43 -31.37 0.10
CA LYS D 262 -47.94 -32.62 -0.47
C LYS D 262 -46.80 -33.47 -1.03
N VAL D 263 -45.76 -32.81 -1.58
CA VAL D 263 -44.57 -33.44 -2.18
C VAL D 263 -43.73 -34.11 -1.06
N LEU D 264 -43.48 -33.38 0.04
CA LEU D 264 -42.70 -33.86 1.19
C LEU D 264 -43.44 -34.99 1.94
N HIS D 265 -44.79 -34.96 1.93
CA HIS D 265 -45.63 -35.98 2.56
C HIS D 265 -45.57 -37.29 1.78
N ARG D 266 -45.52 -37.21 0.44
CA ARG D 266 -45.42 -38.36 -0.47
C ARG D 266 -44.10 -39.10 -0.28
N GLU D 267 -43.03 -38.37 0.08
CA GLU D 267 -41.69 -38.91 0.35
C GLU D 267 -41.54 -39.39 1.80
N GLU D 268 -42.61 -39.15 2.63
CA GLU D 268 -42.73 -39.54 4.05
C GLU D 268 -41.64 -38.87 4.93
N LEU D 269 -41.35 -37.58 4.67
CA LEU D 269 -40.36 -36.81 5.45
C LEU D 269 -40.96 -36.43 6.82
N ASP D 270 -42.24 -35.98 6.82
CA ASP D 270 -42.98 -35.57 8.02
C ASP D 270 -43.07 -36.72 9.05
N ALA D 271 -43.31 -37.96 8.56
CA ALA D 271 -43.39 -39.15 9.40
C ALA D 271 -42.00 -39.56 9.93
N PHE D 272 -40.94 -39.32 9.11
CA PHE D 272 -39.56 -39.64 9.46
C PHE D 272 -39.06 -38.71 10.58
N VAL D 273 -39.44 -37.43 10.54
CA VAL D 273 -39.08 -36.39 11.51
C VAL D 273 -39.67 -36.74 12.90
N VAL D 274 -40.96 -37.14 12.92
CA VAL D 274 -41.71 -37.52 14.13
C VAL D 274 -41.08 -38.78 14.76
N ARG D 275 -40.74 -39.79 13.94
CA ARG D 275 -40.16 -41.06 14.36
C ARG D 275 -38.75 -40.90 14.94
N ARG D 276 -37.90 -40.04 14.32
CA ARG D 276 -36.52 -39.80 14.74
C ARG D 276 -36.46 -38.97 16.04
N LEU D 277 -37.32 -37.93 16.17
CA LEU D 277 -37.35 -37.05 17.34
C LEU D 277 -38.24 -37.62 18.47
N ASN D 278 -38.88 -38.80 18.24
CA ASN D 278 -39.78 -39.52 19.17
C ASN D 278 -40.98 -38.64 19.58
N LEU D 279 -41.46 -37.79 18.64
CA LEU D 279 -42.60 -36.88 18.82
C LEU D 279 -43.94 -37.66 18.83
N PRO D 280 -45.05 -37.11 19.41
CA PRO D 280 -46.32 -37.86 19.39
C PRO D 280 -46.88 -37.97 17.98
N PHE D 281 -47.13 -39.22 17.53
CA PHE D 281 -47.63 -39.50 16.18
C PHE D 281 -49.15 -39.35 16.09
N ARG D 282 -49.61 -38.71 15.00
CA ARG D 282 -51.00 -38.45 14.65
C ARG D 282 -51.08 -38.16 13.15
N ASP D 283 -52.06 -38.75 12.45
CA ASP D 283 -52.25 -38.59 11.00
C ASP D 283 -52.52 -37.12 10.60
N VAL D 284 -52.06 -36.75 9.39
CA VAL D 284 -52.19 -35.41 8.81
C VAL D 284 -53.65 -35.10 8.45
N ASP D 285 -54.17 -33.97 8.95
CA ASP D 285 -55.52 -33.50 8.66
C ASP D 285 -55.47 -32.57 7.45
N TRP D 286 -55.63 -33.16 6.25
CA TRP D 286 -55.57 -32.46 4.97
C TRP D 286 -56.86 -31.65 4.66
N THR D 287 -57.89 -31.75 5.53
CA THR D 287 -59.20 -31.08 5.40
C THR D 287 -59.09 -29.60 5.00
N GLU D 288 -58.18 -28.83 5.63
CA GLU D 288 -58.00 -27.40 5.37
C GLU D 288 -57.10 -27.13 4.14
N TRP D 289 -55.98 -27.87 4.00
CA TRP D 289 -55.02 -27.68 2.92
C TRP D 289 -55.57 -28.13 1.55
N ASP D 290 -56.40 -29.21 1.53
CA ASP D 290 -57.01 -29.72 0.29
C ASP D 290 -58.02 -28.73 -0.27
N ASP D 291 -58.72 -27.98 0.62
CA ASP D 291 -59.68 -26.94 0.28
C ASP D 291 -58.96 -25.78 -0.43
N LEU D 292 -57.74 -25.46 0.03
CA LEU D 292 -56.88 -24.41 -0.53
C LEU D 292 -56.37 -24.83 -1.91
N LEU D 293 -55.86 -26.08 -2.03
CA LEU D 293 -55.32 -26.65 -3.28
C LEU D 293 -56.38 -26.68 -4.39
N ARG D 294 -57.66 -26.92 -4.03
CA ARG D 294 -58.80 -26.93 -4.94
C ARG D 294 -59.06 -25.52 -5.48
N ARG D 295 -58.90 -24.50 -4.62
CA ARG D 295 -59.09 -23.09 -4.96
C ARG D 295 -57.92 -22.55 -5.82
N VAL D 296 -56.73 -23.20 -5.73
CA VAL D 296 -55.53 -22.83 -6.47
C VAL D 296 -55.55 -23.43 -7.89
N HIS D 297 -55.72 -24.76 -7.99
CA HIS D 297 -55.68 -25.50 -9.26
C HIS D 297 -56.99 -25.48 -10.05
N GLU D 298 -58.15 -25.26 -9.39
CA GLU D 298 -59.44 -25.24 -10.10
C GLU D 298 -60.17 -23.87 -9.94
N PRO D 299 -59.71 -22.78 -10.60
CA PRO D 299 -60.41 -21.49 -10.47
C PRO D 299 -61.56 -21.34 -11.47
N HIS D 300 -62.65 -20.69 -11.06
CA HIS D 300 -63.83 -20.50 -11.92
C HIS D 300 -63.76 -19.20 -12.74
N GLU D 301 -63.09 -18.17 -12.20
CA GLU D 301 -62.94 -16.86 -12.86
C GLU D 301 -61.47 -16.41 -12.89
N THR D 302 -61.16 -15.39 -13.71
CA THR D 302 -59.83 -14.79 -13.83
C THR D 302 -60.01 -13.27 -13.79
N VAL D 303 -59.44 -12.63 -12.75
CA VAL D 303 -59.54 -11.18 -12.54
C VAL D 303 -58.14 -10.53 -12.58
N ARG D 304 -58.01 -9.41 -13.32
CA ARG D 304 -56.76 -8.66 -13.47
C ARG D 304 -56.73 -7.49 -12.48
N ILE D 305 -55.72 -7.46 -11.60
CA ILE D 305 -55.58 -6.38 -10.62
C ILE D 305 -54.18 -5.76 -10.78
N ALA D 306 -54.12 -4.44 -11.00
CA ALA D 306 -52.89 -3.70 -11.19
C ALA D 306 -52.25 -3.31 -9.85
N LEU D 307 -50.92 -3.51 -9.75
CA LEU D 307 -50.11 -3.18 -8.58
C LEU D 307 -49.24 -1.97 -8.93
N VAL D 308 -49.73 -0.77 -8.61
CA VAL D 308 -49.06 0.50 -8.93
C VAL D 308 -47.90 0.73 -7.93
N GLY D 309 -46.77 0.09 -8.22
CA GLY D 309 -45.54 0.18 -7.43
C GLY D 309 -44.42 0.85 -8.18
N LYS D 310 -43.49 1.50 -7.43
CA LYS D 310 -42.33 2.24 -7.95
C LYS D 310 -41.48 1.38 -8.91
N TYR D 311 -41.21 0.11 -8.54
CA TYR D 311 -40.45 -0.82 -9.39
C TYR D 311 -41.34 -1.98 -9.84
N VAL D 312 -41.27 -2.32 -11.14
CA VAL D 312 -42.03 -3.38 -11.82
C VAL D 312 -41.18 -4.69 -11.93
N GLU D 313 -41.84 -5.85 -12.25
CA GLU D 313 -41.27 -7.19 -12.51
C GLU D 313 -40.72 -7.91 -11.26
N LEU D 314 -40.60 -7.24 -10.10
CA LEU D 314 -40.09 -7.89 -8.89
C LEU D 314 -41.22 -8.16 -7.90
N SER D 315 -41.52 -9.45 -7.70
CA SER D 315 -42.57 -9.94 -6.81
C SER D 315 -42.18 -9.85 -5.34
N ASP D 316 -40.89 -10.04 -5.00
CA ASP D 316 -40.36 -10.02 -3.63
C ASP D 316 -40.39 -8.62 -2.97
N ALA D 317 -40.56 -7.54 -3.76
CA ALA D 317 -40.65 -6.18 -3.21
C ALA D 317 -42.00 -5.97 -2.53
N TYR D 318 -43.05 -6.61 -3.07
CA TYR D 318 -44.43 -6.57 -2.58
C TYR D 318 -44.98 -8.02 -2.49
N LEU D 319 -44.20 -8.92 -1.84
CA LEU D 319 -44.50 -10.35 -1.70
C LEU D 319 -45.78 -10.60 -0.88
N SER D 320 -45.90 -9.98 0.31
CA SER D 320 -47.07 -10.14 1.18
C SER D 320 -48.33 -9.55 0.54
N VAL D 321 -48.17 -8.46 -0.24
CA VAL D 321 -49.25 -7.77 -0.97
C VAL D 321 -49.80 -8.71 -2.06
N ALA D 322 -48.91 -9.29 -2.88
CA ALA D 322 -49.25 -10.22 -3.97
C ALA D 322 -49.91 -11.49 -3.42
N GLU D 323 -49.39 -12.02 -2.28
CA GLU D 323 -49.92 -13.22 -1.61
C GLU D 323 -51.30 -12.96 -1.02
N ALA D 324 -51.56 -11.73 -0.53
CA ALA D 324 -52.85 -11.33 0.04
C ALA D 324 -53.89 -11.18 -1.05
N LEU D 325 -53.46 -10.74 -2.25
CA LEU D 325 -54.31 -10.57 -3.43
C LEU D 325 -54.79 -11.92 -3.96
N ARG D 326 -53.88 -12.92 -3.96
CA ARG D 326 -54.17 -14.29 -4.40
C ARG D 326 -55.09 -14.96 -3.37
N ALA D 327 -54.88 -14.68 -2.06
CA ALA D 327 -55.67 -15.20 -0.94
C ALA D 327 -57.12 -14.73 -1.02
N GLY D 328 -57.31 -13.46 -1.39
CA GLY D 328 -58.62 -12.86 -1.59
C GLY D 328 -59.37 -13.48 -2.76
N GLY D 329 -58.61 -13.87 -3.78
CA GLY D 329 -59.12 -14.53 -4.97
C GLY D 329 -59.60 -15.93 -4.72
N PHE D 330 -58.92 -16.67 -3.80
CA PHE D 330 -59.26 -18.04 -3.42
C PHE D 330 -60.62 -18.11 -2.73
N LYS D 331 -60.98 -17.08 -1.92
CA LYS D 331 -62.25 -16.97 -1.20
C LYS D 331 -63.43 -16.93 -2.19
N HIS D 332 -63.22 -16.28 -3.35
CA HIS D 332 -64.20 -16.16 -4.44
C HIS D 332 -64.02 -17.28 -5.47
N ARG D 333 -62.99 -18.15 -5.27
CA ARG D 333 -62.58 -19.28 -6.12
C ARG D 333 -62.26 -18.77 -7.55
N ALA D 334 -61.35 -17.78 -7.62
CA ALA D 334 -60.90 -17.12 -8.84
C ALA D 334 -59.40 -16.86 -8.84
N LYS D 335 -58.79 -16.87 -10.05
CA LYS D 335 -57.36 -16.62 -10.26
C LYS D 335 -57.12 -15.12 -10.41
N VAL D 336 -56.15 -14.58 -9.65
CA VAL D 336 -55.81 -13.15 -9.69
C VAL D 336 -54.54 -12.96 -10.51
N GLU D 337 -54.65 -12.22 -11.62
CA GLU D 337 -53.53 -11.91 -12.51
C GLU D 337 -53.00 -10.52 -12.14
N ILE D 338 -51.86 -10.48 -11.42
CA ILE D 338 -51.25 -9.24 -10.94
C ILE D 338 -50.55 -8.52 -12.11
N CYS D 339 -50.98 -7.28 -12.39
CA CYS D 339 -50.41 -6.44 -13.44
C CYS D 339 -49.43 -5.46 -12.80
N TRP D 340 -48.12 -5.74 -12.92
CA TRP D 340 -47.07 -4.93 -12.34
C TRP D 340 -46.91 -3.64 -13.15
N VAL D 341 -47.52 -2.55 -12.64
CA VAL D 341 -47.56 -1.22 -13.25
C VAL D 341 -46.60 -0.27 -12.52
N ALA D 342 -45.77 0.46 -13.29
CA ALA D 342 -44.82 1.44 -12.75
C ALA D 342 -45.58 2.72 -12.45
N SER D 343 -45.44 3.22 -11.20
CA SER D 343 -46.12 4.42 -10.70
C SER D 343 -45.82 5.67 -11.53
N ASP D 344 -44.54 5.87 -11.92
CA ASP D 344 -44.05 7.00 -12.72
C ASP D 344 -44.81 7.23 -14.03
N GLY D 345 -45.30 6.15 -14.64
CA GLY D 345 -46.06 6.19 -15.89
C GLY D 345 -47.47 6.73 -15.73
N CYS D 346 -48.04 6.63 -14.51
CA CYS D 346 -49.40 7.07 -14.20
C CYS D 346 -49.44 8.55 -13.75
N GLU D 347 -48.32 9.29 -13.86
CA GLU D 347 -48.21 10.71 -13.49
C GLU D 347 -49.20 11.56 -14.29
N THR D 348 -49.31 11.30 -15.61
CA THR D 348 -50.24 11.97 -16.53
C THR D 348 -51.53 11.14 -16.63
N THR D 349 -52.67 11.80 -16.90
CA THR D 349 -53.98 11.14 -17.02
C THR D 349 -54.03 10.23 -18.28
N SER D 350 -53.27 10.58 -19.34
CA SER D 350 -53.19 9.81 -20.59
C SER D 350 -52.39 8.53 -20.38
N GLY D 351 -51.29 8.63 -19.62
CA GLY D 351 -50.41 7.52 -19.30
C GLY D 351 -51.02 6.53 -18.34
N ALA D 352 -51.80 7.04 -17.35
CA ALA D 352 -52.50 6.23 -16.36
C ALA D 352 -53.60 5.40 -17.03
N ALA D 353 -54.29 5.98 -18.02
CA ALA D 353 -55.36 5.34 -18.79
C ALA D 353 -54.82 4.19 -19.64
N ALA D 354 -53.62 4.37 -20.22
CA ALA D 354 -52.96 3.38 -21.07
C ALA D 354 -52.44 2.19 -20.25
N ALA D 355 -52.07 2.44 -18.98
CA ALA D 355 -51.54 1.43 -18.07
C ALA D 355 -52.62 0.70 -17.26
N LEU D 356 -53.68 1.43 -16.85
CA LEU D 356 -54.77 0.86 -16.04
C LEU D 356 -56.09 0.69 -16.85
N GLY D 357 -55.97 0.53 -18.17
CA GLY D 357 -57.12 0.39 -19.05
C GLY D 357 -57.79 -0.96 -19.04
N ASP D 358 -57.02 -2.03 -19.32
CA ASP D 358 -57.50 -3.41 -19.41
C ASP D 358 -57.65 -4.11 -18.03
N VAL D 359 -57.26 -3.45 -16.92
CA VAL D 359 -57.35 -4.05 -15.58
C VAL D 359 -58.79 -3.97 -15.02
N HIS D 360 -59.08 -4.77 -13.98
CA HIS D 360 -60.38 -4.83 -13.30
C HIS D 360 -60.34 -4.22 -11.89
N GLY D 361 -59.14 -3.97 -11.38
CA GLY D 361 -58.90 -3.38 -10.06
C GLY D 361 -57.56 -2.69 -9.95
N VAL D 362 -57.47 -1.67 -9.07
CA VAL D 362 -56.25 -0.89 -8.85
C VAL D 362 -55.83 -0.96 -7.38
N LEU D 363 -54.56 -1.31 -7.12
CA LEU D 363 -54.01 -1.38 -5.76
C LEU D 363 -52.82 -0.42 -5.63
N ILE D 364 -52.81 0.38 -4.55
CA ILE D 364 -51.74 1.35 -4.26
C ILE D 364 -50.99 0.86 -2.99
N PRO D 365 -49.86 0.12 -3.16
CA PRO D 365 -49.14 -0.37 -1.98
C PRO D 365 -48.28 0.70 -1.32
N GLY D 366 -47.89 0.45 -0.08
CA GLY D 366 -47.06 1.34 0.71
C GLY D 366 -45.62 1.38 0.27
N GLY D 367 -45.15 2.59 -0.04
CA GLY D 367 -43.78 2.85 -0.47
C GLY D 367 -42.97 3.54 0.62
N PHE D 368 -42.08 2.78 1.27
CA PHE D 368 -41.24 3.31 2.35
C PHE D 368 -39.91 3.79 1.78
N GLY D 369 -39.60 5.08 2.02
CA GLY D 369 -38.39 5.73 1.57
C GLY D 369 -38.33 6.02 0.07
N ILE D 370 -39.50 6.01 -0.60
CA ILE D 370 -39.62 6.30 -2.04
C ILE D 370 -39.72 7.83 -2.25
N ARG D 371 -39.66 8.29 -3.52
CA ARG D 371 -39.73 9.71 -3.86
C ARG D 371 -40.87 10.02 -4.86
N GLY D 372 -41.19 9.07 -5.73
CA GLY D 372 -42.24 9.21 -6.74
C GLY D 372 -43.63 8.94 -6.20
N ILE D 373 -44.29 9.99 -5.70
CA ILE D 373 -45.64 9.92 -5.11
C ILE D 373 -46.72 10.36 -6.12
N GLU D 374 -46.40 11.35 -6.99
CA GLU D 374 -47.31 11.95 -7.99
C GLU D 374 -47.96 10.93 -8.95
N GLY D 375 -47.24 9.85 -9.23
CA GLY D 375 -47.74 8.77 -10.09
C GLY D 375 -48.84 7.96 -9.46
N LYS D 376 -48.71 7.65 -8.16
CA LYS D 376 -49.69 6.91 -7.36
C LYS D 376 -50.98 7.72 -7.19
N ILE D 377 -50.87 9.05 -7.05
CA ILE D 377 -51.99 9.98 -6.91
C ILE D 377 -52.77 10.01 -8.23
N GLY D 378 -52.04 10.05 -9.35
CA GLY D 378 -52.59 10.04 -10.70
C GLY D 378 -53.32 8.75 -11.07
N ALA D 379 -52.89 7.63 -10.46
CA ALA D 379 -53.48 6.29 -10.65
C ALA D 379 -54.86 6.23 -10.00
N ILE D 380 -55.02 6.87 -8.83
CA ILE D 380 -56.28 6.94 -8.07
C ILE D 380 -57.26 7.86 -8.84
N ALA D 381 -56.75 9.00 -9.35
CA ALA D 381 -57.51 9.99 -10.12
C ALA D 381 -58.19 9.37 -11.33
N TYR D 382 -57.48 8.46 -12.06
CA TYR D 382 -58.03 7.77 -13.22
C TYR D 382 -59.04 6.71 -12.78
N ALA D 383 -58.68 5.88 -11.77
CA ALA D 383 -59.51 4.80 -11.24
C ALA D 383 -60.86 5.31 -10.71
N ARG D 384 -60.87 6.54 -10.14
CA ARG D 384 -62.08 7.19 -9.64
C ARG D 384 -62.99 7.61 -10.80
N ALA D 385 -62.38 8.06 -11.91
CA ALA D 385 -63.10 8.50 -13.11
C ALA D 385 -63.62 7.31 -13.92
N ARG D 386 -62.80 6.25 -14.07
CA ARG D 386 -63.14 5.04 -14.82
C ARG D 386 -64.15 4.17 -14.05
N GLY D 387 -64.03 4.16 -12.72
CA GLY D 387 -64.89 3.40 -11.84
C GLY D 387 -64.29 2.09 -11.36
N LEU D 388 -62.94 2.05 -11.29
CA LEU D 388 -62.17 0.89 -10.86
C LEU D 388 -62.07 0.81 -9.32
N PRO D 389 -62.16 -0.39 -8.71
CA PRO D 389 -62.03 -0.50 -7.25
C PRO D 389 -60.62 -0.17 -6.80
N VAL D 390 -60.48 0.62 -5.73
CA VAL D 390 -59.17 1.07 -5.21
C VAL D 390 -58.94 0.57 -3.78
N LEU D 391 -57.77 -0.03 -3.53
CA LEU D 391 -57.32 -0.48 -2.22
C LEU D 391 -55.95 0.13 -1.95
N GLY D 392 -55.91 1.10 -1.05
CA GLY D 392 -54.70 1.81 -0.68
C GLY D 392 -54.13 1.35 0.64
N LEU D 393 -52.86 0.93 0.66
CA LEU D 393 -52.17 0.45 1.85
C LEU D 393 -51.10 1.44 2.27
N CYS D 394 -51.11 1.85 3.56
CA CYS D 394 -50.18 2.81 4.22
C CYS D 394 -50.09 4.12 3.42
N LEU D 395 -49.17 4.17 2.42
CA LEU D 395 -48.98 5.32 1.53
C LEU D 395 -50.20 5.49 0.62
N GLY D 396 -50.90 4.37 0.37
CA GLY D 396 -52.12 4.32 -0.43
C GLY D 396 -53.23 5.20 0.12
N LEU D 397 -53.46 5.12 1.45
CA LEU D 397 -54.45 5.95 2.17
C LEU D 397 -54.03 7.42 2.07
N GLN D 398 -52.72 7.69 2.27
CA GLN D 398 -52.12 9.02 2.20
C GLN D 398 -52.31 9.63 0.80
N CYS D 399 -52.17 8.81 -0.26
CA CYS D 399 -52.34 9.21 -1.66
C CYS D 399 -53.82 9.47 -2.01
N ILE D 400 -54.76 8.70 -1.41
CA ILE D 400 -56.21 8.87 -1.61
C ILE D 400 -56.61 10.24 -1.02
N VAL D 401 -56.09 10.56 0.19
CA VAL D 401 -56.33 11.80 0.93
C VAL D 401 -55.83 13.02 0.11
N ILE D 402 -54.60 12.93 -0.45
CA ILE D 402 -53.99 14.00 -1.27
C ILE D 402 -54.86 14.25 -2.52
N GLU D 403 -55.25 13.17 -3.25
CA GLU D 403 -56.10 13.21 -4.44
C GLU D 403 -57.48 13.80 -4.12
N ALA D 404 -58.04 13.45 -2.94
CA ALA D 404 -59.34 13.95 -2.47
C ALA D 404 -59.26 15.46 -2.22
N ALA D 405 -58.20 15.91 -1.51
CA ALA D 405 -57.95 17.32 -1.17
C ALA D 405 -57.69 18.17 -2.42
N ARG D 406 -56.99 17.59 -3.42
CA ARG D 406 -56.64 18.25 -4.68
C ARG D 406 -57.88 18.50 -5.55
N SER D 407 -58.81 17.53 -5.62
CA SER D 407 -60.04 17.61 -6.40
C SER D 407 -61.01 18.66 -5.84
N VAL D 408 -60.91 18.95 -4.52
CA VAL D 408 -61.74 19.96 -3.82
C VAL D 408 -61.26 21.37 -4.21
N GLY D 409 -59.98 21.52 -4.51
CA GLY D 409 -59.40 22.81 -4.88
C GLY D 409 -58.00 23.06 -4.37
N LEU D 410 -57.56 22.30 -3.35
CA LEU D 410 -56.22 22.42 -2.77
C LEU D 410 -55.19 21.79 -3.72
N THR D 411 -54.84 22.51 -4.81
CA THR D 411 -53.90 22.06 -5.84
C THR D 411 -52.49 21.84 -5.27
N ASN D 412 -52.09 22.62 -4.25
CA ASN D 412 -50.79 22.51 -3.62
C ASN D 412 -50.80 21.53 -2.42
N ALA D 413 -51.90 20.75 -2.23
CA ALA D 413 -51.96 19.77 -1.13
C ALA D 413 -51.10 18.56 -1.43
N ASN D 414 -50.17 18.25 -0.51
CA ASN D 414 -49.19 17.17 -0.60
C ASN D 414 -48.77 16.72 0.81
N SER D 415 -47.95 15.64 0.87
CA SER D 415 -47.40 15.10 2.12
C SER D 415 -46.10 15.82 2.45
N ALA D 416 -45.87 16.10 3.75
CA ALA D 416 -44.67 16.79 4.26
C ALA D 416 -43.39 15.95 4.05
N GLU D 417 -43.56 14.61 3.95
CA GLU D 417 -42.52 13.61 3.73
C GLU D 417 -41.83 13.79 2.37
N PHE D 418 -42.61 14.20 1.35
CA PHE D 418 -42.15 14.36 -0.03
C PHE D 418 -41.90 15.84 -0.37
N ASP D 419 -42.78 16.74 0.11
CA ASP D 419 -42.64 18.19 -0.09
C ASP D 419 -42.74 18.89 1.28
N PRO D 420 -41.61 19.26 1.91
CA PRO D 420 -41.69 19.88 3.25
C PRO D 420 -42.18 21.32 3.21
N ASP D 421 -41.94 22.03 2.10
CA ASP D 421 -42.34 23.43 1.96
C ASP D 421 -43.73 23.58 1.28
N THR D 422 -44.62 22.59 1.48
CA THR D 422 -45.98 22.63 0.95
C THR D 422 -46.85 23.57 1.82
N PRO D 423 -47.68 24.44 1.22
CA PRO D 423 -48.51 25.34 2.04
C PRO D 423 -49.73 24.63 2.63
N ASP D 424 -50.06 23.43 2.13
CA ASP D 424 -51.18 22.62 2.59
C ASP D 424 -50.74 21.17 2.90
N PRO D 425 -50.12 20.92 4.08
CA PRO D 425 -49.69 19.54 4.39
C PRO D 425 -50.83 18.73 4.99
N VAL D 426 -51.56 17.99 4.12
CA VAL D 426 -52.68 17.13 4.50
C VAL D 426 -52.16 15.86 5.22
N ILE D 427 -50.90 15.48 4.96
CA ILE D 427 -50.23 14.33 5.58
C ILE D 427 -48.97 14.87 6.28
N ALA D 428 -48.94 14.82 7.62
CA ALA D 428 -47.83 15.31 8.43
C ALA D 428 -47.65 14.51 9.72
N THR D 429 -46.47 14.64 10.36
CA THR D 429 -46.10 13.96 11.61
C THR D 429 -46.87 14.57 12.80
N MET D 430 -47.15 13.73 13.84
CA MET D 430 -47.88 14.05 15.07
C MET D 430 -49.29 14.57 14.79
N THR D 446 -44.00 9.07 17.79
CA THR D 446 -44.23 9.59 16.44
C THR D 446 -44.23 8.43 15.41
N MET D 447 -43.30 7.46 15.56
CA MET D 447 -43.19 6.29 14.69
C MET D 447 -44.07 5.16 15.23
N ARG D 448 -44.94 4.61 14.38
CA ARG D 448 -45.87 3.55 14.75
C ARG D 448 -45.43 2.20 14.15
N LEU D 449 -45.22 1.21 15.02
CA LEU D 449 -44.79 -0.15 14.63
C LEU D 449 -45.57 -1.21 15.41
N GLY D 450 -46.04 -2.22 14.68
CA GLY D 450 -46.80 -3.33 15.24
C GLY D 450 -48.30 -3.18 15.17
N SER D 451 -49.02 -4.04 15.91
CA SER D 451 -50.48 -4.04 15.95
C SER D 451 -51.01 -2.88 16.78
N TYR D 452 -51.90 -2.08 16.15
CA TYR D 452 -52.56 -0.92 16.77
C TYR D 452 -54.08 -1.09 16.68
N PRO D 453 -54.83 -0.80 17.77
CA PRO D 453 -56.29 -0.95 17.70
C PRO D 453 -56.96 0.17 16.93
N ALA D 454 -58.11 -0.15 16.29
CA ALA D 454 -58.88 0.81 15.51
C ALA D 454 -60.38 0.56 15.64
N VAL D 455 -61.13 1.64 15.90
CA VAL D 455 -62.59 1.62 16.02
C VAL D 455 -63.19 1.98 14.63
N LEU D 456 -64.20 1.21 14.21
CA LEU D 456 -64.85 1.36 12.91
C LEU D 456 -66.27 1.93 13.00
N GLU D 457 -66.64 2.76 12.01
CA GLU D 457 -67.95 3.39 11.88
C GLU D 457 -68.98 2.33 11.45
N PRO D 458 -70.15 2.22 12.13
CA PRO D 458 -71.12 1.19 11.73
C PRO D 458 -71.74 1.44 10.35
N ASP D 459 -72.09 0.34 9.64
CA ASP D 459 -72.70 0.29 8.31
C ASP D 459 -71.78 0.89 7.21
N SER D 460 -70.47 1.03 7.48
CA SER D 460 -69.50 1.55 6.51
C SER D 460 -68.97 0.39 5.64
N VAL D 461 -68.25 0.72 4.54
CA VAL D 461 -67.69 -0.25 3.59
C VAL D 461 -66.67 -1.17 4.31
N VAL D 462 -65.81 -0.59 5.19
CA VAL D 462 -64.81 -1.34 5.96
C VAL D 462 -65.50 -2.23 7.02
N ALA D 463 -66.61 -1.76 7.62
CA ALA D 463 -67.38 -2.49 8.62
C ALA D 463 -68.12 -3.66 7.98
N GLN D 464 -68.56 -3.50 6.72
CA GLN D 464 -69.26 -4.53 5.95
C GLN D 464 -68.28 -5.64 5.54
N ALA D 465 -67.00 -5.29 5.31
CA ALA D 465 -65.94 -6.21 4.94
C ALA D 465 -65.47 -7.02 6.17
N TYR D 466 -65.07 -6.31 7.25
CA TYR D 466 -64.58 -6.89 8.50
C TYR D 466 -65.67 -7.63 9.28
N GLN D 467 -66.94 -7.14 9.17
CA GLN D 467 -68.14 -7.65 9.86
C GLN D 467 -68.00 -7.50 11.39
N THR D 468 -67.30 -6.44 11.83
CA THR D 468 -67.04 -6.07 13.23
C THR D 468 -66.79 -4.56 13.35
N THR D 469 -67.10 -3.99 14.54
CA THR D 469 -66.93 -2.57 14.84
C THR D 469 -65.53 -2.27 15.43
N GLN D 470 -64.81 -3.31 15.89
CA GLN D 470 -63.47 -3.18 16.47
C GLN D 470 -62.47 -4.08 15.75
N VAL D 471 -61.34 -3.50 15.29
CA VAL D 471 -60.29 -4.22 14.54
C VAL D 471 -58.88 -3.90 15.09
N SER D 472 -57.88 -4.67 14.62
CA SER D 472 -56.46 -4.54 14.96
C SER D 472 -55.61 -4.89 13.73
N GLU D 473 -54.70 -3.97 13.33
CA GLU D 473 -53.83 -4.16 12.16
C GLU D 473 -52.39 -3.70 12.44
N ARG D 474 -51.41 -4.26 11.69
CA ARG D 474 -49.97 -3.96 11.84
C ARG D 474 -49.56 -2.70 11.06
N HIS D 475 -48.87 -1.76 11.73
CA HIS D 475 -48.41 -0.48 11.18
C HIS D 475 -46.89 -0.40 11.02
N ARG D 476 -46.42 0.49 10.12
CA ARG D 476 -45.01 0.78 9.83
C ARG D 476 -44.91 2.13 9.08
N HIS D 477 -45.08 3.23 9.84
CA HIS D 477 -45.04 4.62 9.34
C HIS D 477 -44.93 5.62 10.50
N ARG D 478 -44.63 6.89 10.17
CA ARG D 478 -44.51 7.98 11.16
C ARG D 478 -45.39 9.17 10.76
N TYR D 479 -45.84 9.22 9.50
CA TYR D 479 -46.68 10.29 8.96
C TYR D 479 -48.17 9.92 9.05
N GLU D 480 -48.98 10.82 9.62
CA GLU D 480 -50.43 10.65 9.83
C GLU D 480 -51.24 11.68 9.04
N VAL D 481 -52.58 11.58 9.08
CA VAL D 481 -53.50 12.50 8.42
C VAL D 481 -53.65 13.74 9.31
N ASN D 482 -53.47 14.95 8.74
CA ASN D 482 -53.60 16.22 9.45
C ASN D 482 -55.08 16.43 9.81
N ASN D 483 -55.37 16.53 11.12
CA ASN D 483 -56.71 16.69 11.67
C ASN D 483 -57.34 18.04 11.35
N ALA D 484 -56.52 19.07 11.06
CA ALA D 484 -56.99 20.42 10.71
C ALA D 484 -57.64 20.45 9.32
N TYR D 485 -57.14 19.60 8.40
CA TYR D 485 -57.61 19.52 7.02
C TYR D 485 -58.78 18.54 6.83
N ARG D 486 -59.18 17.81 7.90
CA ARG D 486 -60.27 16.82 7.90
C ARG D 486 -61.57 17.34 7.27
N ASP D 487 -61.95 18.60 7.55
CA ASP D 487 -63.16 19.23 7.04
C ASP D 487 -63.07 19.53 5.53
N LYS D 488 -61.88 19.98 5.06
CA LYS D 488 -61.62 20.31 3.66
C LYS D 488 -61.56 19.04 2.79
N ILE D 489 -61.02 17.93 3.34
CA ILE D 489 -60.91 16.64 2.66
C ILE D 489 -62.31 16.02 2.52
N ALA D 490 -63.17 16.19 3.55
CA ALA D 490 -64.55 15.68 3.61
C ALA D 490 -65.46 16.24 2.51
N GLU D 491 -65.08 17.39 1.90
CA GLU D 491 -65.83 18.05 0.82
C GLU D 491 -65.92 17.19 -0.45
N SER D 492 -64.90 16.32 -0.69
CA SER D 492 -64.83 15.41 -1.83
C SER D 492 -65.86 14.28 -1.74
N GLY D 493 -66.27 13.96 -0.51
CA GLY D 493 -67.22 12.90 -0.21
C GLY D 493 -66.61 11.81 0.66
N LEU D 494 -65.26 11.80 0.76
CA LEU D 494 -64.48 10.84 1.53
C LEU D 494 -64.84 10.91 3.01
N ARG D 495 -65.04 9.74 3.64
CA ARG D 495 -65.40 9.59 5.04
C ARG D 495 -64.32 8.84 5.81
N PHE D 496 -63.98 9.34 7.02
CA PHE D 496 -62.99 8.74 7.89
C PHE D 496 -63.70 7.68 8.76
N SER D 497 -64.00 6.53 8.15
CA SER D 497 -64.70 5.40 8.74
C SER D 497 -63.92 4.71 9.87
N GLY D 498 -62.60 4.69 9.75
CA GLY D 498 -61.72 4.07 10.75
C GLY D 498 -60.81 5.06 11.44
N THR D 499 -60.85 5.06 12.77
CA THR D 499 -60.04 5.93 13.64
C THR D 499 -59.47 5.13 14.80
N SER D 500 -58.50 5.70 15.53
CA SER D 500 -57.88 5.10 16.72
C SER D 500 -58.93 5.07 17.88
N PRO D 501 -58.72 4.32 19.01
CA PRO D 501 -59.74 4.30 20.08
C PRO D 501 -60.17 5.68 20.58
N ASP D 502 -59.22 6.62 20.69
CA ASP D 502 -59.45 8.00 21.13
C ASP D 502 -60.00 8.86 19.97
N GLY D 503 -59.86 8.38 18.73
CA GLY D 503 -60.35 9.04 17.52
C GLY D 503 -59.46 10.13 16.97
N HIS D 504 -58.26 10.31 17.53
CA HIS D 504 -57.29 11.33 17.12
C HIS D 504 -56.62 10.99 15.78
N LEU D 505 -56.22 9.72 15.60
CA LEU D 505 -55.52 9.28 14.38
C LEU D 505 -56.49 8.62 13.40
N VAL D 506 -56.35 8.96 12.10
CA VAL D 506 -57.17 8.40 11.02
C VAL D 506 -56.52 7.08 10.60
N GLU D 507 -57.29 5.98 10.65
CA GLU D 507 -56.83 4.63 10.32
C GLU D 507 -57.37 4.15 8.96
N PHE D 508 -58.64 4.48 8.64
CA PHE D 508 -59.27 4.08 7.40
C PHE D 508 -60.07 5.22 6.75
N VAL D 509 -60.01 5.31 5.41
CA VAL D 509 -60.76 6.29 4.61
C VAL D 509 -61.54 5.54 3.51
N GLU D 510 -62.76 6.01 3.21
CA GLU D 510 -63.61 5.38 2.20
C GLU D 510 -64.62 6.35 1.57
N TYR D 511 -64.99 6.08 0.32
CA TYR D 511 -66.01 6.83 -0.41
C TYR D 511 -67.35 6.08 -0.28
N PRO D 512 -68.50 6.77 -0.11
CA PRO D 512 -69.78 6.05 0.02
C PRO D 512 -70.16 5.29 -1.26
N PRO D 513 -70.91 4.15 -1.17
CA PRO D 513 -71.27 3.39 -2.38
C PRO D 513 -72.07 4.19 -3.42
N ASP D 514 -72.79 5.25 -2.99
CA ASP D 514 -73.57 6.13 -3.86
C ASP D 514 -72.66 7.09 -4.66
N ARG D 515 -71.36 7.16 -4.29
CA ARG D 515 -70.35 7.98 -4.97
C ARG D 515 -69.38 7.08 -5.76
N HIS D 516 -68.83 6.05 -5.09
CA HIS D 516 -67.91 5.07 -5.67
C HIS D 516 -68.17 3.67 -5.07
N PRO D 517 -68.22 2.58 -5.90
CA PRO D 517 -68.50 1.24 -5.35
C PRO D 517 -67.49 0.78 -4.29
N PHE D 518 -66.17 0.94 -4.54
CA PHE D 518 -65.14 0.54 -3.59
C PHE D 518 -63.83 1.33 -3.77
N VAL D 519 -63.60 2.33 -2.91
CA VAL D 519 -62.37 3.13 -2.84
C VAL D 519 -62.05 3.19 -1.35
N VAL D 520 -61.30 2.19 -0.86
CA VAL D 520 -60.95 2.04 0.55
C VAL D 520 -59.43 2.18 0.73
N GLY D 521 -59.06 2.99 1.73
CA GLY D 521 -57.67 3.23 2.10
C GLY D 521 -57.44 2.88 3.56
N THR D 522 -56.28 2.28 3.85
CA THR D 522 -55.89 1.89 5.22
C THR D 522 -54.49 2.43 5.53
N GLN D 523 -54.30 2.94 6.75
CA GLN D 523 -53.04 3.51 7.22
C GLN D 523 -52.04 2.39 7.57
N ALA D 524 -52.56 1.18 7.85
CA ALA D 524 -51.78 0.00 8.22
C ALA D 524 -51.53 -0.96 7.03
N HIS D 525 -50.86 -2.10 7.30
CA HIS D 525 -50.55 -3.12 6.30
C HIS D 525 -51.34 -4.42 6.58
N PRO D 526 -52.55 -4.59 5.99
CA PRO D 526 -53.34 -5.81 6.23
C PRO D 526 -52.78 -7.07 5.59
N GLU D 527 -51.92 -6.92 4.56
CA GLU D 527 -51.28 -8.00 3.79
C GLU D 527 -50.45 -8.96 4.68
N LEU D 528 -49.90 -8.44 5.81
CA LEU D 528 -49.08 -9.22 6.75
C LEU D 528 -49.95 -10.21 7.53
N LYS D 529 -51.18 -9.79 7.90
CA LYS D 529 -52.14 -10.61 8.67
C LYS D 529 -52.90 -11.61 7.76
N SER D 530 -52.74 -11.49 6.42
CA SER D 530 -53.38 -12.35 5.44
C SER D 530 -52.65 -13.68 5.28
N ARG D 531 -53.41 -14.79 5.27
CA ARG D 531 -52.93 -16.16 5.14
C ARG D 531 -53.61 -16.84 3.94
N PRO D 532 -53.02 -17.88 3.29
CA PRO D 532 -53.73 -18.53 2.16
C PRO D 532 -54.97 -19.31 2.62
N THR D 533 -54.94 -19.89 3.83
CA THR D 533 -56.03 -20.64 4.44
C THR D 533 -57.01 -19.73 5.19
N ARG D 534 -56.55 -18.54 5.62
CA ARG D 534 -57.34 -17.55 6.34
C ARG D 534 -57.12 -16.16 5.67
N PRO D 535 -57.83 -15.85 4.56
CA PRO D 535 -57.62 -14.58 3.86
C PRO D 535 -58.13 -13.35 4.63
N HIS D 536 -57.54 -12.17 4.34
CA HIS D 536 -57.92 -10.91 4.97
C HIS D 536 -59.25 -10.38 4.39
N PRO D 537 -60.20 -9.93 5.26
CA PRO D 537 -61.51 -9.46 4.75
C PRO D 537 -61.46 -8.26 3.80
N LEU D 538 -60.48 -7.33 3.97
CA LEU D 538 -60.34 -6.16 3.09
C LEU D 538 -59.93 -6.56 1.68
N PHE D 539 -59.02 -7.56 1.56
CA PHE D 539 -58.56 -8.09 0.28
C PHE D 539 -59.66 -8.92 -0.38
N VAL D 540 -60.50 -9.60 0.42
CA VAL D 540 -61.64 -10.41 -0.05
C VAL D 540 -62.67 -9.44 -0.66
N ALA D 541 -62.98 -8.34 0.04
CA ALA D 541 -63.92 -7.31 -0.40
C ALA D 541 -63.41 -6.57 -1.65
N PHE D 542 -62.08 -6.35 -1.75
CA PHE D 542 -61.44 -5.67 -2.87
C PHE D 542 -61.48 -6.52 -4.14
N VAL D 543 -61.09 -7.82 -4.04
CA VAL D 543 -61.08 -8.76 -5.17
C VAL D 543 -62.53 -8.96 -5.65
N GLY D 544 -63.46 -9.09 -4.71
CA GLY D 544 -64.89 -9.24 -4.97
C GLY D 544 -65.49 -8.08 -5.74
N ALA D 545 -65.04 -6.84 -5.41
CA ALA D 545 -65.46 -5.60 -6.06
C ALA D 545 -64.92 -5.52 -7.49
N ALA D 546 -63.72 -6.08 -7.74
CA ALA D 546 -63.09 -6.14 -9.05
C ALA D 546 -63.80 -7.14 -9.96
N ILE D 547 -64.39 -8.20 -9.36
CA ILE D 547 -65.19 -9.23 -10.06
C ILE D 547 -66.52 -8.59 -10.50
N ASP D 548 -67.06 -7.67 -9.65
CA ASP D 548 -68.29 -6.91 -9.93
C ASP D 548 -68.05 -5.93 -11.08
N TYR D 549 -66.81 -5.39 -11.19
CA TYR D 549 -66.40 -4.47 -12.25
C TYR D 549 -66.30 -5.24 -13.58
N LYS D 550 -65.92 -6.55 -13.52
CA LYS D 550 -65.80 -7.44 -14.67
C LYS D 550 -67.15 -7.60 -15.40
N ALA D 551 -68.29 -7.53 -14.65
CA ALA D 551 -69.64 -7.62 -15.18
C ALA D 551 -69.89 -6.56 -16.23
N GLY D 552 -70.57 -6.98 -17.28
CA GLY D 552 -70.89 -6.18 -18.46
C GLY D 552 -69.70 -6.10 -19.39
N GLU D 553 -69.53 -4.93 -20.04
CA GLU D 553 -68.46 -4.56 -20.99
C GLU D 553 -68.51 -5.40 -22.29
N THR E 8 -39.83 -57.73 18.57
CA THR E 8 -39.01 -56.61 18.13
C THR E 8 -37.85 -57.09 17.24
N ALA E 9 -37.39 -56.21 16.32
CA ALA E 9 -36.31 -56.47 15.38
C ALA E 9 -34.96 -56.66 16.09
N THR E 10 -34.10 -57.55 15.55
CA THR E 10 -32.78 -57.86 16.09
C THR E 10 -31.85 -56.65 15.91
N LYS E 11 -31.19 -56.24 17.00
CA LYS E 11 -30.28 -55.10 17.04
C LYS E 11 -28.83 -55.56 16.88
N HIS E 12 -27.96 -54.68 16.34
CA HIS E 12 -26.54 -54.96 16.14
C HIS E 12 -25.68 -53.90 16.81
N LEU E 13 -24.76 -54.34 17.69
CA LEU E 13 -23.82 -53.46 18.39
C LEU E 13 -22.40 -53.74 17.93
N PHE E 14 -21.68 -52.71 17.45
CA PHE E 14 -20.32 -52.88 16.96
C PHE E 14 -19.32 -52.26 17.94
N VAL E 15 -18.33 -53.05 18.38
CA VAL E 15 -17.28 -52.60 19.30
C VAL E 15 -15.98 -52.46 18.52
N SER E 16 -15.47 -51.23 18.43
CA SER E 16 -14.24 -50.91 17.71
C SER E 16 -13.16 -50.41 18.68
N GLY E 17 -11.92 -50.80 18.43
CA GLY E 17 -10.79 -50.42 19.26
C GLY E 17 -9.81 -49.54 18.51
N GLY E 18 -9.33 -48.49 19.16
CA GLY E 18 -8.38 -47.55 18.58
C GLY E 18 -7.13 -47.32 19.41
N VAL E 19 -6.20 -46.51 18.84
CA VAL E 19 -4.90 -46.09 19.41
C VAL E 19 -4.04 -47.33 19.78
N ALA E 20 -3.97 -47.68 21.08
CA ALA E 20 -3.19 -48.81 21.58
C ALA E 20 -4.01 -50.12 21.53
N SER E 21 -3.30 -51.26 21.59
CA SER E 21 -3.90 -52.60 21.57
C SER E 21 -3.79 -53.23 22.98
N SER E 22 -4.54 -54.35 23.19
CA SER E 22 -4.62 -55.12 24.45
C SER E 22 -5.13 -54.25 25.63
N LEU E 23 -6.06 -53.31 25.32
CA LEU E 23 -6.70 -52.39 26.28
C LEU E 23 -7.68 -53.14 27.17
N GLY E 24 -8.28 -54.19 26.62
CA GLY E 24 -9.29 -55.02 27.24
C GLY E 24 -10.60 -54.96 26.49
N LYS E 25 -10.50 -54.89 25.13
CA LYS E 25 -11.62 -54.81 24.18
C LYS E 25 -12.59 -55.99 24.33
N GLY E 26 -12.04 -57.18 24.55
CA GLY E 26 -12.79 -58.42 24.74
C GLY E 26 -13.59 -58.43 26.04
N LEU E 27 -12.95 -57.97 27.14
CA LEU E 27 -13.55 -57.89 28.47
C LEU E 27 -14.59 -56.77 28.57
N THR E 28 -14.35 -55.62 27.88
CA THR E 28 -15.26 -54.47 27.86
C THR E 28 -16.57 -54.85 27.15
N ALA E 29 -16.46 -55.59 26.02
CA ALA E 29 -17.60 -56.05 25.24
C ALA E 29 -18.39 -57.14 25.98
N SER E 30 -17.69 -58.09 26.63
CA SER E 30 -18.29 -59.19 27.39
C SER E 30 -19.08 -58.70 28.60
N SER E 31 -18.57 -57.65 29.27
CA SER E 31 -19.20 -57.03 30.44
C SER E 31 -20.51 -56.34 30.07
N LEU E 32 -20.57 -55.74 28.86
CA LEU E 32 -21.78 -55.11 28.32
C LEU E 32 -22.80 -56.22 27.99
N GLY E 33 -22.30 -57.34 27.49
CA GLY E 33 -23.09 -58.53 27.16
C GLY E 33 -23.70 -59.16 28.38
N GLN E 34 -22.97 -59.09 29.52
CA GLN E 34 -23.39 -59.59 30.84
C GLN E 34 -24.57 -58.73 31.36
N LEU E 35 -24.44 -57.39 31.26
CA LEU E 35 -25.44 -56.42 31.71
C LEU E 35 -26.75 -56.54 30.92
N LEU E 36 -26.65 -56.69 29.59
CA LEU E 36 -27.80 -56.81 28.70
C LEU E 36 -28.56 -58.13 28.93
N THR E 37 -27.83 -59.23 29.24
CA THR E 37 -28.42 -60.54 29.53
C THR E 37 -29.11 -60.49 30.91
N ALA E 38 -28.48 -59.76 31.87
CA ALA E 38 -29.00 -59.55 33.22
C ALA E 38 -30.27 -58.68 33.21
N ARG E 39 -30.44 -57.86 32.15
CA ARG E 39 -31.61 -57.02 31.93
C ARG E 39 -32.75 -57.83 31.28
N GLY E 40 -32.49 -59.11 31.01
CA GLY E 40 -33.43 -60.06 30.42
C GLY E 40 -33.54 -59.99 28.92
N LEU E 41 -32.39 -60.10 28.22
CA LEU E 41 -32.33 -60.04 26.76
C LEU E 41 -31.48 -61.18 26.18
N HIS E 42 -31.88 -61.69 25.01
CA HIS E 42 -31.17 -62.75 24.28
C HIS E 42 -29.97 -62.10 23.59
N VAL E 43 -28.76 -62.33 24.13
CA VAL E 43 -27.52 -61.73 23.62
C VAL E 43 -26.58 -62.81 23.07
N THR E 44 -26.15 -62.65 21.81
CA THR E 44 -25.17 -63.51 21.15
C THR E 44 -23.99 -62.61 20.74
N MET E 45 -22.76 -63.14 20.81
CA MET E 45 -21.58 -62.33 20.52
C MET E 45 -20.71 -62.92 19.39
N GLN E 46 -20.15 -62.03 18.56
CA GLN E 46 -19.31 -62.35 17.41
C GLN E 46 -17.98 -61.59 17.49
N LYS E 47 -16.87 -62.23 17.05
CA LYS E 47 -15.53 -61.66 17.02
C LYS E 47 -14.96 -61.72 15.59
N LEU E 48 -14.69 -60.54 15.00
CA LEU E 48 -14.10 -60.42 13.66
C LEU E 48 -12.59 -60.23 13.76
N ASP E 49 -11.81 -61.29 13.48
CA ASP E 49 -10.35 -61.23 13.53
C ASP E 49 -9.77 -60.77 12.19
N PRO E 50 -8.79 -59.83 12.19
CA PRO E 50 -8.27 -59.32 10.92
C PRO E 50 -7.10 -60.14 10.34
N TYR E 51 -6.72 -61.27 10.96
CA TYR E 51 -5.62 -62.09 10.44
C TYR E 51 -6.11 -63.03 9.32
N LEU E 52 -5.17 -63.39 8.42
CA LEU E 52 -5.40 -64.25 7.26
C LEU E 52 -5.45 -65.75 7.59
N ASN E 53 -5.29 -66.13 8.87
CA ASN E 53 -5.38 -67.54 9.28
C ASN E 53 -6.84 -67.96 9.32
N VAL E 54 -7.18 -69.02 8.57
CA VAL E 54 -8.55 -69.57 8.50
C VAL E 54 -8.91 -70.12 9.88
N ASP E 55 -7.98 -70.86 10.51
CA ASP E 55 -8.14 -71.45 11.83
C ASP E 55 -7.03 -70.98 12.78
N PRO E 56 -7.36 -70.61 14.04
CA PRO E 56 -6.30 -70.22 14.99
C PRO E 56 -5.53 -71.44 15.52
N GLY E 57 -5.92 -72.65 15.08
CA GLY E 57 -5.29 -73.90 15.46
C GLY E 57 -3.85 -74.04 14.99
N THR E 58 -3.54 -73.44 13.81
CA THR E 58 -2.20 -73.46 13.22
C THR E 58 -1.25 -72.53 13.98
N MET E 59 -1.80 -71.50 14.67
CA MET E 59 -1.06 -70.52 15.46
C MET E 59 -0.47 -71.12 16.74
N ASN E 60 0.66 -70.55 17.21
CA ASN E 60 1.35 -70.96 18.43
C ASN E 60 0.57 -70.47 19.65
N PRO E 61 0.13 -71.37 20.55
CA PRO E 61 -0.67 -70.92 21.71
C PRO E 61 0.13 -70.15 22.76
N PHE E 62 1.45 -70.37 22.81
CA PHE E 62 2.35 -69.72 23.76
C PHE E 62 2.83 -68.34 23.25
N GLN E 63 2.34 -67.91 22.08
CA GLN E 63 2.71 -66.63 21.46
C GLN E 63 1.51 -65.74 21.18
N HIS E 64 0.36 -66.34 20.81
CA HIS E 64 -0.84 -65.58 20.43
C HIS E 64 -2.09 -65.91 21.28
N GLY E 65 -1.97 -66.89 22.18
CA GLY E 65 -3.06 -67.29 23.06
C GLY E 65 -3.68 -68.63 22.75
N GLU E 66 -4.46 -69.18 23.71
CA GLU E 66 -5.14 -70.47 23.63
C GLU E 66 -6.17 -70.55 22.49
N VAL E 67 -6.43 -71.78 22.00
CA VAL E 67 -7.39 -72.04 20.94
C VAL E 67 -8.67 -72.59 21.59
N PHE E 68 -9.75 -71.80 21.54
CA PHE E 68 -11.04 -72.17 22.13
C PHE E 68 -11.82 -73.10 21.19
N VAL E 69 -12.48 -74.12 21.76
CA VAL E 69 -13.27 -75.09 21.01
C VAL E 69 -14.73 -74.95 21.43
N THR E 70 -15.64 -74.80 20.44
CA THR E 70 -17.08 -74.66 20.67
C THR E 70 -17.74 -76.06 20.64
N GLU E 71 -19.04 -76.15 21.01
CA GLU E 71 -19.82 -77.39 21.05
C GLU E 71 -19.90 -78.08 19.68
N ASP E 72 -19.98 -77.28 18.60
CA ASP E 72 -20.06 -77.77 17.21
C ASP E 72 -18.72 -78.32 16.68
N GLY E 73 -17.63 -78.00 17.38
CA GLY E 73 -16.28 -78.47 17.04
C GLY E 73 -15.49 -77.53 16.16
N ALA E 74 -15.55 -76.23 16.46
CA ALA E 74 -14.82 -75.23 15.70
C ALA E 74 -13.70 -74.61 16.52
N GLU E 75 -12.53 -74.46 15.90
CA GLU E 75 -11.35 -73.84 16.52
C GLU E 75 -11.51 -72.33 16.36
N THR E 76 -11.67 -71.61 17.49
CA THR E 76 -11.90 -70.16 17.50
C THR E 76 -10.88 -69.45 18.42
N ASP E 77 -10.89 -68.09 18.39
CA ASP E 77 -10.04 -67.23 19.19
C ASP E 77 -10.43 -67.31 20.68
N LEU E 78 -9.50 -66.96 21.59
CA LEU E 78 -9.72 -67.00 23.05
C LEU E 78 -10.79 -65.98 23.52
N ASP E 79 -11.13 -64.99 22.66
CA ASP E 79 -12.14 -63.96 22.95
C ASP E 79 -13.54 -64.58 23.03
N VAL E 80 -13.77 -65.70 22.30
CA VAL E 80 -15.04 -66.46 22.29
C VAL E 80 -15.27 -67.03 23.70
N GLY E 81 -14.18 -67.42 24.36
CA GLY E 81 -14.18 -67.93 25.72
C GLY E 81 -14.68 -66.91 26.72
N HIS E 82 -14.26 -65.64 26.56
CA HIS E 82 -14.68 -64.52 27.40
C HIS E 82 -16.17 -64.25 27.22
N TYR E 83 -16.68 -64.40 25.98
CA TYR E 83 -18.09 -64.21 25.65
C TYR E 83 -18.94 -65.29 26.30
N GLU E 84 -18.57 -66.57 26.11
CA GLU E 84 -19.27 -67.74 26.65
C GLU E 84 -19.36 -67.71 28.19
N ARG E 85 -18.29 -67.27 28.87
CA ARG E 85 -18.22 -67.19 30.33
C ARG E 85 -19.10 -66.07 30.90
N PHE E 86 -19.14 -64.90 30.23
CA PHE E 86 -19.92 -63.73 30.66
C PHE E 86 -21.41 -63.82 30.27
N LEU E 87 -21.77 -64.75 29.36
CA LEU E 87 -23.16 -64.94 28.90
C LEU E 87 -23.80 -66.24 29.43
N ASP E 88 -22.97 -67.27 29.75
CA ASP E 88 -23.35 -68.62 30.21
C ASP E 88 -24.03 -69.41 29.07
N ARG E 89 -23.99 -68.86 27.84
CA ARG E 89 -24.58 -69.42 26.62
C ARG E 89 -23.51 -70.04 25.72
N ASN E 90 -23.85 -71.18 25.07
CA ASN E 90 -22.96 -71.86 24.13
C ASN E 90 -23.02 -71.15 22.78
N LEU E 91 -21.85 -70.75 22.24
CA LEU E 91 -21.75 -70.03 20.98
C LEU E 91 -21.43 -70.97 19.78
N PRO E 92 -21.89 -70.64 18.55
CA PRO E 92 -21.57 -71.50 17.41
C PRO E 92 -20.21 -71.17 16.78
N GLY E 93 -19.86 -71.89 15.72
CA GLY E 93 -18.62 -71.68 14.98
C GLY E 93 -18.61 -70.39 14.18
N SER E 94 -19.82 -69.93 13.80
CA SER E 94 -20.06 -68.69 13.04
C SER E 94 -19.70 -67.42 13.83
N ALA E 95 -19.53 -67.55 15.18
CA ALA E 95 -19.18 -66.46 16.10
C ALA E 95 -17.74 -65.94 15.87
N ASN E 96 -16.92 -66.67 15.09
CA ASN E 96 -15.56 -66.23 14.78
C ASN E 96 -15.39 -66.14 13.26
N VAL E 97 -15.16 -64.93 12.77
CA VAL E 97 -14.98 -64.62 11.34
C VAL E 97 -13.57 -64.05 11.14
N THR E 98 -12.77 -64.71 10.30
CA THR E 98 -11.39 -64.28 9.99
C THR E 98 -11.30 -63.87 8.52
N THR E 99 -10.27 -63.07 8.18
CA THR E 99 -10.00 -62.60 6.81
C THR E 99 -9.72 -63.81 5.89
N GLY E 100 -9.08 -64.84 6.45
CA GLY E 100 -8.77 -66.08 5.75
C GLY E 100 -10.01 -66.86 5.34
N GLN E 101 -11.05 -66.83 6.19
CA GLN E 101 -12.34 -67.48 5.95
C GLN E 101 -13.13 -66.77 4.84
N VAL E 102 -13.16 -65.41 4.90
CA VAL E 102 -13.86 -64.52 3.96
C VAL E 102 -13.26 -64.67 2.55
N TYR E 103 -11.91 -64.56 2.44
CA TYR E 103 -11.19 -64.67 1.17
C TYR E 103 -11.27 -66.08 0.57
N SER E 104 -11.35 -67.13 1.41
CA SER E 104 -11.43 -68.52 0.97
C SER E 104 -12.77 -68.83 0.28
N THR E 105 -13.88 -68.23 0.78
CA THR E 105 -15.23 -68.45 0.26
C THR E 105 -15.42 -67.69 -1.07
N VAL E 106 -15.02 -66.40 -1.13
CA VAL E 106 -15.17 -65.53 -2.31
C VAL E 106 -14.35 -66.07 -3.52
N ILE E 107 -13.11 -66.59 -3.28
CA ILE E 107 -12.24 -67.13 -4.32
C ILE E 107 -12.83 -68.45 -4.83
N ALA E 108 -13.39 -69.28 -3.92
CA ALA E 108 -14.05 -70.55 -4.26
C ALA E 108 -15.30 -70.30 -5.12
N LYS E 109 -16.08 -69.25 -4.79
CA LYS E 109 -17.28 -68.82 -5.52
C LYS E 109 -16.91 -68.28 -6.91
N GLU E 110 -15.78 -67.54 -7.01
CA GLU E 110 -15.24 -66.95 -8.23
C GLU E 110 -14.84 -68.07 -9.21
N ARG E 111 -14.17 -69.12 -8.71
CA ARG E 111 -13.72 -70.27 -9.50
C ARG E 111 -14.92 -71.10 -9.97
N ARG E 112 -16.04 -71.02 -9.23
CA ARG E 112 -17.31 -71.66 -9.55
C ARG E 112 -18.09 -70.81 -10.57
N GLY E 113 -17.73 -69.53 -10.68
CA GLY E 113 -18.35 -68.57 -11.57
C GLY E 113 -19.67 -68.05 -11.05
N GLU E 114 -19.82 -68.04 -9.71
CA GLU E 114 -21.03 -67.60 -9.00
C GLU E 114 -21.24 -66.07 -9.07
N TYR E 115 -20.19 -65.30 -9.41
CA TYR E 115 -20.26 -63.84 -9.53
C TYR E 115 -20.58 -63.42 -10.99
N LEU E 116 -20.64 -64.42 -11.90
CA LEU E 116 -21.00 -64.35 -13.31
C LEU E 116 -20.29 -63.25 -14.11
N GLY E 117 -19.05 -63.55 -14.53
CA GLY E 117 -18.20 -62.70 -15.35
C GLY E 117 -17.94 -61.30 -14.84
N ASP E 118 -17.60 -61.17 -13.55
CA ASP E 118 -17.35 -59.88 -12.92
C ASP E 118 -15.95 -59.79 -12.33
N THR E 119 -15.40 -58.56 -12.30
CA THR E 119 -14.09 -58.24 -11.71
C THR E 119 -14.24 -58.26 -10.19
N VAL E 120 -13.84 -59.37 -9.53
CA VAL E 120 -13.98 -59.54 -8.09
C VAL E 120 -13.00 -58.60 -7.36
N GLN E 121 -13.55 -57.68 -6.55
CA GLN E 121 -12.85 -56.68 -5.76
C GLN E 121 -13.15 -56.85 -4.27
N VAL E 122 -12.48 -56.07 -3.38
CA VAL E 122 -12.74 -56.10 -1.94
C VAL E 122 -14.13 -55.48 -1.70
N ILE E 123 -14.42 -54.36 -2.39
CA ILE E 123 -15.73 -53.72 -2.34
C ILE E 123 -16.42 -53.95 -3.70
N PRO E 124 -17.59 -54.62 -3.73
CA PRO E 124 -18.40 -55.10 -2.60
C PRO E 124 -18.18 -56.57 -2.18
N HIS E 125 -17.74 -57.46 -3.10
CA HIS E 125 -17.56 -58.92 -2.93
C HIS E 125 -17.05 -59.37 -1.54
N ILE E 126 -15.98 -58.76 -0.99
CA ILE E 126 -15.43 -59.15 0.32
C ILE E 126 -16.31 -58.57 1.44
N THR E 127 -16.65 -57.27 1.37
CA THR E 127 -17.47 -56.57 2.38
C THR E 127 -18.86 -57.23 2.51
N ASP E 128 -19.45 -57.69 1.38
CA ASP E 128 -20.74 -58.36 1.30
C ASP E 128 -20.70 -59.71 2.03
N GLU E 129 -19.56 -60.45 1.90
CA GLU E 129 -19.34 -61.75 2.55
C GLU E 129 -19.23 -61.56 4.07
N ILE E 130 -18.57 -60.48 4.53
CA ILE E 130 -18.45 -60.14 5.96
C ILE E 130 -19.85 -59.74 6.47
N LYS E 131 -20.56 -58.89 5.69
CA LYS E 131 -21.93 -58.41 5.94
C LYS E 131 -22.88 -59.61 6.08
N ARG E 132 -22.71 -60.65 5.23
CA ARG E 132 -23.47 -61.90 5.21
C ARG E 132 -23.25 -62.67 6.51
N ARG E 133 -22.00 -62.68 7.03
CA ARG E 133 -21.63 -63.38 8.25
C ARG E 133 -22.11 -62.63 9.51
N ILE E 134 -22.23 -61.28 9.44
CA ILE E 134 -22.70 -60.44 10.56
C ILE E 134 -24.22 -60.65 10.73
N LEU E 135 -24.98 -60.60 9.62
CA LEU E 135 -26.43 -60.78 9.59
C LEU E 135 -26.85 -62.24 9.85
N ALA E 136 -25.90 -63.20 9.73
CA ALA E 136 -26.15 -64.64 9.95
C ALA E 136 -26.43 -64.95 11.43
N MET E 137 -25.89 -64.12 12.35
CA MET E 137 -26.06 -64.25 13.80
C MET E 137 -27.49 -63.91 14.23
N ALA E 138 -28.17 -63.05 13.43
CA ALA E 138 -29.55 -62.61 13.66
C ALA E 138 -30.58 -63.73 13.40
N GLN E 139 -30.17 -64.80 12.66
CA GLN E 139 -31.00 -65.97 12.33
C GLN E 139 -31.41 -66.74 13.61
N PRO E 140 -32.61 -67.37 13.66
CA PRO E 140 -33.01 -68.09 14.89
C PRO E 140 -32.14 -69.31 15.18
N ASP E 141 -31.74 -69.44 16.46
CA ASP E 141 -30.90 -70.52 16.99
C ASP E 141 -31.73 -71.78 17.32
N ALA E 142 -31.14 -72.73 18.08
CA ALA E 142 -31.78 -73.97 18.51
C ALA E 142 -33.09 -73.71 19.27
N ASP E 143 -34.12 -74.53 18.98
CA ASP E 143 -35.50 -74.46 19.51
C ASP E 143 -36.26 -73.22 18.94
N GLY E 144 -35.72 -72.63 17.87
CA GLY E 144 -36.28 -71.49 17.17
C GLY E 144 -36.31 -70.19 17.97
N ASN E 145 -35.15 -69.78 18.50
CA ASN E 145 -35.03 -68.55 19.29
C ASN E 145 -34.14 -67.53 18.57
N ARG E 146 -34.72 -66.37 18.20
CA ARG E 146 -34.04 -65.26 17.54
C ARG E 146 -33.44 -64.31 18.60
N PRO E 147 -32.15 -63.89 18.47
CA PRO E 147 -31.57 -63.00 19.51
C PRO E 147 -32.11 -61.57 19.46
N ASP E 148 -32.03 -60.87 20.61
CA ASP E 148 -32.48 -59.48 20.75
C ASP E 148 -31.40 -58.52 20.28
N VAL E 149 -30.14 -58.72 20.72
CA VAL E 149 -29.01 -57.88 20.32
C VAL E 149 -27.77 -58.76 20.02
N VAL E 150 -27.03 -58.39 18.95
CA VAL E 150 -25.82 -59.09 18.50
C VAL E 150 -24.62 -58.15 18.67
N ILE E 151 -23.70 -58.48 19.59
CA ILE E 151 -22.50 -57.68 19.82
C ILE E 151 -21.37 -58.24 18.96
N THR E 152 -20.95 -57.48 17.95
CA THR E 152 -19.89 -57.85 17.01
C THR E 152 -18.64 -57.01 17.30
N GLU E 153 -17.53 -57.66 17.66
CA GLU E 153 -16.27 -56.99 17.97
C GLU E 153 -15.36 -56.93 16.74
N ILE E 154 -14.90 -55.72 16.38
CA ILE E 154 -14.02 -55.48 15.24
C ILE E 154 -12.58 -55.51 15.75
N GLY E 155 -11.87 -56.61 15.48
CA GLY E 155 -10.49 -56.81 15.87
C GLY E 155 -9.52 -55.93 15.12
N GLY E 156 -8.49 -55.46 15.83
CA GLY E 156 -7.46 -54.58 15.28
C GLY E 156 -7.76 -53.11 15.47
N THR E 157 -6.71 -52.28 15.38
CA THR E 157 -6.77 -50.82 15.55
C THR E 157 -7.52 -50.17 14.37
N VAL E 158 -8.34 -49.14 14.66
CA VAL E 158 -9.09 -48.40 13.64
C VAL E 158 -8.08 -47.56 12.85
N GLY E 159 -7.93 -47.90 11.57
CA GLY E 159 -6.99 -47.26 10.67
C GLY E 159 -6.09 -48.27 9.97
N ASP E 160 -6.15 -49.55 10.41
CA ASP E 160 -5.38 -50.65 9.84
C ASP E 160 -5.92 -51.05 8.47
N ILE E 161 -5.04 -51.63 7.64
CA ILE E 161 -5.36 -52.09 6.28
C ILE E 161 -6.22 -53.36 6.35
N GLU E 162 -5.88 -54.29 7.27
CA GLU E 162 -6.59 -55.56 7.49
C GLU E 162 -7.96 -55.36 8.17
N SER E 163 -8.14 -54.26 8.92
CA SER E 163 -9.38 -53.93 9.64
C SER E 163 -10.39 -53.17 8.78
N GLN E 164 -9.90 -52.43 7.75
CA GLN E 164 -10.68 -51.61 6.81
C GLN E 164 -11.88 -52.35 6.15
N PRO E 165 -11.78 -53.62 5.63
CA PRO E 165 -12.97 -54.25 5.02
C PRO E 165 -14.07 -54.62 6.03
N PHE E 166 -13.69 -54.93 7.28
CA PHE E 166 -14.61 -55.29 8.36
C PHE E 166 -15.41 -54.08 8.84
N LEU E 167 -14.75 -52.91 8.91
CA LEU E 167 -15.40 -51.66 9.34
C LEU E 167 -16.35 -51.15 8.25
N GLU E 168 -15.97 -51.31 6.96
CA GLU E 168 -16.78 -50.92 5.80
C GLU E 168 -18.05 -51.77 5.74
N ALA E 169 -17.94 -53.07 6.08
CA ALA E 169 -19.06 -54.01 6.13
C ALA E 169 -20.02 -53.62 7.25
N ALA E 170 -19.48 -53.16 8.41
CA ALA E 170 -20.24 -52.69 9.57
C ALA E 170 -20.99 -51.41 9.23
N ARG E 171 -20.38 -50.55 8.39
CA ARG E 171 -20.95 -49.30 7.90
C ARG E 171 -22.10 -49.61 6.93
N GLN E 172 -21.95 -50.69 6.12
CA GLN E 172 -22.95 -51.16 5.16
C GLN E 172 -24.18 -51.71 5.89
N VAL E 173 -23.96 -52.35 7.06
CA VAL E 173 -24.99 -52.93 7.94
C VAL E 173 -25.86 -51.78 8.52
N ARG E 174 -25.21 -50.66 8.91
CA ARG E 174 -25.84 -49.46 9.45
C ARG E 174 -26.77 -48.80 8.42
N HIS E 175 -26.36 -48.78 7.14
CA HIS E 175 -27.14 -48.22 6.03
C HIS E 175 -28.33 -49.13 5.65
N TYR E 176 -28.10 -50.46 5.62
CA TYR E 176 -29.08 -51.48 5.24
C TYR E 176 -30.21 -51.63 6.27
N LEU E 177 -29.88 -51.66 7.58
CA LEU E 177 -30.87 -51.86 8.64
C LEU E 177 -31.43 -50.54 9.20
N GLY E 178 -30.56 -49.55 9.41
CA GLY E 178 -30.94 -48.26 9.96
C GLY E 178 -30.24 -47.90 11.25
N ARG E 179 -30.31 -46.60 11.63
CA ARG E 179 -29.71 -46.06 12.84
C ARG E 179 -30.39 -46.58 14.12
N GLU E 180 -31.70 -46.86 14.04
CA GLU E 180 -32.53 -47.36 15.14
C GLU E 180 -32.19 -48.82 15.49
N ASP E 181 -31.55 -49.56 14.57
CA ASP E 181 -31.20 -50.98 14.76
C ASP E 181 -29.69 -51.22 14.92
N VAL E 182 -28.83 -50.25 14.54
CA VAL E 182 -27.37 -50.42 14.62
C VAL E 182 -26.75 -49.37 15.58
N PHE E 183 -25.91 -49.84 16.52
CA PHE E 183 -25.19 -49.04 17.51
C PHE E 183 -23.68 -49.19 17.31
N PHE E 184 -22.93 -48.09 17.48
CA PHE E 184 -21.47 -48.10 17.34
C PHE E 184 -20.78 -47.64 18.63
N LEU E 185 -20.00 -48.54 19.24
CA LEU E 185 -19.24 -48.32 20.46
C LEU E 185 -17.74 -48.28 20.12
N HIS E 186 -17.02 -47.25 20.61
CA HIS E 186 -15.59 -47.12 20.36
C HIS E 186 -14.81 -47.06 21.66
N VAL E 187 -13.81 -47.95 21.79
CA VAL E 187 -12.95 -48.05 22.96
C VAL E 187 -11.63 -47.35 22.66
N SER E 188 -11.27 -46.35 23.50
CA SER E 188 -10.05 -45.56 23.34
C SER E 188 -9.31 -45.39 24.67
N LEU E 189 -7.98 -45.14 24.59
CA LEU E 189 -7.13 -44.96 25.76
C LEU E 189 -6.87 -43.49 26.07
N VAL E 190 -6.97 -43.13 27.36
CA VAL E 190 -6.71 -41.79 27.89
C VAL E 190 -5.45 -41.90 28.76
N PRO E 191 -4.26 -41.51 28.25
CA PRO E 191 -3.04 -41.67 29.05
C PRO E 191 -2.80 -40.53 30.05
N TYR E 192 -2.21 -40.86 31.20
CA TYR E 192 -1.88 -39.90 32.25
C TYR E 192 -0.39 -39.59 32.18
N LEU E 193 -0.05 -38.30 32.01
CA LEU E 193 1.33 -37.83 31.94
C LEU E 193 1.83 -37.53 33.35
N ALA E 194 2.96 -38.16 33.74
CA ALA E 194 3.57 -38.02 35.07
C ALA E 194 4.20 -36.62 35.32
N PRO E 195 4.92 -35.95 34.37
CA PRO E 195 5.52 -34.64 34.72
C PRO E 195 4.51 -33.47 34.78
N SER E 196 3.56 -33.40 33.82
CA SER E 196 2.56 -32.33 33.76
C SER E 196 1.40 -32.57 34.74
N GLY E 197 1.07 -33.84 34.99
CA GLY E 197 -0.01 -34.23 35.89
C GLY E 197 -1.39 -34.01 35.31
N GLU E 198 -1.53 -34.21 33.98
CA GLU E 198 -2.78 -34.05 33.25
C GLU E 198 -2.99 -35.15 32.21
N LEU E 199 -4.26 -35.43 31.88
CA LEU E 199 -4.67 -36.45 30.90
C LEU E 199 -4.66 -35.87 29.49
N LYS E 200 -4.33 -36.69 28.48
CA LYS E 200 -4.29 -36.27 27.08
C LYS E 200 -5.55 -36.72 26.32
N THR E 201 -6.16 -35.78 25.57
CA THR E 201 -7.37 -36.00 24.77
C THR E 201 -7.02 -36.27 23.30
N LYS E 202 -5.76 -35.99 22.89
CA LYS E 202 -5.22 -36.18 21.55
C LYS E 202 -5.30 -37.64 21.03
N PRO E 203 -4.98 -38.71 21.81
CA PRO E 203 -5.08 -40.08 21.24
C PRO E 203 -6.52 -40.50 20.97
N THR E 204 -7.48 -39.97 21.75
CA THR E 204 -8.92 -40.26 21.60
C THR E 204 -9.47 -39.48 20.40
N GLN E 205 -9.08 -38.19 20.26
CA GLN E 205 -9.53 -37.30 19.18
C GLN E 205 -9.09 -37.82 17.81
N HIS E 206 -7.82 -38.28 17.70
CA HIS E 206 -7.24 -38.80 16.46
C HIS E 206 -7.83 -40.16 16.07
N SER E 207 -8.24 -40.98 17.07
CA SER E 207 -8.84 -42.29 16.86
C SER E 207 -10.28 -42.17 16.32
N VAL E 208 -11.08 -41.24 16.90
CA VAL E 208 -12.47 -40.99 16.50
C VAL E 208 -12.48 -40.38 15.09
N ALA E 209 -11.51 -39.49 14.78
CA ALA E 209 -11.35 -38.86 13.47
C ALA E 209 -11.06 -39.91 12.38
N ALA E 210 -10.30 -40.96 12.73
CA ALA E 210 -9.97 -42.09 11.84
C ALA E 210 -11.21 -42.95 11.57
N LEU E 211 -12.11 -43.04 12.57
CA LEU E 211 -13.37 -43.79 12.48
C LEU E 211 -14.40 -42.98 11.70
N ARG E 212 -14.35 -41.64 11.81
CA ARG E 212 -15.24 -40.72 11.11
C ARG E 212 -14.83 -40.54 9.65
N SER E 213 -13.53 -40.71 9.34
CA SER E 213 -12.98 -40.59 7.98
C SER E 213 -13.41 -41.77 7.10
N ILE E 214 -13.59 -42.96 7.69
CA ILE E 214 -14.01 -44.17 6.97
C ILE E 214 -15.56 -44.20 6.85
N GLY E 215 -16.25 -43.25 7.51
CA GLY E 215 -17.69 -43.09 7.45
C GLY E 215 -18.52 -43.62 8.61
N ILE E 216 -17.91 -43.75 9.81
CA ILE E 216 -18.64 -44.26 10.98
C ILE E 216 -18.67 -43.19 12.08
N THR E 217 -19.88 -42.84 12.53
CA THR E 217 -20.10 -41.88 13.61
C THR E 217 -20.32 -42.69 14.90
N PRO E 218 -19.45 -42.56 15.93
CA PRO E 218 -19.65 -43.37 17.16
C PRO E 218 -20.80 -42.86 18.02
N ASP E 219 -21.60 -43.81 18.55
CA ASP E 219 -22.75 -43.52 19.41
C ASP E 219 -22.32 -43.34 20.87
N ALA E 220 -21.32 -44.12 21.32
CA ALA E 220 -20.78 -44.07 22.68
C ALA E 220 -19.26 -44.28 22.67
N LEU E 221 -18.55 -43.67 23.64
CA LEU E 221 -17.10 -43.77 23.77
C LEU E 221 -16.70 -44.34 25.12
N ILE E 222 -15.82 -45.36 25.09
CA ILE E 222 -15.27 -46.01 26.29
C ILE E 222 -13.86 -45.46 26.52
N LEU E 223 -13.69 -44.69 27.60
CA LEU E 223 -12.41 -44.08 27.92
C LEU E 223 -11.64 -44.94 28.93
N ARG E 224 -10.77 -45.82 28.43
CA ARG E 224 -9.93 -46.70 29.26
C ARG E 224 -8.80 -45.88 29.85
N CYS E 225 -8.79 -45.74 31.18
CA CYS E 225 -7.81 -44.94 31.91
C CYS E 225 -7.42 -45.60 33.23
N ASP E 226 -6.26 -45.20 33.79
CA ASP E 226 -5.74 -45.70 35.07
C ASP E 226 -6.49 -45.03 36.24
N ARG E 227 -6.87 -43.75 36.05
CA ARG E 227 -7.59 -42.93 37.02
C ARG E 227 -9.01 -42.59 36.52
N ASP E 228 -9.82 -41.95 37.38
CA ASP E 228 -11.19 -41.53 37.03
C ASP E 228 -11.15 -40.29 36.14
N VAL E 229 -11.82 -40.37 34.97
CA VAL E 229 -11.90 -39.25 34.02
C VAL E 229 -12.88 -38.20 34.58
N PRO E 230 -12.46 -36.92 34.75
CA PRO E 230 -13.38 -35.91 35.30
C PRO E 230 -14.54 -35.58 34.37
N GLU E 231 -15.68 -35.11 34.95
CA GLU E 231 -16.87 -34.75 34.19
C GLU E 231 -16.63 -33.55 33.27
N ALA E 232 -15.70 -32.65 33.66
CA ALA E 232 -15.30 -31.48 32.88
C ALA E 232 -14.53 -31.90 31.62
N LEU E 233 -13.66 -32.93 31.75
CA LEU E 233 -12.88 -33.47 30.64
C LEU E 233 -13.78 -34.30 29.72
N LYS E 234 -14.76 -35.04 30.31
CA LYS E 234 -15.74 -35.85 29.60
C LYS E 234 -16.63 -34.98 28.71
N ASN E 235 -16.95 -33.75 29.17
CA ASN E 235 -17.76 -32.77 28.45
C ASN E 235 -17.01 -32.23 27.23
N LYS E 236 -15.68 -31.97 27.37
CA LYS E 236 -14.82 -31.47 26.30
C LYS E 236 -14.64 -32.52 25.19
N ILE E 237 -14.45 -33.81 25.59
CA ILE E 237 -14.28 -34.96 24.69
C ILE E 237 -15.58 -35.17 23.89
N ALA E 238 -16.75 -35.04 24.56
CA ALA E 238 -18.08 -35.18 23.97
C ALA E 238 -18.29 -34.22 22.80
N LEU E 239 -17.87 -32.95 22.97
CA LEU E 239 -17.97 -31.90 21.96
C LEU E 239 -16.95 -32.13 20.84
N MET E 240 -15.70 -32.49 21.19
CA MET E 240 -14.58 -32.71 20.26
C MET E 240 -14.85 -33.89 19.31
N CYS E 241 -15.50 -34.95 19.80
CA CYS E 241 -15.77 -36.17 19.04
C CYS E 241 -17.21 -36.22 18.48
N ASP E 242 -18.05 -35.19 18.80
CA ASP E 242 -19.46 -35.06 18.40
C ASP E 242 -20.25 -36.32 18.85
N VAL E 243 -20.07 -36.68 20.12
CA VAL E 243 -20.70 -37.81 20.81
C VAL E 243 -21.51 -37.25 21.98
N ASP E 244 -22.70 -37.81 22.23
CA ASP E 244 -23.58 -37.39 23.32
C ASP E 244 -22.87 -37.50 24.68
N ILE E 245 -23.04 -36.50 25.55
CA ILE E 245 -22.43 -36.42 26.88
C ILE E 245 -22.83 -37.65 27.75
N ASP E 246 -24.06 -38.15 27.58
CA ASP E 246 -24.57 -39.33 28.29
C ASP E 246 -23.91 -40.63 27.77
N GLY E 247 -23.33 -40.55 26.57
CA GLY E 247 -22.65 -41.66 25.90
C GLY E 247 -21.17 -41.80 26.21
N VAL E 248 -20.54 -40.72 26.74
CA VAL E 248 -19.12 -40.72 27.12
C VAL E 248 -19.00 -41.48 28.45
N ILE E 249 -18.33 -42.65 28.41
CA ILE E 249 -18.18 -43.55 29.57
C ILE E 249 -16.72 -43.59 30.05
N SER E 250 -16.53 -43.31 31.35
CA SER E 250 -15.23 -43.37 32.02
C SER E 250 -15.06 -44.76 32.63
N THR E 251 -14.10 -45.54 32.10
CA THR E 251 -13.86 -46.90 32.55
C THR E 251 -12.46 -46.99 33.22
N PRO E 252 -12.37 -46.74 34.55
CA PRO E 252 -11.06 -46.85 35.22
C PRO E 252 -10.64 -48.31 35.39
N ASP E 253 -9.34 -48.56 35.63
CA ASP E 253 -8.80 -49.92 35.80
C ASP E 253 -9.40 -50.59 37.05
N ALA E 254 -10.20 -51.64 36.81
CA ALA E 254 -10.89 -52.42 37.84
C ALA E 254 -9.94 -53.43 38.53
N PRO E 255 -10.15 -53.75 39.83
CA PRO E 255 -9.25 -54.73 40.48
C PRO E 255 -9.41 -56.15 39.93
N SER E 256 -10.65 -56.51 39.54
CA SER E 256 -10.98 -57.82 38.98
C SER E 256 -11.74 -57.65 37.65
N ILE E 257 -11.72 -58.70 36.79
CA ILE E 257 -12.38 -58.69 35.49
C ILE E 257 -13.92 -58.78 35.67
N TYR E 258 -14.38 -59.28 36.83
CA TYR E 258 -15.79 -59.43 37.16
C TYR E 258 -16.37 -58.13 37.75
N ASP E 259 -15.51 -57.11 37.97
CA ASP E 259 -15.90 -55.79 38.50
C ASP E 259 -16.31 -54.83 37.37
N ILE E 260 -15.84 -55.09 36.13
CA ILE E 260 -16.11 -54.28 34.92
C ILE E 260 -17.65 -54.13 34.66
N PRO E 261 -18.52 -55.18 34.74
CA PRO E 261 -19.96 -54.94 34.51
C PRO E 261 -20.58 -53.94 35.51
N LYS E 262 -20.07 -53.93 36.76
CA LYS E 262 -20.53 -53.00 37.81
C LYS E 262 -20.04 -51.57 37.53
N VAL E 263 -18.85 -51.43 36.91
CA VAL E 263 -18.24 -50.14 36.54
C VAL E 263 -19.06 -49.48 35.41
N LEU E 264 -19.40 -50.25 34.36
CA LEU E 264 -20.19 -49.78 33.20
C LEU E 264 -21.63 -49.43 33.61
N HIS E 265 -22.18 -50.15 34.61
CA HIS E 265 -23.53 -49.93 35.13
C HIS E 265 -23.60 -48.60 35.91
N ARG E 266 -22.52 -48.27 36.66
CA ARG E 266 -22.40 -47.04 37.45
C ARG E 266 -22.37 -45.81 36.54
N GLU E 267 -21.80 -45.96 35.31
CA GLU E 267 -21.71 -44.92 34.29
C GLU E 267 -22.98 -44.85 33.42
N GLU E 268 -23.93 -45.80 33.65
CA GLU E 268 -25.23 -45.94 33.00
C GLU E 268 -25.09 -46.18 31.47
N LEU E 269 -24.11 -47.01 31.06
CA LEU E 269 -23.89 -47.36 29.65
C LEU E 269 -24.97 -48.35 29.17
N ASP E 270 -25.28 -49.37 30.01
CA ASP E 270 -26.27 -50.41 29.74
C ASP E 270 -27.67 -49.80 29.49
N ALA E 271 -28.04 -48.77 30.28
CA ALA E 271 -29.32 -48.06 30.16
C ALA E 271 -29.33 -47.18 28.91
N PHE E 272 -28.16 -46.61 28.54
CA PHE E 272 -27.99 -45.74 27.36
C PHE E 272 -28.14 -46.55 26.07
N VAL E 273 -27.61 -47.79 26.04
CA VAL E 273 -27.66 -48.72 24.91
C VAL E 273 -29.12 -49.11 24.61
N VAL E 274 -29.89 -49.44 25.68
CA VAL E 274 -31.30 -49.84 25.61
C VAL E 274 -32.16 -48.67 25.09
N ARG E 275 -31.91 -47.45 25.60
CA ARG E 275 -32.64 -46.22 25.24
C ARG E 275 -32.39 -45.80 23.78
N ARG E 276 -31.13 -45.90 23.31
CA ARG E 276 -30.73 -45.52 21.94
C ARG E 276 -31.26 -46.52 20.90
N LEU E 277 -31.18 -47.83 21.18
CA LEU E 277 -31.62 -48.88 20.27
C LEU E 277 -33.14 -49.18 20.41
N ASN E 278 -33.84 -48.48 21.33
CA ASN E 278 -35.27 -48.60 21.65
C ASN E 278 -35.64 -50.05 22.06
N LEU E 279 -34.71 -50.73 22.77
CA LEU E 279 -34.86 -52.09 23.28
C LEU E 279 -35.83 -52.14 24.47
N PRO E 280 -36.44 -53.32 24.81
CA PRO E 280 -37.35 -53.35 25.97
C PRO E 280 -36.59 -53.15 27.28
N PHE E 281 -37.00 -52.14 28.07
CA PHE E 281 -36.35 -51.81 29.34
C PHE E 281 -36.84 -52.67 30.49
N ARG E 282 -35.90 -53.13 31.32
CA ARG E 282 -36.09 -53.95 32.52
C ARG E 282 -34.85 -53.82 33.40
N ASP E 283 -35.04 -53.66 34.72
CA ASP E 283 -33.96 -53.49 35.70
C ASP E 283 -33.02 -54.70 35.76
N VAL E 284 -31.74 -54.44 36.05
CA VAL E 284 -30.66 -55.45 36.14
C VAL E 284 -30.86 -56.35 37.37
N ASP E 285 -30.85 -57.68 37.16
CA ASP E 285 -30.97 -58.66 38.23
C ASP E 285 -29.57 -59.06 38.67
N TRP E 286 -29.04 -58.33 39.68
CA TRP E 286 -27.69 -58.53 40.22
C TRP E 286 -27.58 -59.75 41.15
N THR E 287 -28.71 -60.45 41.43
CA THR E 287 -28.83 -61.62 42.31
C THR E 287 -27.72 -62.67 42.08
N GLU E 288 -27.41 -63.00 40.80
CA GLU E 288 -26.40 -64.00 40.45
C GLU E 288 -24.97 -63.42 40.45
N TRP E 289 -24.79 -62.21 39.89
CA TRP E 289 -23.46 -61.57 39.78
C TRP E 289 -22.92 -61.10 41.13
N ASP E 290 -23.80 -60.64 42.06
CA ASP E 290 -23.40 -60.19 43.40
C ASP E 290 -22.89 -61.37 44.23
N ASP E 291 -23.46 -62.57 44.01
CA ASP E 291 -23.06 -63.82 44.67
C ASP E 291 -21.63 -64.20 44.25
N LEU E 292 -21.30 -63.96 42.97
CA LEU E 292 -19.98 -64.22 42.38
C LEU E 292 -18.95 -63.23 42.95
N LEU E 293 -19.30 -61.92 42.97
CA LEU E 293 -18.44 -60.83 43.47
C LEU E 293 -18.07 -61.04 44.95
N ARG E 294 -19.00 -61.59 45.75
CA ARG E 294 -18.79 -61.91 47.16
C ARG E 294 -17.77 -63.03 47.31
N ARG E 295 -17.81 -64.03 46.40
CA ARG E 295 -16.90 -65.17 46.37
C ARG E 295 -15.50 -64.76 45.88
N VAL E 296 -15.40 -63.66 45.09
CA VAL E 296 -14.16 -63.13 44.53
C VAL E 296 -13.42 -62.26 45.57
N HIS E 297 -14.10 -61.23 46.11
CA HIS E 297 -13.54 -60.25 47.03
C HIS E 297 -13.48 -60.71 48.51
N GLU E 298 -14.34 -61.67 48.92
CA GLU E 298 -14.34 -62.14 50.31
C GLU E 298 -14.04 -63.67 50.40
N PRO E 299 -12.78 -64.13 50.16
CA PRO E 299 -12.50 -65.57 50.27
C PRO E 299 -12.15 -65.99 51.70
N HIS E 300 -12.57 -67.19 52.11
CA HIS E 300 -12.32 -67.71 53.45
C HIS E 300 -11.00 -68.48 53.54
N GLU E 301 -10.59 -69.13 52.44
CA GLU E 301 -9.35 -69.91 52.39
C GLU E 301 -8.49 -69.53 51.17
N THR E 302 -7.21 -69.94 51.17
CA THR E 302 -6.27 -69.72 50.07
C THR E 302 -5.58 -71.06 49.77
N VAL E 303 -5.77 -71.58 48.55
CA VAL E 303 -5.21 -72.86 48.13
C VAL E 303 -4.26 -72.65 46.92
N ARG E 304 -3.08 -73.29 46.97
CA ARG E 304 -2.06 -73.21 45.92
C ARG E 304 -2.16 -74.43 45.01
N ILE E 305 -2.39 -74.20 43.70
CA ILE E 305 -2.49 -75.28 42.72
C ILE E 305 -1.48 -75.02 41.59
N ALA E 306 -0.60 -76.01 41.34
CA ALA E 306 0.44 -75.92 40.32
C ALA E 306 -0.09 -76.29 38.94
N LEU E 307 0.28 -75.48 37.93
CA LEU E 307 -0.08 -75.68 36.53
C LEU E 307 1.18 -76.10 35.77
N VAL E 308 1.37 -77.43 35.63
CA VAL E 308 2.54 -78.02 34.99
C VAL E 308 2.40 -77.91 33.45
N GLY E 309 2.78 -76.75 32.91
CA GLY E 309 2.73 -76.46 31.48
C GLY E 309 4.10 -76.39 30.85
N LYS E 310 4.15 -76.40 29.50
CA LYS E 310 5.38 -76.33 28.70
C LYS E 310 6.08 -74.96 28.90
N TYR E 311 5.32 -73.86 28.87
CA TYR E 311 5.81 -72.51 29.07
C TYR E 311 5.18 -71.89 30.33
N VAL E 312 6.01 -71.22 31.14
CA VAL E 312 5.61 -70.61 32.42
C VAL E 312 5.33 -69.11 32.30
N GLU E 313 4.69 -68.54 33.35
CA GLU E 313 4.32 -67.14 33.58
C GLU E 313 3.21 -66.60 32.65
N LEU E 314 3.00 -67.24 31.48
CA LEU E 314 1.97 -66.81 30.53
C LEU E 314 0.60 -67.39 30.92
N SER E 315 -0.39 -66.49 31.06
CA SER E 315 -1.75 -66.82 31.45
C SER E 315 -2.66 -67.12 30.25
N ASP E 316 -2.50 -66.37 29.13
CA ASP E 316 -3.30 -66.49 27.92
C ASP E 316 -3.11 -67.84 27.17
N ALA E 317 -2.05 -68.61 27.50
CA ALA E 317 -1.80 -69.93 26.91
C ALA E 317 -2.74 -70.99 27.49
N TYR E 318 -3.06 -70.86 28.79
CA TYR E 318 -3.96 -71.74 29.53
C TYR E 318 -5.02 -70.88 30.27
N LEU E 319 -5.65 -69.93 29.54
CA LEU E 319 -6.64 -68.97 30.05
C LEU E 319 -7.90 -69.65 30.59
N SER E 320 -8.52 -70.57 29.80
CA SER E 320 -9.74 -71.28 30.20
C SER E 320 -9.47 -72.22 31.37
N VAL E 321 -8.25 -72.80 31.45
CA VAL E 321 -7.80 -73.70 32.51
C VAL E 321 -7.71 -72.91 33.82
N ALA E 322 -7.03 -71.74 33.80
CA ALA E 322 -6.86 -70.85 34.95
C ALA E 322 -8.20 -70.31 35.45
N GLU E 323 -9.12 -69.95 34.53
CA GLU E 323 -10.45 -69.44 34.84
C GLU E 323 -11.33 -70.53 35.46
N ALA E 324 -11.17 -71.80 35.02
CA ALA E 324 -11.91 -72.95 35.55
C ALA E 324 -11.44 -73.29 36.96
N LEU E 325 -10.14 -73.08 37.24
CA LEU E 325 -9.52 -73.31 38.54
C LEU E 325 -10.04 -72.30 39.56
N ARG E 326 -10.18 -71.03 39.15
CA ARG E 326 -10.70 -69.95 40.00
C ARG E 326 -12.19 -70.15 40.25
N ALA E 327 -12.93 -70.66 39.23
CA ALA E 327 -14.37 -70.96 39.29
C ALA E 327 -14.66 -72.06 40.31
N GLY E 328 -13.79 -73.08 40.35
CA GLY E 328 -13.87 -74.18 41.28
C GLY E 328 -13.63 -73.73 42.71
N GLY E 329 -12.77 -72.73 42.87
CA GLY E 329 -12.43 -72.11 44.14
C GLY E 329 -13.56 -71.29 44.72
N PHE E 330 -14.35 -70.61 43.84
CA PHE E 330 -15.48 -69.78 44.24
C PHE E 330 -16.61 -70.63 44.87
N LYS E 331 -16.81 -71.87 44.37
CA LYS E 331 -17.82 -72.81 44.87
C LYS E 331 -17.55 -73.17 46.34
N HIS E 332 -16.25 -73.25 46.72
CA HIS E 332 -15.80 -73.54 48.08
C HIS E 332 -15.53 -72.24 48.85
N ARG E 333 -15.71 -71.07 48.19
CA ARG E 333 -15.49 -69.71 48.70
C ARG E 333 -14.04 -69.54 49.17
N ALA E 334 -13.09 -69.87 48.27
CA ALA E 334 -11.65 -69.81 48.49
C ALA E 334 -10.89 -69.25 47.29
N LYS E 335 -9.75 -68.59 47.55
CA LYS E 335 -8.87 -68.00 46.54
C LYS E 335 -7.87 -69.05 46.05
N VAL E 336 -7.75 -69.21 44.72
CA VAL E 336 -6.84 -70.17 44.11
C VAL E 336 -5.60 -69.44 43.59
N GLU E 337 -4.43 -69.77 44.15
CA GLU E 337 -3.14 -69.21 43.75
C GLU E 337 -2.47 -70.17 42.77
N ILE E 338 -2.51 -69.82 41.47
CA ILE E 338 -1.96 -70.66 40.40
C ILE E 338 -0.43 -70.55 40.38
N CYS E 339 0.25 -71.70 40.55
CA CYS E 339 1.71 -71.80 40.53
C CYS E 339 2.15 -72.27 39.16
N TRP E 340 2.63 -71.34 38.32
CA TRP E 340 3.06 -71.63 36.94
C TRP E 340 4.41 -72.37 36.97
N VAL E 341 4.34 -73.70 36.86
CA VAL E 341 5.48 -74.62 36.91
C VAL E 341 5.83 -75.11 35.50
N ALA E 342 7.13 -75.04 35.14
CA ALA E 342 7.63 -75.52 33.84
C ALA E 342 7.77 -77.03 33.88
N SER E 343 7.15 -77.73 32.90
CA SER E 343 7.13 -79.18 32.80
C SER E 343 8.54 -79.80 32.75
N ASP E 344 9.45 -79.20 31.96
CA ASP E 344 10.85 -79.64 31.77
C ASP E 344 11.63 -79.83 33.09
N GLY E 345 11.32 -79.03 34.10
CA GLY E 345 11.96 -79.09 35.41
C GLY E 345 11.55 -80.29 36.24
N CYS E 346 10.34 -80.84 35.97
CA CYS E 346 9.77 -81.99 36.68
C CYS E 346 10.21 -83.34 36.07
N GLU E 347 11.14 -83.34 35.09
CA GLU E 347 11.66 -84.53 34.42
C GLU E 347 12.30 -85.51 35.44
N THR E 348 13.10 -84.97 36.38
CA THR E 348 13.74 -85.72 37.45
C THR E 348 12.86 -85.66 38.71
N THR E 349 12.92 -86.69 39.56
CA THR E 349 12.14 -86.80 40.80
C THR E 349 12.57 -85.72 41.81
N SER E 350 13.86 -85.31 41.80
CA SER E 350 14.42 -84.28 42.68
C SER E 350 13.91 -82.90 42.28
N GLY E 351 13.86 -82.64 40.97
CA GLY E 351 13.40 -81.39 40.40
C GLY E 351 11.90 -81.17 40.54
N ALA E 352 11.13 -82.26 40.41
CA ALA E 352 9.66 -82.27 40.55
C ALA E 352 9.27 -81.96 41.99
N ALA E 353 10.04 -82.50 42.97
CA ALA E 353 9.82 -82.29 44.40
C ALA E 353 10.09 -80.84 44.80
N ALA E 354 11.11 -80.20 44.20
CA ALA E 354 11.48 -78.81 44.48
C ALA E 354 10.46 -77.84 43.89
N ALA E 355 9.79 -78.22 42.79
CA ALA E 355 8.81 -77.38 42.10
C ALA E 355 7.39 -77.59 42.63
N LEU E 356 7.01 -78.84 42.99
CA LEU E 356 5.67 -79.17 43.48
C LEU E 356 5.64 -79.47 44.99
N GLY E 357 6.59 -78.91 45.73
CA GLY E 357 6.70 -79.12 47.17
C GLY E 357 5.71 -78.37 48.03
N ASP E 358 5.67 -77.03 47.89
CA ASP E 358 4.82 -76.13 48.66
C ASP E 358 3.37 -76.03 48.14
N VAL E 359 3.03 -76.70 47.01
CA VAL E 359 1.69 -76.64 46.43
C VAL E 359 0.72 -77.61 47.16
N HIS E 360 -0.60 -77.41 46.97
CA HIS E 360 -1.67 -78.21 47.56
C HIS E 360 -2.38 -79.09 46.51
N GLY E 361 -2.13 -78.83 45.23
CA GLY E 361 -2.71 -79.56 44.11
C GLY E 361 -1.88 -79.47 42.84
N VAL E 362 -1.96 -80.51 41.98
CA VAL E 362 -1.21 -80.59 40.72
C VAL E 362 -2.17 -80.75 39.54
N LEU E 363 -2.03 -79.89 38.52
CA LEU E 363 -2.85 -79.94 37.30
C LEU E 363 -1.95 -80.14 36.08
N ILE E 364 -2.33 -81.10 35.21
CA ILE E 364 -1.59 -81.43 33.98
C ILE E 364 -2.47 -81.01 32.77
N PRO E 365 -2.27 -79.78 32.22
CA PRO E 365 -3.11 -79.35 31.09
C PRO E 365 -2.68 -79.96 29.76
N GLY E 366 -3.58 -79.92 28.78
CA GLY E 366 -3.36 -80.45 27.45
C GLY E 366 -2.40 -79.63 26.62
N GLY E 367 -1.36 -80.28 26.13
CA GLY E 367 -0.33 -79.67 25.28
C GLY E 367 -0.45 -80.14 23.84
N PHE E 368 -0.97 -79.26 22.97
CA PHE E 368 -1.16 -79.56 21.55
C PHE E 368 0.07 -79.12 20.76
N GLY E 369 0.68 -80.08 20.06
CA GLY E 369 1.87 -79.87 19.24
C GLY E 369 3.15 -79.66 20.01
N ILE E 370 3.17 -80.04 21.30
CA ILE E 370 4.35 -79.91 22.18
C ILE E 370 5.28 -81.14 21.99
N ARG E 371 6.49 -81.10 22.59
CA ARG E 371 7.46 -82.19 22.49
C ARG E 371 7.89 -82.74 23.87
N GLY E 372 7.92 -81.86 24.88
CA GLY E 372 8.30 -82.23 26.24
C GLY E 372 7.19 -82.87 27.03
N ILE E 373 7.09 -84.22 26.96
CA ILE E 373 6.07 -85.01 27.65
C ILE E 373 6.61 -85.64 28.95
N GLU E 374 7.91 -86.02 28.99
CA GLU E 374 8.59 -86.67 30.11
C GLU E 374 8.49 -85.91 31.43
N GLY E 375 8.43 -84.58 31.35
CA GLY E 375 8.30 -83.71 32.52
C GLY E 375 6.95 -83.81 33.20
N LYS E 376 5.87 -83.87 32.39
CA LYS E 376 4.49 -83.99 32.85
C LYS E 376 4.24 -85.35 33.50
N ILE E 377 4.89 -86.42 32.98
CA ILE E 377 4.82 -87.79 33.50
C ILE E 377 5.50 -87.82 34.89
N GLY E 378 6.65 -87.16 35.00
CA GLY E 378 7.43 -87.05 36.23
C GLY E 378 6.71 -86.27 37.32
N ALA E 379 5.86 -85.30 36.92
CA ALA E 379 5.06 -84.47 37.84
C ALA E 379 3.96 -85.31 38.51
N ILE E 380 3.35 -86.25 37.75
CA ILE E 380 2.31 -87.17 38.23
C ILE E 380 2.95 -88.19 39.19
N ALA E 381 4.14 -88.72 38.81
CA ALA E 381 4.92 -89.69 39.60
C ALA E 381 5.21 -89.17 41.01
N TYR E 382 5.57 -87.86 41.14
CA TYR E 382 5.85 -87.25 42.44
C TYR E 382 4.55 -87.03 43.21
N ALA E 383 3.51 -86.47 42.55
CA ALA E 383 2.21 -86.17 43.14
C ALA E 383 1.53 -87.42 43.70
N ARG E 384 1.73 -88.59 43.05
CA ARG E 384 1.20 -89.88 43.49
C ARG E 384 1.92 -90.34 44.76
N ALA E 385 3.23 -90.07 44.86
CA ALA E 385 4.06 -90.45 46.00
C ALA E 385 3.83 -89.52 47.19
N ARG E 386 3.71 -88.20 46.95
CA ARG E 386 3.50 -87.18 47.97
C ARG E 386 2.05 -87.21 48.49
N GLY E 387 1.11 -87.53 47.61
CA GLY E 387 -0.31 -87.61 47.93
C GLY E 387 -1.09 -86.37 47.52
N LEU E 388 -0.62 -85.68 46.47
CA LEU E 388 -1.23 -84.46 45.93
C LEU E 388 -2.38 -84.79 44.96
N PRO E 389 -3.50 -84.04 44.97
CA PRO E 389 -4.59 -84.31 44.02
C PRO E 389 -4.17 -83.97 42.59
N VAL E 390 -4.49 -84.87 41.62
CA VAL E 390 -4.10 -84.70 40.22
C VAL E 390 -5.33 -84.61 39.31
N LEU E 391 -5.34 -83.59 38.44
CA LEU E 391 -6.38 -83.38 37.43
C LEU E 391 -5.68 -83.24 36.08
N GLY E 392 -5.84 -84.27 35.24
CA GLY E 392 -5.23 -84.32 33.92
C GLY E 392 -6.22 -84.05 32.83
N LEU E 393 -5.93 -83.06 31.97
CA LEU E 393 -6.80 -82.67 30.85
C LEU E 393 -6.13 -83.04 29.52
N CYS E 394 -6.88 -83.75 28.65
CA CYS E 394 -6.50 -84.24 27.32
C CYS E 394 -5.16 -85.02 27.37
N LEU E 395 -4.01 -84.32 27.27
CA LEU E 395 -2.67 -84.90 27.36
C LEU E 395 -2.41 -85.38 28.79
N GLY E 396 -3.10 -84.78 29.76
CA GLY E 396 -3.04 -85.12 31.17
C GLY E 396 -3.44 -86.55 31.45
N LEU E 397 -4.57 -87.00 30.83
CA LEU E 397 -5.07 -88.38 30.93
C LEU E 397 -4.06 -89.34 30.31
N GLN E 398 -3.52 -88.94 29.12
CA GLN E 398 -2.51 -89.69 28.36
C GLN E 398 -1.24 -89.89 29.19
N CYS E 399 -0.82 -88.84 29.94
CA CYS E 399 0.36 -88.85 30.81
C CYS E 399 0.14 -89.71 32.06
N ILE E 400 -1.10 -89.74 32.61
CA ILE E 400 -1.46 -90.55 33.77
C ILE E 400 -1.36 -92.04 33.37
N VAL E 401 -1.87 -92.39 32.17
CA VAL E 401 -1.87 -93.73 31.58
C VAL E 401 -0.42 -94.22 31.37
N ILE E 402 0.48 -93.37 30.81
CA ILE E 402 1.89 -93.68 30.56
C ILE E 402 2.59 -93.97 31.92
N GLU E 403 2.40 -93.09 32.93
CA GLU E 403 2.97 -93.21 34.27
C GLU E 403 2.44 -94.48 34.97
N ALA E 404 1.14 -94.80 34.78
CA ALA E 404 0.49 -95.98 35.34
C ALA E 404 1.11 -97.26 34.78
N ALA E 405 1.33 -97.31 33.45
CA ALA E 405 1.93 -98.44 32.74
C ALA E 405 3.41 -98.60 33.08
N ARG E 406 4.12 -97.47 33.32
CA ARG E 406 5.54 -97.44 33.67
C ARG E 406 5.78 -97.97 35.08
N SER E 407 4.89 -97.64 36.03
CA SER E 407 4.98 -98.10 37.43
C SER E 407 4.74 -99.62 37.52
N VAL E 408 3.95 -100.18 36.57
CA VAL E 408 3.63 -101.60 36.46
C VAL E 408 4.90 -102.40 36.07
N GLY E 409 5.69 -101.87 35.15
CA GLY E 409 6.92 -102.52 34.72
C GLY E 409 7.39 -102.18 33.31
N LEU E 410 6.48 -101.68 32.46
CA LEU E 410 6.78 -101.29 31.09
C LEU E 410 7.63 -100.01 31.07
N THR E 411 8.97 -100.19 31.04
CA THR E 411 9.93 -99.09 31.04
C THR E 411 9.86 -98.28 29.74
N ASN E 412 9.57 -98.94 28.61
CA ASN E 412 9.52 -98.31 27.29
C ASN E 412 8.09 -97.85 26.88
N ALA E 413 7.14 -97.77 27.84
CA ALA E 413 5.76 -97.33 27.57
C ALA E 413 5.70 -95.82 27.32
N ASN E 414 5.18 -95.41 26.14
CA ASN E 414 5.07 -94.01 25.71
C ASN E 414 3.96 -93.82 24.66
N SER E 415 3.66 -92.56 24.30
CA SER E 415 2.69 -92.18 23.28
C SER E 415 3.36 -92.21 21.90
N ALA E 416 2.63 -92.68 20.87
CA ALA E 416 3.11 -92.77 19.48
C ALA E 416 3.34 -91.38 18.86
N GLU E 417 2.65 -90.36 19.40
CA GLU E 417 2.71 -88.95 19.01
C GLU E 417 4.10 -88.36 19.26
N PHE E 418 4.75 -88.78 20.36
CA PHE E 418 6.05 -88.28 20.81
C PHE E 418 7.18 -89.25 20.44
N ASP E 419 6.94 -90.57 20.58
CA ASP E 419 7.91 -91.61 20.22
C ASP E 419 7.22 -92.62 19.29
N PRO E 420 7.41 -92.51 17.95
CA PRO E 420 6.73 -93.44 17.04
C PRO E 420 7.34 -94.85 17.04
N ASP E 421 8.63 -94.97 17.37
CA ASP E 421 9.37 -96.23 17.39
C ASP E 421 9.31 -96.92 18.78
N THR E 422 8.27 -96.62 19.58
CA THR E 422 8.11 -97.21 20.92
C THR E 422 7.59 -98.66 20.79
N PRO E 423 8.15 -99.64 21.54
CA PRO E 423 7.65 -101.02 21.44
C PRO E 423 6.34 -101.24 22.20
N ASP E 424 5.96 -100.29 23.08
CA ASP E 424 4.73 -100.34 23.86
C ASP E 424 3.93 -99.03 23.72
N PRO E 425 3.16 -98.85 22.62
CA PRO E 425 2.39 -97.61 22.46
C PRO E 425 1.04 -97.70 23.18
N VAL E 426 1.00 -97.23 24.43
CA VAL E 426 -0.20 -97.21 25.28
C VAL E 426 -1.19 -96.13 24.79
N ILE E 427 -0.68 -95.09 24.10
CA ILE E 427 -1.46 -94.00 23.51
C ILE E 427 -1.18 -93.99 22.01
N ALA E 428 -2.20 -94.33 21.19
CA ALA E 428 -2.09 -94.39 19.73
C ALA E 428 -3.39 -94.00 19.03
N THR E 429 -3.31 -93.69 17.72
CA THR E 429 -4.45 -93.33 16.88
C THR E 429 -5.33 -94.55 16.58
N MET E 430 -6.65 -94.31 16.38
CA MET E 430 -7.70 -95.30 16.09
C MET E 430 -7.80 -96.36 17.19
N THR E 446 -10.77 -90.05 12.84
CA THR E 446 -9.59 -90.20 13.70
C THR E 446 -9.43 -88.96 14.61
N MET E 447 -9.68 -87.75 14.08
CA MET E 447 -9.59 -86.49 14.82
C MET E 447 -10.96 -86.18 15.45
N ARG E 448 -10.96 -85.92 16.77
CA ARG E 448 -12.18 -85.65 17.54
C ARG E 448 -12.26 -84.17 17.91
N LEU E 449 -13.35 -83.49 17.50
CA LEU E 449 -13.60 -82.07 17.77
C LEU E 449 -15.05 -81.82 18.17
N GLY E 450 -15.24 -81.04 19.23
CA GLY E 450 -16.55 -80.69 19.75
C GLY E 450 -17.03 -81.57 20.88
N SER E 451 -18.34 -81.44 21.22
CA SER E 451 -18.97 -82.20 22.29
C SER E 451 -19.18 -83.66 21.89
N TYR E 452 -18.66 -84.57 22.72
CA TYR E 452 -18.77 -86.03 22.55
C TYR E 452 -19.41 -86.65 23.79
N PRO E 453 -20.38 -87.60 23.62
CA PRO E 453 -21.01 -88.20 24.81
C PRO E 453 -20.10 -89.23 25.49
N ALA E 454 -20.24 -89.37 26.82
CA ALA E 454 -19.44 -90.30 27.62
C ALA E 454 -20.26 -90.92 28.75
N VAL E 455 -20.29 -92.27 28.81
CA VAL E 455 -21.00 -93.03 29.85
C VAL E 455 -20.03 -93.21 31.04
N LEU E 456 -20.53 -93.00 32.26
CA LEU E 456 -19.76 -93.06 33.49
C LEU E 456 -20.12 -94.27 34.35
N GLU E 457 -19.09 -94.85 35.01
CA GLU E 457 -19.22 -96.00 35.91
C GLU E 457 -19.89 -95.54 37.22
N PRO E 458 -20.94 -96.24 37.72
CA PRO E 458 -21.59 -95.79 38.96
C PRO E 458 -20.69 -95.92 40.19
N ASP E 459 -20.89 -95.00 41.16
CA ASP E 459 -20.18 -94.89 42.45
C ASP E 459 -18.67 -94.60 42.27
N SER E 460 -18.25 -94.11 41.09
CA SER E 460 -16.85 -93.75 40.82
C SER E 460 -16.59 -92.30 41.25
N VAL E 461 -15.30 -91.88 41.27
CA VAL E 461 -14.87 -90.54 41.68
C VAL E 461 -15.47 -89.47 40.72
N VAL E 462 -15.46 -89.75 39.40
CA VAL E 462 -16.01 -88.86 38.37
C VAL E 462 -17.55 -88.78 38.49
N ALA E 463 -18.20 -89.92 38.82
CA ALA E 463 -19.66 -90.00 39.00
C ALA E 463 -20.10 -89.25 40.25
N GLN E 464 -19.26 -89.25 41.30
CA GLN E 464 -19.51 -88.54 42.56
C GLN E 464 -19.39 -87.03 42.37
N ALA E 465 -18.51 -86.60 41.44
CA ALA E 465 -18.28 -85.19 41.11
C ALA E 465 -19.42 -84.65 40.24
N TYR E 466 -19.67 -85.31 39.08
CA TYR E 466 -20.72 -84.94 38.12
C TYR E 466 -22.13 -85.12 38.68
N GLN E 467 -22.34 -86.16 39.54
CA GLN E 467 -23.60 -86.57 40.17
C GLN E 467 -24.61 -87.05 39.10
N THR E 468 -24.08 -87.70 38.04
CA THR E 468 -24.83 -88.27 36.90
C THR E 468 -24.02 -89.41 36.24
N THR E 469 -24.73 -90.36 35.61
CA THR E 469 -24.13 -91.51 34.92
C THR E 469 -23.83 -91.21 33.45
N GLN E 470 -24.43 -90.14 32.89
CA GLN E 470 -24.23 -89.74 31.50
C GLN E 470 -23.75 -88.28 31.42
N VAL E 471 -22.63 -88.03 30.70
CA VAL E 471 -22.03 -86.70 30.56
C VAL E 471 -21.69 -86.37 29.09
N SER E 472 -21.33 -85.11 28.82
CA SER E 472 -20.93 -84.57 27.51
C SER E 472 -19.86 -83.50 27.70
N GLU E 473 -18.70 -83.66 27.04
CA GLU E 473 -17.56 -82.73 27.13
C GLU E 473 -16.95 -82.44 25.75
N ARG E 474 -16.28 -81.27 25.61
CA ARG E 474 -15.64 -80.82 24.36
C ARG E 474 -14.23 -81.41 24.18
N HIS E 475 -13.96 -82.01 23.00
CA HIS E 475 -12.68 -82.66 22.66
C HIS E 475 -11.90 -81.90 21.58
N ARG E 476 -10.56 -82.12 21.54
CA ARG E 476 -9.62 -81.56 20.57
C ARG E 476 -8.31 -82.39 20.59
N HIS E 477 -8.36 -83.59 19.98
CA HIS E 477 -7.24 -84.55 19.88
C HIS E 477 -7.53 -85.63 18.84
N ARG E 478 -6.50 -86.41 18.46
CA ARG E 478 -6.61 -87.51 17.51
C ARG E 478 -6.04 -88.82 18.09
N TYR E 479 -5.26 -88.72 19.19
CA TYR E 479 -4.65 -89.87 19.85
C TYR E 479 -5.52 -90.36 21.02
N GLU E 480 -5.80 -91.67 21.06
CA GLU E 480 -6.64 -92.32 22.07
C GLU E 480 -5.85 -93.35 22.88
N VAL E 481 -6.49 -93.97 23.90
CA VAL E 481 -5.89 -95.00 24.74
C VAL E 481 -5.97 -96.34 24.00
N ASN E 482 -4.82 -97.06 23.89
CA ASN E 482 -4.74 -98.37 23.23
C ASN E 482 -5.50 -99.40 24.07
N ASN E 483 -6.54 -100.00 23.46
CA ASN E 483 -7.43 -100.98 24.12
C ASN E 483 -6.74 -102.31 24.43
N ALA E 484 -5.64 -102.63 23.72
CA ALA E 484 -4.88 -103.86 23.93
C ALA E 484 -4.09 -103.82 25.24
N TYR E 485 -3.64 -102.60 25.65
CA TYR E 485 -2.85 -102.39 26.86
C TYR E 485 -3.72 -102.13 28.11
N ARG E 486 -5.07 -102.05 27.95
CA ARG E 486 -6.04 -101.81 29.03
C ARG E 486 -5.84 -102.70 30.26
N ASP E 487 -5.54 -104.01 30.05
CA ASP E 487 -5.32 -104.99 31.10
C ASP E 487 -4.01 -104.75 31.85
N LYS E 488 -2.93 -104.38 31.13
CA LYS E 488 -1.61 -104.12 31.70
C LYS E 488 -1.61 -102.81 32.52
N ILE E 489 -2.38 -101.80 32.07
CA ILE E 489 -2.50 -100.49 32.72
C ILE E 489 -3.31 -100.65 34.03
N ALA E 490 -4.34 -101.54 34.01
CA ALA E 490 -5.23 -101.84 35.14
C ALA E 490 -4.49 -102.44 36.35
N GLU E 491 -3.28 -103.01 36.14
CA GLU E 491 -2.43 -103.62 37.18
C GLU E 491 -1.99 -102.59 38.24
N SER E 492 -1.84 -101.30 37.85
CA SER E 492 -1.44 -100.21 38.73
C SER E 492 -2.53 -99.84 39.73
N GLY E 493 -3.78 -100.14 39.38
CA GLY E 493 -4.96 -99.86 40.19
C GLY E 493 -5.92 -98.91 39.49
N LEU E 494 -5.44 -98.23 38.42
CA LEU E 494 -6.19 -97.28 37.61
C LEU E 494 -7.41 -97.95 36.96
N ARG E 495 -8.56 -97.27 37.04
CA ARG E 495 -9.83 -97.75 36.50
C ARG E 495 -10.34 -96.81 35.42
N PHE E 496 -10.84 -97.39 34.32
CA PHE E 496 -11.41 -96.65 33.18
C PHE E 496 -12.90 -96.40 33.47
N SER E 497 -13.17 -95.45 34.37
CA SER E 497 -14.51 -95.06 34.84
C SER E 497 -15.37 -94.43 33.75
N GLY E 498 -14.75 -93.70 32.83
CA GLY E 498 -15.44 -93.04 31.74
C GLY E 498 -15.06 -93.57 30.38
N THR E 499 -16.07 -93.99 29.60
CA THR E 499 -15.90 -94.53 28.25
C THR E 499 -16.96 -93.96 27.31
N SER E 500 -16.78 -94.16 25.99
CA SER E 500 -17.70 -93.74 24.93
C SER E 500 -19.03 -94.53 25.04
N PRO E 501 -20.17 -94.12 24.42
CA PRO E 501 -21.41 -94.92 24.55
C PRO E 501 -21.23 -96.40 24.19
N ASP E 502 -20.45 -96.69 23.14
CA ASP E 502 -20.16 -98.05 22.67
C ASP E 502 -19.08 -98.73 23.55
N GLY E 503 -18.36 -97.95 24.34
CA GLY E 503 -17.33 -98.43 25.26
C GLY E 503 -15.99 -98.74 24.62
N HIS E 504 -15.78 -98.27 23.38
CA HIS E 504 -14.54 -98.50 22.63
C HIS E 504 -13.44 -97.49 23.03
N LEU E 505 -13.80 -96.19 23.16
CA LEU E 505 -12.84 -95.14 23.49
C LEU E 505 -12.85 -94.82 24.99
N VAL E 506 -11.66 -94.66 25.58
CA VAL E 506 -11.49 -94.31 27.00
C VAL E 506 -11.62 -92.77 27.12
N GLU E 507 -12.56 -92.31 27.95
CA GLU E 507 -12.86 -90.89 28.15
C GLU E 507 -12.35 -90.36 29.50
N PHE E 508 -12.39 -91.20 30.57
CA PHE E 508 -11.94 -90.83 31.91
C PHE E 508 -11.19 -91.98 32.60
N VAL E 509 -10.12 -91.63 33.35
CA VAL E 509 -9.32 -92.58 34.14
C VAL E 509 -9.22 -92.06 35.57
N GLU E 510 -9.26 -92.97 36.56
CA GLU E 510 -9.19 -92.61 37.98
C GLU E 510 -8.63 -93.73 38.86
N TYR E 511 -8.00 -93.34 39.97
CA TYR E 511 -7.49 -94.26 40.99
C TYR E 511 -8.52 -94.36 42.11
N PRO E 512 -8.77 -95.56 42.70
CA PRO E 512 -9.77 -95.65 43.77
C PRO E 512 -9.38 -94.87 45.04
N PRO E 513 -10.36 -94.36 45.83
CA PRO E 513 -10.00 -93.57 47.04
C PRO E 513 -9.14 -94.34 48.06
N ASP E 514 -9.21 -95.69 48.07
CA ASP E 514 -8.42 -96.55 48.95
C ASP E 514 -6.95 -96.64 48.48
N ARG E 515 -6.64 -96.13 47.27
CA ARG E 515 -5.29 -96.09 46.70
C ARG E 515 -4.78 -94.65 46.67
N HIS E 516 -5.58 -93.71 46.13
CA HIS E 516 -5.28 -92.27 46.04
C HIS E 516 -6.57 -91.45 46.25
N PRO E 517 -6.53 -90.36 47.05
CA PRO E 517 -7.75 -89.57 47.29
C PRO E 517 -8.38 -88.99 46.01
N PHE E 518 -7.56 -88.36 45.12
CA PHE E 518 -8.06 -87.78 43.87
C PHE E 518 -6.96 -87.71 42.80
N VAL E 519 -6.99 -88.66 41.85
CA VAL E 519 -6.12 -88.69 40.67
C VAL E 519 -7.06 -89.01 39.51
N VAL E 520 -7.63 -87.96 38.91
CA VAL E 520 -8.61 -88.07 37.83
C VAL E 520 -8.04 -87.47 36.54
N GLY E 521 -8.20 -88.21 35.45
CA GLY E 521 -7.78 -87.81 34.11
C GLY E 521 -8.94 -87.82 33.15
N THR E 522 -9.01 -86.82 32.26
CA THR E 522 -10.07 -86.70 31.25
C THR E 522 -9.43 -86.51 29.87
N GLN E 523 -10.01 -87.18 28.86
CA GLN E 523 -9.54 -87.13 27.47
C GLN E 523 -9.98 -85.81 26.80
N ALA E 524 -11.03 -85.17 27.35
CA ALA E 524 -11.62 -83.92 26.84
C ALA E 524 -11.12 -82.69 27.63
N HIS E 525 -11.64 -81.49 27.27
CA HIS E 525 -11.32 -80.20 27.90
C HIS E 525 -12.53 -79.64 28.67
N PRO E 526 -12.67 -79.95 29.98
CA PRO E 526 -13.82 -79.45 30.75
C PRO E 526 -13.78 -77.94 31.03
N GLU E 527 -12.57 -77.33 30.98
CA GLU E 527 -12.32 -75.91 31.25
C GLU E 527 -13.14 -74.97 30.33
N LEU E 528 -13.49 -75.43 29.11
CA LEU E 528 -14.25 -74.65 28.13
C LEU E 528 -15.71 -74.51 28.57
N LYS E 529 -16.28 -75.58 29.17
CA LYS E 529 -17.67 -75.62 29.65
C LYS E 529 -17.84 -74.94 31.03
N SER E 530 -16.71 -74.57 31.68
CA SER E 530 -16.70 -73.93 32.99
C SER E 530 -16.96 -72.42 32.88
N ARG E 531 -17.86 -71.92 33.74
CA ARG E 531 -18.27 -70.51 33.82
C ARG E 531 -18.01 -69.96 35.24
N PRO E 532 -17.82 -68.64 35.46
CA PRO E 532 -17.61 -68.15 36.84
C PRO E 532 -18.87 -68.29 37.70
N THR E 533 -20.07 -68.15 37.10
CA THR E 533 -21.38 -68.26 37.77
C THR E 533 -21.86 -69.72 37.82
N ARG E 534 -21.36 -70.56 36.89
CA ARG E 534 -21.71 -71.98 36.78
C ARG E 534 -20.40 -72.80 36.66
N PRO E 535 -19.71 -73.10 37.79
CA PRO E 535 -18.43 -73.83 37.70
C PRO E 535 -18.57 -75.31 37.31
N HIS E 536 -17.49 -75.88 36.73
CA HIS E 536 -17.47 -77.28 36.30
C HIS E 536 -17.31 -78.22 37.51
N PRO E 537 -18.10 -79.32 37.59
CA PRO E 537 -18.02 -80.22 38.76
C PRO E 537 -16.67 -80.91 38.99
N LEU E 538 -15.90 -81.21 37.91
CA LEU E 538 -14.59 -81.85 38.05
C LEU E 538 -13.58 -80.89 38.69
N PHE E 539 -13.62 -79.60 38.30
CA PHE E 539 -12.75 -78.56 38.86
C PHE E 539 -13.14 -78.25 40.31
N VAL E 540 -14.45 -78.36 40.64
CA VAL E 540 -14.99 -78.15 41.99
C VAL E 540 -14.46 -79.28 42.89
N ALA E 541 -14.52 -80.55 42.40
CA ALA E 541 -14.04 -81.74 43.10
C ALA E 541 -12.51 -81.71 43.27
N PHE E 542 -11.78 -81.19 42.27
CA PHE E 542 -10.32 -81.10 42.28
C PHE E 542 -9.84 -80.05 43.30
N VAL E 543 -10.43 -78.83 43.29
CA VAL E 543 -10.08 -77.74 44.21
C VAL E 543 -10.42 -78.18 45.64
N GLY E 544 -11.58 -78.82 45.82
CA GLY E 544 -12.05 -79.35 47.09
C GLY E 544 -11.11 -80.37 47.70
N ALA E 545 -10.52 -81.23 46.84
CA ALA E 545 -9.55 -82.27 47.23
C ALA E 545 -8.23 -81.65 47.67
N ALA E 546 -7.85 -80.51 47.05
CA ALA E 546 -6.64 -79.75 47.37
C ALA E 546 -6.78 -79.04 48.73
N ILE E 547 -8.03 -78.66 49.09
CA ILE E 547 -8.38 -78.03 50.37
C ILE E 547 -8.28 -79.10 51.48
N ASP E 548 -8.64 -80.35 51.15
CA ASP E 548 -8.54 -81.50 52.06
C ASP E 548 -7.07 -81.84 52.32
N TYR E 549 -6.20 -81.65 51.30
CA TYR E 549 -4.75 -81.86 51.35
C TYR E 549 -4.11 -80.81 52.26
N LYS E 550 -4.62 -79.55 52.23
CA LYS E 550 -4.15 -78.41 53.03
C LYS E 550 -4.19 -78.75 54.53
N ALA E 551 -5.21 -79.52 54.97
CA ALA E 551 -5.34 -79.97 56.35
C ALA E 551 -4.34 -81.08 56.65
N GLY E 552 -3.40 -80.81 57.55
CA GLY E 552 -2.35 -81.74 57.95
C GLY E 552 -1.34 -82.07 56.86
N GLN F 7 31.14 64.88 -16.34
CA GLN F 7 29.71 65.08 -16.12
C GLN F 7 29.18 64.15 -15.02
N THR F 8 28.15 64.61 -14.28
CA THR F 8 27.51 63.85 -13.19
C THR F 8 26.00 63.71 -13.42
N ALA F 9 25.40 62.64 -12.83
CA ALA F 9 23.97 62.33 -12.93
C ALA F 9 23.11 63.39 -12.25
N THR F 10 21.91 63.66 -12.82
CA THR F 10 20.95 64.65 -12.31
C THR F 10 20.36 64.16 -10.97
N LYS F 11 20.40 65.02 -9.95
CA LYS F 11 19.92 64.73 -8.60
C LYS F 11 18.49 65.28 -8.41
N HIS F 12 17.72 64.65 -7.51
CA HIS F 12 16.34 65.05 -7.21
C HIS F 12 16.16 65.30 -5.71
N LEU F 13 15.68 66.50 -5.36
CA LEU F 13 15.43 66.88 -3.96
C LEU F 13 13.94 67.09 -3.76
N PHE F 14 13.34 66.37 -2.79
CA PHE F 14 11.90 66.49 -2.51
C PHE F 14 11.66 67.24 -1.21
N VAL F 15 10.84 68.30 -1.27
CA VAL F 15 10.48 69.12 -0.12
C VAL F 15 9.03 68.80 0.27
N SER F 16 8.85 68.24 1.48
CA SER F 16 7.54 67.85 2.01
C SER F 16 7.18 68.66 3.26
N GLY F 17 5.87 68.85 3.47
CA GLY F 17 5.33 69.58 4.62
C GLY F 17 4.80 68.66 5.70
N LEU F 23 3.53 77.62 6.42
CA LEU F 23 4.76 77.73 7.21
C LEU F 23 5.83 78.54 6.48
N GLY F 24 5.81 78.46 5.15
CA GLY F 24 6.76 79.12 4.25
C GLY F 24 7.54 78.09 3.46
N LYS F 25 6.86 76.99 3.05
CA LYS F 25 7.39 75.86 2.28
C LYS F 25 8.01 76.31 0.95
N GLY F 26 7.34 77.27 0.28
CA GLY F 26 7.79 77.85 -0.99
C GLY F 26 9.06 78.65 -0.85
N LEU F 27 9.14 79.48 0.20
CA LEU F 27 10.30 80.33 0.50
C LEU F 27 11.50 79.53 1.01
N THR F 28 11.24 78.46 1.81
CA THR F 28 12.27 77.58 2.37
C THR F 28 12.96 76.82 1.22
N ALA F 29 12.18 76.33 0.24
CA ALA F 29 12.68 75.59 -0.92
C ALA F 29 13.46 76.51 -1.87
N SER F 30 12.93 77.73 -2.12
CA SER F 30 13.53 78.74 -3.00
C SER F 30 14.89 79.22 -2.47
N SER F 31 15.01 79.37 -1.15
CA SER F 31 16.24 79.81 -0.47
C SER F 31 17.35 78.76 -0.61
N LEU F 32 16.98 77.46 -0.59
CA LEU F 32 17.90 76.34 -0.79
C LEU F 32 18.36 76.34 -2.26
N GLY F 33 17.43 76.67 -3.16
CA GLY F 33 17.68 76.78 -4.59
C GLY F 33 18.63 77.91 -4.91
N GLN F 34 18.55 79.01 -4.13
CA GLN F 34 19.41 80.19 -4.23
C GLN F 34 20.85 79.82 -3.84
N LEU F 35 21.01 79.09 -2.72
CA LEU F 35 22.30 78.66 -2.19
C LEU F 35 23.02 77.70 -3.13
N LEU F 36 22.28 76.73 -3.71
CA LEU F 36 22.83 75.74 -4.64
C LEU F 36 23.27 76.37 -5.96
N THR F 37 22.54 77.40 -6.44
CA THR F 37 22.87 78.13 -7.67
C THR F 37 24.11 79.01 -7.40
N ALA F 38 24.19 79.61 -6.18
CA ALA F 38 25.32 80.43 -5.73
C ALA F 38 26.59 79.60 -5.56
N ARG F 39 26.44 78.27 -5.35
CA ARG F 39 27.53 77.31 -5.24
C ARG F 39 28.01 76.87 -6.65
N GLY F 40 27.35 77.39 -7.69
CA GLY F 40 27.67 77.12 -9.09
C GLY F 40 27.08 75.84 -9.63
N LEU F 41 25.75 75.68 -9.48
CA LEU F 41 25.03 74.49 -9.96
C LEU F 41 23.77 74.87 -10.74
N HIS F 42 23.45 74.07 -11.77
CA HIS F 42 22.26 74.24 -12.60
C HIS F 42 21.06 73.70 -11.82
N VAL F 43 20.23 74.61 -11.29
CA VAL F 43 19.07 74.26 -10.46
C VAL F 43 17.76 74.66 -11.14
N THR F 44 16.84 73.67 -11.28
CA THR F 44 15.50 73.88 -11.81
C THR F 44 14.52 73.44 -10.72
N MET F 45 13.38 74.13 -10.59
CA MET F 45 12.42 73.83 -9.53
C MET F 45 11.02 73.49 -10.05
N GLN F 46 10.36 72.52 -9.38
CA GLN F 46 9.03 72.01 -9.71
C GLN F 46 8.12 72.08 -8.49
N LYS F 47 6.82 72.36 -8.71
CA LYS F 47 5.81 72.42 -7.66
C LYS F 47 4.66 71.45 -7.97
N LEU F 48 4.42 70.49 -7.04
CA LEU F 48 3.36 69.50 -7.15
C LEU F 48 2.16 69.97 -6.32
N ASP F 49 1.08 70.39 -6.97
CA ASP F 49 -0.12 70.87 -6.29
C ASP F 49 -1.14 69.75 -6.10
N PRO F 50 -1.71 69.58 -4.88
CA PRO F 50 -2.68 68.49 -4.68
C PRO F 50 -4.12 68.85 -5.06
N TYR F 51 -4.34 69.97 -5.79
CA TYR F 51 -5.69 70.34 -6.22
C TYR F 51 -6.01 69.75 -7.60
N LEU F 52 -7.31 69.58 -7.88
CA LEU F 52 -7.88 68.99 -9.08
C LEU F 52 -8.12 69.99 -10.23
N ASN F 53 -7.72 71.26 -10.07
CA ASN F 53 -7.86 72.25 -11.14
C ASN F 53 -6.73 72.07 -12.15
N VAL F 54 -7.09 71.92 -13.44
CA VAL F 54 -6.14 71.73 -14.55
C VAL F 54 -5.28 73.01 -14.67
N ASP F 55 -5.93 74.20 -14.63
CA ASP F 55 -5.28 75.51 -14.70
C ASP F 55 -5.66 76.38 -13.49
N PRO F 56 -4.70 77.10 -12.88
CA PRO F 56 -5.05 77.99 -11.75
C PRO F 56 -5.76 79.28 -12.22
N GLY F 57 -5.89 79.44 -13.54
CA GLY F 57 -6.54 80.59 -14.18
C GLY F 57 -8.02 80.70 -13.86
N THR F 58 -8.69 79.55 -13.66
CA THR F 58 -10.13 79.48 -13.32
C THR F 58 -10.36 79.89 -11.86
N MET F 59 -9.33 79.76 -11.00
CA MET F 59 -9.37 80.11 -9.58
C MET F 59 -9.42 81.61 -9.36
N ASN F 60 -10.04 82.04 -8.23
CA ASN F 60 -10.16 83.44 -7.83
C ASN F 60 -8.80 83.93 -7.31
N PRO F 61 -8.20 84.99 -7.92
CA PRO F 61 -6.88 85.45 -7.47
C PRO F 61 -6.90 86.14 -6.11
N PHE F 62 -8.06 86.70 -5.71
CA PHE F 62 -8.23 87.41 -4.45
C PHE F 62 -8.58 86.45 -3.29
N GLN F 63 -8.59 85.13 -3.57
CA GLN F 63 -8.91 84.10 -2.57
C GLN F 63 -7.80 83.05 -2.44
N HIS F 64 -7.13 82.71 -3.55
CA HIS F 64 -6.10 81.66 -3.56
C HIS F 64 -4.72 82.16 -4.03
N GLY F 65 -4.63 83.41 -4.46
CA GLY F 65 -3.38 84.01 -4.91
C GLY F 65 -3.29 84.26 -6.39
N GLU F 66 -2.30 85.08 -6.81
CA GLU F 66 -2.05 85.48 -8.20
C GLU F 66 -1.70 84.29 -9.11
N VAL F 67 -1.99 84.44 -10.42
CA VAL F 67 -1.73 83.43 -11.44
C VAL F 67 -0.45 83.85 -12.18
N PHE F 68 0.63 83.08 -11.99
CA PHE F 68 1.93 83.36 -12.62
C PHE F 68 1.95 82.85 -14.06
N VAL F 69 2.55 83.64 -14.97
CA VAL F 69 2.67 83.29 -16.39
C VAL F 69 4.15 83.11 -16.73
N THR F 70 4.50 81.97 -17.34
CA THR F 70 5.87 81.65 -17.76
C THR F 70 6.11 82.14 -19.20
N GLU F 71 7.38 82.08 -19.67
CA GLU F 71 7.79 82.52 -21.02
C GLU F 71 7.07 81.75 -22.12
N ASP F 72 6.80 80.44 -21.90
CA ASP F 72 6.13 79.55 -22.86
C ASP F 72 4.60 79.82 -22.94
N GLY F 73 4.06 80.56 -21.97
CA GLY F 73 2.65 80.92 -21.93
C GLY F 73 1.76 79.98 -21.14
N ALA F 74 2.24 79.54 -19.97
CA ALA F 74 1.49 78.63 -19.12
C ALA F 74 1.05 79.30 -17.83
N GLU F 75 -0.21 79.08 -17.45
CA GLU F 75 -0.79 79.61 -16.21
C GLU F 75 -0.40 78.66 -15.09
N THR F 76 0.43 79.15 -14.14
CA THR F 76 0.96 78.36 -13.04
C THR F 76 0.68 79.03 -11.68
N ASP F 77 0.98 78.31 -10.57
CA ASP F 77 0.82 78.78 -9.19
C ASP F 77 1.83 79.89 -8.88
N LEU F 78 1.55 80.74 -7.85
CA LEU F 78 2.41 81.85 -7.45
C LEU F 78 3.76 81.37 -6.85
N ASP F 79 3.88 80.08 -6.49
CA ASP F 79 5.11 79.48 -5.97
C ASP F 79 6.21 79.43 -7.04
N VAL F 80 5.82 79.35 -8.34
CA VAL F 80 6.72 79.35 -9.51
C VAL F 80 7.45 80.71 -9.56
N GLY F 81 6.74 81.77 -9.17
CA GLY F 81 7.25 83.13 -9.09
C GLY F 81 8.38 83.26 -8.09
N HIS F 82 8.22 82.60 -6.91
CA HIS F 82 9.23 82.57 -5.85
C HIS F 82 10.48 81.84 -6.33
N TYR F 83 10.30 80.76 -7.13
CA TYR F 83 11.40 79.97 -7.69
C TYR F 83 12.20 80.81 -8.70
N GLU F 84 11.49 81.42 -9.67
CA GLU F 84 12.08 82.26 -10.74
C GLU F 84 12.87 83.44 -10.18
N ARG F 85 12.37 84.08 -9.10
CA ARG F 85 13.01 85.25 -8.47
C ARG F 85 14.29 84.87 -7.71
N PHE F 86 14.27 83.71 -7.01
CA PHE F 86 15.40 83.22 -6.22
C PHE F 86 16.47 82.50 -7.06
N LEU F 87 16.15 82.14 -8.32
CA LEU F 87 17.09 81.45 -9.23
C LEU F 87 17.58 82.36 -10.37
N ASP F 88 16.79 83.40 -10.75
CA ASP F 88 17.03 84.35 -11.86
C ASP F 88 16.89 83.63 -13.22
N ARG F 89 16.41 82.37 -13.21
CA ARG F 89 16.23 81.50 -14.37
C ARG F 89 14.75 81.40 -14.77
N ASN F 90 14.48 81.36 -16.08
CA ASN F 90 13.13 81.22 -16.62
C ASN F 90 12.71 79.75 -16.56
N LEU F 91 11.54 79.47 -15.95
CA LEU F 91 11.03 78.10 -15.78
C LEU F 91 10.00 77.73 -16.84
N PRO F 92 9.89 76.42 -17.21
CA PRO F 92 8.89 76.03 -18.22
C PRO F 92 7.51 75.76 -17.60
N GLY F 93 6.55 75.40 -18.45
CA GLY F 93 5.18 75.09 -18.04
C GLY F 93 5.09 73.78 -17.26
N SER F 94 6.04 72.86 -17.51
CA SER F 94 6.16 71.55 -16.88
C SER F 94 6.51 71.65 -15.38
N ALA F 95 6.97 72.84 -14.92
CA ALA F 95 7.35 73.12 -13.54
C ALA F 95 6.14 73.10 -12.57
N ASN F 96 4.89 73.06 -13.09
CA ASN F 96 3.70 72.99 -12.26
C ASN F 96 2.84 71.79 -12.66
N VAL F 97 2.74 70.80 -11.75
CA VAL F 97 1.98 69.56 -11.94
C VAL F 97 0.87 69.50 -10.88
N THR F 98 -0.37 69.18 -11.30
CA THR F 98 -1.53 69.09 -10.40
C THR F 98 -2.19 67.71 -10.47
N THR F 99 -3.14 67.42 -9.54
CA THR F 99 -3.89 66.16 -9.49
C THR F 99 -4.84 66.10 -10.69
N GLY F 100 -5.42 67.26 -11.04
CA GLY F 100 -6.33 67.41 -12.16
C GLY F 100 -5.68 67.16 -13.51
N GLN F 101 -4.42 67.60 -13.67
CA GLN F 101 -3.62 67.40 -14.89
C GLN F 101 -3.30 65.92 -15.10
N VAL F 102 -2.87 65.22 -14.02
CA VAL F 102 -2.49 63.80 -14.02
C VAL F 102 -3.73 62.92 -14.27
N TYR F 103 -4.83 63.11 -13.50
CA TYR F 103 -6.06 62.32 -13.63
C TYR F 103 -6.74 62.51 -14.99
N SER F 104 -6.66 63.72 -15.60
CA SER F 104 -7.29 63.97 -16.90
C SER F 104 -6.53 63.26 -18.04
N THR F 105 -5.19 63.14 -17.92
CA THR F 105 -4.32 62.50 -18.91
C THR F 105 -4.58 60.98 -18.98
N VAL F 106 -4.62 60.31 -17.81
CA VAL F 106 -4.79 58.86 -17.68
C VAL F 106 -6.25 58.42 -18.05
N ILE F 107 -7.28 59.20 -17.67
CA ILE F 107 -8.69 58.91 -17.98
C ILE F 107 -8.89 59.01 -19.50
N ALA F 108 -8.22 59.97 -20.16
CA ALA F 108 -8.25 60.16 -21.61
C ALA F 108 -7.64 58.94 -22.32
N LYS F 109 -6.56 58.37 -21.74
CA LYS F 109 -5.87 57.18 -22.25
C LYS F 109 -6.70 55.92 -22.00
N GLU F 110 -7.54 55.92 -20.94
CA GLU F 110 -8.43 54.80 -20.59
C GLU F 110 -9.57 54.71 -21.62
N ARG F 111 -10.16 55.87 -21.99
CA ARG F 111 -11.25 55.95 -22.96
C ARG F 111 -10.76 55.67 -24.39
N ARG F 112 -9.46 55.92 -24.65
CA ARG F 112 -8.81 55.64 -25.94
C ARG F 112 -8.44 54.16 -26.04
N GLY F 113 -8.35 53.48 -24.89
CA GLY F 113 -8.00 52.07 -24.76
C GLY F 113 -6.52 51.82 -24.90
N GLU F 114 -5.69 52.85 -24.59
CA GLU F 114 -4.23 52.82 -24.67
C GLU F 114 -3.59 51.85 -23.67
N TYR F 115 -4.32 51.46 -22.61
CA TYR F 115 -3.82 50.53 -21.60
C TYR F 115 -4.16 49.07 -21.97
N LEU F 116 -4.99 48.89 -23.03
CA LEU F 116 -5.42 47.63 -23.63
C LEU F 116 -5.93 46.59 -22.62
N GLY F 117 -7.20 46.72 -22.24
CA GLY F 117 -7.91 45.84 -21.31
C GLY F 117 -7.27 45.61 -19.96
N ASP F 118 -6.80 46.69 -19.31
CA ASP F 118 -6.15 46.61 -18.00
C ASP F 118 -6.87 47.44 -16.95
N THR F 119 -6.76 47.01 -15.68
CA THR F 119 -7.35 47.70 -14.52
C THR F 119 -6.54 48.97 -14.23
N VAL F 120 -7.03 50.13 -14.71
CA VAL F 120 -6.39 51.43 -14.50
C VAL F 120 -6.62 51.82 -13.04
N GLN F 121 -5.54 51.89 -12.25
CA GLN F 121 -5.58 52.19 -10.82
C GLN F 121 -4.72 53.42 -10.49
N VAL F 122 -4.74 53.86 -9.21
CA VAL F 122 -3.91 54.98 -8.73
C VAL F 122 -2.44 54.52 -8.79
N ILE F 123 -2.20 53.23 -8.46
CA ILE F 123 -0.88 52.61 -8.51
C ILE F 123 -0.99 51.41 -9.48
N PRO F 124 -0.21 51.36 -10.58
CA PRO F 124 0.88 52.26 -10.97
C PRO F 124 0.55 53.30 -12.06
N HIS F 125 -0.69 53.34 -12.59
CA HIS F 125 -1.09 54.25 -13.68
C HIS F 125 -0.96 55.76 -13.33
N ILE F 126 -1.43 56.18 -12.13
CA ILE F 126 -1.36 57.58 -11.70
C ILE F 126 0.08 57.91 -11.26
N THR F 127 0.67 57.06 -10.38
CA THR F 127 2.02 57.23 -9.82
C THR F 127 3.09 57.34 -10.92
N ASP F 128 3.02 56.49 -11.98
CA ASP F 128 3.98 56.51 -13.09
C ASP F 128 3.86 57.78 -13.92
N GLU F 129 2.63 58.37 -14.01
CA GLU F 129 2.38 59.63 -14.74
C GLU F 129 3.06 60.78 -13.99
N ILE F 130 2.94 60.80 -12.64
CA ILE F 130 3.59 61.80 -11.80
C ILE F 130 5.12 61.58 -11.89
N LYS F 131 5.56 60.31 -11.82
CA LYS F 131 6.96 59.88 -11.95
C LYS F 131 7.55 60.34 -13.29
N ARG F 132 6.74 60.32 -14.36
CA ARG F 132 7.10 60.75 -15.71
C ARG F 132 7.33 62.26 -15.74
N ARG F 133 6.45 63.04 -15.08
CA ARG F 133 6.49 64.50 -15.01
C ARG F 133 7.68 64.99 -14.16
N ILE F 134 8.06 64.22 -13.12
CA ILE F 134 9.19 64.55 -12.22
C ILE F 134 10.51 64.34 -12.99
N LEU F 135 10.65 63.17 -13.67
CA LEU F 135 11.82 62.80 -14.46
C LEU F 135 11.94 63.64 -15.74
N ALA F 136 10.86 64.33 -16.15
CA ALA F 136 10.83 65.20 -17.34
C ALA F 136 11.69 66.45 -17.15
N MET F 137 11.85 66.91 -15.89
CA MET F 137 12.65 68.09 -15.53
C MET F 137 14.14 67.82 -15.70
N ALA F 138 14.56 66.55 -15.57
CA ALA F 138 15.95 66.10 -15.73
C ALA F 138 16.43 66.16 -17.19
N GLN F 139 15.49 66.23 -18.16
CA GLN F 139 15.77 66.32 -19.60
C GLN F 139 16.53 67.62 -19.95
N PRO F 140 17.44 67.61 -20.96
CA PRO F 140 18.20 68.83 -21.28
C PRO F 140 17.33 69.97 -21.83
N ASP F 141 17.60 71.20 -21.36
CA ASP F 141 16.91 72.44 -21.74
C ASP F 141 17.48 73.01 -23.05
N ALA F 142 17.15 74.29 -23.37
CA ALA F 142 17.60 75.00 -24.57
C ALA F 142 19.13 75.04 -24.66
N ASP F 143 19.68 74.82 -25.87
CA ASP F 143 21.10 74.75 -26.23
C ASP F 143 21.77 73.46 -25.65
N GLY F 144 20.93 72.51 -25.23
CA GLY F 144 21.35 71.22 -24.68
C GLY F 144 22.03 71.28 -23.33
N ASN F 145 21.33 71.87 -22.33
CA ASN F 145 21.85 72.00 -20.97
C ASN F 145 21.00 71.20 -19.96
N ARG F 146 21.61 70.13 -19.38
CA ARG F 146 20.96 69.24 -18.40
C ARG F 146 21.17 69.79 -16.97
N PRO F 147 20.11 69.85 -16.12
CA PRO F 147 20.29 70.41 -14.76
C PRO F 147 21.07 69.48 -13.83
N ASP F 148 21.71 70.06 -12.79
CA ASP F 148 22.49 69.33 -11.79
C ASP F 148 21.57 68.76 -10.70
N VAL F 149 20.66 69.60 -10.17
CA VAL F 149 19.71 69.18 -9.13
C VAL F 149 18.31 69.75 -9.44
N VAL F 150 17.27 68.93 -9.22
CA VAL F 150 15.86 69.28 -9.44
C VAL F 150 15.14 69.29 -8.08
N ILE F 151 14.70 70.48 -7.62
CA ILE F 151 13.98 70.60 -6.35
C ILE F 151 12.47 70.54 -6.65
N THR F 152 11.83 69.45 -6.21
CA THR F 152 10.40 69.22 -6.40
C THR F 152 9.68 69.38 -5.06
N GLU F 153 8.78 70.36 -4.98
CA GLU F 153 8.02 70.65 -3.76
C GLU F 153 6.68 69.91 -3.78
N ILE F 154 6.44 69.08 -2.76
CA ILE F 154 5.20 68.30 -2.64
C ILE F 154 4.21 69.11 -1.77
N GLY F 155 3.25 69.75 -2.45
CA GLY F 155 2.22 70.58 -1.81
C GLY F 155 1.24 69.77 -0.97
N GLY F 156 0.69 70.41 0.05
CA GLY F 156 -0.25 69.79 0.98
C GLY F 156 0.44 69.11 2.14
N THR F 157 -0.28 68.95 3.26
CA THR F 157 0.21 68.33 4.50
C THR F 157 0.43 66.82 4.28
N VAL F 158 1.52 66.28 4.88
CA VAL F 158 1.86 64.85 4.81
C VAL F 158 0.83 64.11 5.68
N GLY F 159 0.01 63.30 5.04
CA GLY F 159 -1.05 62.55 5.70
C GLY F 159 -2.41 62.76 5.07
N ASP F 160 -2.51 63.78 4.19
CA ASP F 160 -3.74 64.11 3.45
C ASP F 160 -4.02 63.07 2.38
N ILE F 161 -5.30 62.92 1.99
CA ILE F 161 -5.72 61.97 0.95
C ILE F 161 -5.25 62.51 -0.43
N GLU F 162 -5.26 63.84 -0.61
CA GLU F 162 -4.85 64.54 -1.82
C GLU F 162 -3.33 64.48 -2.06
N SER F 163 -2.53 64.44 -0.97
CA SER F 163 -1.06 64.38 -1.04
C SER F 163 -0.52 62.97 -1.26
N GLN F 164 -1.31 61.94 -0.90
CA GLN F 164 -0.97 60.50 -0.97
C GLN F 164 -0.39 60.03 -2.33
N PRO F 165 -0.95 60.33 -3.54
CA PRO F 165 -0.35 59.80 -4.78
C PRO F 165 0.97 60.47 -5.16
N PHE F 166 1.19 61.73 -4.75
CA PHE F 166 2.41 62.49 -5.05
C PHE F 166 3.62 61.99 -4.25
N LEU F 167 3.40 61.65 -2.97
CA LEU F 167 4.44 61.14 -2.09
C LEU F 167 4.84 59.71 -2.48
N GLU F 168 3.86 58.90 -2.94
CA GLU F 168 4.06 57.52 -3.40
C GLU F 168 4.92 57.50 -4.67
N ALA F 169 4.72 58.51 -5.56
CA ALA F 169 5.47 58.68 -6.80
C ALA F 169 6.92 59.08 -6.48
N ALA F 170 7.10 59.99 -5.48
CA ALA F 170 8.42 60.45 -5.02
C ALA F 170 9.23 59.29 -4.42
N ARG F 171 8.53 58.33 -3.78
CA ARG F 171 9.11 57.12 -3.19
C ARG F 171 9.60 56.18 -4.30
N GLN F 172 8.85 56.14 -5.42
CA GLN F 172 9.18 55.32 -6.60
C GLN F 172 10.40 55.87 -7.32
N VAL F 173 10.58 57.22 -7.30
CA VAL F 173 11.71 57.95 -7.90
C VAL F 173 12.99 57.58 -7.12
N ARG F 174 12.87 57.44 -5.78
CA ARG F 174 13.94 57.06 -4.86
C ARG F 174 14.40 55.61 -5.14
N HIS F 175 13.46 54.70 -5.41
CA HIS F 175 13.72 53.30 -5.70
C HIS F 175 14.34 53.11 -7.10
N TYR F 176 13.82 53.85 -8.11
CA TYR F 176 14.25 53.77 -9.51
C TYR F 176 15.66 54.34 -9.73
N LEU F 177 15.99 55.49 -9.13
CA LEU F 177 17.29 56.15 -9.31
C LEU F 177 18.34 55.76 -8.26
N GLY F 178 17.92 55.68 -7.00
CA GLY F 178 18.80 55.33 -5.89
C GLY F 178 18.89 56.38 -4.81
N ARG F 179 19.43 56.00 -3.63
CA ARG F 179 19.61 56.87 -2.47
C ARG F 179 20.66 57.96 -2.72
N GLU F 180 21.68 57.65 -3.54
CA GLU F 180 22.77 58.56 -3.89
C GLU F 180 22.32 59.69 -4.83
N ASP F 181 21.16 59.53 -5.50
CA ASP F 181 20.63 60.50 -6.44
C ASP F 181 19.35 61.21 -5.94
N VAL F 182 18.66 60.66 -4.91
CA VAL F 182 17.41 61.24 -4.40
C VAL F 182 17.58 61.66 -2.91
N PHE F 183 17.20 62.91 -2.58
CA PHE F 183 17.23 63.51 -1.25
C PHE F 183 15.81 63.86 -0.79
N PHE F 184 15.51 63.66 0.50
CA PHE F 184 14.20 63.99 1.07
C PHE F 184 14.32 64.98 2.23
N LEU F 185 13.72 66.18 2.04
CA LEU F 185 13.69 67.27 3.02
C LEU F 185 12.26 67.42 3.55
N HIS F 186 12.12 67.50 4.88
CA HIS F 186 10.82 67.65 5.52
C HIS F 186 10.77 68.90 6.38
N VAL F 187 9.77 69.76 6.13
CA VAL F 187 9.56 71.02 6.85
C VAL F 187 8.45 70.79 7.90
N SER F 188 8.77 71.05 9.18
CA SER F 188 7.86 70.87 10.30
C SER F 188 7.88 72.08 11.24
N LEU F 189 6.78 72.28 11.99
CA LEU F 189 6.62 73.39 12.93
C LEU F 189 6.89 72.96 14.37
N VAL F 190 7.67 73.78 15.11
CA VAL F 190 8.00 73.57 16.52
C VAL F 190 7.31 74.72 17.29
N PRO F 191 6.14 74.47 17.93
CA PRO F 191 5.43 75.56 18.62
C PRO F 191 5.96 75.83 20.03
N TYR F 192 5.93 77.10 20.43
CA TYR F 192 6.35 77.54 21.76
C TYR F 192 5.12 77.79 22.63
N LEU F 193 5.04 77.07 23.76
CA LEU F 193 3.94 77.19 24.71
C LEU F 193 4.24 78.32 25.71
N ALA F 194 3.33 79.30 25.80
CA ALA F 194 3.45 80.47 26.68
C ALA F 194 3.35 80.13 28.20
N PRO F 195 2.44 79.24 28.70
CA PRO F 195 2.40 79.03 30.17
C PRO F 195 3.54 78.17 30.71
N SER F 196 3.93 77.08 30.02
CA SER F 196 5.00 76.17 30.45
C SER F 196 6.40 76.74 30.13
N GLY F 197 6.51 77.50 29.04
CA GLY F 197 7.75 78.09 28.59
C GLY F 197 8.71 77.10 27.96
N GLU F 198 8.16 76.10 27.24
CA GLU F 198 8.93 75.05 26.58
C GLU F 198 8.37 74.73 25.18
N LEU F 199 9.23 74.23 24.29
CA LEU F 199 8.89 73.85 22.92
C LEU F 199 8.36 72.42 22.87
N LYS F 200 7.41 72.14 21.94
CA LYS F 200 6.82 70.81 21.80
C LYS F 200 7.43 70.05 20.61
N THR F 201 7.80 68.78 20.86
CA THR F 201 8.41 67.88 19.87
C THR F 201 7.36 66.95 19.24
N LYS F 202 6.15 66.87 19.85
CA LYS F 202 5.02 66.04 19.42
C LYS F 202 4.52 66.38 17.99
N PRO F 203 4.37 67.65 17.52
CA PRO F 203 3.89 67.87 16.14
C PRO F 203 4.90 67.43 15.09
N THR F 204 6.21 67.48 15.41
CA THR F 204 7.29 67.08 14.52
C THR F 204 7.38 65.55 14.50
N GLN F 205 7.25 64.89 15.67
CA GLN F 205 7.30 63.43 15.86
C GLN F 205 6.16 62.71 15.12
N HIS F 206 4.94 63.28 15.16
CA HIS F 206 3.75 62.73 14.50
C HIS F 206 3.81 62.93 12.97
N SER F 207 4.44 64.03 12.51
CA SER F 207 4.57 64.35 11.09
C SER F 207 5.57 63.44 10.39
N VAL F 208 6.74 63.17 11.02
CA VAL F 208 7.80 62.31 10.49
C VAL F 208 7.28 60.86 10.47
N ALA F 209 6.52 60.45 11.51
CA ALA F 209 5.90 59.12 11.61
C ALA F 209 4.92 58.86 10.47
N ALA F 210 4.18 59.93 10.05
CA ALA F 210 3.22 59.89 8.94
C ALA F 210 3.96 59.76 7.59
N LEU F 211 5.17 60.33 7.50
CA LEU F 211 6.04 60.27 6.32
C LEU F 211 6.73 58.90 6.26
N ARG F 212 7.02 58.32 7.44
CA ARG F 212 7.66 57.01 7.59
C ARG F 212 6.67 55.88 7.32
N SER F 213 5.38 56.10 7.62
CA SER F 213 4.29 55.12 7.43
C SER F 213 3.99 54.90 5.95
N ILE F 214 4.16 55.94 5.12
CA ILE F 214 3.93 55.86 3.67
C ILE F 214 5.18 55.31 2.95
N GLY F 215 6.28 55.16 3.69
CA GLY F 215 7.53 54.58 3.20
C GLY F 215 8.66 55.53 2.84
N ILE F 216 8.68 56.75 3.42
CA ILE F 216 9.73 57.72 3.13
C ILE F 216 10.52 58.06 4.40
N THR F 217 11.85 57.87 4.34
CA THR F 217 12.77 58.18 5.43
C THR F 217 13.37 59.57 5.13
N PRO F 218 13.14 60.60 5.99
CA PRO F 218 13.68 61.94 5.68
C PRO F 218 15.18 62.03 5.91
N ASP F 219 15.89 62.71 4.99
CA ASP F 219 17.35 62.91 5.05
C ASP F 219 17.70 64.12 5.92
N ALA F 220 16.86 65.18 5.88
CA ALA F 220 17.05 66.40 6.66
C ALA F 220 15.69 66.95 7.14
N LEU F 221 15.69 67.62 8.30
CA LEU F 221 14.49 68.21 8.89
C LEU F 221 14.63 69.72 9.09
N ILE F 222 13.63 70.48 8.62
CA ILE F 222 13.57 71.93 8.75
C ILE F 222 12.61 72.24 9.90
N LEU F 223 13.15 72.77 11.01
CA LEU F 223 12.34 73.10 12.19
C LEU F 223 11.96 74.57 12.19
N ARG F 224 10.77 74.88 11.65
CA ARG F 224 10.24 76.25 11.58
C ARG F 224 9.74 76.64 12.98
N CYS F 225 10.39 77.65 13.59
CA CYS F 225 10.09 78.10 14.94
C CYS F 225 10.22 79.63 15.06
N ASP F 226 9.57 80.21 16.09
CA ASP F 226 9.62 81.65 16.38
C ASP F 226 10.95 82.01 17.03
N ARG F 227 11.50 81.08 17.86
CA ARG F 227 12.76 81.23 18.59
C ARG F 227 13.80 80.23 18.07
N ASP F 228 15.06 80.34 18.56
CA ASP F 228 16.15 79.44 18.19
C ASP F 228 15.99 78.09 18.90
N VAL F 229 16.01 76.99 18.13
CA VAL F 229 15.88 75.63 18.64
C VAL F 229 17.23 75.24 19.28
N PRO F 230 17.25 74.84 20.59
CA PRO F 230 18.53 74.50 21.23
C PRO F 230 19.16 73.23 20.66
N GLU F 231 20.50 73.11 20.78
CA GLU F 231 21.28 71.96 20.30
C GLU F 231 20.90 70.67 21.05
N ALA F 232 20.49 70.80 22.32
CA ALA F 232 20.06 69.68 23.17
C ALA F 232 18.71 69.12 22.68
N LEU F 233 17.79 70.01 22.25
CA LEU F 233 16.48 69.64 21.72
C LEU F 233 16.63 69.06 20.31
N LYS F 234 17.59 69.62 19.52
CA LYS F 234 17.90 69.17 18.16
C LYS F 234 18.43 67.72 18.16
N ASN F 235 19.18 67.34 19.21
CA ASN F 235 19.74 66.00 19.40
C ASN F 235 18.63 65.00 19.74
N LYS F 236 17.62 65.44 20.51
CA LYS F 236 16.48 64.62 20.94
C LYS F 236 15.57 64.28 19.75
N ILE F 237 15.26 65.28 18.88
CA ILE F 237 14.43 65.12 17.68
C ILE F 237 15.15 64.21 16.67
N ALA F 238 16.50 64.37 16.54
CA ALA F 238 17.36 63.60 15.65
C ALA F 238 17.22 62.08 15.89
N LEU F 239 17.23 61.67 17.17
CA LEU F 239 17.08 60.28 17.57
C LEU F 239 15.62 59.83 17.41
N MET F 240 14.68 60.71 17.80
CA MET F 240 13.23 60.51 17.77
C MET F 240 12.68 60.29 16.35
N CYS F 241 13.30 60.94 15.35
CA CYS F 241 12.87 60.89 13.95
C CYS F 241 13.83 60.06 13.08
N ASP F 242 14.91 59.52 13.68
CA ASP F 242 15.96 58.69 13.06
C ASP F 242 16.65 59.44 11.88
N VAL F 243 16.90 60.75 12.07
CA VAL F 243 17.54 61.65 11.11
C VAL F 243 18.91 62.08 11.69
N ASP F 244 19.94 62.22 10.83
CA ASP F 244 21.30 62.64 11.20
C ASP F 244 21.28 64.00 11.92
N ILE F 245 22.08 64.14 12.99
CA ILE F 245 22.20 65.35 13.81
C ILE F 245 22.65 66.56 12.95
N ASP F 246 23.51 66.30 11.95
CA ASP F 246 24.00 67.33 11.02
C ASP F 246 22.90 67.77 10.04
N GLY F 247 21.86 66.94 9.90
CA GLY F 247 20.70 67.18 9.03
C GLY F 247 19.56 67.94 9.67
N VAL F 248 19.52 68.01 11.02
CA VAL F 248 18.49 68.73 11.78
C VAL F 248 18.82 70.23 11.69
N ILE F 249 17.96 71.00 11.00
CA ILE F 249 18.16 72.43 10.76
C ILE F 249 17.13 73.28 11.52
N SER F 250 17.63 74.24 12.32
CA SER F 250 16.83 75.19 13.09
C SER F 250 16.64 76.44 12.23
N THR F 251 15.39 76.70 11.81
CA THR F 251 15.06 77.84 10.95
C THR F 251 14.18 78.83 11.74
N PRO F 252 14.77 79.81 12.47
CA PRO F 252 13.95 80.79 13.20
C PRO F 252 13.33 81.80 12.23
N ASP F 253 12.27 82.51 12.68
CA ASP F 253 11.57 83.50 11.86
C ASP F 253 12.50 84.67 11.51
N ALA F 254 12.82 84.80 10.21
CA ALA F 254 13.69 85.82 9.64
C ALA F 254 12.96 87.17 9.47
N PRO F 255 13.66 88.33 9.60
CA PRO F 255 12.97 89.62 9.42
C PRO F 255 12.52 89.87 7.98
N SER F 256 13.30 89.39 7.00
CA SER F 256 13.01 89.51 5.56
C SER F 256 13.08 88.14 4.88
N ILE F 257 12.42 88.00 3.72
CA ILE F 257 12.39 86.75 2.94
C ILE F 257 13.76 86.48 2.28
N TYR F 258 14.57 87.54 2.10
CA TYR F 258 15.90 87.45 1.50
C TYR F 258 16.97 87.09 2.55
N ASP F 259 16.58 86.99 3.84
CA ASP F 259 17.46 86.61 4.95
C ASP F 259 17.52 85.09 5.14
N ILE F 260 16.48 84.37 4.68
CA ILE F 260 16.33 82.90 4.77
C ILE F 260 17.56 82.16 4.14
N PRO F 261 18.11 82.51 2.93
CA PRO F 261 19.28 81.76 2.43
C PRO F 261 20.50 81.87 3.36
N LYS F 262 20.66 83.01 4.05
CA LYS F 262 21.74 83.25 5.01
C LYS F 262 21.54 82.42 6.29
N VAL F 263 20.27 82.20 6.68
CA VAL F 263 19.88 81.43 7.87
C VAL F 263 20.22 79.94 7.64
N LEU F 264 19.83 79.38 6.47
CA LEU F 264 20.08 77.99 6.09
C LEU F 264 21.58 77.71 5.91
N HIS F 265 22.35 78.72 5.46
CA HIS F 265 23.80 78.63 5.26
C HIS F 265 24.52 78.54 6.60
N ARG F 266 24.04 79.29 7.62
CA ARG F 266 24.58 79.33 8.97
C ARG F 266 24.42 77.97 9.66
N GLU F 267 23.34 77.23 9.32
CA GLU F 267 23.04 75.90 9.85
C GLU F 267 23.72 74.80 9.03
N GLU F 268 24.42 75.19 7.94
CA GLU F 268 25.19 74.34 7.01
C GLU F 268 24.31 73.27 6.32
N LEU F 269 23.09 73.67 5.89
CA LEU F 269 22.16 72.78 5.18
C LEU F 269 22.62 72.58 3.73
N ASP F 270 23.04 73.69 3.07
CA ASP F 270 23.52 73.72 1.69
C ASP F 270 24.74 72.79 1.51
N ALA F 271 25.67 72.80 2.48
CA ALA F 271 26.86 71.95 2.46
C ALA F 271 26.50 70.48 2.72
N PHE F 272 25.46 70.24 3.56
CA PHE F 272 24.98 68.90 3.91
C PHE F 272 24.31 68.23 2.71
N VAL F 273 23.56 69.01 1.90
CA VAL F 273 22.85 68.55 0.70
C VAL F 273 23.87 68.09 -0.36
N VAL F 274 24.94 68.89 -0.58
CA VAL F 274 26.02 68.63 -1.53
C VAL F 274 26.78 67.34 -1.14
N ARG F 275 27.11 67.20 0.17
CA ARG F 275 27.84 66.06 0.74
C ARG F 275 27.05 64.74 0.64
N ARG F 276 25.73 64.78 0.93
CA ARG F 276 24.85 63.61 0.91
C ARG F 276 24.57 63.13 -0.54
N LEU F 277 24.33 64.06 -1.47
CA LEU F 277 24.05 63.74 -2.87
C LEU F 277 25.32 63.55 -3.72
N ASN F 278 26.51 63.73 -3.10
CA ASN F 278 27.85 63.62 -3.70
C ASN F 278 28.02 64.59 -4.89
N LEU F 279 27.39 65.78 -4.78
CA LEU F 279 27.43 66.86 -5.79
C LEU F 279 28.80 67.57 -5.80
N PRO F 280 29.21 68.26 -6.90
CA PRO F 280 30.51 68.95 -6.88
C PRO F 280 30.52 70.12 -5.91
N PHE F 281 31.48 70.12 -4.96
CA PHE F 281 31.59 71.14 -3.93
C PHE F 281 32.36 72.37 -4.44
N ARG F 282 31.81 73.55 -4.11
CA ARG F 282 32.36 74.89 -4.41
C ARG F 282 31.74 75.89 -3.45
N ASP F 283 32.55 76.81 -2.91
CA ASP F 283 32.11 77.83 -1.94
C ASP F 283 31.05 78.78 -2.51
N VAL F 284 30.15 79.27 -1.64
CA VAL F 284 29.05 80.16 -1.98
C VAL F 284 29.58 81.56 -2.34
N ASP F 285 29.16 82.07 -3.51
CA ASP F 285 29.53 83.41 -3.98
C ASP F 285 28.44 84.40 -3.54
N TRP F 286 28.64 84.98 -2.34
CA TRP F 286 27.70 85.92 -1.71
C TRP F 286 27.75 87.33 -2.31
N THR F 287 28.68 87.58 -3.27
CA THR F 287 28.93 88.86 -3.95
C THR F 287 27.62 89.55 -4.42
N GLU F 288 26.70 88.79 -5.05
CA GLU F 288 25.43 89.33 -5.57
C GLU F 288 24.35 89.44 -4.48
N TRP F 289 24.20 88.42 -3.62
CA TRP F 289 23.17 88.39 -2.57
C TRP F 289 23.44 89.39 -1.43
N ASP F 290 24.73 89.65 -1.10
CA ASP F 290 25.12 90.61 -0.05
C ASP F 290 24.79 92.04 -0.48
N ASP F 291 24.91 92.32 -1.80
CA ASP F 291 24.59 93.61 -2.42
C ASP F 291 23.09 93.89 -2.27
N LEU F 292 22.25 92.84 -2.42
CA LEU F 292 20.80 92.90 -2.29
C LEU F 292 20.41 93.14 -0.83
N LEU F 293 21.02 92.37 0.12
CA LEU F 293 20.77 92.47 1.56
C LEU F 293 21.08 93.87 2.10
N ARG F 294 22.12 94.53 1.54
CA ARG F 294 22.54 95.90 1.90
C ARG F 294 21.47 96.90 1.47
N ARG F 295 20.85 96.66 0.29
CA ARG F 295 19.79 97.50 -0.28
C ARG F 295 18.45 97.31 0.47
N VAL F 296 18.28 96.14 1.13
CA VAL F 296 17.07 95.78 1.88
C VAL F 296 17.12 96.38 3.31
N HIS F 297 18.19 96.09 4.06
CA HIS F 297 18.36 96.50 5.45
C HIS F 297 18.89 97.93 5.64
N GLU F 298 19.58 98.51 4.64
CA GLU F 298 20.12 99.87 4.76
C GLU F 298 19.55 100.82 3.67
N PRO F 299 18.25 101.23 3.73
CA PRO F 299 17.73 102.15 2.71
C PRO F 299 18.00 103.62 3.05
N HIS F 300 18.27 104.45 2.04
CA HIS F 300 18.55 105.88 2.22
C HIS F 300 17.28 106.73 2.18
N GLU F 301 16.27 106.32 1.40
CA GLU F 301 15.00 107.04 1.26
C GLU F 301 13.80 106.12 1.47
N THR F 302 12.61 106.71 1.66
CA THR F 302 11.33 106.02 1.83
C THR F 302 10.31 106.67 0.90
N VAL F 303 9.79 105.91 -0.07
CA VAL F 303 8.82 106.40 -1.05
C VAL F 303 7.50 105.60 -0.95
N ARG F 304 6.35 106.33 -0.95
CA ARG F 304 5.01 105.75 -0.86
C ARG F 304 4.41 105.61 -2.26
N ILE F 305 4.04 104.39 -2.65
CA ILE F 305 3.44 104.11 -3.96
C ILE F 305 2.11 103.38 -3.73
N ALA F 306 1.01 103.94 -4.28
CA ALA F 306 -0.32 103.39 -4.16
C ALA F 306 -0.59 102.30 -5.20
N LEU F 307 -1.19 101.18 -4.76
CA LEU F 307 -1.56 100.05 -5.59
C LEU F 307 -3.09 100.04 -5.72
N VAL F 308 -3.60 100.65 -6.79
CA VAL F 308 -5.04 100.79 -7.05
C VAL F 308 -5.60 99.47 -7.61
N GLY F 309 -5.91 98.55 -6.71
CA GLY F 309 -6.47 97.24 -7.03
C GLY F 309 -7.92 97.11 -6.62
N LYS F 310 -8.62 96.08 -7.15
CA LYS F 310 -10.03 95.79 -6.86
C LYS F 310 -10.22 95.44 -5.37
N TYR F 311 -9.37 94.55 -4.81
CA TYR F 311 -9.40 94.16 -3.40
C TYR F 311 -8.15 94.67 -2.68
N VAL F 312 -8.33 95.23 -1.46
CA VAL F 312 -7.26 95.80 -0.64
C VAL F 312 -6.74 94.82 0.42
N GLU F 313 -5.58 95.16 1.03
CA GLU F 313 -4.87 94.47 2.12
C GLU F 313 -4.19 93.15 1.64
N LEU F 314 -4.90 92.31 0.86
CA LEU F 314 -4.41 91.02 0.35
C LEU F 314 -3.23 91.22 -0.62
N SER F 315 -2.01 91.05 -0.09
CA SER F 315 -0.75 91.23 -0.82
C SER F 315 -0.47 90.11 -1.82
N ASP F 316 -1.02 88.90 -1.59
CA ASP F 316 -0.82 87.72 -2.45
C ASP F 316 -1.53 87.81 -3.81
N ALA F 317 -2.57 88.65 -3.94
CA ALA F 317 -3.29 88.84 -5.20
C ALA F 317 -2.42 89.57 -6.23
N TYR F 318 -1.53 90.46 -5.76
CA TYR F 318 -0.59 91.23 -6.58
C TYR F 318 0.85 91.06 -6.03
N LEU F 319 1.25 89.79 -5.78
CA LEU F 319 2.55 89.42 -5.20
C LEU F 319 3.74 89.82 -6.08
N SER F 320 3.70 89.47 -7.38
CA SER F 320 4.77 89.78 -8.33
C SER F 320 4.88 91.29 -8.57
N VAL F 321 3.74 92.02 -8.51
CA VAL F 321 3.64 93.47 -8.67
C VAL F 321 4.35 94.16 -7.48
N ALA F 322 4.02 93.74 -6.25
CA ALA F 322 4.60 94.26 -5.00
C ALA F 322 6.10 93.98 -4.93
N GLU F 323 6.54 92.78 -5.36
CA GLU F 323 7.94 92.36 -5.38
C GLU F 323 8.74 93.15 -6.42
N ALA F 324 8.11 93.51 -7.56
CA ALA F 324 8.73 94.30 -8.62
C ALA F 324 8.91 95.75 -8.19
N LEU F 325 7.97 96.26 -7.37
CA LEU F 325 7.99 97.62 -6.81
C LEU F 325 9.14 97.77 -5.81
N ARG F 326 9.35 96.74 -4.97
CA ARG F 326 10.43 96.70 -3.97
C ARG F 326 11.78 96.56 -4.68
N ALA F 327 11.83 95.78 -5.79
CA ALA F 327 13.02 95.55 -6.62
C ALA F 327 13.50 96.85 -7.27
N GLY F 328 12.54 97.67 -7.73
CA GLY F 328 12.79 98.97 -8.34
C GLY F 328 13.35 99.95 -7.33
N GLY F 329 12.90 99.82 -6.08
CA GLY F 329 13.34 100.63 -4.95
C GLY F 329 14.76 100.34 -4.53
N PHE F 330 15.18 99.05 -4.63
CA PHE F 330 16.53 98.59 -4.27
C PHE F 330 17.58 99.20 -5.21
N LYS F 331 17.25 99.38 -6.50
CA LYS F 331 18.13 99.96 -7.52
C LYS F 331 18.50 101.42 -7.16
N HIS F 332 17.55 102.15 -6.53
CA HIS F 332 17.72 103.53 -6.08
C HIS F 332 18.15 103.56 -4.60
N ARG F 333 18.26 102.37 -3.96
CA ARG F 333 18.62 102.14 -2.54
C ARG F 333 17.62 102.89 -1.63
N ALA F 334 16.32 102.59 -1.83
CA ALA F 334 15.20 103.19 -1.09
C ALA F 334 14.12 102.16 -0.76
N LYS F 335 13.41 102.37 0.37
CA LYS F 335 12.32 101.52 0.83
C LYS F 335 11.00 101.96 0.21
N VAL F 336 10.25 101.02 -0.37
CA VAL F 336 8.96 101.29 -1.02
C VAL F 336 7.81 100.87 -0.09
N GLU F 337 6.99 101.85 0.33
CA GLU F 337 5.84 101.63 1.19
C GLU F 337 4.59 101.52 0.30
N ILE F 338 4.10 100.30 0.08
CA ILE F 338 2.94 100.03 -0.79
C ILE F 338 1.65 100.42 -0.05
N CYS F 339 0.88 101.34 -0.66
CA CYS F 339 -0.40 101.80 -0.13
C CYS F 339 -1.53 101.08 -0.87
N TRP F 340 -2.11 100.06 -0.21
CA TRP F 340 -3.18 99.24 -0.78
C TRP F 340 -4.50 100.04 -0.83
N VAL F 341 -4.78 100.62 -2.01
CA VAL F 341 -5.94 101.47 -2.28
C VAL F 341 -6.99 100.69 -3.08
N ALA F 342 -8.27 100.75 -2.62
CA ALA F 342 -9.40 100.10 -3.29
C ALA F 342 -9.82 100.96 -4.47
N SER F 343 -9.92 100.33 -5.66
CA SER F 343 -10.28 100.97 -6.93
C SER F 343 -11.63 101.68 -6.86
N ASP F 344 -12.65 101.03 -6.28
CA ASP F 344 -14.04 101.51 -6.13
C ASP F 344 -14.13 102.90 -5.48
N GLY F 345 -13.22 103.21 -4.55
CA GLY F 345 -13.19 104.49 -3.85
C GLY F 345 -12.71 105.65 -4.70
N CYS F 346 -11.94 105.37 -5.76
CA CYS F 346 -11.37 106.36 -6.67
C CYS F 346 -12.33 106.69 -7.85
N GLU F 347 -13.58 106.17 -7.82
CA GLU F 347 -14.60 106.40 -8.85
C GLU F 347 -14.90 107.90 -9.01
N THR F 348 -15.04 108.61 -7.87
CA THR F 348 -15.27 110.07 -7.82
C THR F 348 -13.92 110.78 -7.67
N THR F 349 -13.81 112.02 -8.19
CA THR F 349 -12.60 112.83 -8.14
C THR F 349 -12.26 113.23 -6.68
N SER F 350 -13.27 113.40 -5.82
CA SER F 350 -13.12 113.75 -4.41
C SER F 350 -12.55 112.56 -3.62
N GLY F 351 -13.06 111.36 -3.90
CA GLY F 351 -12.64 110.11 -3.28
C GLY F 351 -11.25 109.67 -3.67
N ALA F 352 -10.89 109.90 -4.95
CA ALA F 352 -9.57 109.58 -5.50
C ALA F 352 -8.49 110.47 -4.87
N ALA F 353 -8.83 111.75 -4.64
CA ALA F 353 -7.94 112.74 -4.02
C ALA F 353 -7.65 112.40 -2.56
N ALA F 354 -8.66 111.89 -1.83
CA ALA F 354 -8.55 111.52 -0.42
C ALA F 354 -7.73 110.24 -0.24
N ALA F 355 -7.74 109.35 -1.25
CA ALA F 355 -7.03 108.07 -1.24
C ALA F 355 -5.60 108.18 -1.80
N LEU F 356 -5.40 109.00 -2.85
CA LEU F 356 -4.09 109.16 -3.50
C LEU F 356 -3.43 110.53 -3.19
N GLY F 357 -3.78 111.12 -2.05
CA GLY F 357 -3.27 112.42 -1.63
C GLY F 357 -1.84 112.42 -1.10
N ASP F 358 -1.59 111.60 -0.07
CA ASP F 358 -0.29 111.51 0.62
C ASP F 358 0.74 110.60 -0.11
N VAL F 359 0.35 109.94 -1.22
CA VAL F 359 1.26 109.05 -1.95
C VAL F 359 2.20 109.85 -2.88
N HIS F 360 3.29 109.19 -3.33
CA HIS F 360 4.31 109.75 -4.23
C HIS F 360 4.24 109.16 -5.64
N GLY F 361 3.50 108.07 -5.80
CA GLY F 361 3.32 107.37 -7.07
C GLY F 361 2.04 106.55 -7.12
N VAL F 362 1.48 106.37 -8.34
CA VAL F 362 0.23 105.62 -8.56
C VAL F 362 0.48 104.46 -9.53
N LEU F 363 0.08 103.23 -9.14
CA LEU F 363 0.22 102.03 -9.98
C LEU F 363 -1.16 101.43 -10.24
N ILE F 364 -1.45 101.11 -11.51
CA ILE F 364 -2.72 100.50 -11.94
C ILE F 364 -2.43 99.05 -12.41
N PRO F 365 -2.58 98.04 -11.53
CA PRO F 365 -2.28 96.66 -11.93
C PRO F 365 -3.41 96.03 -12.76
N GLY F 366 -3.07 94.94 -13.46
CA GLY F 366 -4.01 94.21 -14.32
C GLY F 366 -5.03 93.41 -13.55
N GLY F 367 -6.30 93.66 -13.85
CA GLY F 367 -7.43 92.97 -13.23
C GLY F 367 -8.10 92.02 -14.20
N PHE F 368 -7.86 90.70 -14.02
CA PHE F 368 -8.43 89.67 -14.87
C PHE F 368 -9.76 89.17 -14.29
N GLY F 369 -10.82 89.28 -15.10
CA GLY F 369 -12.17 88.87 -14.73
C GLY F 369 -12.86 89.77 -13.73
N ILE F 370 -12.37 91.02 -13.57
CA ILE F 370 -12.94 92.01 -12.65
C ILE F 370 -14.09 92.77 -13.34
N ARG F 371 -14.85 93.60 -12.59
CA ARG F 371 -15.98 94.37 -13.13
C ARG F 371 -15.83 95.88 -12.88
N GLY F 372 -15.19 96.25 -11.78
CA GLY F 372 -14.98 97.65 -11.40
C GLY F 372 -13.79 98.28 -12.10
N ILE F 373 -14.05 98.89 -13.28
CA ILE F 373 -13.02 99.54 -14.11
C ILE F 373 -13.02 101.08 -13.91
N GLU F 374 -14.21 101.68 -13.68
CA GLU F 374 -14.41 103.13 -13.53
C GLU F 374 -13.56 103.77 -12.43
N GLY F 375 -13.24 103.01 -11.38
CA GLY F 375 -12.41 103.46 -10.28
C GLY F 375 -10.96 103.65 -10.66
N LYS F 376 -10.42 102.70 -11.46
CA LYS F 376 -9.04 102.72 -11.96
C LYS F 376 -8.82 103.88 -12.94
N ILE F 377 -9.86 104.20 -13.76
CA ILE F 377 -9.85 105.30 -14.74
C ILE F 377 -9.82 106.64 -13.96
N GLY F 378 -10.61 106.73 -12.89
CA GLY F 378 -10.68 107.89 -12.00
C GLY F 378 -9.39 108.17 -11.25
N ALA F 379 -8.62 107.09 -10.96
CA ALA F 379 -7.34 107.17 -10.26
C ALA F 379 -6.27 107.81 -11.15
N ILE F 380 -6.31 107.50 -12.47
CA ILE F 380 -5.40 108.04 -13.48
C ILE F 380 -5.73 109.53 -13.69
N ALA F 381 -7.03 109.86 -13.78
CA ALA F 381 -7.56 111.21 -13.97
C ALA F 381 -7.06 112.17 -12.89
N TYR F 382 -7.02 111.72 -11.61
CA TYR F 382 -6.52 112.53 -10.50
C TYR F 382 -5.00 112.65 -10.57
N ALA F 383 -4.29 111.51 -10.77
CA ALA F 383 -2.83 111.45 -10.85
C ALA F 383 -2.26 112.34 -11.95
N ARG F 384 -3.00 112.47 -13.08
CA ARG F 384 -2.62 113.33 -14.20
C ARG F 384 -2.75 114.81 -13.82
N ALA F 385 -3.78 115.14 -13.02
CA ALA F 385 -4.05 116.50 -12.56
C ALA F 385 -3.10 116.92 -11.43
N ARG F 386 -2.82 116.01 -10.49
CA ARG F 386 -1.93 116.24 -9.34
C ARG F 386 -0.46 116.25 -9.77
N GLY F 387 -0.13 115.42 -10.76
CA GLY F 387 1.23 115.29 -11.29
C GLY F 387 1.99 114.10 -10.75
N LEU F 388 1.25 113.04 -10.37
CA LEU F 388 1.80 111.80 -9.82
C LEU F 388 2.25 110.84 -10.94
N PRO F 389 3.40 110.13 -10.77
CA PRO F 389 3.83 109.18 -11.81
C PRO F 389 2.88 107.97 -11.89
N VAL F 390 2.52 107.57 -13.12
CA VAL F 390 1.58 106.47 -13.35
C VAL F 390 2.24 105.32 -14.13
N LEU F 391 2.08 104.08 -13.61
CA LEU F 391 2.54 102.85 -14.25
C LEU F 391 1.35 101.89 -14.36
N GLY F 392 0.88 101.71 -15.58
CA GLY F 392 -0.26 100.85 -15.87
C GLY F 392 0.14 99.52 -16.47
N LEU F 393 -0.29 98.42 -15.84
CA LEU F 393 0.03 97.06 -16.30
C LEU F 393 -1.23 96.38 -16.83
N CYS F 394 -1.15 95.81 -18.07
CA CYS F 394 -2.22 95.11 -18.81
C CYS F 394 -3.50 95.96 -18.88
N LEU F 395 -4.38 95.86 -17.86
CA LEU F 395 -5.62 96.64 -17.74
C LEU F 395 -5.29 98.11 -17.50
N GLY F 396 -4.11 98.37 -16.92
CA GLY F 396 -3.59 99.71 -16.65
C GLY F 396 -3.43 100.54 -17.91
N LEU F 397 -2.84 99.94 -18.97
CA LEU F 397 -2.66 100.58 -20.29
C LEU F 397 -4.04 100.86 -20.89
N GLN F 398 -4.96 99.88 -20.79
CA GLN F 398 -6.34 99.95 -21.27
C GLN F 398 -7.10 101.10 -20.59
N CYS F 399 -6.88 101.29 -19.27
CA CYS F 399 -7.49 102.34 -18.46
C CYS F 399 -6.92 103.73 -18.80
N ILE F 400 -5.61 103.82 -19.14
CA ILE F 400 -4.95 105.06 -19.52
C ILE F 400 -5.55 105.53 -20.86
N VAL F 401 -5.74 104.59 -21.81
CA VAL F 401 -6.30 104.81 -23.14
C VAL F 401 -7.76 105.34 -23.02
N ILE F 402 -8.60 104.70 -22.15
CA ILE F 402 -10.00 105.10 -21.91
C ILE F 402 -10.04 106.54 -21.36
N GLU F 403 -9.22 106.83 -20.33
CA GLU F 403 -9.11 108.16 -19.70
C GLU F 403 -8.62 109.22 -20.70
N ALA F 404 -7.66 108.83 -21.58
CA ALA F 404 -7.10 109.70 -22.62
C ALA F 404 -8.17 110.09 -23.63
N ALA F 405 -8.99 109.12 -24.09
CA ALA F 405 -10.08 109.31 -25.04
C ALA F 405 -11.22 110.12 -24.42
N ARG F 406 -11.47 109.93 -23.11
CA ARG F 406 -12.53 110.62 -22.37
C ARG F 406 -12.20 112.10 -22.16
N SER F 407 -10.91 112.43 -21.90
CA SER F 407 -10.45 113.81 -21.70
C SER F 407 -10.54 114.62 -23.02
N VAL F 408 -10.42 113.94 -24.17
CA VAL F 408 -10.52 114.55 -25.51
C VAL F 408 -11.97 115.01 -25.75
N GLY F 409 -12.94 114.18 -25.39
CA GLY F 409 -14.35 114.52 -25.57
C GLY F 409 -15.30 113.34 -25.65
N LEU F 410 -14.79 112.14 -25.94
CA LEU F 410 -15.61 110.92 -26.05
C LEU F 410 -16.06 110.48 -24.65
N THR F 411 -17.26 110.94 -24.24
CA THR F 411 -17.86 110.66 -22.93
C THR F 411 -18.22 109.19 -22.75
N ASN F 412 -18.64 108.52 -23.85
CA ASN F 412 -19.07 107.12 -23.84
C ASN F 412 -17.93 106.12 -24.20
N ALA F 413 -16.66 106.56 -24.17
CA ALA F 413 -15.50 105.72 -24.48
C ALA F 413 -15.24 104.72 -23.34
N ASN F 414 -15.23 103.41 -23.66
CA ASN F 414 -15.03 102.31 -22.70
C ASN F 414 -14.51 101.04 -23.40
N SER F 415 -14.16 100.01 -22.61
CA SER F 415 -13.72 98.70 -23.09
C SER F 415 -14.92 97.81 -23.35
N ALA F 416 -14.88 97.01 -24.44
CA ALA F 416 -15.96 96.08 -24.83
C ALA F 416 -16.13 94.94 -23.81
N GLU F 417 -15.06 94.64 -23.06
CA GLU F 417 -14.99 93.62 -22.01
C GLU F 417 -15.93 93.93 -20.84
N PHE F 418 -16.08 95.23 -20.51
CA PHE F 418 -16.88 95.72 -19.39
C PHE F 418 -18.24 96.27 -19.87
N ASP F 419 -18.25 96.99 -20.99
CA ASP F 419 -19.48 97.52 -21.60
C ASP F 419 -19.55 97.08 -23.07
N PRO F 420 -20.30 96.01 -23.40
CA PRO F 420 -20.35 95.55 -24.81
C PRO F 420 -21.17 96.45 -25.72
N ASP F 421 -22.17 97.17 -25.15
CA ASP F 421 -23.06 98.06 -25.88
C ASP F 421 -22.52 99.50 -25.96
N THR F 422 -21.19 99.68 -25.85
CA THR F 422 -20.56 101.01 -25.90
C THR F 422 -20.49 101.50 -27.38
N PRO F 423 -20.85 102.78 -27.67
CA PRO F 423 -20.77 103.25 -29.05
C PRO F 423 -19.34 103.58 -29.50
N ASP F 424 -18.40 103.68 -28.53
CA ASP F 424 -16.99 103.98 -28.80
C ASP F 424 -16.08 102.95 -28.09
N PRO F 425 -15.89 101.74 -28.68
CA PRO F 425 -15.02 100.74 -28.02
C PRO F 425 -13.55 100.96 -28.39
N VAL F 426 -12.83 101.71 -27.53
CA VAL F 426 -11.41 102.02 -27.71
C VAL F 426 -10.54 100.78 -27.40
N ILE F 427 -11.08 99.85 -26.59
CA ILE F 427 -10.44 98.58 -26.23
C ILE F 427 -11.38 97.45 -26.67
N ALA F 428 -10.95 96.65 -27.68
CA ALA F 428 -11.74 95.56 -28.24
C ALA F 428 -10.86 94.40 -28.73
N THR F 429 -11.46 93.22 -28.92
CA THR F 429 -10.79 92.00 -29.40
C THR F 429 -10.44 92.12 -30.89
N MET F 430 -9.34 91.44 -31.31
CA MET F 430 -8.77 91.40 -32.67
C MET F 430 -8.42 92.80 -33.18
N THR F 446 -6.56 85.16 -30.80
CA THR F 446 -7.20 86.28 -30.12
C THR F 446 -6.63 86.44 -28.70
N MET F 447 -6.41 85.31 -27.98
CA MET F 447 -5.86 85.29 -26.63
C MET F 447 -4.33 85.23 -26.70
N ARG F 448 -3.65 86.16 -26.01
CA ARG F 448 -2.19 86.25 -25.99
C ARG F 448 -1.63 85.78 -24.66
N LEU F 449 -0.74 84.77 -24.70
CA LEU F 449 -0.09 84.18 -23.53
C LEU F 449 1.40 83.93 -23.78
N GLY F 450 2.23 84.32 -22.81
CA GLY F 450 3.67 84.16 -22.87
C GLY F 450 4.41 85.37 -23.38
N SER F 451 5.72 85.19 -23.70
CA SER F 451 6.59 86.24 -24.18
C SER F 451 6.27 86.61 -25.63
N TYR F 452 6.01 87.90 -25.87
CA TYR F 452 5.72 88.47 -27.18
C TYR F 452 6.71 89.60 -27.50
N PRO F 453 7.26 89.65 -28.73
CA PRO F 453 8.23 90.71 -29.05
C PRO F 453 7.54 92.06 -29.27
N ALA F 454 8.27 93.15 -28.97
CA ALA F 454 7.77 94.51 -29.13
C ALA F 454 8.88 95.47 -29.58
N VAL F 455 8.58 96.28 -30.60
CA VAL F 455 9.50 97.28 -31.14
C VAL F 455 9.18 98.64 -30.45
N LEU F 456 10.22 99.36 -30.03
CA LEU F 456 10.11 100.62 -29.30
C LEU F 456 10.54 101.83 -30.13
N GLU F 457 9.83 102.96 -29.94
CA GLU F 457 10.10 104.23 -30.61
C GLU F 457 11.38 104.86 -30.01
N PRO F 458 12.35 105.32 -30.84
CA PRO F 458 13.59 105.90 -30.28
C PRO F 458 13.35 107.22 -29.55
N ASP F 459 14.16 107.49 -28.50
CA ASP F 459 14.16 108.68 -27.65
C ASP F 459 12.84 108.83 -26.83
N SER F 460 12.05 107.75 -26.70
CA SER F 460 10.81 107.76 -25.92
C SER F 460 11.11 107.43 -24.45
N VAL F 461 10.12 107.63 -23.55
CA VAL F 461 10.23 107.40 -22.10
C VAL F 461 10.54 105.90 -21.84
N VAL F 462 9.85 104.98 -22.56
CA VAL F 462 10.05 103.52 -22.43
C VAL F 462 11.44 103.12 -22.97
N ALA F 463 11.91 103.78 -24.05
CA ALA F 463 13.21 103.53 -24.66
C ALA F 463 14.34 104.01 -23.76
N GLN F 464 14.11 105.11 -23.00
CA GLN F 464 15.06 105.69 -22.06
C GLN F 464 15.21 104.79 -20.83
N ALA F 465 14.12 104.09 -20.45
CA ALA F 465 14.08 103.16 -19.32
C ALA F 465 14.76 101.84 -19.68
N TYR F 466 14.31 101.19 -20.77
CA TYR F 466 14.84 99.91 -21.26
C TYR F 466 16.26 100.02 -21.81
N GLN F 467 16.61 101.20 -22.39
CA GLN F 467 17.90 101.53 -23.02
C GLN F 467 18.17 100.61 -24.24
N THR F 468 17.08 100.24 -24.95
CA THR F 468 17.08 99.39 -26.15
C THR F 468 15.82 99.68 -27.00
N THR F 469 15.93 99.44 -28.32
CA THR F 469 14.85 99.66 -29.29
C THR F 469 13.98 98.40 -29.47
N GLN F 470 14.47 97.22 -29.03
CA GLN F 470 13.76 95.95 -29.13
C GLN F 470 13.62 95.29 -27.76
N VAL F 471 12.39 94.92 -27.37
CA VAL F 471 12.09 94.30 -26.06
C VAL F 471 11.18 93.05 -26.22
N SER F 472 11.03 92.28 -25.11
CA SER F 472 10.19 91.07 -25.01
C SER F 472 9.58 91.00 -23.61
N GLU F 473 8.25 90.89 -23.51
CA GLU F 473 7.52 90.83 -22.23
C GLU F 473 6.42 89.76 -22.25
N ARG F 474 6.03 89.26 -21.06
CA ARG F 474 5.00 88.21 -20.90
C ARG F 474 3.58 88.80 -20.86
N HIS F 475 2.67 88.24 -21.67
CA HIS F 475 1.27 88.68 -21.81
C HIS F 475 0.27 87.66 -21.26
N ARG F 476 -0.94 88.15 -20.89
CA ARG F 476 -2.09 87.37 -20.39
C ARG F 476 -3.37 88.21 -20.53
N HIS F 477 -3.88 88.30 -21.78
CA HIS F 477 -5.09 89.07 -22.14
C HIS F 477 -5.56 88.71 -23.57
N ARG F 478 -6.80 89.11 -23.92
CA ARG F 478 -7.38 88.88 -25.23
C ARG F 478 -7.89 90.19 -25.87
N TYR F 479 -8.02 91.25 -25.06
CA TYR F 479 -8.49 92.57 -25.50
C TYR F 479 -7.30 93.49 -25.83
N GLU F 480 -7.34 94.11 -27.02
CA GLU F 480 -6.29 95.00 -27.53
C GLU F 480 -6.82 96.42 -27.75
N VAL F 481 -5.93 97.36 -28.14
CA VAL F 481 -6.28 98.76 -28.43
C VAL F 481 -6.85 98.83 -29.86
N ASN F 482 -8.04 99.45 -30.01
CA ASN F 482 -8.71 99.62 -31.31
C ASN F 482 -7.89 100.60 -32.17
N ASN F 483 -7.40 100.11 -33.32
CA ASN F 483 -6.56 100.86 -34.25
C ASN F 483 -7.30 102.00 -34.95
N ALA F 484 -8.64 101.93 -35.04
CA ALA F 484 -9.47 102.96 -35.67
C ALA F 484 -9.53 104.23 -34.80
N TYR F 485 -9.46 104.08 -33.47
CA TYR F 485 -9.54 105.17 -32.50
C TYR F 485 -8.17 105.79 -32.18
N ARG F 486 -7.06 105.21 -32.73
CA ARG F 486 -5.67 105.66 -32.53
C ARG F 486 -5.48 107.17 -32.72
N ASP F 487 -6.11 107.76 -33.75
CA ASP F 487 -6.02 109.18 -34.08
C ASP F 487 -6.76 110.06 -33.06
N LYS F 488 -7.95 109.61 -32.58
CA LYS F 488 -8.76 110.32 -31.59
C LYS F 488 -8.10 110.31 -30.20
N ILE F 489 -7.42 109.19 -29.85
CA ILE F 489 -6.72 109.01 -28.57
C ILE F 489 -5.46 109.91 -28.56
N ALA F 490 -4.78 110.03 -29.72
CA ALA F 490 -3.56 110.83 -29.91
C ALA F 490 -3.77 112.35 -29.65
N GLU F 491 -5.04 112.82 -29.70
CA GLU F 491 -5.41 114.22 -29.46
C GLU F 491 -5.08 114.68 -28.03
N SER F 492 -5.10 113.75 -27.06
CA SER F 492 -4.80 114.01 -25.65
C SER F 492 -3.32 114.30 -25.42
N GLY F 493 -2.48 113.80 -26.32
CA GLY F 493 -1.03 113.95 -26.26
C GLY F 493 -0.31 112.62 -26.14
N LEU F 494 -1.08 111.56 -25.79
CA LEU F 494 -0.59 110.18 -25.61
C LEU F 494 0.01 109.65 -26.91
N ARG F 495 1.19 109.02 -26.80
CA ARG F 495 1.93 108.45 -27.93
C ARG F 495 2.08 106.94 -27.77
N PHE F 496 1.87 106.20 -28.88
CA PHE F 496 1.99 104.74 -28.91
C PHE F 496 3.46 104.39 -29.22
N SER F 497 4.32 104.55 -28.20
CA SER F 497 5.76 104.32 -28.27
C SER F 497 6.15 102.86 -28.51
N GLY F 498 5.34 101.92 -27.99
CA GLY F 498 5.59 100.50 -28.13
C GLY F 498 4.52 99.79 -28.93
N THR F 499 4.93 99.07 -29.98
CA THR F 499 4.06 98.29 -30.87
C THR F 499 4.67 96.92 -31.16
N SER F 500 3.88 96.01 -31.76
CA SER F 500 4.30 94.67 -32.18
C SER F 500 5.31 94.78 -33.36
N PRO F 501 6.07 93.71 -33.74
CA PRO F 501 7.03 93.86 -34.87
C PRO F 501 6.39 94.40 -36.16
N ASP F 502 5.15 93.96 -36.46
CA ASP F 502 4.38 94.42 -37.64
C ASP F 502 3.72 95.78 -37.38
N GLY F 503 3.63 96.19 -36.12
CA GLY F 503 3.07 97.46 -35.68
C GLY F 503 1.55 97.52 -35.59
N HIS F 504 0.88 96.37 -35.74
CA HIS F 504 -0.58 96.27 -35.69
C HIS F 504 -1.11 96.39 -34.26
N LEU F 505 -0.46 95.73 -33.29
CA LEU F 505 -0.90 95.74 -31.89
C LEU F 505 -0.13 96.77 -31.06
N VAL F 506 -0.85 97.52 -30.21
CA VAL F 506 -0.27 98.53 -29.31
C VAL F 506 0.22 97.80 -28.06
N GLU F 507 1.52 97.95 -27.74
CA GLU F 507 2.16 97.30 -26.59
C GLU F 507 2.44 98.29 -25.45
N PHE F 508 2.84 99.53 -25.78
CA PHE F 508 3.15 100.57 -24.79
C PHE F 508 2.56 101.93 -25.18
N VAL F 509 2.06 102.67 -24.17
CA VAL F 509 1.53 104.04 -24.32
C VAL F 509 2.23 104.96 -23.31
N GLU F 510 2.51 106.22 -23.71
CA GLU F 510 3.19 107.19 -22.84
C GLU F 510 2.86 108.65 -23.21
N TYR F 511 2.92 109.52 -22.21
CA TYR F 511 2.74 110.97 -22.37
C TYR F 511 4.13 111.62 -22.46
N PRO F 512 4.34 112.64 -23.34
CA PRO F 512 5.67 113.26 -23.43
C PRO F 512 6.09 113.99 -22.15
N PRO F 513 7.40 114.08 -21.82
CA PRO F 513 7.82 114.76 -20.58
C PRO F 513 7.38 116.22 -20.46
N ASP F 514 7.14 116.90 -21.61
CA ASP F 514 6.68 118.28 -21.66
C ASP F 514 5.18 118.40 -21.29
N ARG F 515 4.47 117.25 -21.21
CA ARG F 515 3.06 117.18 -20.83
C ARG F 515 2.92 116.57 -19.43
N HIS F 516 3.58 115.40 -19.20
CA HIS F 516 3.59 114.68 -17.92
C HIS F 516 4.96 114.04 -17.69
N PRO F 517 5.56 114.14 -16.47
CA PRO F 517 6.90 113.56 -16.24
C PRO F 517 6.97 112.05 -16.50
N PHE F 518 5.99 111.26 -15.97
CA PHE F 518 5.97 109.80 -16.17
C PHE F 518 4.55 109.23 -16.06
N VAL F 519 3.94 108.93 -17.22
CA VAL F 519 2.64 108.26 -17.32
C VAL F 519 2.84 107.21 -18.41
N VAL F 520 3.29 106.01 -18.00
CA VAL F 520 3.61 104.91 -18.90
C VAL F 520 2.67 103.73 -18.66
N GLY F 521 2.14 103.19 -19.74
CA GLY F 521 1.26 102.03 -19.74
C GLY F 521 1.82 100.91 -20.60
N THR F 522 1.67 99.66 -20.13
CA THR F 522 2.13 98.47 -20.85
C THR F 522 0.99 97.45 -20.95
N GLN F 523 0.86 96.81 -22.12
CA GLN F 523 -0.16 95.81 -22.40
C GLN F 523 0.19 94.46 -21.75
N ALA F 524 1.49 94.25 -21.46
CA ALA F 524 2.02 93.03 -20.85
C ALA F 524 2.23 93.16 -19.33
N HIS F 525 2.77 92.10 -18.69
CA HIS F 525 3.06 92.05 -17.25
C HIS F 525 4.59 92.01 -17.00
N PRO F 526 5.25 93.19 -16.83
CA PRO F 526 6.71 93.20 -16.60
C PRO F 526 7.13 92.67 -15.23
N GLU F 527 6.21 92.68 -14.24
CA GLU F 527 6.43 92.23 -12.87
C GLU F 527 6.91 90.77 -12.77
N LEU F 528 6.53 89.92 -13.74
CA LEU F 528 6.91 88.50 -13.78
C LEU F 528 8.40 88.34 -14.12
N LYS F 529 8.92 89.20 -15.01
CA LYS F 529 10.33 89.19 -15.45
C LYS F 529 11.26 89.90 -14.45
N SER F 530 10.68 90.58 -13.43
CA SER F 530 11.42 91.31 -12.40
C SER F 530 11.93 90.36 -11.31
N ARG F 531 13.21 90.53 -10.95
CA ARG F 531 13.93 89.74 -9.93
C ARG F 531 14.50 90.68 -8.85
N PRO F 532 14.72 90.23 -7.59
CA PRO F 532 15.29 91.15 -6.59
C PRO F 532 16.75 91.56 -6.90
N THR F 533 17.52 90.63 -7.52
CA THR F 533 18.92 90.84 -7.91
C THR F 533 19.03 91.48 -9.31
N ARG F 534 17.98 91.31 -10.15
CA ARG F 534 17.90 91.86 -11.50
C ARG F 534 16.55 92.57 -11.67
N PRO F 535 16.40 93.84 -11.19
CA PRO F 535 15.11 94.53 -11.29
C PRO F 535 14.72 94.94 -12.71
N HIS F 536 13.40 95.08 -12.96
CA HIS F 536 12.87 95.48 -14.26
C HIS F 536 13.08 96.98 -14.51
N PRO F 537 13.55 97.38 -15.73
CA PRO F 537 13.82 98.80 -15.99
C PRO F 537 12.61 99.73 -15.91
N LEU F 538 11.39 99.24 -16.24
CA LEU F 538 10.16 100.06 -16.17
C LEU F 538 9.81 100.39 -14.73
N PHE F 539 9.98 99.43 -13.81
CA PHE F 539 9.72 99.60 -12.39
C PHE F 539 10.80 100.50 -11.75
N VAL F 540 12.04 100.42 -12.27
CA VAL F 540 13.18 101.24 -11.82
C VAL F 540 12.89 102.70 -12.19
N ALA F 541 12.45 102.95 -13.44
CA ALA F 541 12.09 104.28 -13.96
C ALA F 541 10.87 104.86 -13.24
N PHE F 542 9.89 103.99 -12.86
CA PHE F 542 8.67 104.41 -12.18
C PHE F 542 8.96 104.84 -10.74
N VAL F 543 9.73 104.02 -9.98
CA VAL F 543 10.11 104.29 -8.58
C VAL F 543 10.96 105.58 -8.55
N GLY F 544 11.89 105.70 -9.51
CA GLY F 544 12.76 106.86 -9.66
C GLY F 544 12.00 108.15 -9.89
N ALA F 545 10.92 108.09 -10.68
CA ALA F 545 10.03 109.21 -10.99
C ALA F 545 9.23 109.65 -9.76
N ALA F 546 8.87 108.68 -8.89
CA ALA F 546 8.14 108.92 -7.64
C ALA F 546 9.06 109.59 -6.61
N ILE F 547 10.38 109.31 -6.67
CA ILE F 547 11.42 109.91 -5.81
C ILE F 547 11.59 111.38 -6.24
N ASP F 548 11.47 111.65 -7.55
CA ASP F 548 11.55 113.01 -8.12
C ASP F 548 10.34 113.83 -7.68
N TYR F 549 9.16 113.17 -7.55
CA TYR F 549 7.90 113.77 -7.10
C TYR F 549 8.00 114.15 -5.61
N LYS F 550 8.71 113.32 -4.81
CA LYS F 550 8.93 113.51 -3.37
C LYS F 550 9.60 114.88 -3.10
N ALA F 551 10.50 115.32 -4.01
CA ALA F 551 11.17 116.61 -3.91
C ALA F 551 10.18 117.73 -4.28
N GLY F 552 9.87 118.59 -3.31
CA GLY F 552 8.95 119.69 -3.46
C GLY F 552 7.88 119.72 -2.39
N THR G 8 -40.50 54.44 7.85
CA THR G 8 -39.20 54.56 8.50
C THR G 8 -38.13 55.06 7.52
N ALA G 9 -37.10 55.75 8.06
CA ALA G 9 -35.98 56.32 7.30
C ALA G 9 -35.12 55.24 6.65
N THR G 10 -34.58 55.52 5.45
CA THR G 10 -33.72 54.61 4.68
C THR G 10 -32.38 54.44 5.40
N LYS G 11 -31.98 53.18 5.60
CA LYS G 11 -30.74 52.80 6.28
C LYS G 11 -29.62 52.52 5.26
N HIS G 12 -28.35 52.72 5.67
CA HIS G 12 -27.18 52.48 4.83
C HIS G 12 -26.21 51.53 5.49
N LEU G 13 -25.85 50.43 4.81
CA LEU G 13 -24.92 49.43 5.30
C LEU G 13 -23.67 49.44 4.43
N PHE G 14 -22.48 49.63 5.03
CA PHE G 14 -21.23 49.67 4.29
C PHE G 14 -20.40 48.41 4.54
N VAL G 15 -20.02 47.71 3.46
CA VAL G 15 -19.21 46.49 3.54
C VAL G 15 -17.79 46.83 3.07
N SER G 16 -16.82 46.71 3.98
CA SER G 16 -15.40 47.00 3.72
C SER G 16 -14.54 45.74 3.83
N GLY G 17 -13.46 45.70 3.06
CA GLY G 17 -12.51 44.60 3.03
C GLY G 17 -11.34 44.78 3.96
N SER G 21 -7.33 39.99 -0.55
CA SER G 21 -8.32 40.20 -1.61
C SER G 21 -8.92 38.86 -2.10
N SER G 22 -10.06 38.94 -2.82
CA SER G 22 -10.84 37.82 -3.38
C SER G 22 -11.29 36.83 -2.28
N LEU G 23 -11.64 37.37 -1.09
CA LEU G 23 -12.11 36.61 0.08
C LEU G 23 -13.54 36.09 -0.14
N GLY G 24 -14.31 36.85 -0.92
CA GLY G 24 -15.71 36.59 -1.22
C GLY G 24 -16.59 37.71 -0.71
N LYS G 25 -16.08 38.97 -0.79
CA LYS G 25 -16.72 40.21 -0.36
C LYS G 25 -18.09 40.41 -1.03
N GLY G 26 -18.17 40.08 -2.33
CA GLY G 26 -19.39 40.18 -3.13
C GLY G 26 -20.47 39.20 -2.69
N LEU G 27 -20.06 37.95 -2.42
CA LEU G 27 -20.94 36.87 -1.99
C LEU G 27 -21.41 37.05 -0.54
N THR G 28 -20.52 37.57 0.34
CA THR G 28 -20.82 37.84 1.75
C THR G 28 -21.88 38.93 1.87
N ALA G 29 -21.76 40.00 1.05
CA ALA G 29 -22.69 41.12 1.02
C ALA G 29 -24.05 40.71 0.44
N SER G 30 -24.04 39.92 -0.67
CA SER G 30 -25.24 39.42 -1.36
C SER G 30 -26.07 38.50 -0.47
N SER G 31 -25.40 37.65 0.34
CA SER G 31 -26.04 36.71 1.26
C SER G 31 -26.78 37.45 2.38
N LEU G 32 -26.22 38.59 2.84
CA LEU G 32 -26.83 39.45 3.85
C LEU G 32 -28.06 40.12 3.24
N GLY G 33 -27.95 40.50 1.95
CA GLY G 33 -29.01 41.10 1.17
C GLY G 33 -30.17 40.16 0.96
N GLN G 34 -29.86 38.85 0.83
CA GLN G 34 -30.82 37.76 0.66
C GLN G 34 -31.63 37.59 1.97
N LEU G 35 -30.94 37.59 3.13
CA LEU G 35 -31.54 37.43 4.46
C LEU G 35 -32.47 38.59 4.80
N LEU G 36 -32.05 39.85 4.51
CA LEU G 36 -32.83 41.05 4.79
C LEU G 36 -34.09 41.12 3.90
N THR G 37 -34.01 40.66 2.63
CA THR G 37 -35.15 40.62 1.71
C THR G 37 -36.13 39.51 2.16
N ALA G 38 -35.58 38.37 2.66
CA ALA G 38 -36.36 37.24 3.18
C ALA G 38 -37.08 37.62 4.48
N ARG G 39 -36.57 38.64 5.19
CA ARG G 39 -37.17 39.18 6.42
C ARG G 39 -38.29 40.19 6.08
N GLY G 40 -38.50 40.41 4.78
CA GLY G 40 -39.53 41.30 4.26
C GLY G 40 -39.13 42.77 4.23
N LEU G 41 -37.99 43.07 3.59
CA LEU G 41 -37.47 44.45 3.48
C LEU G 41 -37.03 44.77 2.06
N HIS G 42 -37.24 46.03 1.64
CA HIS G 42 -36.84 46.54 0.33
C HIS G 42 -35.33 46.80 0.37
N VAL G 43 -34.55 45.92 -0.29
CA VAL G 43 -33.09 45.99 -0.28
C VAL G 43 -32.56 46.27 -1.69
N THR G 44 -31.73 47.32 -1.82
CA THR G 44 -31.04 47.69 -3.07
C THR G 44 -29.54 47.67 -2.76
N MET G 45 -28.72 47.24 -3.74
CA MET G 45 -27.28 47.11 -3.50
C MET G 45 -26.44 47.93 -4.49
N GLN G 46 -25.34 48.50 -3.98
CA GLN G 46 -24.39 49.33 -4.71
C GLN G 46 -22.95 48.81 -4.54
N LYS G 47 -22.13 48.92 -5.60
CA LYS G 47 -20.73 48.49 -5.58
C LYS G 47 -19.82 49.66 -5.97
N LEU G 48 -18.94 50.08 -5.03
CA LEU G 48 -17.97 51.15 -5.25
C LEU G 48 -16.65 50.52 -5.70
N ASP G 49 -16.31 50.70 -6.98
CA ASP G 49 -15.08 50.16 -7.56
C ASP G 49 -13.95 51.19 -7.47
N PRO G 50 -12.77 50.82 -6.90
CA PRO G 50 -11.69 51.80 -6.77
C PRO G 50 -10.89 52.01 -8.07
N TYR G 51 -11.21 51.29 -9.17
CA TYR G 51 -10.50 51.47 -10.43
C TYR G 51 -11.00 52.71 -11.18
N LEU G 52 -10.09 53.31 -11.98
CA LEU G 52 -10.31 54.54 -12.76
C LEU G 52 -11.03 54.29 -14.10
N ASN G 53 -11.41 53.04 -14.43
CA ASN G 53 -12.12 52.74 -15.67
C ASN G 53 -13.57 53.20 -15.57
N VAL G 54 -13.99 54.10 -16.49
CA VAL G 54 -15.34 54.68 -16.54
C VAL G 54 -16.34 53.54 -16.84
N ASP G 55 -16.00 52.65 -17.78
CA ASP G 55 -16.81 51.48 -18.16
C ASP G 55 -15.97 50.20 -18.08
N PRO G 56 -16.51 49.08 -17.52
CA PRO G 56 -15.73 47.83 -17.48
C PRO G 56 -15.65 47.14 -18.85
N GLY G 57 -16.35 47.70 -19.85
CA GLY G 57 -16.38 47.21 -21.22
C GLY G 57 -15.04 47.23 -21.92
N THR G 58 -14.21 48.25 -21.61
CA THR G 58 -12.86 48.42 -22.16
C THR G 58 -11.89 47.36 -21.60
N MET G 59 -12.16 46.86 -20.37
CA MET G 59 -11.36 45.83 -19.70
C MET G 59 -11.49 44.47 -20.38
N ASN G 60 -10.44 43.63 -20.25
CA ASN G 60 -10.43 42.28 -20.80
C ASN G 60 -11.31 41.36 -19.94
N PRO G 61 -12.35 40.71 -20.52
CA PRO G 61 -13.23 39.87 -19.70
C PRO G 61 -12.59 38.55 -19.23
N PHE G 62 -11.56 38.09 -19.95
CA PHE G 62 -10.83 36.85 -19.63
C PHE G 62 -9.70 37.08 -18.61
N GLN G 63 -9.56 38.33 -18.11
CA GLN G 63 -8.53 38.70 -17.14
C GLN G 63 -9.11 39.31 -15.86
N HIS G 64 -10.23 40.07 -15.98
CA HIS G 64 -10.82 40.78 -14.85
C HIS G 64 -12.30 40.39 -14.58
N GLY G 65 -12.87 39.56 -15.45
CA GLY G 65 -14.24 39.09 -15.31
C GLY G 65 -15.23 39.65 -16.31
N GLU G 66 -16.40 39.01 -16.42
CA GLU G 66 -17.50 39.35 -17.33
C GLU G 66 -18.08 40.74 -17.08
N VAL G 67 -18.65 41.34 -18.14
CA VAL G 67 -19.28 42.66 -18.11
C VAL G 67 -20.80 42.46 -18.01
N PHE G 68 -21.39 42.81 -16.86
CA PHE G 68 -22.82 42.68 -16.60
C PHE G 68 -23.59 43.84 -17.23
N VAL G 69 -24.75 43.54 -17.83
CA VAL G 69 -25.62 44.54 -18.47
C VAL G 69 -26.94 44.59 -17.69
N THR G 70 -27.35 45.81 -17.28
CA THR G 70 -28.60 46.05 -16.55
C THR G 70 -29.74 46.33 -17.56
N GLU G 71 -31.00 46.40 -17.06
CA GLU G 71 -32.20 46.65 -17.87
C GLU G 71 -32.15 48.01 -18.59
N ASP G 72 -31.55 49.03 -17.94
CA ASP G 72 -31.41 50.40 -18.48
C ASP G 72 -30.33 50.49 -19.57
N GLY G 73 -29.48 49.47 -19.68
CA GLY G 73 -28.42 49.39 -20.69
C GLY G 73 -27.08 49.94 -20.25
N ALA G 74 -26.67 49.62 -19.02
CA ALA G 74 -25.40 50.08 -18.47
C ALA G 74 -24.43 48.92 -18.28
N GLU G 75 -23.16 49.13 -18.70
CA GLU G 75 -22.09 48.17 -18.55
C GLU G 75 -21.54 48.30 -17.13
N THR G 76 -21.73 47.25 -16.31
CA THR G 76 -21.32 47.24 -14.89
C THR G 76 -20.44 46.03 -14.56
N ASP G 77 -19.88 46.02 -13.33
CA ASP G 77 -19.02 44.94 -12.81
C ASP G 77 -19.85 43.66 -12.58
N LEU G 78 -19.18 42.49 -12.55
CA LEU G 78 -19.83 41.18 -12.36
C LEU G 78 -20.45 41.03 -10.95
N ASP G 79 -20.07 41.90 -9.99
CA ASP G 79 -20.60 41.91 -8.62
C ASP G 79 -22.08 42.30 -8.60
N VAL G 80 -22.53 43.10 -9.59
CA VAL G 80 -23.92 43.55 -9.77
C VAL G 80 -24.79 42.31 -10.06
N GLY G 81 -24.21 41.36 -10.79
CA GLY G 81 -24.83 40.08 -11.12
C GLY G 81 -25.15 39.25 -9.89
N HIS G 82 -24.19 39.22 -8.93
CA HIS G 82 -24.35 38.51 -7.66
C HIS G 82 -25.47 39.13 -6.83
N TYR G 83 -25.59 40.48 -6.88
CA TYR G 83 -26.62 41.22 -6.16
C TYR G 83 -28.01 40.91 -6.73
N GLU G 84 -28.15 41.03 -8.08
CA GLU G 84 -29.41 40.78 -8.80
C GLU G 84 -29.94 39.35 -8.59
N ARG G 85 -29.03 38.36 -8.56
CA ARG G 85 -29.38 36.94 -8.38
C ARG G 85 -29.85 36.64 -6.95
N PHE G 86 -29.19 37.23 -5.94
CA PHE G 86 -29.51 37.02 -4.51
C PHE G 86 -30.69 37.86 -4.03
N LEU G 87 -31.12 38.88 -4.81
CA LEU G 87 -32.25 39.75 -4.46
C LEU G 87 -33.50 39.51 -5.33
N ASP G 88 -33.32 38.98 -6.57
CA ASP G 88 -34.35 38.71 -7.60
C ASP G 88 -34.92 40.04 -8.15
N ARG G 89 -34.28 41.17 -7.79
CA ARG G 89 -34.65 42.54 -8.16
C ARG G 89 -33.72 43.09 -9.25
N ASN G 90 -34.28 43.86 -10.20
CA ASN G 90 -33.51 44.51 -11.27
C ASN G 90 -32.85 45.78 -10.73
N LEU G 91 -31.53 45.90 -10.90
CA LEU G 91 -30.76 47.05 -10.41
C LEU G 91 -30.49 48.10 -11.49
N PRO G 92 -30.37 49.40 -11.12
CA PRO G 92 -30.12 50.44 -12.15
C PRO G 92 -28.62 50.58 -12.45
N GLY G 93 -28.29 51.50 -13.36
CA GLY G 93 -26.91 51.79 -13.75
C GLY G 93 -26.13 52.50 -12.64
N SER G 94 -26.85 53.22 -11.76
CA SER G 94 -26.32 53.97 -10.62
C SER G 94 -25.72 53.04 -9.53
N ALA G 95 -26.05 51.73 -9.58
CA ALA G 95 -25.58 50.71 -8.64
C ALA G 95 -24.06 50.45 -8.75
N ASN G 96 -23.41 50.96 -9.81
CA ASN G 96 -21.96 50.79 -9.99
C ASN G 96 -21.29 52.17 -10.11
N VAL G 97 -20.47 52.51 -9.11
CA VAL G 97 -19.75 53.79 -9.03
C VAL G 97 -18.24 53.49 -9.08
N THR G 98 -17.52 54.13 -10.01
CA THR G 98 -16.07 53.94 -10.18
C THR G 98 -15.32 55.25 -9.89
N THR G 99 -13.97 55.18 -9.79
CA THR G 99 -13.09 56.34 -9.54
C THR G 99 -13.13 57.27 -10.79
N GLY G 100 -13.15 56.66 -11.97
CA GLY G 100 -13.20 57.35 -13.26
C GLY G 100 -14.48 58.16 -13.44
N GLN G 101 -15.63 57.57 -13.07
CA GLN G 101 -16.95 58.21 -13.16
C GLN G 101 -17.05 59.44 -12.26
N VAL G 102 -16.40 59.42 -11.08
CA VAL G 102 -16.40 60.50 -10.11
C VAL G 102 -15.43 61.62 -10.54
N TYR G 103 -14.17 61.27 -10.85
CA TYR G 103 -13.12 62.22 -11.23
C TYR G 103 -13.40 62.93 -12.55
N SER G 104 -13.95 62.22 -13.56
CA SER G 104 -14.24 62.82 -14.87
C SER G 104 -15.45 63.77 -14.81
N THR G 105 -16.32 63.61 -13.79
CA THR G 105 -17.51 64.43 -13.57
C THR G 105 -17.10 65.76 -12.90
N VAL G 106 -16.24 65.71 -11.86
CA VAL G 106 -15.79 66.88 -11.11
C VAL G 106 -14.79 67.74 -11.94
N ILE G 107 -13.92 67.11 -12.77
CA ILE G 107 -12.94 67.82 -13.60
C ILE G 107 -13.67 68.57 -14.73
N ALA G 108 -14.69 67.95 -15.35
CA ALA G 108 -15.50 68.56 -16.40
C ALA G 108 -16.32 69.74 -15.85
N LYS G 109 -16.79 69.64 -14.59
CA LYS G 109 -17.54 70.68 -13.88
C LYS G 109 -16.61 71.85 -13.52
N GLU G 110 -15.33 71.56 -13.24
CA GLU G 110 -14.29 72.55 -12.91
C GLU G 110 -13.93 73.36 -14.15
N ARG G 111 -13.77 72.67 -15.31
CA ARG G 111 -13.41 73.30 -16.59
C ARG G 111 -14.55 74.19 -17.12
N ARG G 112 -15.81 73.83 -16.79
CA ARG G 112 -17.01 74.59 -17.14
C ARG G 112 -17.17 75.82 -16.23
N GLY G 113 -16.44 75.83 -15.11
CA GLY G 113 -16.44 76.90 -14.12
C GLY G 113 -17.65 76.89 -13.21
N GLU G 114 -18.21 75.70 -12.92
CA GLU G 114 -19.39 75.52 -12.07
C GLU G 114 -19.07 75.76 -10.59
N TYR G 115 -17.79 75.60 -10.19
CA TYR G 115 -17.35 75.80 -8.81
C TYR G 115 -17.06 77.28 -8.51
N LEU G 116 -16.85 78.08 -9.59
CA LEU G 116 -16.62 79.53 -9.58
C LEU G 116 -15.49 79.95 -8.63
N GLY G 117 -14.27 79.96 -9.17
CA GLY G 117 -13.05 80.37 -8.49
C GLY G 117 -12.73 79.70 -7.18
N ASP G 118 -12.84 78.36 -7.13
CA ASP G 118 -12.55 77.63 -5.92
C ASP G 118 -11.50 76.54 -6.15
N THR G 119 -10.72 76.24 -5.09
CA THR G 119 -9.70 75.20 -5.09
C THR G 119 -10.40 73.84 -5.00
N VAL G 120 -10.58 73.18 -6.17
CA VAL G 120 -11.23 71.87 -6.23
C VAL G 120 -10.24 70.84 -5.67
N GLN G 121 -10.57 70.25 -4.52
CA GLN G 121 -9.72 69.28 -3.83
C GLN G 121 -10.42 67.94 -3.67
N VAL G 122 -9.69 66.92 -3.17
CA VAL G 122 -10.26 65.59 -2.91
C VAL G 122 -11.32 65.75 -1.79
N ILE G 123 -11.01 66.61 -0.80
CA ILE G 123 -11.94 66.97 0.27
C ILE G 123 -12.26 68.46 0.10
N PRO G 124 -13.53 68.85 -0.12
CA PRO G 124 -14.75 68.01 -0.11
C PRO G 124 -15.30 67.59 -1.48
N HIS G 125 -14.93 68.30 -2.57
CA HIS G 125 -15.43 68.12 -3.95
C HIS G 125 -15.49 66.67 -4.45
N ILE G 126 -14.45 65.83 -4.19
CA ILE G 126 -14.44 64.42 -4.64
C ILE G 126 -15.35 63.58 -3.72
N THR G 127 -15.23 63.75 -2.39
CA THR G 127 -16.02 63.01 -1.40
C THR G 127 -17.52 63.30 -1.54
N ASP G 128 -17.89 64.57 -1.85
CA ASP G 128 -19.27 65.02 -2.01
C ASP G 128 -19.95 64.39 -3.22
N GLU G 129 -19.19 64.12 -4.32
CA GLU G 129 -19.74 63.48 -5.52
C GLU G 129 -20.04 62.00 -5.21
N ILE G 130 -19.15 61.32 -4.45
CA ILE G 130 -19.33 59.93 -4.02
C ILE G 130 -20.52 59.89 -3.04
N LYS G 131 -20.59 60.87 -2.10
CA LYS G 131 -21.65 61.04 -1.11
C LYS G 131 -23.02 61.19 -1.81
N ARG G 132 -23.06 61.93 -2.94
CA ARG G 132 -24.24 62.18 -3.75
C ARG G 132 -24.74 60.88 -4.39
N ARG G 133 -23.80 60.06 -4.92
CA ARG G 133 -24.12 58.79 -5.59
C ARG G 133 -24.60 57.72 -4.60
N ILE G 134 -24.11 57.76 -3.34
CA ILE G 134 -24.52 56.81 -2.28
C ILE G 134 -25.96 57.16 -1.85
N LEU G 135 -26.22 58.45 -1.58
CA LEU G 135 -27.53 58.96 -1.15
C LEU G 135 -28.56 58.91 -2.29
N ALA G 136 -28.11 58.75 -3.56
CA ALA G 136 -28.95 58.66 -4.75
C ALA G 136 -29.77 57.35 -4.77
N MET G 137 -29.24 56.29 -4.14
CA MET G 137 -29.88 54.97 -4.05
C MET G 137 -31.09 55.00 -3.13
N ALA G 138 -31.08 55.92 -2.13
CA ALA G 138 -32.15 56.12 -1.15
C ALA G 138 -33.41 56.75 -1.78
N GLN G 139 -33.28 57.37 -2.97
CA GLN G 139 -34.37 58.01 -3.71
C GLN G 139 -35.42 56.96 -4.16
N PRO G 140 -36.74 57.31 -4.23
CA PRO G 140 -37.75 56.32 -4.65
C PRO G 140 -37.57 55.89 -6.10
N ASP G 141 -37.57 54.55 -6.34
CA ASP G 141 -37.38 53.94 -7.66
C ASP G 141 -38.71 53.88 -8.45
N ALA G 142 -38.76 53.07 -9.53
CA ALA G 142 -39.94 52.87 -10.38
C ALA G 142 -41.13 52.38 -9.57
N ASP G 143 -42.35 52.90 -9.89
CA ASP G 143 -43.64 52.65 -9.23
C ASP G 143 -43.69 53.30 -7.83
N GLY G 144 -42.77 54.25 -7.59
CA GLY G 144 -42.66 55.02 -6.35
C GLY G 144 -42.42 54.19 -5.11
N ASN G 145 -41.27 53.50 -5.04
CA ASN G 145 -40.92 52.66 -3.90
C ASN G 145 -39.54 53.02 -3.35
N ARG G 146 -39.51 53.58 -2.12
CA ARG G 146 -38.27 53.96 -1.42
C ARG G 146 -37.69 52.73 -0.70
N PRO G 147 -36.39 52.42 -0.84
CA PRO G 147 -35.83 51.23 -0.18
C PRO G 147 -35.70 51.37 1.34
N ASP G 148 -35.69 50.23 2.05
CA ASP G 148 -35.55 50.16 3.50
C ASP G 148 -34.08 50.24 3.92
N VAL G 149 -33.21 49.44 3.25
CA VAL G 149 -31.77 49.41 3.53
C VAL G 149 -30.98 49.36 2.20
N VAL G 150 -29.87 50.12 2.14
CA VAL G 150 -28.98 50.21 0.99
C VAL G 150 -27.61 49.64 1.37
N ILE G 151 -27.24 48.49 0.78
CA ILE G 151 -25.95 47.86 1.06
C ILE G 151 -24.94 48.34 0.01
N THR G 152 -23.96 49.15 0.44
CA THR G 152 -22.92 49.71 -0.41
C THR G 152 -21.60 49.01 -0.10
N GLU G 153 -21.04 48.31 -1.10
CA GLU G 153 -19.78 47.58 -0.96
C GLU G 153 -18.60 48.46 -1.39
N ILE G 154 -17.64 48.66 -0.48
CA ILE G 154 -16.45 49.47 -0.75
C ILE G 154 -15.33 48.53 -1.24
N GLY G 155 -15.11 48.53 -2.55
CA GLY G 155 -14.09 47.71 -3.20
C GLY G 155 -12.67 48.15 -2.86
N GLY G 156 -11.75 47.20 -2.90
CA GLY G 156 -10.35 47.43 -2.57
C GLY G 156 -10.06 47.25 -1.09
N THR G 157 -8.79 46.95 -0.78
CA THR G 157 -8.31 46.72 0.59
C THR G 157 -8.30 48.03 1.40
N VAL G 158 -8.69 47.97 2.68
CA VAL G 158 -8.69 49.12 3.60
C VAL G 158 -7.23 49.44 3.91
N GLY G 159 -6.79 50.61 3.47
CA GLY G 159 -5.41 51.07 3.63
C GLY G 159 -4.76 51.45 2.32
N ASP G 160 -5.40 51.07 1.20
CA ASP G 160 -4.95 51.38 -0.16
C ASP G 160 -5.21 52.86 -0.46
N ILE G 161 -4.41 53.45 -1.37
CA ILE G 161 -4.52 54.86 -1.78
C ILE G 161 -5.81 55.03 -2.61
N GLU G 162 -6.17 54.02 -3.42
CA GLU G 162 -7.36 53.99 -4.27
C GLU G 162 -8.67 53.83 -3.46
N SER G 163 -8.58 53.37 -2.20
CA SER G 163 -9.72 53.15 -1.30
C SER G 163 -10.04 54.37 -0.43
N GLN G 164 -9.01 55.21 -0.16
CA GLN G 164 -9.04 56.40 0.69
C GLN G 164 -10.21 57.40 0.42
N PRO G 165 -10.59 57.82 -0.82
CA PRO G 165 -11.69 58.80 -0.95
C PRO G 165 -13.08 58.21 -0.68
N PHE G 166 -13.32 56.93 -1.04
CA PHE G 166 -14.60 56.25 -0.87
C PHE G 166 -14.95 56.02 0.60
N LEU G 167 -13.95 55.64 1.42
CA LEU G 167 -14.14 55.40 2.86
C LEU G 167 -14.41 56.71 3.62
N GLU G 168 -13.76 57.82 3.19
CA GLU G 168 -13.94 59.16 3.76
C GLU G 168 -15.37 59.65 3.47
N ALA G 169 -15.91 59.30 2.27
CA ALA G 169 -17.27 59.62 1.85
C ALA G 169 -18.29 58.83 2.66
N ALA G 170 -17.98 57.55 2.98
CA ALA G 170 -18.82 56.67 3.80
C ALA G 170 -18.85 57.16 5.24
N ARG G 171 -17.73 57.73 5.71
CA ARG G 171 -17.56 58.31 7.05
C ARG G 171 -18.40 59.59 7.16
N GLN G 172 -18.47 60.38 6.07
CA GLN G 172 -19.25 61.61 5.98
C GLN G 172 -20.75 61.29 6.06
N VAL G 173 -21.19 60.18 5.43
CA VAL G 173 -22.57 59.67 5.39
C VAL G 173 -23.01 59.32 6.82
N ARG G 174 -22.10 58.72 7.61
CA ARG G 174 -22.32 58.33 9.01
C ARG G 174 -22.55 59.59 9.88
N HIS G 175 -21.79 60.67 9.63
CA HIS G 175 -21.90 61.93 10.36
C HIS G 175 -23.16 62.71 9.95
N TYR G 176 -23.49 62.73 8.64
CA TYR G 176 -24.63 63.45 8.07
C TYR G 176 -25.99 62.83 8.46
N LEU G 177 -26.12 61.49 8.43
CA LEU G 177 -27.38 60.81 8.74
C LEU G 177 -27.51 60.39 10.21
N GLY G 178 -26.42 59.86 10.77
CA GLY G 178 -26.39 59.41 12.16
C GLY G 178 -26.03 57.95 12.33
N ARG G 179 -25.68 57.56 13.57
CA ARG G 179 -25.29 56.20 13.94
C ARG G 179 -26.47 55.22 13.83
N GLU G 180 -27.70 55.71 14.11
CA GLU G 180 -28.94 54.94 14.07
C GLU G 180 -29.36 54.58 12.63
N ASP G 181 -28.83 55.28 11.61
CA ASP G 181 -29.16 55.06 10.21
C ASP G 181 -28.00 54.45 9.39
N VAL G 182 -26.75 54.50 9.89
CA VAL G 182 -25.59 53.97 9.16
C VAL G 182 -24.91 52.84 9.96
N PHE G 183 -24.67 51.70 9.27
CA PHE G 183 -24.02 50.49 9.80
C PHE G 183 -22.71 50.22 9.04
N PHE G 184 -21.66 49.78 9.75
CA PHE G 184 -20.36 49.44 9.15
C PHE G 184 -19.98 47.99 9.41
N LEU G 185 -19.87 47.21 8.32
CA LEU G 185 -19.48 45.80 8.33
C LEU G 185 -18.08 45.66 7.72
N HIS G 186 -17.19 44.92 8.41
CA HIS G 186 -15.82 44.72 7.93
C HIS G 186 -15.52 43.24 7.78
N VAL G 187 -15.06 42.84 6.58
CA VAL G 187 -14.72 41.46 6.24
C VAL G 187 -13.19 41.30 6.34
N SER G 188 -12.73 40.36 7.17
CA SER G 188 -11.30 40.09 7.39
C SER G 188 -11.00 38.59 7.36
N LEU G 189 -9.73 38.24 7.05
CA LEU G 189 -9.27 36.85 6.96
C LEU G 189 -8.54 36.40 8.23
N VAL G 190 -8.87 35.19 8.70
CA VAL G 190 -8.24 34.55 9.86
C VAL G 190 -7.47 33.33 9.32
N PRO G 191 -6.14 33.43 9.15
CA PRO G 191 -5.39 32.29 8.59
C PRO G 191 -5.01 31.23 9.61
N TYR G 192 -5.00 29.96 9.17
CA TYR G 192 -4.62 28.82 10.01
C TYR G 192 -3.19 28.40 9.69
N LEU G 193 -2.32 28.41 10.72
CA LEU G 193 -0.91 28.02 10.59
C LEU G 193 -0.79 26.50 10.79
N ALA G 194 -0.19 25.81 9.79
CA ALA G 194 0.00 24.36 9.80
C ALA G 194 1.03 23.87 10.84
N PRO G 195 2.22 24.51 11.09
CA PRO G 195 3.16 23.93 12.07
C PRO G 195 2.74 24.13 13.54
N SER G 196 2.24 25.33 13.90
CA SER G 196 1.83 25.65 15.28
C SER G 196 0.43 25.08 15.61
N GLY G 197 -0.44 25.01 14.60
CA GLY G 197 -1.80 24.51 14.75
C GLY G 197 -2.73 25.48 15.45
N GLU G 198 -2.52 26.79 15.21
CA GLU G 198 -3.32 27.88 15.81
C GLU G 198 -3.63 28.98 14.79
N LEU G 199 -4.74 29.70 15.00
CA LEU G 199 -5.20 30.80 14.16
C LEU G 199 -4.53 32.12 14.56
N LYS G 200 -4.30 33.02 13.58
CA LYS G 200 -3.66 34.31 13.84
C LYS G 200 -4.69 35.44 13.87
N THR G 201 -4.60 36.30 14.90
CA THR G 201 -5.48 37.45 15.13
C THR G 201 -4.84 38.75 14.61
N LYS G 202 -3.53 38.72 14.31
CA LYS G 202 -2.73 39.85 13.80
C LYS G 202 -3.25 40.43 12.46
N PRO G 203 -3.66 39.64 11.42
CA PRO G 203 -4.15 40.27 10.17
C PRO G 203 -5.48 41.00 10.35
N THR G 204 -6.32 40.53 11.29
CA THR G 204 -7.62 41.13 11.60
C THR G 204 -7.42 42.40 12.44
N GLN G 205 -6.50 42.35 13.43
CA GLN G 205 -6.18 43.47 14.33
C GLN G 205 -5.60 44.67 13.55
N HIS G 206 -4.68 44.40 12.60
CA HIS G 206 -4.03 45.43 11.77
C HIS G 206 -5.00 46.04 10.76
N SER G 207 -5.98 45.26 10.28
CA SER G 207 -6.99 45.72 9.31
C SER G 207 -8.01 46.65 9.96
N VAL G 208 -8.48 46.32 11.18
CA VAL G 208 -9.46 47.11 11.93
C VAL G 208 -8.79 48.43 12.38
N ALA G 209 -7.49 48.37 12.77
CA ALA G 209 -6.70 49.53 13.17
C ALA G 209 -6.56 50.53 12.02
N ALA G 210 -6.44 50.01 10.77
CA ALA G 210 -6.35 50.82 9.54
C ALA G 210 -7.68 51.50 9.23
N LEU G 211 -8.81 50.83 9.58
CA LEU G 211 -10.16 51.34 9.41
C LEU G 211 -10.48 52.38 10.50
N ARG G 212 -9.92 52.18 11.70
CA ARG G 212 -10.11 53.08 12.85
C ARG G 212 -9.24 54.33 12.72
N SER G 213 -8.09 54.23 12.00
CA SER G 213 -7.17 55.34 11.79
C SER G 213 -7.74 56.37 10.81
N ILE G 214 -8.57 55.92 9.84
CA ILE G 214 -9.21 56.79 8.86
C ILE G 214 -10.53 57.39 9.43
N GLY G 215 -10.92 56.92 10.62
CA GLY G 215 -12.09 57.42 11.35
C GLY G 215 -13.36 56.61 11.29
N ILE G 216 -13.27 55.30 11.03
CA ILE G 216 -14.45 54.43 10.97
C ILE G 216 -14.36 53.34 12.04
N THR G 217 -15.40 53.28 12.90
CA THR G 217 -15.53 52.28 13.97
C THR G 217 -16.43 51.15 13.42
N PRO G 218 -15.95 49.90 13.28
CA PRO G 218 -16.81 48.85 12.73
C PRO G 218 -17.86 48.35 13.72
N ASP G 219 -19.10 48.15 13.23
CA ASP G 219 -20.23 47.67 14.03
C ASP G 219 -20.22 46.15 14.15
N ALA G 220 -19.82 45.45 13.07
CA ALA G 220 -19.72 43.99 13.01
C ALA G 220 -18.51 43.53 12.21
N LEU G 221 -17.94 42.36 12.56
CA LEU G 221 -16.77 41.80 11.89
C LEU G 221 -17.06 40.41 11.33
N ILE G 222 -16.72 40.21 10.04
CA ILE G 222 -16.88 38.94 9.33
C ILE G 222 -15.51 38.26 9.29
N LEU G 223 -15.37 37.14 10.02
CA LEU G 223 -14.11 36.41 10.08
C LEU G 223 -14.11 35.25 9.08
N ARG G 224 -13.56 35.50 7.88
CA ARG G 224 -13.46 34.50 6.82
C ARG G 224 -12.32 33.54 7.16
N CYS G 225 -12.66 32.26 7.39
CA CYS G 225 -11.71 31.23 7.79
C CYS G 225 -12.03 29.88 7.15
N ASP G 226 -11.04 28.98 7.07
CA ASP G 226 -11.19 27.62 6.53
C ASP G 226 -11.91 26.72 7.55
N ARG G 227 -11.65 26.96 8.85
CA ARG G 227 -12.24 26.22 9.98
C ARG G 227 -13.15 27.12 10.80
N ASP G 228 -13.86 26.53 11.79
CA ASP G 228 -14.76 27.27 12.70
C ASP G 228 -13.94 28.04 13.72
N VAL G 229 -14.20 29.36 13.84
CA VAL G 229 -13.52 30.25 14.79
C VAL G 229 -14.09 29.97 16.20
N PRO G 230 -13.24 29.62 17.20
CA PRO G 230 -13.78 29.34 18.55
C PRO G 230 -14.34 30.57 19.24
N GLU G 231 -15.28 30.36 20.18
CA GLU G 231 -15.95 31.43 20.95
C GLU G 231 -14.95 32.19 21.84
N ALA G 232 -13.89 31.48 22.31
CA ALA G 232 -12.82 32.04 23.13
C ALA G 232 -11.96 33.00 22.32
N LEU G 233 -11.68 32.66 21.04
CA LEU G 233 -10.91 33.49 20.12
C LEU G 233 -11.76 34.68 19.65
N LYS G 234 -13.07 34.46 19.44
CA LYS G 234 -14.04 35.50 19.04
C LYS G 234 -14.15 36.59 20.11
N ASN G 235 -14.06 36.19 21.40
CA ASN G 235 -14.10 37.09 22.56
C ASN G 235 -12.85 37.96 22.62
N LYS G 236 -11.68 37.39 22.24
CA LYS G 236 -10.39 38.09 22.23
C LYS G 236 -10.35 39.15 21.12
N ILE G 237 -10.87 38.81 19.92
CA ILE G 237 -10.93 39.70 18.76
C ILE G 237 -11.92 40.86 19.06
N ALA G 238 -13.03 40.56 19.76
CA ALA G 238 -14.07 41.52 20.15
C ALA G 238 -13.50 42.66 21.00
N LEU G 239 -12.64 42.33 21.97
CA LEU G 239 -11.98 43.28 22.86
C LEU G 239 -10.89 44.06 22.15
N MET G 240 -10.05 43.36 21.36
CA MET G 240 -8.93 43.93 20.60
C MET G 240 -9.38 44.98 19.57
N CYS G 241 -10.54 44.76 18.93
CA CYS G 241 -11.07 45.62 17.88
C CYS G 241 -12.19 46.56 18.37
N ASP G 242 -12.59 46.44 19.66
CA ASP G 242 -13.65 47.23 20.33
C ASP G 242 -14.98 47.09 19.53
N VAL G 243 -15.34 45.84 19.22
CA VAL G 243 -16.55 45.45 18.50
C VAL G 243 -17.35 44.53 19.43
N ASP G 244 -18.69 44.70 19.47
CA ASP G 244 -19.60 43.90 20.31
C ASP G 244 -19.43 42.40 20.02
N ILE G 245 -19.44 41.57 21.08
CA ILE G 245 -19.28 40.11 21.01
C ILE G 245 -20.38 39.47 20.12
N ASP G 246 -21.60 40.04 20.16
CA ASP G 246 -22.74 39.60 19.34
C ASP G 246 -22.54 39.96 17.85
N GLY G 247 -21.65 40.92 17.58
CA GLY G 247 -21.32 41.39 16.25
C GLY G 247 -20.19 40.64 15.56
N VAL G 248 -19.38 39.89 16.32
CA VAL G 248 -18.26 39.10 15.78
C VAL G 248 -18.87 37.83 15.16
N ILE G 249 -18.76 37.72 13.82
CA ILE G 249 -19.35 36.61 13.05
C ILE G 249 -18.26 35.70 12.46
N SER G 250 -18.38 34.40 12.75
CA SER G 250 -17.48 33.36 12.23
C SER G 250 -18.09 32.80 10.94
N THR G 251 -17.43 33.05 9.81
CA THR G 251 -17.91 32.60 8.51
C THR G 251 -16.94 31.54 7.93
N PRO G 252 -17.17 30.23 8.23
CA PRO G 252 -16.28 29.20 7.66
C PRO G 252 -16.57 28.97 6.18
N ASP G 253 -15.63 28.35 5.44
CA ASP G 253 -15.78 28.09 4.01
C ASP G 253 -16.95 27.11 3.76
N ALA G 254 -18.00 27.63 3.10
CA ALA G 254 -19.23 26.90 2.78
C ALA G 254 -19.04 26.00 1.54
N PRO G 255 -19.74 24.84 1.44
CA PRO G 255 -19.57 23.97 0.25
C PRO G 255 -20.13 24.62 -1.02
N SER G 256 -21.23 25.38 -0.90
CA SER G 256 -21.89 26.08 -1.99
C SER G 256 -22.07 27.56 -1.66
N ILE G 257 -22.22 28.41 -2.70
CA ILE G 257 -22.41 29.86 -2.54
C ILE G 257 -23.81 30.18 -1.98
N TYR G 258 -24.76 29.24 -2.15
CA TYR G 258 -26.14 29.37 -1.67
C TYR G 258 -26.28 28.94 -0.20
N ASP G 259 -25.17 28.41 0.40
CA ASP G 259 -25.11 27.98 1.80
C ASP G 259 -24.74 29.14 2.74
N ILE G 260 -24.07 30.18 2.19
CA ILE G 260 -23.61 31.38 2.93
C ILE G 260 -24.78 32.10 3.65
N PRO G 261 -26.00 32.34 3.07
CA PRO G 261 -27.07 33.01 3.85
C PRO G 261 -27.48 32.21 5.10
N LYS G 262 -27.43 30.86 5.02
CA LYS G 262 -27.74 29.96 6.14
C LYS G 262 -26.66 30.02 7.22
N VAL G 263 -25.39 30.24 6.80
CA VAL G 263 -24.21 30.34 7.70
C VAL G 263 -24.32 31.63 8.53
N LEU G 264 -24.61 32.77 7.87
CA LEU G 264 -24.75 34.09 8.51
C LEU G 264 -25.96 34.14 9.45
N HIS G 265 -27.03 33.38 9.11
CA HIS G 265 -28.26 33.30 9.91
C HIS G 265 -28.01 32.53 11.21
N ARG G 266 -27.17 31.47 11.14
CA ARG G 266 -26.79 30.63 12.29
C ARG G 266 -25.98 31.42 13.31
N GLU G 267 -25.20 32.41 12.83
CA GLU G 267 -24.37 33.31 13.65
C GLU G 267 -25.18 34.52 14.14
N GLU G 268 -26.46 34.64 13.69
CA GLU G 268 -27.44 35.68 14.03
C GLU G 268 -26.96 37.10 13.62
N LEU G 269 -26.34 37.22 12.43
CA LEU G 269 -25.87 38.50 11.90
C LEU G 269 -27.05 39.33 11.39
N ASP G 270 -27.99 38.68 10.67
CA ASP G 270 -29.19 39.30 10.10
C ASP G 270 -30.06 39.94 11.19
N ALA G 271 -30.21 39.25 12.35
CA ALA G 271 -30.98 39.73 13.49
C ALA G 271 -30.25 40.89 14.19
N PHE G 272 -28.90 40.85 14.21
CA PHE G 272 -28.04 41.87 14.82
C PHE G 272 -28.10 43.19 14.03
N VAL G 273 -28.15 43.10 12.68
CA VAL G 273 -28.23 44.23 11.76
C VAL G 273 -29.56 44.98 11.96
N VAL G 274 -30.69 44.23 12.06
CA VAL G 274 -32.04 44.75 12.26
C VAL G 274 -32.14 45.46 13.63
N ARG G 275 -31.59 44.84 14.69
CA ARG G 275 -31.59 45.36 16.06
C ARG G 275 -30.77 46.65 16.21
N ARG G 276 -29.58 46.71 15.57
CA ARG G 276 -28.68 47.86 15.64
C ARG G 276 -29.23 49.06 14.84
N LEU G 277 -29.78 48.82 13.64
CA LEU G 277 -30.33 49.88 12.78
C LEU G 277 -31.79 50.23 13.12
N ASN G 278 -32.38 49.54 14.12
CA ASN G 278 -33.76 49.70 14.62
C ASN G 278 -34.80 49.48 13.49
N LEU G 279 -34.49 48.55 12.56
CA LEU G 279 -35.32 48.18 11.42
C LEU G 279 -36.54 47.34 11.87
N PRO G 280 -37.65 47.27 11.08
CA PRO G 280 -38.80 46.45 11.52
C PRO G 280 -38.46 44.97 11.52
N PHE G 281 -38.63 44.30 12.67
CA PHE G 281 -38.30 42.88 12.83
C PHE G 281 -39.44 41.99 12.36
N ARG G 282 -39.06 40.92 11.63
CA ARG G 282 -39.92 39.88 11.08
C ARG G 282 -39.07 38.65 10.78
N ASP G 283 -39.57 37.45 11.13
CA ASP G 283 -38.86 36.18 10.94
C ASP G 283 -38.58 35.89 9.46
N VAL G 284 -37.45 35.20 9.19
CA VAL G 284 -36.97 34.83 7.87
C VAL G 284 -37.88 33.76 7.24
N ASP G 285 -38.37 34.02 6.00
CA ASP G 285 -39.20 33.08 5.25
C ASP G 285 -38.28 32.23 4.37
N TRP G 286 -37.83 31.08 4.91
CA TRP G 286 -36.92 30.15 4.26
C TRP G 286 -37.61 29.28 3.18
N THR G 287 -38.95 29.40 3.03
CA THR G 287 -39.81 28.66 2.09
C THR G 287 -39.21 28.55 0.67
N GLU G 288 -38.71 29.68 0.12
CA GLU G 288 -38.13 29.74 -1.23
C GLU G 288 -36.66 29.28 -1.27
N TRP G 289 -35.83 29.70 -0.30
CA TRP G 289 -34.40 29.37 -0.26
C TRP G 289 -34.14 27.90 0.08
N ASP G 290 -34.99 27.27 0.93
CA ASP G 290 -34.86 25.86 1.31
C ASP G 290 -35.16 24.95 0.11
N ASP G 291 -36.08 25.38 -0.77
CA ASP G 291 -36.46 24.68 -2.00
C ASP G 291 -35.27 24.65 -2.96
N LEU G 292 -34.49 25.76 -3.01
CA LEU G 292 -33.29 25.91 -3.82
C LEU G 292 -32.17 25.01 -3.28
N LEU G 293 -31.92 25.05 -1.95
CA LEU G 293 -30.89 24.26 -1.26
C LEU G 293 -31.09 22.76 -1.46
N ARG G 294 -32.36 22.31 -1.51
CA ARG G 294 -32.74 20.91 -1.74
C ARG G 294 -32.38 20.49 -3.16
N ARG G 295 -32.55 21.41 -4.14
CA ARG G 295 -32.23 21.20 -5.55
C ARG G 295 -30.71 21.21 -5.80
N VAL G 296 -29.94 21.88 -4.90
CA VAL G 296 -28.49 22.01 -4.98
C VAL G 296 -27.81 20.75 -4.39
N HIS G 297 -28.13 20.41 -3.13
CA HIS G 297 -27.52 19.32 -2.38
C HIS G 297 -28.11 17.92 -2.67
N GLU G 298 -29.36 17.84 -3.16
CA GLU G 298 -29.97 16.54 -3.45
C GLU G 298 -30.38 16.42 -4.95
N PRO G 299 -29.42 16.27 -5.89
CA PRO G 299 -29.81 16.14 -7.32
C PRO G 299 -30.11 14.68 -7.69
N HIS G 300 -31.09 14.48 -8.59
CA HIS G 300 -31.50 13.15 -9.03
C HIS G 300 -30.70 12.68 -10.25
N GLU G 301 -30.27 13.62 -11.13
CA GLU G 301 -29.50 13.32 -12.33
C GLU G 301 -28.25 14.20 -12.44
N THR G 302 -27.31 13.82 -13.33
CA THR G 302 -26.08 14.55 -13.61
C THR G 302 -25.95 14.67 -15.13
N VAL G 303 -25.97 15.90 -15.64
CA VAL G 303 -25.88 16.19 -17.08
C VAL G 303 -24.63 17.04 -17.39
N ARG G 304 -23.89 16.64 -18.44
CA ARG G 304 -22.67 17.33 -18.88
C ARG G 304 -22.99 18.28 -20.03
N ILE G 305 -22.71 19.58 -19.86
CA ILE G 305 -22.95 20.58 -20.90
C ILE G 305 -21.63 21.32 -21.18
N ALA G 306 -21.21 21.33 -22.45
CA ALA G 306 -19.98 21.98 -22.90
C ALA G 306 -20.18 23.46 -23.15
N LEU G 307 -19.23 24.28 -22.66
CA LEU G 307 -19.21 25.73 -22.83
C LEU G 307 -18.08 26.08 -23.80
N VAL G 308 -18.43 26.20 -25.10
CA VAL G 308 -17.47 26.48 -26.18
C VAL G 308 -17.09 27.98 -26.16
N GLY G 309 -16.15 28.34 -25.29
CA GLY G 309 -15.64 29.69 -25.12
C GLY G 309 -14.22 29.85 -25.61
N LYS G 310 -13.84 31.10 -25.95
CA LYS G 310 -12.50 31.46 -26.45
C LYS G 310 -11.40 31.03 -25.47
N TYR G 311 -11.60 31.28 -24.15
CA TYR G 311 -10.65 30.89 -23.09
C TYR G 311 -11.32 29.90 -22.13
N VAL G 312 -10.57 28.82 -21.77
CA VAL G 312 -11.03 27.73 -20.92
C VAL G 312 -10.59 27.89 -19.45
N GLU G 313 -11.23 27.09 -18.55
CA GLU G 313 -11.03 26.94 -17.09
C GLU G 313 -11.49 28.15 -16.24
N LEU G 314 -11.54 29.38 -16.79
CA LEU G 314 -11.97 30.56 -16.04
C LEU G 314 -13.49 30.69 -16.03
N SER G 315 -14.09 30.52 -14.84
CA SER G 315 -15.54 30.59 -14.64
C SER G 315 -16.06 32.03 -14.69
N ASP G 316 -15.27 32.99 -14.17
CA ASP G 316 -15.61 34.42 -14.09
C ASP G 316 -15.80 35.11 -15.46
N ALA G 317 -15.23 34.54 -16.55
CA ALA G 317 -15.37 35.09 -17.90
C ALA G 317 -16.80 34.91 -18.42
N TYR G 318 -17.45 33.80 -18.02
CA TYR G 318 -18.83 33.43 -18.38
C TYR G 318 -19.59 33.03 -17.10
N LEU G 319 -19.51 33.89 -16.05
CA LEU G 319 -20.12 33.67 -14.73
C LEU G 319 -21.65 33.58 -14.78
N SER G 320 -22.32 34.55 -15.43
CA SER G 320 -23.78 34.58 -15.54
C SER G 320 -24.30 33.42 -16.39
N VAL G 321 -23.51 32.99 -17.40
CA VAL G 321 -23.81 31.87 -18.31
C VAL G 321 -23.81 30.57 -17.50
N ALA G 322 -22.73 30.34 -16.71
CA ALA G 322 -22.55 29.15 -15.86
C ALA G 322 -23.63 29.07 -14.78
N GLU G 323 -23.98 30.22 -14.18
CA GLU G 323 -25.01 30.33 -13.14
C GLU G 323 -26.41 30.06 -13.70
N ALA G 324 -26.66 30.46 -14.97
CA ALA G 324 -27.93 30.24 -15.66
C ALA G 324 -28.09 28.76 -16.02
N LEU G 325 -26.97 28.09 -16.32
CA LEU G 325 -26.93 26.66 -16.67
C LEU G 325 -27.27 25.81 -15.45
N ARG G 326 -26.73 26.20 -14.27
CA ARG G 326 -26.97 25.53 -12.99
C ARG G 326 -28.42 25.75 -12.56
N ALA G 327 -28.97 26.96 -12.81
CA ALA G 327 -30.34 27.38 -12.50
C ALA G 327 -31.35 26.54 -13.28
N GLY G 328 -31.05 26.27 -14.55
CA GLY G 328 -31.85 25.44 -15.44
C GLY G 328 -31.89 24.00 -14.98
N GLY G 329 -30.77 23.54 -14.42
CA GLY G 329 -30.61 22.20 -13.87
C GLY G 329 -31.41 21.97 -12.61
N PHE G 330 -31.54 23.02 -11.76
CA PHE G 330 -32.30 22.97 -10.50
C PHE G 330 -33.79 22.76 -10.76
N LYS G 331 -34.33 23.34 -11.86
CA LYS G 331 -35.74 23.22 -12.25
C LYS G 331 -36.10 21.76 -12.55
N HIS G 332 -35.14 20.99 -13.11
CA HIS G 332 -35.27 19.57 -13.43
C HIS G 332 -34.73 18.69 -12.29
N ARG G 333 -34.21 19.34 -11.21
CA ARG G 333 -33.61 18.73 -10.01
C ARG G 333 -32.43 17.82 -10.41
N ALA G 334 -31.48 18.39 -11.17
CA ALA G 334 -30.29 17.72 -11.68
C ALA G 334 -29.05 18.61 -11.60
N LYS G 335 -27.86 17.98 -11.43
CA LYS G 335 -26.57 18.64 -11.34
C LYS G 335 -25.98 18.84 -12.74
N VAL G 336 -25.55 20.08 -13.05
CA VAL G 336 -24.98 20.41 -14.36
C VAL G 336 -23.46 20.49 -14.24
N GLU G 337 -22.75 19.61 -14.96
CA GLU G 337 -21.30 19.57 -15.01
C GLU G 337 -20.82 20.34 -16.24
N ILE G 338 -20.33 21.58 -16.04
CA ILE G 338 -19.89 22.45 -17.13
C ILE G 338 -18.52 21.98 -17.66
N CYS G 339 -18.46 21.66 -18.95
CA CYS G 339 -17.24 21.23 -19.63
C CYS G 339 -16.66 22.43 -20.38
N TRP G 340 -15.60 23.04 -19.81
CA TRP G 340 -14.96 24.22 -20.38
C TRP G 340 -14.11 23.80 -21.60
N VAL G 341 -14.68 23.99 -22.79
CA VAL G 341 -14.10 23.62 -24.09
C VAL G 341 -13.59 24.88 -24.80
N ALA G 342 -12.34 24.82 -25.31
CA ALA G 342 -11.71 25.91 -26.06
C ALA G 342 -12.24 25.88 -27.49
N SER G 343 -12.76 27.04 -27.97
CA SER G 343 -13.36 27.19 -29.30
C SER G 343 -12.40 26.83 -30.42
N ASP G 344 -11.12 27.26 -30.33
CA ASP G 344 -10.05 27.04 -31.30
C ASP G 344 -9.85 25.55 -31.67
N GLY G 345 -10.07 24.66 -30.71
CA GLY G 345 -9.94 23.22 -30.91
C GLY G 345 -11.04 22.60 -31.75
N CYS G 346 -12.22 23.24 -31.80
CA CYS G 346 -13.39 22.79 -32.54
C CYS G 346 -13.41 23.28 -34.01
N GLU G 347 -12.31 23.92 -34.47
CA GLU G 347 -12.17 24.45 -35.83
C GLU G 347 -12.32 23.33 -36.88
N THR G 348 -11.69 22.16 -36.62
CA THR G 348 -11.76 20.97 -37.46
C THR G 348 -12.87 20.04 -36.93
N THR G 349 -13.49 19.25 -37.83
CA THR G 349 -14.58 18.32 -37.48
C THR G 349 -14.06 17.18 -36.57
N SER G 350 -12.78 16.78 -36.73
CA SER G 350 -12.14 15.74 -35.94
C SER G 350 -11.88 16.22 -34.50
N GLY G 351 -11.42 17.47 -34.38
CA GLY G 351 -11.12 18.11 -33.10
C GLY G 351 -12.37 18.43 -32.29
N ALA G 352 -13.46 18.84 -32.99
CA ALA G 352 -14.75 19.16 -32.38
C ALA G 352 -15.39 17.89 -31.80
N ALA G 353 -15.23 16.75 -32.51
CA ALA G 353 -15.76 15.45 -32.10
C ALA G 353 -15.05 14.93 -30.85
N ALA G 354 -13.73 15.15 -30.74
CA ALA G 354 -12.91 14.73 -29.60
C ALA G 354 -13.20 15.56 -28.35
N ALA G 355 -13.62 16.83 -28.54
CA ALA G 355 -13.92 17.76 -27.45
C ALA G 355 -15.38 17.70 -27.01
N LEU G 356 -16.33 17.52 -27.95
CA LEU G 356 -17.77 17.49 -27.66
C LEU G 356 -18.36 16.07 -27.78
N GLY G 357 -17.53 15.04 -27.56
CA GLY G 357 -17.93 13.66 -27.67
C GLY G 357 -18.73 13.12 -26.50
N ASP G 358 -18.17 13.21 -25.28
CA ASP G 358 -18.77 12.70 -24.04
C ASP G 358 -19.82 13.65 -23.42
N VAL G 359 -20.05 14.85 -24.01
CA VAL G 359 -21.02 15.81 -23.46
C VAL G 359 -22.46 15.45 -23.88
N HIS G 360 -23.46 16.03 -23.18
CA HIS G 360 -24.88 15.84 -23.42
C HIS G 360 -25.56 17.08 -24.03
N GLY G 361 -24.86 18.21 -24.02
CA GLY G 361 -25.33 19.48 -24.56
C GLY G 361 -24.20 20.43 -24.93
N VAL G 362 -24.45 21.30 -25.93
CA VAL G 362 -23.45 22.27 -26.43
C VAL G 362 -24.00 23.70 -26.30
N LEU G 363 -23.22 24.60 -25.67
CA LEU G 363 -23.59 26.01 -25.50
C LEU G 363 -22.54 26.90 -26.18
N ILE G 364 -23.00 27.88 -26.98
CA ILE G 364 -22.14 28.83 -27.69
C ILE G 364 -22.38 30.24 -27.07
N PRO G 365 -21.53 30.66 -26.10
CA PRO G 365 -21.74 31.98 -25.47
C PRO G 365 -21.23 33.14 -26.34
N GLY G 366 -21.69 34.34 -26.03
CA GLY G 366 -21.33 35.56 -26.74
C GLY G 366 -19.91 36.03 -26.46
N GLY G 367 -19.14 36.20 -27.53
CA GLY G 367 -17.77 36.65 -27.47
C GLY G 367 -17.62 38.07 -27.98
N PHE G 368 -17.45 39.03 -27.05
CA PHE G 368 -17.30 40.44 -27.37
C PHE G 368 -15.82 40.80 -27.55
N GLY G 369 -15.50 41.32 -28.75
CA GLY G 369 -14.15 41.72 -29.13
C GLY G 369 -13.19 40.58 -29.39
N ILE G 370 -13.71 39.35 -29.61
CA ILE G 370 -12.91 38.16 -29.90
C ILE G 370 -12.58 38.10 -31.41
N ARG G 371 -11.70 37.15 -31.81
CA ARG G 371 -11.29 36.99 -33.22
C ARG G 371 -11.55 35.58 -33.74
N GLY G 372 -11.46 34.57 -32.86
CA GLY G 372 -11.68 33.17 -33.19
C GLY G 372 -13.15 32.79 -33.25
N ILE G 373 -13.77 32.93 -34.44
CA ILE G 373 -15.18 32.62 -34.67
C ILE G 373 -15.37 31.23 -35.33
N GLU G 374 -14.42 30.82 -36.20
CA GLU G 374 -14.44 29.56 -36.97
C GLU G 374 -14.59 28.31 -36.09
N GLY G 375 -14.07 28.35 -34.87
CA GLY G 375 -14.15 27.26 -33.91
C GLY G 375 -15.55 27.04 -33.38
N LYS G 376 -16.27 28.15 -33.08
CA LYS G 376 -17.65 28.15 -32.59
C LYS G 376 -18.62 27.64 -33.66
N ILE G 377 -18.35 27.96 -34.95
CA ILE G 377 -19.14 27.54 -36.12
C ILE G 377 -18.98 26.02 -36.28
N GLY G 378 -17.74 25.53 -36.13
CA GLY G 378 -17.40 24.12 -36.22
C GLY G 378 -18.00 23.27 -35.13
N ALA G 379 -18.23 23.88 -33.94
CA ALA G 379 -18.83 23.23 -32.78
C ALA G 379 -20.32 22.96 -33.03
N ILE G 380 -21.01 23.90 -33.71
CA ILE G 380 -22.44 23.80 -34.07
C ILE G 380 -22.59 22.72 -35.17
N ALA G 381 -21.67 22.73 -36.16
CA ALA G 381 -21.64 21.79 -37.28
C ALA G 381 -21.58 20.33 -36.80
N TYR G 382 -20.77 20.05 -35.75
CA TYR G 382 -20.65 18.71 -35.17
C TYR G 382 -21.92 18.37 -34.37
N ALA G 383 -22.37 19.30 -33.50
CA ALA G 383 -23.55 19.14 -32.64
C ALA G 383 -24.81 18.85 -33.46
N ARG G 384 -24.94 19.46 -34.65
CA ARG G 384 -26.06 19.24 -35.57
C ARG G 384 -26.02 17.83 -36.15
N ALA G 385 -24.80 17.33 -36.44
CA ALA G 385 -24.58 16.00 -37.01
C ALA G 385 -24.75 14.90 -35.96
N ARG G 386 -24.22 15.12 -34.74
CA ARG G 386 -24.28 14.17 -33.62
C ARG G 386 -25.69 14.12 -33.01
N GLY G 387 -26.38 15.27 -33.01
CA GLY G 387 -27.72 15.40 -32.46
C GLY G 387 -27.77 15.98 -31.06
N LEU G 388 -26.77 16.80 -30.73
CA LEU G 388 -26.62 17.47 -29.44
C LEU G 388 -27.46 18.76 -29.36
N PRO G 389 -28.12 19.07 -28.21
CA PRO G 389 -28.89 20.32 -28.12
C PRO G 389 -27.96 21.54 -28.12
N VAL G 390 -28.32 22.58 -28.90
CA VAL G 390 -27.50 23.79 -29.04
C VAL G 390 -28.25 25.03 -28.54
N LEU G 391 -27.58 25.83 -27.69
CA LEU G 391 -28.08 27.10 -27.18
C LEU G 391 -27.03 28.17 -27.47
N GLY G 392 -27.35 29.04 -28.43
CA GLY G 392 -26.47 30.12 -28.86
C GLY G 392 -26.88 31.46 -28.31
N LEU G 393 -25.96 32.15 -27.61
CA LEU G 393 -26.21 33.46 -27.01
C LEU G 393 -25.40 34.53 -27.75
N CYS G 394 -26.09 35.62 -28.18
CA CYS G 394 -25.56 36.79 -28.92
C CYS G 394 -24.77 36.34 -30.17
N LEU G 395 -23.45 36.07 -30.00
CA LEU G 395 -22.56 35.58 -31.06
C LEU G 395 -22.97 34.16 -31.47
N GLY G 396 -23.59 33.43 -30.54
CA GLY G 396 -24.10 32.08 -30.74
C GLY G 396 -25.13 32.00 -31.85
N LEU G 397 -26.11 32.94 -31.86
CA LEU G 397 -27.15 33.06 -32.89
C LEU G 397 -26.49 33.37 -34.23
N GLN G 398 -25.52 34.31 -34.21
CA GLN G 398 -24.75 34.75 -35.37
C GLN G 398 -23.97 33.57 -35.99
N CYS G 399 -23.40 32.70 -35.13
CA CYS G 399 -22.63 31.51 -35.54
C CYS G 399 -23.55 30.42 -36.11
N ILE G 400 -24.79 30.28 -35.58
CA ILE G 400 -25.79 29.31 -36.05
C ILE G 400 -26.20 29.71 -37.48
N VAL G 401 -26.44 31.02 -37.71
CA VAL G 401 -26.83 31.63 -38.99
C VAL G 401 -25.72 31.40 -40.05
N ILE G 402 -24.44 31.65 -39.69
CA ILE G 402 -23.27 31.48 -40.56
C ILE G 402 -23.18 30.00 -40.99
N GLU G 403 -23.29 29.06 -40.04
CA GLU G 403 -23.24 27.61 -40.26
C GLU G 403 -24.43 27.15 -41.14
N ALA G 404 -25.63 27.75 -40.94
CA ALA G 404 -26.85 27.43 -41.68
C ALA G 404 -26.69 27.79 -43.15
N ALA G 405 -26.23 29.03 -43.44
CA ALA G 405 -26.01 29.56 -44.80
C ALA G 405 -24.89 28.81 -45.52
N ARG G 406 -23.90 28.30 -44.77
CA ARG G 406 -22.76 27.55 -45.31
C ARG G 406 -23.17 26.15 -45.77
N SER G 407 -24.13 25.51 -45.06
CA SER G 407 -24.63 24.18 -45.40
C SER G 407 -25.51 24.22 -46.67
N VAL G 408 -26.08 25.41 -46.98
CA VAL G 408 -26.94 25.66 -48.13
C VAL G 408 -26.10 25.72 -49.42
N GLY G 409 -25.00 26.48 -49.39
CA GLY G 409 -24.13 26.65 -50.55
C GLY G 409 -23.10 27.75 -50.43
N LEU G 410 -23.48 28.87 -49.79
CA LEU G 410 -22.60 30.03 -49.59
C LEU G 410 -21.47 29.67 -48.62
N THR G 411 -20.37 29.11 -49.15
CA THR G 411 -19.19 28.68 -48.41
C THR G 411 -18.41 29.89 -47.87
N ASN G 412 -18.46 31.02 -48.58
CA ASN G 412 -17.75 32.26 -48.23
C ASN G 412 -18.54 33.12 -47.20
N ALA G 413 -19.75 32.66 -46.79
CA ALA G 413 -20.61 33.37 -45.82
C ALA G 413 -19.93 33.46 -44.45
N ASN G 414 -19.86 34.70 -43.91
CA ASN G 414 -19.25 35.06 -42.63
C ASN G 414 -19.82 36.40 -42.12
N SER G 415 -19.43 36.79 -40.90
CA SER G 415 -19.80 38.06 -40.26
C SER G 415 -18.84 39.16 -40.69
N ALA G 416 -19.36 40.38 -40.95
CA ALA G 416 -18.58 41.55 -41.35
C ALA G 416 -17.61 42.02 -40.25
N GLU G 417 -17.93 41.69 -38.98
CA GLU G 417 -17.18 42.00 -37.77
C GLU G 417 -15.81 41.31 -37.77
N PHE G 418 -15.75 40.07 -38.30
CA PHE G 418 -14.56 39.23 -38.34
C PHE G 418 -13.89 39.25 -39.71
N ASP G 419 -14.69 39.24 -40.80
CA ASP G 419 -14.19 39.31 -42.18
C ASP G 419 -14.92 40.45 -42.91
N PRO G 420 -14.32 41.65 -43.03
CA PRO G 420 -15.03 42.77 -43.70
C PRO G 420 -15.09 42.61 -45.22
N ASP G 421 -14.12 41.90 -45.82
CA ASP G 421 -14.02 41.68 -47.26
C ASP G 421 -14.77 40.40 -47.72
N THR G 422 -15.78 39.96 -46.95
CA THR G 422 -16.56 38.77 -47.28
C THR G 422 -17.58 39.09 -48.40
N PRO G 423 -17.72 38.23 -49.43
CA PRO G 423 -18.69 38.53 -50.50
C PRO G 423 -20.14 38.21 -50.08
N ASP G 424 -20.33 37.49 -48.97
CA ASP G 424 -21.65 37.13 -48.45
C ASP G 424 -21.75 37.48 -46.94
N PRO G 425 -22.00 38.75 -46.58
CA PRO G 425 -22.10 39.10 -45.15
C PRO G 425 -23.50 38.85 -44.61
N VAL G 426 -23.70 37.65 -44.03
CA VAL G 426 -25.00 37.23 -43.45
C VAL G 426 -25.24 37.95 -42.12
N ILE G 427 -24.16 38.41 -41.46
CA ILE G 427 -24.20 39.17 -40.20
C ILE G 427 -23.51 40.52 -40.46
N ALA G 428 -24.28 41.63 -40.43
CA ALA G 428 -23.79 42.98 -40.68
C ALA G 428 -24.54 44.04 -39.87
N THR G 429 -23.95 45.24 -39.76
CA THR G 429 -24.52 46.38 -39.04
C THR G 429 -25.71 46.98 -39.82
N MET G 430 -26.70 47.57 -39.09
CA MET G 430 -27.93 48.20 -39.58
C MET G 430 -28.78 47.23 -40.40
N THR G 446 -27.39 52.05 -33.89
CA THR G 446 -26.68 50.89 -34.42
C THR G 446 -26.29 49.93 -33.27
N MET G 447 -25.83 50.47 -32.12
CA MET G 447 -25.44 49.70 -30.94
C MET G 447 -26.67 49.52 -30.04
N ARG G 448 -26.96 48.26 -29.67
CA ARG G 448 -28.10 47.90 -28.84
C ARG G 448 -27.65 47.52 -27.43
N LEU G 449 -28.18 48.23 -26.40
CA LEU G 449 -27.87 47.99 -24.99
C LEU G 449 -29.13 48.06 -24.13
N GLY G 450 -29.28 47.08 -23.24
CA GLY G 450 -30.41 46.99 -22.32
C GLY G 450 -31.54 46.10 -22.81
N SER G 451 -32.70 46.18 -22.13
CA SER G 451 -33.89 45.39 -22.46
C SER G 451 -34.57 45.89 -23.73
N TYR G 452 -34.75 44.98 -24.69
CA TYR G 452 -35.41 45.23 -25.97
C TYR G 452 -36.60 44.28 -26.17
N PRO G 453 -37.77 44.76 -26.64
CA PRO G 453 -38.91 43.87 -26.81
C PRO G 453 -38.78 42.97 -28.04
N ALA G 454 -39.38 41.77 -27.99
CA ALA G 454 -39.36 40.81 -29.08
C ALA G 454 -40.68 40.04 -29.17
N VAL G 455 -41.22 39.93 -30.40
CA VAL G 455 -42.45 39.20 -30.70
C VAL G 455 -42.04 37.77 -31.15
N LEU G 456 -42.76 36.76 -30.63
CA LEU G 456 -42.48 35.35 -30.88
C LEU G 456 -43.55 34.68 -31.76
N GLU G 457 -43.11 33.76 -32.63
CA GLU G 457 -43.97 32.99 -33.53
C GLU G 457 -44.73 31.92 -32.72
N PRO G 458 -46.08 31.80 -32.88
CA PRO G 458 -46.81 30.80 -32.08
C PRO G 458 -46.46 29.36 -32.44
N ASP G 459 -46.53 28.46 -31.42
CA ASP G 459 -46.25 27.01 -31.49
C ASP G 459 -44.77 26.70 -31.86
N SER G 460 -43.86 27.68 -31.71
CA SER G 460 -42.43 27.50 -31.99
C SER G 460 -41.73 26.96 -30.73
N VAL G 461 -40.45 26.51 -30.87
CA VAL G 461 -39.65 25.95 -29.77
C VAL G 461 -39.44 27.01 -28.67
N VAL G 462 -39.15 28.27 -29.06
CA VAL G 462 -38.94 29.39 -28.12
C VAL G 462 -40.27 29.76 -27.43
N ALA G 463 -41.41 29.69 -28.15
CA ALA G 463 -42.74 29.97 -27.61
C ALA G 463 -43.18 28.90 -26.62
N GLN G 464 -42.77 27.64 -26.86
CA GLN G 464 -43.08 26.50 -25.99
C GLN G 464 -42.28 26.59 -24.68
N ALA G 465 -41.07 27.18 -24.75
CA ALA G 465 -40.18 27.38 -23.61
C ALA G 465 -40.66 28.55 -22.74
N TYR G 466 -40.84 29.73 -23.35
CA TYR G 466 -41.29 30.97 -22.70
C TYR G 466 -42.74 30.90 -22.23
N GLN G 467 -43.60 30.16 -22.99
CA GLN G 467 -45.04 29.97 -22.77
C GLN G 467 -45.79 31.32 -22.91
N THR G 468 -45.28 32.19 -23.82
CA THR G 468 -45.83 33.52 -24.13
C THR G 468 -45.41 33.94 -25.56
N THR G 469 -46.24 34.79 -26.20
CA THR G 469 -46.01 35.31 -27.55
C THR G 469 -45.18 36.60 -27.54
N GLN G 470 -45.07 37.28 -26.38
CA GLN G 470 -44.32 38.52 -26.23
C GLN G 470 -43.28 38.40 -25.12
N VAL G 471 -42.01 38.73 -25.42
CA VAL G 471 -40.88 38.64 -24.48
C VAL G 471 -40.02 39.92 -24.48
N SER G 472 -39.09 40.02 -23.49
CA SER G 472 -38.14 41.12 -23.30
C SER G 472 -36.83 40.57 -22.76
N GLU G 473 -35.70 40.86 -23.44
CA GLU G 473 -34.36 40.38 -23.04
C GLU G 473 -33.30 41.48 -23.17
N ARG G 474 -32.19 41.36 -22.40
CA ARG G 474 -31.08 42.34 -22.37
C ARG G 474 -30.07 42.08 -23.50
N HIS G 475 -29.74 43.13 -24.28
CA HIS G 475 -28.81 43.09 -25.41
C HIS G 475 -27.50 43.84 -25.15
N ARG G 476 -26.43 43.47 -25.91
CA ARG G 476 -25.09 44.07 -25.88
C ARG G 476 -24.34 43.67 -27.16
N HIS G 477 -24.70 44.32 -28.30
CA HIS G 477 -24.12 44.10 -29.63
C HIS G 477 -24.53 45.21 -30.61
N ARG G 478 -23.85 45.27 -31.77
CA ARG G 478 -24.13 46.26 -32.82
C ARG G 478 -24.36 45.57 -34.18
N TYR G 479 -23.97 44.28 -34.32
CA TYR G 479 -24.13 43.50 -35.53
C TYR G 479 -25.43 42.69 -35.49
N GLU G 480 -26.23 42.78 -36.57
CA GLU G 480 -27.53 42.10 -36.71
C GLU G 480 -27.52 41.12 -37.90
N VAL G 481 -28.62 40.37 -38.08
CA VAL G 481 -28.79 39.41 -39.18
C VAL G 481 -29.20 40.19 -40.44
N ASN G 482 -28.49 39.96 -41.57
CA ASN G 482 -28.77 40.60 -42.86
C ASN G 482 -30.10 40.09 -43.41
N ASN G 483 -31.07 41.00 -43.58
CA ASN G 483 -32.43 40.69 -44.04
C ASN G 483 -32.48 40.23 -45.49
N ALA G 484 -31.47 40.57 -46.31
CA ALA G 484 -31.40 40.18 -47.72
C ALA G 484 -31.08 38.69 -47.88
N TYR G 485 -30.31 38.12 -46.92
CA TYR G 485 -29.90 36.71 -46.91
C TYR G 485 -30.91 35.78 -46.22
N ARG G 486 -31.99 36.36 -45.61
CA ARG G 486 -33.04 35.62 -44.88
C ARG G 486 -33.61 34.42 -45.65
N ASP G 487 -33.83 34.59 -46.98
CA ASP G 487 -34.37 33.54 -47.85
C ASP G 487 -33.37 32.41 -48.09
N LYS G 488 -32.08 32.75 -48.28
CA LYS G 488 -30.99 31.78 -48.52
C LYS G 488 -30.68 30.97 -47.26
N ILE G 489 -30.78 31.60 -46.07
CA ILE G 489 -30.54 30.97 -44.76
C ILE G 489 -31.69 29.99 -44.45
N ALA G 490 -32.93 30.36 -44.82
CA ALA G 490 -34.16 29.57 -44.62
C ALA G 490 -34.14 28.21 -45.35
N GLU G 491 -33.27 28.06 -46.38
CA GLU G 491 -33.12 26.83 -47.17
C GLU G 491 -32.61 25.65 -46.32
N SER G 492 -31.83 25.94 -45.25
CA SER G 492 -31.28 24.94 -44.33
C SER G 492 -32.36 24.31 -43.45
N GLY G 493 -33.44 25.06 -43.24
CA GLY G 493 -34.58 24.66 -42.40
C GLY G 493 -34.78 25.59 -41.23
N LEU G 494 -33.76 26.43 -40.93
CA LEU G 494 -33.73 27.40 -39.83
C LEU G 494 -34.84 28.46 -40.01
N ARG G 495 -35.69 28.61 -38.98
CA ARG G 495 -36.80 29.56 -38.96
C ARG G 495 -36.56 30.69 -37.97
N PHE G 496 -36.86 31.93 -38.39
CA PHE G 496 -36.72 33.15 -37.58
C PHE G 496 -37.97 33.33 -36.73
N SER G 497 -38.07 32.53 -35.65
CA SER G 497 -39.20 32.49 -34.71
C SER G 497 -39.35 33.78 -33.90
N GLY G 498 -38.24 34.43 -33.57
CA GLY G 498 -38.25 35.66 -32.80
C GLY G 498 -37.74 36.86 -33.57
N THR G 499 -38.55 37.93 -33.61
CA THR G 499 -38.23 39.19 -34.29
C THR G 499 -38.62 40.38 -33.41
N SER G 500 -38.18 41.60 -33.80
CA SER G 500 -38.49 42.86 -33.12
C SER G 500 -39.99 43.20 -33.31
N PRO G 501 -40.60 44.15 -32.53
CA PRO G 501 -42.04 44.44 -32.74
C PRO G 501 -42.42 44.76 -34.20
N ASP G 502 -41.54 45.50 -34.91
CA ASP G 502 -41.72 45.87 -36.32
C ASP G 502 -41.32 44.71 -37.26
N GLY G 503 -40.58 43.73 -36.73
CA GLY G 503 -40.14 42.54 -37.46
C GLY G 503 -38.92 42.71 -38.33
N HIS G 504 -38.25 43.88 -38.23
CA HIS G 504 -37.06 44.21 -39.02
C HIS G 504 -35.81 43.46 -38.52
N LEU G 505 -35.62 43.40 -37.19
CA LEU G 505 -34.46 42.75 -36.58
C LEU G 505 -34.77 41.32 -36.14
N VAL G 506 -33.85 40.38 -36.42
CA VAL G 506 -33.97 38.98 -36.03
C VAL G 506 -33.47 38.85 -34.59
N GLU G 507 -34.33 38.34 -33.69
CA GLU G 507 -34.05 38.17 -32.27
C GLU G 507 -33.77 36.72 -31.89
N PHE G 508 -34.50 35.76 -32.49
CA PHE G 508 -34.37 34.34 -32.22
C PHE G 508 -34.40 33.49 -33.49
N VAL G 509 -33.56 32.43 -33.54
CA VAL G 509 -33.50 31.47 -34.65
C VAL G 509 -33.63 30.05 -34.06
N GLU G 510 -34.34 29.16 -34.78
CA GLU G 510 -34.54 27.78 -34.31
C GLU G 510 -34.81 26.81 -35.47
N TYR G 511 -34.38 25.56 -35.30
CA TYR G 511 -34.64 24.48 -36.24
C TYR G 511 -35.90 23.72 -35.81
N PRO G 512 -36.78 23.29 -36.74
CA PRO G 512 -38.00 22.58 -36.31
C PRO G 512 -37.70 21.22 -35.65
N PRO G 513 -38.56 20.73 -34.72
CA PRO G 513 -38.28 19.44 -34.04
C PRO G 513 -38.15 18.25 -35.00
N ASP G 514 -38.77 18.32 -36.19
CA ASP G 514 -38.72 17.29 -37.22
C ASP G 514 -37.35 17.28 -37.94
N ARG G 515 -36.52 18.32 -37.73
CA ARG G 515 -35.18 18.45 -38.29
C ARG G 515 -34.12 18.25 -37.19
N HIS G 516 -34.27 18.98 -36.06
CA HIS G 516 -33.38 18.92 -34.89
C HIS G 516 -34.21 19.08 -33.60
N PRO G 517 -33.96 18.25 -32.55
CA PRO G 517 -34.75 18.38 -31.30
C PRO G 517 -34.67 19.76 -30.64
N PHE G 518 -33.45 20.33 -30.49
CA PHE G 518 -33.27 21.65 -29.89
C PHE G 518 -31.98 22.33 -30.36
N VAL G 519 -32.10 23.29 -31.29
CA VAL G 519 -31.03 24.14 -31.80
C VAL G 519 -31.63 25.54 -31.82
N VAL G 520 -31.51 26.25 -30.68
CA VAL G 520 -32.09 27.57 -30.48
C VAL G 520 -30.97 28.62 -30.29
N GLY G 521 -31.10 29.73 -31.01
CA GLY G 521 -30.17 30.85 -30.93
C GLY G 521 -30.91 32.13 -30.57
N THR G 522 -30.27 32.96 -29.74
CA THR G 522 -30.83 34.24 -29.30
C THR G 522 -29.80 35.36 -29.52
N GLN G 523 -30.27 36.51 -30.00
CA GLN G 523 -29.44 37.68 -30.28
C GLN G 523 -29.06 38.42 -28.98
N ALA G 524 -29.86 38.21 -27.91
CA ALA G 524 -29.68 38.82 -26.59
C ALA G 524 -28.97 37.88 -25.59
N HIS G 525 -28.81 38.34 -24.32
CA HIS G 525 -28.18 37.59 -23.24
C HIS G 525 -29.21 37.22 -22.15
N PRO G 526 -29.85 36.03 -22.24
CA PRO G 526 -30.86 35.64 -21.25
C PRO G 526 -30.27 35.30 -19.87
N GLU G 527 -28.97 34.95 -19.82
CA GLU G 527 -28.23 34.57 -18.60
C GLU G 527 -28.27 35.66 -17.50
N LEU G 528 -28.38 36.94 -17.89
CA LEU G 528 -28.42 38.08 -16.97
C LEU G 528 -29.75 38.11 -16.21
N LYS G 529 -30.86 37.76 -16.89
CA LYS G 529 -32.22 37.75 -16.32
C LYS G 529 -32.49 36.46 -15.51
N SER G 530 -31.58 35.47 -15.57
CA SER G 530 -31.68 34.20 -14.86
C SER G 530 -31.25 34.34 -13.40
N ARG G 531 -32.06 33.77 -12.49
CA ARG G 531 -31.86 33.77 -11.03
C ARG G 531 -31.85 32.32 -10.51
N PRO G 532 -31.19 32.00 -9.37
CA PRO G 532 -31.22 30.61 -8.88
C PRO G 532 -32.62 30.18 -8.41
N THR G 533 -33.40 31.13 -7.85
CA THR G 533 -34.77 30.90 -7.35
C THR G 533 -35.81 31.07 -8.47
N ARG G 534 -35.46 31.83 -9.54
CA ARG G 534 -36.32 32.10 -10.70
C ARG G 534 -35.50 31.83 -11.99
N PRO G 535 -35.36 30.55 -12.42
CA PRO G 535 -34.54 30.26 -13.62
C PRO G 535 -35.16 30.74 -14.93
N HIS G 536 -34.31 30.97 -15.95
CA HIS G 536 -34.73 31.42 -17.27
C HIS G 536 -35.34 30.25 -18.06
N PRO G 537 -36.51 30.46 -18.74
CA PRO G 537 -37.16 29.36 -19.48
C PRO G 537 -36.34 28.76 -20.62
N LEU G 538 -35.48 29.56 -21.32
CA LEU G 538 -34.65 29.06 -22.41
C LEU G 538 -33.58 28.09 -21.91
N PHE G 539 -32.98 28.40 -20.74
CA PHE G 539 -31.97 27.56 -20.10
C PHE G 539 -32.62 26.30 -19.52
N VAL G 540 -33.88 26.39 -19.05
CA VAL G 540 -34.66 25.28 -18.52
C VAL G 540 -34.94 24.29 -19.67
N ALA G 541 -35.38 24.81 -20.84
CA ALA G 541 -35.67 24.03 -22.04
C ALA G 541 -34.40 23.40 -22.62
N PHE G 542 -33.25 24.10 -22.54
CA PHE G 542 -31.97 23.62 -23.05
C PHE G 542 -31.42 22.47 -22.19
N VAL G 543 -31.41 22.62 -20.85
CA VAL G 543 -30.94 21.60 -19.91
C VAL G 543 -31.84 20.36 -20.02
N GLY G 544 -33.15 20.59 -20.13
CA GLY G 544 -34.16 19.53 -20.30
C GLY G 544 -33.94 18.70 -21.55
N ALA G 545 -33.55 19.37 -22.66
CA ALA G 545 -33.26 18.74 -23.95
C ALA G 545 -31.99 17.88 -23.88
N ALA G 546 -31.01 18.31 -23.05
CA ALA G 546 -29.75 17.60 -22.83
C ALA G 546 -29.98 16.34 -22.00
N ILE G 547 -31.00 16.36 -21.11
CA ILE G 547 -31.42 15.24 -20.26
C ILE G 547 -32.09 14.19 -21.18
N ASP G 548 -32.83 14.66 -22.21
CA ASP G 548 -33.49 13.81 -23.20
C ASP G 548 -32.44 13.12 -24.08
N TYR G 549 -31.31 13.82 -24.35
CA TYR G 549 -30.18 13.30 -25.13
C TYR G 549 -29.46 12.20 -24.34
N LYS G 550 -29.37 12.35 -22.99
CA LYS G 550 -28.73 11.40 -22.06
C LYS G 550 -29.36 10.01 -22.19
N ALA G 551 -30.69 9.94 -22.44
CA ALA G 551 -31.42 8.69 -22.63
C ALA G 551 -31.11 8.13 -24.03
N GLY G 552 -30.48 6.95 -24.05
CA GLY G 552 -30.09 6.26 -25.28
C GLY G 552 -28.91 6.89 -26.01
N THR H 8 26.13 -58.91 -16.39
CA THR H 8 25.59 -57.89 -15.50
C THR H 8 24.34 -58.38 -14.77
N ALA H 9 24.07 -57.82 -13.57
CA ALA H 9 22.92 -58.15 -12.72
C ALA H 9 21.59 -57.73 -13.38
N THR H 10 20.53 -58.53 -13.15
CA THR H 10 19.19 -58.30 -13.71
C THR H 10 18.57 -57.06 -13.04
N LYS H 11 18.07 -56.13 -13.88
CA LYS H 11 17.44 -54.89 -13.44
C LYS H 11 15.92 -55.02 -13.40
N HIS H 12 15.27 -54.23 -12.53
CA HIS H 12 13.81 -54.23 -12.37
C HIS H 12 13.24 -52.83 -12.56
N LEU H 13 12.28 -52.68 -13.49
CA LEU H 13 11.62 -51.41 -13.78
C LEU H 13 10.15 -51.51 -13.39
N PHE H 14 9.66 -50.61 -12.52
CA PHE H 14 8.27 -50.63 -12.08
C PHE H 14 7.49 -49.48 -12.72
N VAL H 15 6.31 -49.78 -13.30
CA VAL H 15 5.42 -48.80 -13.94
C VAL H 15 4.16 -48.66 -13.09
N SER H 16 3.83 -47.43 -12.67
CA SER H 16 2.68 -47.12 -11.82
C SER H 16 1.70 -46.14 -12.48
N GLY H 17 0.41 -46.41 -12.29
CA GLY H 17 -0.68 -45.61 -12.85
C GLY H 17 -1.02 -44.35 -12.08
N GLY H 18 -1.79 -43.47 -12.73
CA GLY H 18 -2.21 -42.20 -12.16
C GLY H 18 -3.65 -42.17 -11.70
N GLY H 24 -3.36 -45.41 -20.93
CA GLY H 24 -2.51 -46.16 -21.86
C GLY H 24 -1.26 -46.69 -21.20
N LYS H 25 -1.39 -47.11 -19.91
CA LYS H 25 -0.32 -47.66 -19.06
C LYS H 25 0.35 -48.88 -19.70
N GLY H 26 -0.46 -49.75 -20.32
CA GLY H 26 0.00 -50.95 -21.00
C GLY H 26 0.82 -50.66 -22.24
N LEU H 27 0.37 -49.69 -23.05
CA LEU H 27 1.02 -49.26 -24.29
C LEU H 27 2.29 -48.45 -24.01
N THR H 28 2.30 -47.63 -22.94
CA THR H 28 3.45 -46.80 -22.53
C THR H 28 4.59 -47.72 -22.07
N ALA H 29 4.27 -48.78 -21.30
CA ALA H 29 5.24 -49.75 -20.79
C ALA H 29 5.80 -50.62 -21.93
N SER H 30 4.93 -51.08 -22.86
CA SER H 30 5.29 -51.92 -24.01
C SER H 30 6.22 -51.20 -24.97
N SER H 31 5.99 -49.89 -25.18
CA SER H 31 6.79 -49.04 -26.07
C SER H 31 8.22 -48.86 -25.52
N LEU H 32 8.36 -48.80 -24.18
CA LEU H 32 9.66 -48.71 -23.51
C LEU H 32 10.38 -50.06 -23.66
N GLY H 33 9.61 -51.15 -23.58
CA GLY H 33 10.09 -52.52 -23.76
C GLY H 33 10.60 -52.75 -25.16
N GLN H 34 9.96 -52.11 -26.16
CA GLN H 34 10.31 -52.16 -27.58
C GLN H 34 11.67 -51.46 -27.79
N LEU H 35 11.84 -50.26 -27.19
CA LEU H 35 13.07 -49.45 -27.29
C LEU H 35 14.27 -50.16 -26.66
N LEU H 36 14.09 -50.77 -25.48
CA LEU H 36 15.15 -51.48 -24.75
C LEU H 36 15.59 -52.75 -25.50
N THR H 37 14.64 -53.46 -26.16
CA THR H 37 14.93 -54.66 -26.95
C THR H 37 15.67 -54.25 -28.23
N ALA H 38 15.27 -53.09 -28.83
CA ALA H 38 15.88 -52.52 -30.04
C ALA H 38 17.30 -52.03 -29.75
N ARG H 39 17.62 -51.74 -28.47
CA ARG H 39 18.94 -51.32 -27.99
C ARG H 39 19.83 -52.56 -27.76
N GLY H 40 19.27 -53.75 -27.98
CA GLY H 40 19.96 -55.03 -27.83
C GLY H 40 20.01 -55.56 -26.42
N LEU H 41 18.83 -55.66 -25.76
CA LEU H 41 18.72 -56.15 -24.37
C LEU H 41 17.61 -57.18 -24.23
N HIS H 42 17.83 -58.18 -23.36
CA HIS H 42 16.86 -59.24 -23.05
C HIS H 42 15.82 -58.64 -22.11
N VAL H 43 14.60 -58.38 -22.64
CA VAL H 43 13.53 -57.75 -21.88
C VAL H 43 12.34 -58.71 -21.74
N THR H 44 11.90 -58.92 -20.48
CA THR H 44 10.72 -59.72 -20.14
C THR H 44 9.76 -58.80 -19.39
N MET H 45 8.44 -58.96 -19.60
CA MET H 45 7.46 -58.07 -18.96
C MET H 45 6.44 -58.82 -18.11
N GLN H 46 6.05 -58.20 -16.99
CA GLN H 46 5.09 -58.74 -16.03
C GLN H 46 4.00 -57.72 -15.72
N LYS H 47 2.75 -58.19 -15.60
CA LYS H 47 1.60 -57.35 -15.27
C LYS H 47 1.01 -57.81 -13.94
N LEU H 48 0.91 -56.88 -12.98
CA LEU H 48 0.34 -57.12 -11.66
C LEU H 48 -1.11 -56.64 -11.64
N ASP H 49 -2.07 -57.57 -11.62
CA ASP H 49 -3.49 -57.25 -11.62
C ASP H 49 -4.03 -57.19 -10.18
N PRO H 50 -4.66 -56.07 -9.77
CA PRO H 50 -5.13 -55.98 -8.38
C PRO H 50 -6.47 -56.66 -8.08
N TYR H 51 -7.12 -57.33 -9.07
CA TYR H 51 -8.40 -58.02 -8.84
C TYR H 51 -8.20 -59.37 -8.13
N LEU H 52 -9.29 -59.92 -7.53
CA LEU H 52 -9.28 -61.17 -6.77
C LEU H 52 -9.50 -62.43 -7.63
N ASN H 53 -9.73 -62.28 -8.95
CA ASN H 53 -9.89 -63.43 -9.84
C ASN H 53 -8.55 -64.11 -10.05
N VAL H 54 -8.46 -65.42 -9.76
CA VAL H 54 -7.26 -66.24 -9.92
C VAL H 54 -6.84 -66.22 -11.40
N ASP H 55 -7.84 -66.38 -12.31
CA ASP H 55 -7.68 -66.33 -13.76
C ASP H 55 -8.74 -65.41 -14.36
N PRO H 56 -8.41 -64.61 -15.42
CA PRO H 56 -9.44 -63.75 -16.01
C PRO H 56 -10.35 -64.51 -17.00
N GLY H 57 -10.23 -65.84 -17.02
CA GLY H 57 -11.02 -66.73 -17.86
C GLY H 57 -12.50 -66.72 -17.52
N THR H 58 -12.82 -66.62 -16.21
CA THR H 58 -14.20 -66.57 -15.69
C THR H 58 -14.88 -65.23 -16.04
N MET H 59 -14.09 -64.15 -16.17
CA MET H 59 -14.55 -62.80 -16.49
C MET H 59 -15.19 -62.72 -17.87
N ASN H 60 -16.15 -61.79 -18.02
CA ASN H 60 -16.87 -61.53 -19.28
C ASN H 60 -15.93 -60.79 -20.26
N PRO H 61 -15.67 -61.37 -21.46
CA PRO H 61 -14.74 -60.69 -22.40
C PRO H 61 -15.32 -59.43 -23.04
N PHE H 62 -16.65 -59.31 -23.09
CA PHE H 62 -17.35 -58.16 -23.69
C PHE H 62 -17.54 -57.03 -22.66
N GLN H 63 -17.00 -57.19 -21.44
CA GLN H 63 -17.10 -56.19 -20.37
C GLN H 63 -15.75 -55.77 -19.83
N HIS H 64 -14.77 -56.70 -19.78
CA HIS H 64 -13.45 -56.43 -19.19
C HIS H 64 -12.28 -56.67 -20.18
N GLY H 65 -12.57 -57.23 -21.35
CA GLY H 65 -11.56 -57.49 -22.37
C GLY H 65 -11.26 -58.95 -22.61
N GLU H 66 -10.59 -59.23 -23.75
CA GLU H 66 -10.19 -60.57 -24.21
C GLU H 66 -9.26 -61.27 -23.22
N VAL H 67 -9.35 -62.62 -23.18
CA VAL H 67 -8.53 -63.45 -22.31
C VAL H 67 -7.38 -64.03 -23.15
N PHE H 68 -6.17 -63.47 -22.99
CA PHE H 68 -4.97 -63.88 -23.72
C PHE H 68 -4.48 -65.24 -23.25
N VAL H 69 -4.04 -66.09 -24.19
CA VAL H 69 -3.52 -67.44 -23.91
C VAL H 69 -2.05 -67.48 -24.30
N THR H 70 -1.18 -67.93 -23.37
CA THR H 70 0.27 -68.05 -23.58
C THR H 70 0.59 -69.45 -24.12
N GLU H 71 1.85 -69.68 -24.55
CA GLU H 71 2.34 -70.96 -25.09
C GLU H 71 2.21 -72.12 -24.08
N ASP H 72 2.39 -71.84 -22.78
CA ASP H 72 2.30 -72.83 -21.69
C ASP H 72 0.85 -73.21 -21.36
N GLY H 73 -0.12 -72.41 -21.84
CA GLY H 73 -1.54 -72.66 -21.65
C GLY H 73 -2.16 -71.97 -20.45
N ALA H 74 -1.79 -70.70 -20.23
CA ALA H 74 -2.31 -69.92 -19.11
C ALA H 74 -3.22 -68.80 -19.59
N GLU H 75 -4.37 -68.64 -18.90
CA GLU H 75 -5.33 -67.58 -19.19
C GLU H 75 -4.85 -66.33 -18.47
N THR H 76 -4.47 -65.30 -19.26
CA THR H 76 -3.91 -64.05 -18.73
C THR H 76 -4.68 -62.81 -19.25
N ASP H 77 -4.36 -61.62 -18.70
CA ASP H 77 -4.96 -60.34 -19.09
C ASP H 77 -4.52 -59.94 -20.51
N LEU H 78 -5.31 -59.07 -21.18
CA LEU H 78 -5.02 -58.61 -22.55
C LEU H 78 -3.74 -57.74 -22.64
N ASP H 79 -3.22 -57.26 -21.49
CA ASP H 79 -1.99 -56.47 -21.41
C ASP H 79 -0.76 -57.31 -21.79
N VAL H 80 -0.82 -58.64 -21.55
CA VAL H 80 0.23 -59.61 -21.88
C VAL H 80 0.39 -59.65 -23.41
N GLY H 81 -0.72 -59.50 -24.12
CA GLY H 81 -0.78 -59.44 -25.58
C GLY H 81 -0.02 -58.26 -26.14
N HIS H 82 -0.15 -57.09 -25.48
CA HIS H 82 0.56 -55.86 -25.85
C HIS H 82 2.06 -56.03 -25.65
N TYR H 83 2.46 -56.75 -24.58
CA TYR H 83 3.87 -57.02 -24.27
C TYR H 83 4.48 -57.94 -25.33
N GLU H 84 3.82 -59.09 -25.61
CA GLU H 84 4.26 -60.08 -26.59
C GLU H 84 4.42 -59.50 -28.00
N ARG H 85 3.51 -58.59 -28.42
CA ARG H 85 3.52 -57.96 -29.74
C ARG H 85 4.67 -56.94 -29.88
N PHE H 86 4.93 -56.16 -28.82
CA PHE H 86 5.98 -55.12 -28.81
C PHE H 86 7.38 -55.69 -28.55
N LEU H 87 7.50 -56.95 -28.07
CA LEU H 87 8.78 -57.60 -27.79
C LEU H 87 9.13 -58.71 -28.79
N ASP H 88 8.10 -59.33 -29.44
CA ASP H 88 8.18 -60.44 -30.39
C ASP H 88 8.61 -61.75 -29.68
N ARG H 89 8.65 -61.72 -28.32
CA ARG H 89 9.04 -62.81 -27.44
C ARG H 89 7.81 -63.46 -26.78
N ASN H 90 7.85 -64.80 -26.63
CA ASN H 90 6.79 -65.57 -25.97
C ASN H 90 6.94 -65.46 -24.46
N LEU H 91 5.87 -65.04 -23.76
CA LEU H 91 5.88 -64.85 -22.31
C LEU H 91 5.29 -66.05 -21.55
N PRO H 92 5.76 -66.33 -20.31
CA PRO H 92 5.19 -67.47 -19.55
C PRO H 92 3.92 -67.08 -18.79
N GLY H 93 3.36 -68.05 -18.07
CA GLY H 93 2.16 -67.86 -17.25
C GLY H 93 2.42 -67.01 -16.03
N SER H 94 3.68 -67.00 -15.54
CA SER H 94 4.15 -66.25 -14.39
C SER H 94 4.13 -64.73 -14.63
N ALA H 95 4.02 -64.29 -15.92
CA ALA H 95 3.97 -62.89 -16.34
C ALA H 95 2.69 -62.17 -15.87
N ASN H 96 1.68 -62.93 -15.38
CA ASN H 96 0.43 -62.37 -14.88
C ASN H 96 0.21 -62.83 -13.44
N VAL H 97 0.38 -61.89 -12.49
CA VAL H 97 0.23 -62.13 -11.06
C VAL H 97 -0.96 -61.33 -10.55
N THR H 98 -1.96 -62.02 -9.97
CA THR H 98 -3.18 -61.42 -9.45
C THR H 98 -3.23 -61.51 -7.92
N THR H 99 -4.14 -60.72 -7.28
CA THR H 99 -4.34 -60.73 -5.81
C THR H 99 -4.91 -62.10 -5.40
N GLY H 100 -5.72 -62.68 -6.29
CA GLY H 100 -6.32 -64.00 -6.11
C GLY H 100 -5.30 -65.11 -6.03
N GLN H 101 -4.32 -65.09 -6.97
CA GLN H 101 -3.22 -66.06 -7.03
C GLN H 101 -2.31 -65.98 -5.81
N VAL H 102 -2.06 -64.75 -5.31
CA VAL H 102 -1.21 -64.50 -4.14
C VAL H 102 -1.94 -64.98 -2.86
N TYR H 103 -3.21 -64.55 -2.66
CA TYR H 103 -4.01 -64.90 -1.48
C TYR H 103 -4.32 -66.41 -1.40
N SER H 104 -4.64 -67.05 -2.55
CA SER H 104 -4.97 -68.48 -2.59
C SER H 104 -3.76 -69.36 -2.24
N THR H 105 -2.54 -68.91 -2.60
CA THR H 105 -1.29 -69.64 -2.33
C THR H 105 -0.86 -69.48 -0.86
N VAL H 106 -0.96 -68.25 -0.31
CA VAL H 106 -0.58 -67.92 1.07
C VAL H 106 -1.51 -68.66 2.07
N ILE H 107 -2.83 -68.69 1.81
CA ILE H 107 -3.83 -69.37 2.65
C ILE H 107 -3.60 -70.91 2.57
N ALA H 108 -3.19 -71.43 1.39
CA ALA H 108 -2.88 -72.85 1.19
C ALA H 108 -1.66 -73.26 2.02
N LYS H 109 -0.64 -72.38 2.09
CA LYS H 109 0.58 -72.57 2.87
C LYS H 109 0.26 -72.51 4.36
N GLU H 110 -0.72 -71.68 4.74
CA GLU H 110 -1.20 -71.49 6.12
C GLU H 110 -1.89 -72.78 6.61
N ARG H 111 -2.66 -73.44 5.73
CA ARG H 111 -3.37 -74.69 6.04
C ARG H 111 -2.38 -75.86 6.18
N ARG H 112 -1.25 -75.79 5.46
CA ARG H 112 -0.16 -76.78 5.49
C ARG H 112 0.68 -76.62 6.77
N GLY H 113 0.57 -75.46 7.41
CA GLY H 113 1.29 -75.10 8.62
C GLY H 113 2.73 -74.73 8.34
N GLU H 114 2.99 -74.18 7.13
CA GLU H 114 4.32 -73.80 6.64
C GLU H 114 4.86 -72.54 7.34
N TYR H 115 3.98 -71.73 7.96
CA TYR H 115 4.40 -70.52 8.68
C TYR H 115 4.77 -70.86 10.13
N LEU H 116 4.37 -72.08 10.59
CA LEU H 116 4.63 -72.65 11.92
C LEU H 116 4.28 -71.69 13.06
N GLY H 117 2.99 -71.67 13.44
CA GLY H 117 2.47 -70.84 14.52
C GLY H 117 2.68 -69.35 14.41
N ASP H 118 2.39 -68.79 13.23
CA ASP H 118 2.58 -67.37 12.94
C ASP H 118 1.28 -66.68 12.51
N THR H 119 1.13 -65.41 12.90
CA THR H 119 0.01 -64.55 12.54
C THR H 119 0.18 -64.12 11.10
N VAL H 120 -0.52 -64.79 10.16
CA VAL H 120 -0.45 -64.49 8.73
C VAL H 120 -1.14 -63.14 8.48
N GLN H 121 -0.36 -62.13 8.12
CA GLN H 121 -0.81 -60.76 7.87
C GLN H 121 -0.38 -60.32 6.46
N VAL H 122 -0.81 -59.11 6.03
CA VAL H 122 -0.47 -58.56 4.71
C VAL H 122 1.05 -58.36 4.65
N ILE H 123 1.64 -57.83 5.74
CA ILE H 123 3.08 -57.62 5.86
C ILE H 123 3.58 -58.54 6.99
N PRO H 124 4.53 -59.47 6.71
CA PRO H 124 5.26 -59.69 5.45
C PRO H 124 4.67 -60.75 4.50
N HIS H 125 4.02 -61.79 5.04
CA HIS H 125 3.45 -62.98 4.38
C HIS H 125 2.87 -62.75 2.96
N ILE H 126 2.00 -61.74 2.77
CA ILE H 126 1.38 -61.46 1.45
C ILE H 126 2.40 -60.75 0.54
N THR H 127 3.09 -59.69 1.04
CA THR H 127 4.07 -58.90 0.29
C THR H 127 5.27 -59.77 -0.15
N ASP H 128 5.61 -60.80 0.65
CA ASP H 128 6.70 -61.76 0.38
C ASP H 128 6.36 -62.63 -0.82
N GLU H 129 5.08 -63.05 -0.94
CA GLU H 129 4.60 -63.87 -2.05
C GLU H 129 4.65 -63.07 -3.36
N ILE H 130 4.28 -61.77 -3.31
CA ILE H 130 4.33 -60.87 -4.47
C ILE H 130 5.81 -60.65 -4.84
N LYS H 131 6.68 -60.43 -3.83
CA LYS H 131 8.13 -60.23 -3.96
C LYS H 131 8.78 -61.45 -4.63
N ARG H 132 8.32 -62.67 -4.27
CA ARG H 132 8.79 -63.94 -4.82
C ARG H 132 8.45 -64.05 -6.31
N ARG H 133 7.22 -63.63 -6.69
CA ARG H 133 6.72 -63.68 -8.07
C ARG H 133 7.43 -62.66 -8.97
N ILE H 134 7.84 -61.49 -8.41
CA ILE H 134 8.55 -60.44 -9.15
C ILE H 134 9.99 -60.92 -9.43
N LEU H 135 10.67 -61.44 -8.39
CA LEU H 135 12.04 -61.95 -8.47
C LEU H 135 12.12 -63.27 -9.28
N ALA H 136 10.97 -63.94 -9.51
CA ALA H 136 10.87 -65.19 -10.27
C ALA H 136 11.15 -64.96 -11.76
N MET H 137 10.86 -63.74 -12.27
CA MET H 137 11.07 -63.35 -13.67
C MET H 137 12.56 -63.22 -13.99
N ALA H 138 13.38 -62.89 -12.97
CA ALA H 138 14.84 -62.72 -13.08
C ALA H 138 15.56 -64.06 -13.28
N GLN H 139 14.89 -65.20 -12.98
CA GLN H 139 15.43 -66.56 -13.12
C GLN H 139 15.71 -66.90 -14.59
N PRO H 140 16.73 -67.75 -14.89
CA PRO H 140 17.03 -68.09 -16.29
C PRO H 140 16.00 -69.04 -16.90
N ASP H 141 15.56 -68.71 -18.13
CA ASP H 141 14.57 -69.48 -18.89
C ASP H 141 15.23 -70.63 -19.69
N ALA H 142 14.51 -71.19 -20.70
CA ALA H 142 14.96 -72.27 -21.58
C ALA H 142 16.28 -71.92 -22.28
N ASP H 143 17.18 -72.93 -22.40
CA ASP H 143 18.53 -72.87 -22.98
C ASP H 143 19.50 -72.04 -22.09
N GLY H 144 19.06 -71.77 -20.84
CA GLY H 144 19.82 -71.04 -19.84
C GLY H 144 20.15 -69.60 -20.18
N ASN H 145 19.12 -68.75 -20.28
CA ASN H 145 19.29 -67.33 -20.58
C ASN H 145 18.54 -66.47 -19.57
N ARG H 146 19.28 -65.59 -18.85
CA ARG H 146 18.75 -64.68 -17.84
C ARG H 146 18.46 -63.30 -18.45
N PRO H 147 17.29 -62.68 -18.13
CA PRO H 147 16.97 -61.36 -18.73
C PRO H 147 17.83 -60.22 -18.19
N ASP H 148 17.97 -59.14 -18.98
CA ASP H 148 18.73 -57.94 -18.63
C ASP H 148 17.89 -57.00 -17.77
N VAL H 149 16.63 -56.73 -18.19
CA VAL H 149 15.71 -55.85 -17.46
C VAL H 149 14.29 -56.49 -17.45
N VAL H 150 13.60 -56.38 -16.29
CA VAL H 150 12.26 -56.90 -16.07
C VAL H 150 11.32 -55.71 -15.83
N ILE H 151 10.38 -55.46 -16.76
CA ILE H 151 9.42 -54.36 -16.62
C ILE H 151 8.15 -54.94 -15.98
N THR H 152 7.88 -54.54 -14.73
CA THR H 152 6.73 -54.96 -13.94
C THR H 152 5.73 -53.80 -13.86
N GLU H 153 4.52 -54.00 -14.40
CA GLU H 153 3.47 -52.99 -14.40
C GLU H 153 2.54 -53.21 -13.21
N ILE H 154 2.42 -52.21 -12.34
CA ILE H 154 1.56 -52.26 -11.16
C ILE H 154 0.20 -51.67 -11.55
N GLY H 155 -0.77 -52.57 -11.80
CA GLY H 155 -2.12 -52.21 -12.20
C GLY H 155 -2.90 -51.50 -11.11
N GLY H 156 -3.81 -50.63 -11.52
CA GLY H 156 -4.63 -49.85 -10.62
C GLY H 156 -4.01 -48.52 -10.23
N THR H 157 -4.83 -47.58 -9.75
CA THR H 157 -4.44 -46.24 -9.35
C THR H 157 -3.60 -46.29 -8.06
N VAL H 158 -2.55 -45.44 -7.97
CA VAL H 158 -1.69 -45.32 -6.80
C VAL H 158 -2.51 -44.64 -5.70
N GLY H 159 -2.79 -45.39 -4.63
CA GLY H 159 -3.59 -44.94 -3.51
C GLY H 159 -4.76 -45.86 -3.21
N ASP H 160 -5.02 -46.83 -4.11
CA ASP H 160 -6.09 -47.83 -3.96
C ASP H 160 -5.75 -48.84 -2.88
N ILE H 161 -6.78 -49.45 -2.27
CA ILE H 161 -6.65 -50.45 -1.22
C ILE H 161 -6.12 -51.76 -1.85
N GLU H 162 -6.57 -52.07 -3.08
CA GLU H 162 -6.21 -53.26 -3.86
C GLU H 162 -4.78 -53.22 -4.36
N SER H 163 -4.27 -52.02 -4.70
CA SER H 163 -2.92 -51.81 -5.23
C SER H 163 -1.82 -51.69 -4.14
N GLN H 164 -2.24 -51.45 -2.87
CA GLN H 164 -1.37 -51.27 -1.70
C GLN H 164 -0.36 -52.43 -1.45
N PRO H 165 -0.71 -53.75 -1.47
CA PRO H 165 0.31 -54.77 -1.19
C PRO H 165 1.36 -54.95 -2.29
N PHE H 166 1.00 -54.61 -3.56
CA PHE H 166 1.88 -54.71 -4.72
C PHE H 166 2.97 -53.64 -4.69
N LEU H 167 2.60 -52.38 -4.38
CA LEU H 167 3.52 -51.25 -4.31
C LEU H 167 4.49 -51.41 -3.14
N GLU H 168 4.02 -51.98 -2.02
CA GLU H 168 4.85 -52.24 -0.82
C GLU H 168 5.88 -53.33 -1.13
N ALA H 169 5.49 -54.32 -1.95
CA ALA H 169 6.39 -55.40 -2.38
C ALA H 169 7.46 -54.84 -3.32
N ALA H 170 7.08 -53.87 -4.19
CA ALA H 170 7.97 -53.19 -5.13
C ALA H 170 9.00 -52.34 -4.38
N ARG H 171 8.57 -51.75 -3.24
CA ARG H 171 9.39 -50.93 -2.36
C ARG H 171 10.42 -51.82 -1.64
N GLN H 172 10.00 -53.05 -1.26
CA GLN H 172 10.83 -54.06 -0.59
C GLN H 172 11.90 -54.59 -1.54
N VAL H 173 11.58 -54.66 -2.86
CA VAL H 173 12.48 -55.09 -3.94
C VAL H 173 13.62 -54.05 -4.09
N ARG H 174 13.26 -52.74 -4.02
CA ARG H 174 14.18 -51.59 -4.11
C ARG H 174 15.20 -51.63 -2.96
N HIS H 175 14.76 -51.97 -1.74
CA HIS H 175 15.59 -52.05 -0.55
C HIS H 175 16.52 -53.29 -0.59
N TYR H 176 15.97 -54.44 -1.02
CA TYR H 176 16.68 -55.73 -1.09
C TYR H 176 17.77 -55.76 -2.18
N LEU H 177 17.50 -55.23 -3.38
CA LEU H 177 18.46 -55.24 -4.50
C LEU H 177 19.33 -53.98 -4.57
N GLY H 178 18.73 -52.82 -4.36
CA GLY H 178 19.43 -51.53 -4.40
C GLY H 178 18.89 -50.57 -5.43
N ARG H 179 19.27 -49.28 -5.29
CA ARG H 179 18.86 -48.18 -6.19
C ARG H 179 19.44 -48.35 -7.59
N GLU H 180 20.65 -48.93 -7.68
CA GLU H 180 21.37 -49.16 -8.95
C GLU H 180 20.72 -50.27 -9.80
N ASP H 181 19.89 -51.13 -9.18
CA ASP H 181 19.23 -52.25 -9.86
C ASP H 181 17.70 -52.06 -10.02
N VAL H 182 17.08 -51.13 -9.27
CA VAL H 182 15.62 -50.91 -9.33
C VAL H 182 15.30 -49.47 -9.79
N PHE H 183 14.41 -49.35 -10.80
CA PHE H 183 13.94 -48.09 -11.39
C PHE H 183 12.43 -47.95 -11.19
N PHE H 184 11.95 -46.73 -10.89
CA PHE H 184 10.52 -46.45 -10.70
C PHE H 184 10.01 -45.39 -11.70
N LEU H 185 9.08 -45.81 -12.55
CA LEU H 185 8.43 -44.96 -13.57
C LEU H 185 6.97 -44.71 -13.17
N HIS H 186 6.53 -43.45 -13.21
CA HIS H 186 5.15 -43.09 -12.86
C HIS H 186 4.47 -42.38 -14.01
N VAL H 187 3.30 -42.90 -14.42
CA VAL H 187 2.49 -42.36 -15.51
C VAL H 187 1.36 -41.52 -14.90
N SER H 188 1.27 -40.23 -15.28
CA SER H 188 0.26 -39.30 -14.78
C SER H 188 -0.36 -38.48 -15.91
N LEU H 189 -1.59 -37.97 -15.69
CA LEU H 189 -2.34 -37.19 -16.66
C LEU H 189 -2.23 -35.68 -16.39
N VAL H 190 -2.00 -34.90 -17.46
CA VAL H 190 -1.92 -33.44 -17.42
C VAL H 190 -3.13 -32.92 -18.22
N PRO H 191 -4.22 -32.48 -17.54
CA PRO H 191 -5.40 -32.03 -18.28
C PRO H 191 -5.33 -30.58 -18.75
N TYR H 192 -5.93 -30.31 -19.92
CA TYR H 192 -5.98 -28.98 -20.51
C TYR H 192 -7.36 -28.36 -20.26
N LEU H 193 -7.39 -27.20 -19.58
CA LEU H 193 -8.62 -26.49 -19.26
C LEU H 193 -9.00 -25.56 -20.42
N ALA H 194 -10.22 -25.72 -20.94
CA ALA H 194 -10.75 -24.93 -22.07
C ALA H 194 -11.01 -23.44 -21.73
N PRO H 195 -11.58 -23.03 -20.54
CA PRO H 195 -11.84 -21.59 -20.33
C PRO H 195 -10.58 -20.77 -20.01
N SER H 196 -9.66 -21.29 -19.17
CA SER H 196 -8.44 -20.59 -18.77
C SER H 196 -7.34 -20.69 -19.84
N GLY H 197 -7.32 -21.80 -20.57
CA GLY H 197 -6.33 -22.07 -21.62
C GLY H 197 -4.96 -22.43 -21.09
N GLU H 198 -4.91 -23.14 -19.94
CA GLU H 198 -3.68 -23.56 -19.28
C GLU H 198 -3.79 -24.99 -18.75
N LEU H 199 -2.63 -25.67 -18.62
CA LEU H 199 -2.53 -27.05 -18.11
C LEU H 199 -2.45 -27.05 -16.58
N LYS H 200 -2.99 -28.11 -15.94
CA LYS H 200 -2.99 -28.23 -14.49
C LYS H 200 -1.92 -29.22 -14.01
N THR H 201 -1.15 -28.80 -12.98
CA THR H 201 -0.07 -29.57 -12.37
C THR H 201 -0.54 -30.29 -11.10
N LYS H 202 -1.72 -29.90 -10.57
CA LYS H 202 -2.35 -30.45 -9.37
C LYS H 202 -2.63 -31.98 -9.46
N PRO H 203 -3.16 -32.58 -10.57
CA PRO H 203 -3.39 -34.04 -10.57
C PRO H 203 -2.10 -34.86 -10.53
N THR H 204 -1.01 -34.31 -11.09
CA THR H 204 0.31 -34.94 -11.13
C THR H 204 0.97 -34.82 -9.76
N GLN H 205 0.88 -33.63 -9.12
CA GLN H 205 1.45 -33.34 -7.80
C GLN H 205 0.83 -34.22 -6.71
N HIS H 206 -0.51 -34.40 -6.73
CA HIS H 206 -1.25 -35.21 -5.76
C HIS H 206 -0.98 -36.71 -5.93
N SER H 207 -0.71 -37.15 -7.18
CA SER H 207 -0.43 -38.56 -7.49
C SER H 207 0.97 -38.97 -7.03
N VAL H 208 1.99 -38.10 -7.25
CA VAL H 208 3.38 -38.34 -6.85
C VAL H 208 3.46 -38.32 -5.31
N ALA H 209 2.70 -37.41 -4.66
CA ALA H 209 2.63 -37.29 -3.19
C ALA H 209 2.08 -38.57 -2.56
N ALA H 210 1.12 -39.23 -3.25
CA ALA H 210 0.50 -40.50 -2.83
C ALA H 210 1.51 -41.65 -2.95
N LEU H 211 2.40 -41.57 -3.96
CA LEU H 211 3.45 -42.56 -4.22
C LEU H 211 4.61 -42.35 -3.23
N ARG H 212 4.87 -41.08 -2.83
CA ARG H 212 5.92 -40.73 -1.88
C ARG H 212 5.48 -41.02 -0.44
N SER H 213 4.17 -40.99 -0.16
CA SER H 213 3.61 -41.28 1.17
C SER H 213 3.73 -42.76 1.53
N ILE H 214 3.65 -43.66 0.52
CA ILE H 214 3.78 -45.10 0.73
C ILE H 214 5.27 -45.52 0.76
N GLY H 215 6.16 -44.58 0.45
CA GLY H 215 7.61 -44.78 0.51
C GLY H 215 8.34 -45.00 -0.80
N ILE H 216 7.78 -44.55 -1.93
CA ILE H 216 8.41 -44.73 -3.24
C ILE H 216 8.72 -43.36 -3.87
N THR H 217 10.00 -43.13 -4.21
CA THR H 217 10.47 -41.92 -4.87
C THR H 217 10.56 -42.23 -6.38
N PRO H 218 9.78 -41.54 -7.25
CA PRO H 218 9.84 -41.86 -8.68
C PRO H 218 11.11 -41.35 -9.36
N ASP H 219 11.69 -42.17 -10.24
CA ASP H 219 12.91 -41.85 -10.98
C ASP H 219 12.60 -41.04 -12.24
N ALA H 220 11.46 -41.35 -12.90
CA ALA H 220 11.00 -40.67 -14.11
C ALA H 220 9.47 -40.52 -14.11
N LEU H 221 8.98 -39.44 -14.76
CA LEU H 221 7.55 -39.15 -14.84
C LEU H 221 7.07 -39.08 -16.30
N ILE H 222 5.99 -39.80 -16.62
CA ILE H 222 5.36 -39.81 -17.93
C ILE H 222 4.14 -38.90 -17.88
N LEU H 223 4.18 -37.77 -18.58
CA LEU H 223 3.09 -36.80 -18.58
C LEU H 223 2.19 -37.02 -19.81
N ARG H 224 1.11 -37.79 -19.63
CA ARG H 224 0.13 -38.09 -20.67
C ARG H 224 -0.76 -36.86 -20.86
N CYS H 225 -0.68 -36.24 -22.06
CA CYS H 225 -1.42 -35.02 -22.38
C CYS H 225 -1.90 -35.03 -23.83
N ASP H 226 -2.92 -34.20 -24.14
CA ASP H 226 -3.48 -34.04 -25.48
C ASP H 226 -2.56 -33.18 -26.35
N ARG H 227 -1.89 -32.19 -25.73
CA ARG H 227 -0.96 -31.26 -26.37
C ARG H 227 0.46 -31.47 -25.85
N ASP H 228 1.44 -30.76 -26.45
CA ASP H 228 2.85 -30.84 -26.04
C ASP H 228 3.06 -30.05 -24.76
N VAL H 229 3.67 -30.69 -23.73
CA VAL H 229 3.96 -30.07 -22.45
C VAL H 229 5.18 -29.15 -22.63
N PRO H 230 5.08 -27.83 -22.30
CA PRO H 230 6.23 -26.93 -22.51
C PRO H 230 7.40 -27.23 -21.57
N GLU H 231 8.62 -26.80 -21.97
CA GLU H 231 9.86 -26.95 -21.22
C GLU H 231 9.81 -26.25 -19.85
N ALA H 232 9.00 -25.17 -19.76
CA ALA H 232 8.80 -24.39 -18.53
C ALA H 232 7.93 -25.19 -17.54
N LEU H 233 6.86 -25.85 -18.05
CA LEU H 233 5.94 -26.68 -17.26
C LEU H 233 6.63 -27.96 -16.79
N LYS H 234 7.51 -28.53 -17.63
CA LYS H 234 8.29 -29.74 -17.33
C LYS H 234 9.35 -29.47 -16.25
N ASN H 235 9.82 -28.21 -16.15
CA ASN H 235 10.79 -27.76 -15.16
C ASN H 235 10.12 -27.51 -13.82
N LYS H 236 8.88 -26.99 -13.84
CA LYS H 236 8.07 -26.69 -12.65
C LYS H 236 7.65 -27.96 -11.93
N ILE H 237 7.29 -29.01 -12.68
CA ILE H 237 6.86 -30.33 -12.17
C ILE H 237 8.09 -31.06 -11.60
N ALA H 238 9.27 -30.92 -12.25
CA ALA H 238 10.54 -31.54 -11.87
C ALA H 238 10.95 -31.22 -10.43
N LEU H 239 10.88 -29.93 -10.03
CA LEU H 239 11.22 -29.47 -8.68
C LEU H 239 10.08 -29.80 -7.69
N MET H 240 8.83 -29.72 -8.17
CA MET H 240 7.59 -29.99 -7.41
C MET H 240 7.50 -31.45 -6.93
N CYS H 241 8.01 -32.40 -7.75
CA CYS H 241 7.95 -33.84 -7.49
C CYS H 241 9.32 -34.43 -7.12
N ASP H 242 10.39 -33.61 -7.15
CA ASP H 242 11.79 -33.95 -6.85
C ASP H 242 12.28 -35.11 -7.76
N VAL H 243 12.04 -34.95 -9.07
CA VAL H 243 12.44 -35.88 -10.12
C VAL H 243 13.27 -35.11 -11.14
N ASP H 244 14.44 -35.65 -11.54
CA ASP H 244 15.39 -35.06 -12.48
C ASP H 244 14.70 -34.50 -13.72
N ILE H 245 15.14 -33.31 -14.19
CA ILE H 245 14.58 -32.61 -15.37
C ILE H 245 14.70 -33.49 -16.63
N ASP H 246 15.77 -34.30 -16.73
CA ASP H 246 16.01 -35.22 -17.85
C ASP H 246 15.05 -36.43 -17.77
N GLY H 247 14.47 -36.67 -16.59
CA GLY H 247 13.53 -37.75 -16.33
C GLY H 247 12.07 -37.41 -16.59
N VAL H 248 11.73 -36.11 -16.66
CA VAL H 248 10.36 -35.63 -16.93
C VAL H 248 10.11 -35.79 -18.43
N ILE H 249 9.19 -36.70 -18.80
CA ILE H 249 8.88 -37.03 -20.19
C ILE H 249 7.48 -36.55 -20.59
N SER H 250 7.41 -35.78 -21.69
CA SER H 250 6.16 -35.28 -22.27
C SER H 250 5.70 -36.26 -23.34
N THR H 251 4.58 -36.94 -23.09
CA THR H 251 4.03 -37.94 -24.00
C THR H 251 2.68 -37.45 -24.58
N PRO H 252 2.69 -36.71 -25.71
CA PRO H 252 1.43 -36.25 -26.31
C PRO H 252 0.69 -37.41 -27.00
N ASP H 253 -0.62 -37.24 -27.24
CA ASP H 253 -1.45 -38.27 -27.88
C ASP H 253 -0.98 -38.54 -29.32
N ALA H 254 -0.45 -39.75 -29.54
CA ALA H 254 0.09 -40.23 -30.82
C ALA H 254 -1.04 -40.65 -31.78
N PRO H 255 -0.87 -40.51 -33.12
CA PRO H 255 -1.92 -40.93 -34.05
C PRO H 255 -2.11 -42.45 -34.08
N SER H 256 -1.01 -43.21 -33.91
CA SER H 256 -1.01 -44.67 -33.89
C SER H 256 -0.29 -45.18 -32.63
N ILE H 257 -0.60 -46.44 -32.23
CA ILE H 257 0.01 -47.08 -31.05
C ILE H 257 1.49 -47.44 -31.32
N TYR H 258 1.87 -47.55 -32.60
CA TYR H 258 3.23 -47.88 -33.03
C TYR H 258 4.12 -46.63 -33.12
N ASP H 259 3.52 -45.43 -32.90
CA ASP H 259 4.22 -44.15 -32.91
C ASP H 259 4.80 -43.81 -31.53
N ILE H 260 4.22 -44.39 -30.45
CA ILE H 260 4.62 -44.18 -29.04
C ILE H 260 6.14 -44.50 -28.82
N PRO H 261 6.76 -45.62 -29.33
CA PRO H 261 8.20 -45.81 -29.08
C PRO H 261 9.07 -44.69 -29.67
N LYS H 262 8.64 -44.09 -30.80
CA LYS H 262 9.34 -42.97 -31.45
C LYS H 262 9.18 -41.69 -30.64
N VAL H 263 8.04 -41.51 -29.95
CA VAL H 263 7.71 -40.36 -29.10
C VAL H 263 8.63 -40.38 -27.85
N LEU H 264 8.73 -41.53 -27.17
CA LEU H 264 9.55 -41.72 -25.97
C LEU H 264 11.05 -41.60 -26.28
N HIS H 265 11.46 -41.99 -27.50
CA HIS H 265 12.85 -41.90 -27.97
C HIS H 265 13.25 -40.44 -28.20
N ARG H 266 12.32 -39.62 -28.72
CA ARG H 266 12.51 -38.19 -28.99
C ARG H 266 12.73 -37.41 -27.68
N GLU H 267 12.10 -37.88 -26.58
CA GLU H 267 12.21 -37.29 -25.25
C GLU H 267 13.42 -37.87 -24.48
N GLU H 268 14.13 -38.84 -25.09
CA GLU H 268 15.33 -39.53 -24.59
C GLU H 268 15.08 -40.27 -23.26
N LEU H 269 13.92 -40.94 -23.14
CA LEU H 269 13.56 -41.73 -21.95
C LEU H 269 14.34 -43.04 -21.92
N ASP H 270 14.46 -43.72 -23.09
CA ASP H 270 15.17 -44.99 -23.27
C ASP H 270 16.65 -44.85 -22.88
N ALA H 271 17.29 -43.73 -23.26
CA ALA H 271 18.69 -43.43 -22.93
C ALA H 271 18.85 -43.10 -21.44
N PHE H 272 17.83 -42.46 -20.84
CA PHE H 272 17.81 -42.08 -19.43
C PHE H 272 17.71 -43.31 -18.52
N VAL H 273 16.91 -44.32 -18.94
CA VAL H 273 16.70 -45.58 -18.23
C VAL H 273 18.00 -46.39 -18.17
N VAL H 274 18.73 -46.47 -19.32
CA VAL H 274 20.00 -47.19 -19.48
C VAL H 274 21.09 -46.51 -18.59
N ARG H 275 21.15 -45.17 -18.60
CA ARG H 275 22.12 -44.36 -17.84
C ARG H 275 21.91 -44.48 -16.33
N ARG H 276 20.64 -44.46 -15.87
CA ARG H 276 20.29 -44.53 -14.44
C ARG H 276 20.52 -45.95 -13.87
N LEU H 277 20.15 -47.01 -14.63
CA LEU H 277 20.31 -48.40 -14.18
C LEU H 277 21.72 -48.95 -14.49
N ASN H 278 22.60 -48.13 -15.13
CA ASN H 278 23.98 -48.45 -15.53
C ASN H 278 24.03 -49.68 -16.46
N LEU H 279 23.00 -49.81 -17.33
CA LEU H 279 22.86 -50.88 -18.32
C LEU H 279 23.84 -50.70 -19.49
N PRO H 280 24.20 -51.77 -20.27
CA PRO H 280 25.11 -51.57 -21.40
C PRO H 280 24.48 -50.71 -22.50
N PHE H 281 25.13 -49.60 -22.87
CA PHE H 281 24.63 -48.66 -23.87
C PHE H 281 24.96 -49.11 -25.29
N ARG H 282 23.96 -49.02 -26.18
CA ARG H 282 24.02 -49.34 -27.61
C ARG H 282 22.87 -48.62 -28.31
N ASP H 283 23.15 -48.01 -29.49
CA ASP H 283 22.18 -47.25 -30.28
C ASP H 283 21.00 -48.12 -30.75
N VAL H 284 19.82 -47.49 -30.86
CA VAL H 284 18.56 -48.12 -31.27
C VAL H 284 18.60 -48.51 -32.76
N ASP H 285 18.28 -49.78 -33.06
CA ASP H 285 18.22 -50.29 -34.43
C ASP H 285 16.78 -50.15 -34.93
N TRP H 286 16.49 -49.00 -35.56
CA TRP H 286 15.17 -48.65 -36.08
C TRP H 286 14.82 -49.37 -37.39
N THR H 287 15.77 -50.15 -37.96
CA THR H 287 15.66 -50.90 -39.22
C THR H 287 14.32 -51.66 -39.36
N GLU H 288 13.88 -52.37 -38.30
CA GLU H 288 12.65 -53.17 -38.29
C GLU H 288 11.40 -52.31 -38.01
N TRP H 289 11.47 -51.39 -37.01
CA TRP H 289 10.33 -50.56 -36.61
C TRP H 289 9.97 -49.50 -37.66
N ASP H 290 10.97 -48.95 -38.39
CA ASP H 290 10.75 -47.94 -39.44
C ASP H 290 10.02 -48.56 -40.63
N ASP H 291 10.29 -49.85 -40.92
CA ASP H 291 9.64 -50.62 -41.98
C ASP H 291 8.16 -50.79 -41.67
N LEU H 292 7.82 -51.00 -40.37
CA LEU H 292 6.46 -51.14 -39.87
C LEU H 292 5.71 -49.80 -39.96
N LEU H 293 6.35 -48.69 -39.51
CA LEU H 293 5.80 -47.33 -39.51
C LEU H 293 5.45 -46.86 -40.93
N ARG H 294 6.27 -47.27 -41.93
CA ARG H 294 6.06 -46.98 -43.35
C ARG H 294 4.81 -47.69 -43.87
N ARG H 295 4.58 -48.94 -43.41
CA ARG H 295 3.43 -49.75 -43.78
C ARG H 295 2.14 -49.26 -43.09
N VAL H 296 2.27 -48.55 -41.95
CA VAL H 296 1.16 -48.00 -41.18
C VAL H 296 0.69 -46.65 -41.77
N HIS H 297 1.61 -45.69 -41.90
CA HIS H 297 1.33 -44.33 -42.37
C HIS H 297 1.24 -44.17 -43.90
N GLU H 298 1.87 -45.07 -44.68
CA GLU H 298 1.82 -44.98 -46.15
C GLU H 298 1.19 -46.24 -46.80
N PRO H 299 -0.15 -46.45 -46.69
CA PRO H 299 -0.76 -47.64 -47.34
C PRO H 299 -1.12 -47.38 -48.81
N HIS H 300 -0.97 -48.40 -49.65
CA HIS H 300 -1.27 -48.29 -51.08
C HIS H 300 -2.73 -48.64 -51.39
N GLU H 301 -3.33 -49.56 -50.61
CA GLU H 301 -4.72 -49.99 -50.80
C GLU H 301 -5.52 -49.93 -49.48
N THR H 302 -6.86 -50.01 -49.59
CA THR H 302 -7.79 -50.00 -48.45
C THR H 302 -8.77 -51.16 -48.66
N VAL H 303 -8.75 -52.14 -47.74
CA VAL H 303 -9.60 -53.33 -47.82
C VAL H 303 -10.53 -53.40 -46.59
N ARG H 304 -11.83 -53.68 -46.83
CA ARG H 304 -12.85 -53.80 -45.78
C ARG H 304 -13.06 -55.26 -45.41
N ILE H 305 -12.86 -55.60 -44.13
CA ILE H 305 -13.04 -56.97 -43.65
C ILE H 305 -14.04 -56.94 -42.47
N ALA H 306 -15.12 -57.72 -42.57
CA ALA H 306 -16.15 -57.80 -41.56
C ALA H 306 -15.79 -58.78 -40.44
N LEU H 307 -16.02 -58.36 -39.19
CA LEU H 307 -15.77 -59.15 -37.99
C LEU H 307 -17.14 -59.55 -37.39
N VAL H 308 -17.62 -60.74 -37.77
CA VAL H 308 -18.93 -61.26 -37.35
C VAL H 308 -18.83 -61.79 -35.90
N GLY H 309 -18.99 -60.88 -34.94
CA GLY H 309 -18.95 -61.20 -33.52
C GLY H 309 -20.29 -61.06 -32.83
N LYS H 310 -20.37 -61.53 -31.57
CA LYS H 310 -21.58 -61.47 -30.73
C LYS H 310 -21.94 -60.01 -30.41
N TYR H 311 -20.93 -59.18 -30.14
CA TYR H 311 -21.05 -57.75 -29.86
C TYR H 311 -20.24 -56.95 -30.88
N VAL H 312 -20.77 -55.78 -31.31
CA VAL H 312 -20.13 -54.93 -32.31
C VAL H 312 -19.49 -53.67 -31.70
N GLU H 313 -18.46 -53.13 -32.40
CA GLU H 313 -17.67 -51.91 -32.18
C GLU H 313 -16.66 -52.00 -31.00
N LEU H 314 -16.80 -52.98 -30.08
CA LEU H 314 -15.87 -53.13 -28.96
C LEU H 314 -14.57 -53.80 -29.46
N SER H 315 -13.55 -52.96 -29.71
CA SER H 315 -12.23 -53.35 -30.23
C SER H 315 -11.42 -54.18 -29.23
N ASP H 316 -11.69 -54.04 -27.91
CA ASP H 316 -10.98 -54.75 -26.84
C ASP H 316 -11.51 -56.19 -26.63
N ALA H 317 -12.69 -56.52 -27.17
CA ALA H 317 -13.28 -57.86 -27.07
C ALA H 317 -12.55 -58.85 -27.98
N TYR H 318 -12.09 -58.37 -29.16
CA TYR H 318 -11.36 -59.14 -30.17
C TYR H 318 -10.08 -58.38 -30.57
N LEU H 319 -9.33 -57.89 -29.55
CA LEU H 319 -8.11 -57.09 -29.69
C LEU H 319 -7.00 -57.78 -30.50
N SER H 320 -6.64 -59.03 -30.14
CA SER H 320 -5.61 -59.82 -30.84
C SER H 320 -6.04 -60.13 -32.28
N VAL H 321 -7.35 -60.36 -32.49
CA VAL H 321 -7.97 -60.66 -33.79
C VAL H 321 -7.84 -59.43 -34.70
N ALA H 322 -8.21 -58.24 -34.18
CA ALA H 322 -8.16 -56.96 -34.89
C ALA H 322 -6.71 -56.58 -35.23
N GLU H 323 -5.77 -56.79 -34.29
CA GLU H 323 -4.34 -56.50 -34.44
C GLU H 323 -3.70 -57.44 -35.47
N ALA H 324 -4.17 -58.71 -35.54
CA ALA H 324 -3.68 -59.70 -36.50
C ALA H 324 -4.15 -59.37 -37.91
N LEU H 325 -5.36 -58.77 -38.04
CA LEU H 325 -5.95 -58.36 -39.30
C LEU H 325 -5.18 -57.18 -39.89
N ARG H 326 -4.77 -56.23 -39.03
CA ARG H 326 -3.99 -55.05 -39.41
C ARG H 326 -2.57 -55.48 -39.80
N ALA H 327 -2.00 -56.48 -39.07
CA ALA H 327 -0.67 -57.05 -39.30
C ALA H 327 -0.58 -57.72 -40.68
N GLY H 328 -1.66 -58.42 -41.06
CA GLY H 328 -1.78 -59.07 -42.36
C GLY H 328 -1.84 -58.07 -43.50
N GLY H 329 -2.46 -56.92 -43.22
CA GLY H 329 -2.59 -55.81 -44.15
C GLY H 329 -1.28 -55.11 -44.42
N PHE H 330 -0.41 -55.01 -43.39
CA PHE H 330 0.91 -54.36 -43.49
C PHE H 330 1.84 -55.14 -44.43
N LYS H 331 1.74 -56.49 -44.45
CA LYS H 331 2.53 -57.37 -45.32
C LYS H 331 2.26 -57.08 -46.80
N HIS H 332 1.00 -56.71 -47.13
CA HIS H 332 0.55 -56.36 -48.48
C HIS H 332 0.61 -54.84 -48.70
N ARG H 333 1.02 -54.08 -47.64
CA ARG H 333 1.14 -52.62 -47.59
C ARG H 333 -0.23 -51.96 -47.91
N ALA H 334 -1.26 -52.39 -47.14
CA ALA H 334 -2.64 -51.92 -47.28
C ALA H 334 -3.32 -51.70 -45.91
N LYS H 335 -4.26 -50.74 -45.85
CA LYS H 335 -5.03 -50.41 -44.66
C LYS H 335 -6.26 -51.30 -44.55
N VAL H 336 -6.47 -51.93 -43.38
CA VAL H 336 -7.61 -52.82 -43.15
C VAL H 336 -8.68 -52.09 -42.34
N GLU H 337 -9.87 -51.91 -42.93
CA GLU H 337 -11.02 -51.27 -42.29
C GLU H 337 -11.93 -52.36 -41.72
N ILE H 338 -11.87 -52.58 -40.39
CA ILE H 338 -12.66 -53.60 -39.71
C ILE H 338 -14.12 -53.17 -39.58
N CYS H 339 -15.03 -53.97 -40.16
CA CYS H 339 -16.48 -53.75 -40.12
C CYS H 339 -17.09 -54.60 -39.02
N TRP H 340 -17.39 -53.98 -37.87
CA TRP H 340 -17.94 -54.67 -36.70
C TRP H 340 -19.41 -55.01 -36.95
N VAL H 341 -19.65 -56.28 -37.35
CA VAL H 341 -20.95 -56.83 -37.71
C VAL H 341 -21.47 -57.73 -36.57
N ALA H 342 -22.73 -57.52 -36.16
CA ALA H 342 -23.39 -58.32 -35.13
C ALA H 342 -23.85 -59.64 -35.75
N SER H 343 -23.45 -60.78 -35.14
CA SER H 343 -23.76 -62.14 -35.60
C SER H 343 -25.26 -62.40 -35.73
N ASP H 344 -26.06 -61.95 -34.74
CA ASP H 344 -27.52 -62.12 -34.68
C ASP H 344 -28.26 -61.62 -35.93
N GLY H 345 -27.73 -60.58 -36.57
CA GLY H 345 -28.30 -60.00 -37.78
C GLY H 345 -28.13 -60.84 -39.03
N CYS H 346 -27.09 -61.71 -39.04
CA CYS H 346 -26.75 -62.59 -40.16
C CYS H 346 -27.50 -63.94 -40.09
N GLU H 347 -28.45 -64.11 -39.15
CA GLU H 347 -29.26 -65.33 -38.97
C GLU H 347 -30.03 -65.67 -40.25
N THR H 348 -30.65 -64.65 -40.87
CA THR H 348 -31.40 -64.78 -42.12
C THR H 348 -30.46 -64.43 -43.30
N THR H 349 -30.72 -65.03 -44.48
CA THR H 349 -29.92 -64.82 -45.69
C THR H 349 -30.05 -63.36 -46.21
N SER H 350 -31.21 -62.73 -45.98
CA SER H 350 -31.50 -61.35 -46.38
C SER H 350 -30.72 -60.36 -45.50
N GLY H 351 -30.68 -60.64 -44.20
CA GLY H 351 -29.97 -59.83 -43.20
C GLY H 351 -28.47 -59.91 -43.32
N ALA H 352 -27.95 -61.12 -43.65
CA ALA H 352 -26.53 -61.38 -43.83
C ALA H 352 -26.00 -60.64 -45.06
N ALA H 353 -26.83 -60.58 -46.14
CA ALA H 353 -26.51 -59.90 -47.39
C ALA H 353 -26.42 -58.39 -47.19
N ALA H 354 -27.32 -57.82 -46.35
CA ALA H 354 -27.36 -56.39 -46.05
C ALA H 354 -26.18 -55.95 -45.18
N ALA H 355 -25.67 -56.87 -44.34
CA ALA H 355 -24.56 -56.60 -43.43
C ALA H 355 -23.18 -56.89 -44.06
N LEU H 356 -23.08 -57.96 -44.88
CA LEU H 356 -21.81 -58.37 -45.51
C LEU H 356 -21.79 -58.05 -47.03
N GLY H 357 -22.55 -57.06 -47.45
CA GLY H 357 -22.64 -56.67 -48.86
C GLY H 357 -21.46 -55.89 -49.41
N ASP H 358 -21.14 -54.75 -48.76
CA ASP H 358 -20.07 -53.84 -49.16
C ASP H 358 -18.66 -54.27 -48.70
N VAL H 359 -18.54 -55.37 -47.93
CA VAL H 359 -17.24 -55.84 -47.43
C VAL H 359 -16.48 -56.64 -48.51
N HIS H 360 -15.15 -56.83 -48.31
CA HIS H 360 -14.25 -57.56 -49.20
C HIS H 360 -13.80 -58.91 -48.61
N GLY H 361 -14.06 -59.11 -47.32
CA GLY H 361 -13.70 -60.32 -46.58
C GLY H 361 -14.55 -60.54 -45.35
N VAL H 362 -14.74 -61.81 -44.94
CA VAL H 362 -15.56 -62.20 -43.79
C VAL H 362 -14.70 -63.00 -42.78
N LEU H 363 -14.70 -62.59 -41.51
CA LEU H 363 -13.97 -63.28 -40.44
C LEU H 363 -14.95 -63.74 -39.35
N ILE H 364 -14.83 -65.01 -38.94
CA ILE H 364 -15.67 -65.61 -37.90
C ILE H 364 -14.77 -65.89 -36.66
N PRO H 365 -14.74 -64.96 -35.66
CA PRO H 365 -13.87 -65.19 -34.49
C PRO H 365 -14.50 -66.16 -33.48
N GLY H 366 -13.66 -66.69 -32.60
CA GLY H 366 -14.05 -67.63 -31.55
C GLY H 366 -14.84 -66.99 -30.43
N GLY H 367 -16.03 -67.54 -30.18
CA GLY H 367 -16.93 -67.09 -29.12
C GLY H 367 -17.00 -68.08 -27.99
N PHE H 368 -16.33 -67.76 -26.86
CA PHE H 368 -16.31 -68.62 -25.68
C PHE H 368 -17.45 -68.25 -24.72
N GLY H 369 -18.30 -69.24 -24.43
CA GLY H 369 -19.44 -69.09 -23.54
C GLY H 369 -20.61 -68.31 -24.13
N ILE H 370 -20.64 -68.16 -25.47
CA ILE H 370 -21.72 -67.44 -26.18
C ILE H 370 -22.89 -68.41 -26.45
N ARG H 371 -24.04 -67.88 -26.95
CA ARG H 371 -25.23 -68.69 -27.23
C ARG H 371 -25.69 -68.56 -28.69
N GLY H 372 -25.49 -67.39 -29.30
CA GLY H 372 -25.86 -67.10 -30.67
C GLY H 372 -24.88 -67.63 -31.70
N ILE H 373 -25.09 -68.88 -32.15
CA ILE H 373 -24.22 -69.55 -33.12
C ILE H 373 -24.83 -69.50 -34.55
N GLU H 374 -26.17 -69.55 -34.67
CA GLU H 374 -26.92 -69.57 -35.94
C GLU H 374 -26.60 -68.38 -36.87
N GLY H 375 -26.25 -67.24 -36.29
CA GLY H 375 -25.90 -66.04 -37.03
C GLY H 375 -24.56 -66.17 -37.74
N LYS H 376 -23.56 -66.76 -37.06
CA LYS H 376 -22.21 -67.00 -37.59
C LYS H 376 -22.24 -68.03 -38.73
N ILE H 377 -23.13 -69.05 -38.63
CA ILE H 377 -23.32 -70.09 -39.64
C ILE H 377 -23.93 -69.45 -40.91
N GLY H 378 -24.91 -68.55 -40.70
CA GLY H 378 -25.58 -67.81 -41.77
C GLY H 378 -24.66 -66.84 -42.51
N ALA H 379 -23.64 -66.33 -41.80
CA ALA H 379 -22.64 -65.40 -42.36
C ALA H 379 -21.72 -66.14 -43.34
N ILE H 380 -21.37 -67.41 -43.03
CA ILE H 380 -20.53 -68.28 -43.87
C ILE H 380 -21.33 -68.68 -45.12
N ALA H 381 -22.63 -69.03 -44.93
CA ALA H 381 -23.56 -69.44 -45.99
C ALA H 381 -23.67 -68.37 -47.08
N TYR H 382 -23.73 -67.07 -46.69
CA TYR H 382 -23.79 -65.96 -47.63
C TYR H 382 -22.45 -65.75 -48.33
N ALA H 383 -21.34 -65.72 -47.54
CA ALA H 383 -19.98 -65.52 -48.01
C ALA H 383 -19.56 -66.59 -49.04
N ARG H 384 -20.05 -67.83 -48.88
CA ARG H 384 -19.78 -68.94 -49.81
C ARG H 384 -20.52 -68.71 -51.13
N ALA H 385 -21.74 -68.15 -51.06
CA ALA H 385 -22.58 -67.87 -52.22
C ALA H 385 -22.09 -66.63 -52.99
N ARG H 386 -21.71 -65.56 -52.26
CA ARG H 386 -21.23 -64.29 -52.81
C ARG H 386 -19.80 -64.45 -53.37
N GLY H 387 -18.99 -65.28 -52.71
CA GLY H 387 -17.61 -65.54 -53.09
C GLY H 387 -16.60 -64.75 -52.29
N LEU H 388 -16.95 -64.43 -51.03
CA LEU H 388 -16.12 -63.69 -50.09
C LEU H 388 -15.12 -64.61 -49.36
N PRO H 389 -13.86 -64.18 -49.14
CA PRO H 389 -12.91 -65.03 -48.40
C PRO H 389 -13.31 -65.17 -46.92
N VAL H 390 -13.24 -66.42 -46.39
CA VAL H 390 -13.65 -66.71 -45.02
C VAL H 390 -12.48 -67.25 -44.19
N LEU H 391 -12.28 -66.67 -42.99
CA LEU H 391 -11.28 -67.09 -42.02
C LEU H 391 -11.99 -67.33 -40.68
N GLY H 392 -12.09 -68.61 -40.32
CA GLY H 392 -12.76 -69.03 -39.09
C GLY H 392 -11.78 -69.41 -38.01
N LEU H 393 -11.89 -68.79 -36.83
CA LEU H 393 -11.02 -69.05 -35.68
C LEU H 393 -11.81 -69.75 -34.57
N CYS H 394 -11.27 -70.90 -34.07
CA CYS H 394 -11.82 -71.77 -33.01
C CYS H 394 -13.29 -72.15 -33.31
N LEU H 395 -14.26 -71.30 -32.91
CA LEU H 395 -15.69 -71.49 -33.15
C LEU H 395 -15.98 -71.32 -34.66
N GLY H 396 -15.13 -70.56 -35.34
CA GLY H 396 -15.20 -70.32 -36.77
C GLY H 396 -15.10 -71.58 -37.60
N LEU H 397 -14.13 -72.46 -37.25
CA LEU H 397 -13.93 -73.77 -37.89
C LEU H 397 -15.16 -74.64 -37.63
N GLN H 398 -15.66 -74.63 -36.37
CA GLN H 398 -16.84 -75.37 -35.93
C GLN H 398 -18.08 -74.94 -36.71
N CYS H 399 -18.22 -73.62 -36.99
CA CYS H 399 -19.34 -73.03 -37.74
C CYS H 399 -19.25 -73.38 -39.24
N ILE H 400 -18.02 -73.47 -39.81
CA ILE H 400 -17.78 -73.83 -41.21
C ILE H 400 -18.23 -75.30 -41.41
N VAL H 401 -17.86 -76.18 -40.45
CA VAL H 401 -18.19 -77.61 -40.42
C VAL H 401 -19.72 -77.81 -40.37
N ILE H 402 -20.43 -77.07 -39.49
CA ILE H 402 -21.90 -77.13 -39.33
C ILE H 402 -22.57 -76.72 -40.66
N GLU H 403 -22.15 -75.57 -41.25
CA GLU H 403 -22.66 -75.05 -42.52
C GLU H 403 -22.39 -76.04 -43.68
N ALA H 404 -21.20 -76.69 -43.68
CA ALA H 404 -20.80 -77.68 -44.68
C ALA H 404 -21.72 -78.89 -44.63
N ALA H 405 -22.01 -79.40 -43.41
CA ALA H 405 -22.88 -80.56 -43.18
C ALA H 405 -24.34 -80.22 -43.49
N ARG H 406 -24.76 -78.97 -43.26
CA ARG H 406 -26.12 -78.49 -43.51
C ARG H 406 -26.41 -78.36 -45.00
N SER H 407 -25.41 -77.91 -45.79
CA SER H 407 -25.52 -77.75 -47.25
C SER H 407 -25.64 -79.11 -47.95
N VAL H 408 -25.05 -80.17 -47.35
CA VAL H 408 -25.08 -81.55 -47.86
C VAL H 408 -26.52 -82.09 -47.75
N GLY H 409 -27.19 -81.84 -46.62
CA GLY H 409 -28.56 -82.30 -46.40
C GLY H 409 -28.98 -82.44 -44.95
N LEU H 410 -27.99 -82.49 -44.03
CA LEU H 410 -28.25 -82.62 -42.59
C LEU H 410 -28.82 -81.32 -42.04
N THR H 411 -30.16 -81.22 -42.02
CA THR H 411 -30.89 -80.03 -41.55
C THR H 411 -30.70 -79.79 -40.04
N ASN H 412 -30.62 -80.88 -39.25
CA ASN H 412 -30.49 -80.82 -37.79
C ASN H 412 -29.02 -80.88 -37.29
N ALA H 413 -28.03 -80.67 -38.18
CA ALA H 413 -26.61 -80.68 -37.82
C ALA H 413 -26.23 -79.44 -37.01
N ASN H 414 -25.69 -79.64 -35.79
CA ASN H 414 -25.30 -78.57 -34.85
C ASN H 414 -24.23 -79.05 -33.86
N SER H 415 -23.69 -78.13 -33.04
CA SER H 415 -22.71 -78.40 -32.00
C SER H 415 -23.42 -78.80 -30.70
N ALA H 416 -22.88 -79.79 -29.97
CA ALA H 416 -23.43 -80.30 -28.71
C ALA H 416 -23.38 -79.23 -27.60
N GLU H 417 -22.46 -78.27 -27.73
CA GLU H 417 -22.24 -77.14 -26.81
C GLU H 417 -23.45 -76.20 -26.76
N PHE H 418 -24.13 -76.02 -27.91
CA PHE H 418 -25.26 -75.11 -28.08
C PHE H 418 -26.59 -75.88 -28.07
N ASP H 419 -26.63 -77.05 -28.72
CA ASP H 419 -27.82 -77.91 -28.75
C ASP H 419 -27.41 -79.33 -28.32
N PRO H 420 -27.64 -79.71 -27.03
CA PRO H 420 -27.22 -81.05 -26.58
C PRO H 420 -28.12 -82.17 -27.09
N ASP H 421 -29.41 -81.85 -27.40
CA ASP H 421 -30.40 -82.82 -27.88
C ASP H 421 -30.42 -82.92 -29.43
N THR H 422 -29.30 -82.57 -30.09
CA THR H 422 -29.20 -82.62 -31.55
C THR H 422 -29.01 -84.08 -32.02
N PRO H 423 -29.74 -84.54 -33.07
CA PRO H 423 -29.57 -85.93 -33.53
C PRO H 423 -28.30 -86.11 -34.37
N ASP H 424 -27.68 -85.01 -34.81
CA ASP H 424 -26.45 -85.04 -35.61
C ASP H 424 -25.38 -84.09 -35.01
N PRO H 425 -24.65 -84.53 -33.94
CA PRO H 425 -23.64 -83.64 -33.35
C PRO H 425 -22.31 -83.75 -34.10
N VAL H 426 -22.10 -82.84 -35.08
CA VAL H 426 -20.88 -82.79 -35.89
C VAL H 426 -19.71 -82.21 -35.06
N ILE H 427 -20.02 -81.43 -34.01
CA ILE H 427 -19.05 -80.85 -33.08
C ILE H 427 -19.39 -81.36 -31.67
N ALA H 428 -18.51 -82.20 -31.08
CA ALA H 428 -18.71 -82.80 -29.76
C ALA H 428 -17.39 -83.01 -29.01
N THR H 429 -17.47 -83.21 -27.69
CA THR H 429 -16.32 -83.46 -26.80
C THR H 429 -15.74 -84.85 -27.03
N MET H 430 -14.41 -85.01 -26.81
CA MET H 430 -13.60 -86.23 -26.96
C MET H 430 -13.69 -86.79 -28.38
N THR H 446 -9.70 -83.42 -22.01
CA THR H 446 -10.83 -82.98 -22.82
C THR H 446 -10.66 -81.49 -23.19
N MET H 447 -10.19 -80.65 -22.24
CA MET H 447 -9.95 -79.22 -22.45
C MET H 447 -8.53 -79.01 -22.96
N ARG H 448 -8.39 -78.29 -24.08
CA ARG H 448 -7.10 -78.01 -24.72
C ARG H 448 -6.68 -76.55 -24.49
N LEU H 449 -5.49 -76.35 -23.89
CA LEU H 449 -4.93 -75.02 -23.60
C LEU H 449 -3.43 -74.97 -23.93
N GLY H 450 -3.02 -73.90 -24.62
CA GLY H 450 -1.64 -73.68 -25.01
C GLY H 450 -1.31 -74.14 -26.41
N SER H 451 0.00 -74.20 -26.72
CA SER H 451 0.50 -74.61 -28.04
C SER H 451 0.38 -76.12 -28.23
N TYR H 452 -0.29 -76.51 -29.33
CA TYR H 452 -0.50 -77.89 -29.72
C TYR H 452 0.05 -78.13 -31.13
N PRO H 453 0.79 -79.24 -31.38
CA PRO H 453 1.33 -79.47 -32.73
C PRO H 453 0.27 -79.93 -33.71
N ALA H 454 0.44 -79.57 -35.00
CA ALA H 454 -0.50 -79.93 -36.07
C ALA H 454 0.22 -80.23 -37.39
N VAL H 455 -0.04 -81.41 -37.97
CA VAL H 455 0.54 -81.84 -39.25
C VAL H 455 -0.39 -81.35 -40.38
N LEU H 456 0.22 -80.80 -41.44
CA LEU H 456 -0.50 -80.21 -42.58
C LEU H 456 -0.37 -81.06 -43.85
N GLU H 457 -1.46 -81.10 -44.65
CA GLU H 457 -1.53 -81.82 -45.93
C GLU H 457 -0.71 -81.05 -46.98
N PRO H 458 0.19 -81.71 -47.76
CA PRO H 458 0.99 -80.96 -48.74
C PRO H 458 0.16 -80.42 -49.89
N ASP H 459 0.59 -79.25 -50.44
CA ASP H 459 0.00 -78.50 -51.55
C ASP H 459 -1.45 -78.00 -51.25
N SER H 460 -1.82 -77.92 -49.95
CA SER H 460 -3.13 -77.41 -49.52
C SER H 460 -3.05 -75.89 -49.35
N VAL H 461 -4.22 -75.22 -49.16
CA VAL H 461 -4.32 -73.76 -49.01
C VAL H 461 -3.56 -73.31 -47.74
N VAL H 462 -3.69 -74.06 -46.62
CA VAL H 462 -3.01 -73.77 -45.35
C VAL H 462 -1.50 -74.00 -45.49
N ALA H 463 -1.08 -75.03 -46.26
CA ALA H 463 0.33 -75.34 -46.50
C ALA H 463 0.98 -74.30 -47.38
N GLN H 464 0.22 -73.70 -48.32
CA GLN H 464 0.69 -72.66 -49.23
C GLN H 464 0.89 -71.35 -48.48
N ALA H 465 0.08 -71.12 -47.42
CA ALA H 465 0.13 -69.93 -46.57
C ALA H 465 1.32 -70.03 -45.60
N TYR H 466 1.38 -71.10 -44.79
CA TYR H 466 2.43 -71.35 -43.80
C TYR H 466 3.79 -71.63 -44.45
N GLN H 467 3.79 -72.29 -45.64
CA GLN H 467 4.97 -72.69 -46.43
C GLN H 467 5.80 -73.75 -45.65
N THR H 468 5.08 -74.63 -44.90
CA THR H 468 5.63 -75.73 -44.10
C THR H 468 4.56 -76.81 -43.89
N THR H 469 5.02 -78.07 -43.69
CA THR H 469 4.16 -79.24 -43.48
C THR H 469 3.86 -79.47 -41.98
N GLN H 470 4.65 -78.84 -41.08
CA GLN H 470 4.49 -78.97 -39.64
C GLN H 470 4.33 -77.59 -38.99
N VAL H 471 3.26 -77.41 -38.19
CA VAL H 471 2.95 -76.13 -37.52
C VAL H 471 2.60 -76.35 -36.03
N SER H 472 2.53 -75.23 -35.26
CA SER H 472 2.18 -75.17 -33.84
C SER H 472 1.37 -73.90 -33.57
N GLU H 473 0.17 -74.05 -32.95
CA GLU H 473 -0.72 -72.92 -32.65
C GLU H 473 -1.33 -73.06 -31.24
N ARG H 474 -1.75 -71.92 -30.64
CA ARG H 474 -2.32 -71.85 -29.28
C ARG H 474 -3.84 -72.13 -29.30
N HIS H 475 -4.30 -73.05 -28.43
CA HIS H 475 -5.69 -73.48 -28.31
C HIS H 475 -6.35 -73.04 -26.98
N ARG H 476 -7.72 -72.99 -26.94
CA ARG H 476 -8.53 -72.62 -25.77
C ARG H 476 -10.00 -73.07 -25.97
N HIS H 477 -10.22 -74.39 -26.06
CA HIS H 477 -11.53 -75.03 -26.28
C HIS H 477 -11.55 -76.48 -25.75
N ARG H 478 -12.75 -77.09 -25.68
CA ARG H 478 -12.92 -78.47 -25.22
C ARG H 478 -13.74 -79.30 -26.24
N TYR H 479 -14.42 -78.63 -27.19
CA TYR H 479 -15.23 -79.26 -28.23
C TYR H 479 -14.43 -79.44 -29.52
N GLU H 480 -14.44 -80.67 -30.07
CA GLU H 480 -13.71 -81.05 -31.29
C GLU H 480 -14.66 -81.49 -32.41
N VAL H 481 -14.12 -81.78 -33.60
CA VAL H 481 -14.89 -82.25 -34.76
C VAL H 481 -15.14 -83.76 -34.60
N ASN H 482 -16.42 -84.19 -34.73
CA ASN H 482 -16.82 -85.60 -34.63
C ASN H 482 -16.26 -86.37 -35.82
N ASN H 483 -15.41 -87.37 -35.54
CA ASN H 483 -14.72 -88.19 -36.54
C ASN H 483 -15.67 -89.12 -37.32
N ALA H 484 -16.84 -89.43 -36.75
CA ALA H 484 -17.84 -90.29 -37.39
C ALA H 484 -18.54 -89.57 -38.55
N TYR H 485 -18.69 -88.24 -38.45
CA TYR H 485 -19.35 -87.40 -39.45
C TYR H 485 -18.38 -86.88 -40.53
N ARG H 486 -17.07 -87.17 -40.40
CA ARG H 486 -16.01 -86.75 -41.34
C ARG H 486 -16.35 -87.04 -42.82
N ASP H 487 -16.93 -88.22 -43.11
CA ASP H 487 -17.29 -88.64 -44.45
C ASP H 487 -18.49 -87.86 -45.01
N LYS H 488 -19.50 -87.57 -44.15
CA LYS H 488 -20.70 -86.81 -44.52
C LYS H 488 -20.38 -85.33 -44.77
N ILE H 489 -19.43 -84.76 -43.99
CA ILE H 489 -18.99 -83.37 -44.11
C ILE H 489 -18.18 -83.20 -45.41
N ALA H 490 -17.36 -84.22 -45.77
CA ALA H 490 -16.51 -84.25 -46.96
C ALA H 490 -17.31 -84.18 -48.29
N GLU H 491 -18.62 -84.50 -48.25
CA GLU H 491 -19.53 -84.46 -49.42
C GLU H 491 -19.68 -83.03 -49.99
N SER H 492 -19.57 -82.00 -49.12
CA SER H 492 -19.67 -80.58 -49.49
C SER H 492 -18.47 -80.12 -50.33
N GLY H 493 -17.35 -80.80 -50.16
CA GLY H 493 -16.09 -80.49 -50.84
C GLY H 493 -14.99 -80.13 -49.88
N LEU H 494 -15.35 -79.82 -48.61
CA LEU H 494 -14.46 -79.44 -47.52
C LEU H 494 -13.45 -80.56 -47.23
N ARG H 495 -12.18 -80.18 -47.09
CA ARG H 495 -11.06 -81.09 -46.82
C ARG H 495 -10.41 -80.78 -45.48
N PHE H 496 -10.10 -81.83 -44.69
CA PHE H 496 -9.45 -81.72 -43.39
C PHE H 496 -7.93 -81.72 -43.62
N SER H 497 -7.41 -80.57 -44.08
CA SER H 497 -6.00 -80.34 -44.42
C SER H 497 -5.07 -80.38 -43.20
N GLY H 498 -5.56 -79.94 -42.04
CA GLY H 498 -4.79 -79.92 -40.81
C GLY H 498 -5.35 -80.83 -39.75
N THR H 499 -4.50 -81.73 -39.22
CA THR H 499 -4.83 -82.69 -38.16
C THR H 499 -3.71 -82.75 -37.11
N SER H 500 -3.99 -83.40 -35.97
CA SER H 500 -3.03 -83.61 -34.88
C SER H 500 -1.91 -84.59 -35.33
N PRO H 501 -0.75 -84.73 -34.62
CA PRO H 501 0.29 -85.67 -35.11
C PRO H 501 -0.22 -87.09 -35.35
N ASP H 502 -1.13 -87.58 -34.47
CA ASP H 502 -1.75 -88.91 -34.59
C ASP H 502 -2.89 -88.91 -35.61
N GLY H 503 -3.39 -87.72 -35.98
CA GLY H 503 -4.45 -87.53 -36.96
C GLY H 503 -5.86 -87.71 -36.46
N HIS H 504 -6.03 -87.88 -35.13
CA HIS H 504 -7.33 -88.09 -34.49
C HIS H 504 -8.14 -86.79 -34.42
N LEU H 505 -7.52 -85.68 -34.06
CA LEU H 505 -8.20 -84.39 -33.93
C LEU H 505 -8.05 -83.53 -35.18
N VAL H 506 -9.14 -82.89 -35.62
CA VAL H 506 -9.16 -81.99 -36.78
C VAL H 506 -8.71 -80.61 -36.30
N GLU H 507 -7.65 -80.07 -36.93
CA GLU H 507 -7.06 -78.77 -36.58
C GLU H 507 -7.41 -77.68 -37.62
N PHE H 508 -7.43 -78.04 -38.92
CA PHE H 508 -7.73 -77.10 -40.00
C PHE H 508 -8.68 -77.71 -41.04
N VAL H 509 -9.60 -76.87 -41.56
CA VAL H 509 -10.56 -77.25 -42.62
C VAL H 509 -10.47 -76.21 -43.75
N GLU H 510 -10.59 -76.66 -45.01
CA GLU H 510 -10.50 -75.77 -46.18
C GLU H 510 -11.25 -76.32 -47.40
N TYR H 511 -11.73 -75.40 -48.25
CA TYR H 511 -12.38 -75.73 -49.52
C TYR H 511 -11.34 -75.61 -50.64
N PRO H 512 -11.33 -76.51 -51.65
CA PRO H 512 -10.32 -76.41 -52.73
C PRO H 512 -10.47 -75.14 -53.57
N PRO H 513 -9.38 -74.58 -54.15
CA PRO H 513 -9.50 -73.35 -54.95
C PRO H 513 -10.46 -73.44 -56.14
N ASP H 514 -10.67 -74.67 -56.68
CA ASP H 514 -11.59 -74.93 -57.79
C ASP H 514 -13.07 -74.86 -57.33
N ARG H 515 -13.32 -74.82 -56.01
CA ARG H 515 -14.65 -74.70 -55.41
C ARG H 515 -14.85 -73.30 -54.82
N HIS H 516 -13.88 -72.85 -53.98
CA HIS H 516 -13.86 -71.53 -53.33
C HIS H 516 -12.43 -70.99 -53.27
N PRO H 517 -12.19 -69.69 -53.59
CA PRO H 517 -10.80 -69.17 -53.56
C PRO H 517 -10.14 -69.27 -52.17
N PHE H 518 -10.84 -68.88 -51.09
CA PHE H 518 -10.29 -68.95 -49.73
C PHE H 518 -11.40 -69.05 -48.66
N VAL H 519 -11.61 -70.27 -48.14
CA VAL H 519 -12.53 -70.57 -47.04
C VAL H 519 -11.74 -71.50 -46.11
N VAL H 520 -10.98 -70.91 -45.19
CA VAL H 520 -10.09 -71.64 -44.28
C VAL H 520 -10.57 -71.46 -42.82
N GLY H 521 -10.64 -72.58 -42.11
CA GLY H 521 -11.01 -72.63 -40.71
C GLY H 521 -9.92 -73.27 -39.87
N THR H 522 -9.69 -72.74 -38.66
CA THR H 522 -8.69 -73.24 -37.72
C THR H 522 -9.33 -73.47 -36.35
N GLN H 523 -8.97 -74.58 -35.69
CA GLN H 523 -9.49 -74.96 -34.38
C GLN H 523 -8.80 -74.13 -33.26
N ALA H 524 -7.61 -73.58 -33.55
CA ALA H 524 -6.80 -72.79 -32.64
C ALA H 524 -6.97 -71.27 -32.86
N HIS H 525 -6.22 -70.44 -32.09
CA HIS H 525 -6.23 -68.98 -32.16
C HIS H 525 -4.88 -68.45 -32.71
N PRO H 526 -4.76 -68.27 -34.05
CA PRO H 526 -3.49 -67.78 -34.61
C PRO H 526 -3.17 -66.31 -34.30
N GLU H 527 -4.22 -65.52 -33.96
CA GLU H 527 -4.14 -64.08 -33.65
C GLU H 527 -3.18 -63.77 -32.48
N LEU H 528 -3.01 -64.72 -31.54
CA LEU H 528 -2.13 -64.57 -30.37
C LEU H 528 -0.65 -64.61 -30.78
N LYS H 529 -0.31 -65.46 -31.77
CA LYS H 529 1.05 -65.64 -32.28
C LYS H 529 1.42 -64.54 -33.31
N SER H 530 0.44 -63.71 -33.72
CA SER H 530 0.64 -62.63 -34.70
C SER H 530 1.24 -61.39 -34.02
N ARG H 531 2.26 -60.81 -34.67
CA ARG H 531 2.98 -59.61 -34.23
C ARG H 531 2.92 -58.53 -35.33
N PRO H 532 3.04 -57.21 -35.01
CA PRO H 532 3.01 -56.22 -36.10
C PRO H 532 4.24 -56.30 -37.02
N THR H 533 5.41 -56.66 -36.45
CA THR H 533 6.69 -56.81 -37.17
C THR H 533 6.84 -58.20 -37.79
N ARG H 534 6.13 -59.20 -37.23
CA ARG H 534 6.13 -60.60 -37.68
C ARG H 534 4.67 -61.08 -37.82
N PRO H 535 3.98 -60.76 -38.94
CA PRO H 535 2.55 -61.14 -39.09
C PRO H 535 2.35 -62.64 -39.29
N HIS H 536 1.15 -63.14 -38.94
CA HIS H 536 0.79 -64.54 -39.06
C HIS H 536 0.49 -64.89 -40.54
N PRO H 537 1.02 -66.02 -41.06
CA PRO H 537 0.80 -66.36 -42.49
C PRO H 537 -0.66 -66.59 -42.89
N LEU H 538 -1.52 -67.09 -41.97
CA LEU H 538 -2.95 -67.33 -42.27
C LEU H 538 -3.69 -66.01 -42.46
N PHE H 539 -3.37 -64.98 -41.65
CA PHE H 539 -3.97 -63.65 -41.73
C PHE H 539 -3.44 -62.91 -42.97
N VAL H 540 -2.17 -63.17 -43.37
CA VAL H 540 -1.54 -62.60 -44.56
C VAL H 540 -2.25 -63.15 -45.80
N ALA H 541 -2.49 -64.48 -45.84
CA ALA H 541 -3.20 -65.16 -46.93
C ALA H 541 -4.67 -64.74 -47.02
N PHE H 542 -5.31 -64.48 -45.86
CA PHE H 542 -6.71 -64.07 -45.79
C PHE H 542 -6.90 -62.64 -46.31
N VAL H 543 -6.06 -61.68 -45.86
CA VAL H 543 -6.11 -60.28 -46.27
C VAL H 543 -5.81 -60.19 -47.78
N GLY H 544 -4.82 -60.97 -48.22
CA GLY H 544 -4.41 -61.06 -49.63
C GLY H 544 -5.53 -61.54 -50.55
N ALA H 545 -6.34 -62.51 -50.06
CA ALA H 545 -7.48 -63.07 -50.77
C ALA H 545 -8.62 -62.05 -50.89
N ALA H 546 -8.76 -61.17 -49.87
CA ALA H 546 -9.77 -60.12 -49.83
C ALA H 546 -9.40 -58.99 -50.81
N ILE H 547 -8.08 -58.79 -51.04
CA ILE H 547 -7.55 -57.81 -51.99
C ILE H 547 -7.83 -58.32 -53.42
N ASP H 548 -7.77 -59.65 -53.61
CA ASP H 548 -8.08 -60.31 -54.89
C ASP H 548 -9.57 -60.17 -55.20
N TYR H 549 -10.41 -60.21 -54.15
CA TYR H 549 -11.87 -60.05 -54.24
C TYR H 549 -12.22 -58.61 -54.65
N LYS H 550 -11.45 -57.61 -54.15
CA LYS H 550 -11.61 -56.19 -54.44
C LYS H 550 -11.55 -55.91 -55.94
N ALA H 551 -10.71 -56.67 -56.67
CA ALA H 551 -10.59 -56.56 -58.13
C ALA H 551 -11.81 -57.21 -58.81
N GLY H 552 -12.59 -56.39 -59.52
CA GLY H 552 -13.80 -56.83 -60.20
C GLY H 552 -14.96 -57.15 -59.28
#